data_2QEZ
#
_entry.id   2QEZ
#
_cell.length_a   188.330
_cell.length_b   223.700
_cell.length_c   65.930
_cell.angle_alpha   90.000
_cell.angle_beta   90.000
_cell.angle_gamma   90.000
#
_symmetry.space_group_name_H-M   'P 21 21 2'
#
loop_
_entity.id
_entity.type
_entity.pdbx_description
1 polymer 'Ethanolamine ammonia-lyase heavy chain'
2 non-polymer GLYCEROL
3 water water
#
_entity_poly.entity_id   1
_entity_poly.type   'polypeptide(L)'
_entity_poly.pdbx_seq_one_letter_code
;G(MSE)ILKTNLFGHTYQFKSITDVLAKANEEKSGDRLAGVAAESAEERVAAKVVLSK(MSE)TLGDLRNNPVVPYETDE
VTRIIQDQVNDRIHDSIKNWTVEELREWILDHKTTDADIKRVARGLTSEIIAAVTKL(MSE)SNLDLIYGAKKIRVIAHA
NTTIGLPGTFSARLQPNHPTDDPDGILASL(MSE)EGLTYGIGDAVIGLNPVDDSTDSVVRLLNKFEEFRSKWDVPTQTC
VLAHVKTQ(MSE)EA(MSE)RRGAPTGLVFQSIAGSEKGNTAFGFDGATIEEARQLALQSGAATGPNV(MSE)YFETGQG
SELSSDAHFGVDQVT(MSE)EARCYGFAKKFDPFLVNTVVGFIGPEYLYDSKQVIRAGLEDHF(MSE)GKLTGIS(MSE)
GCDVCYTNH(MSE)KADQNDVENLSVLLTAAGCNFI(MSE)GIPHGDDV(MSE)LNYQTTGYHETATLRELFGLKPIKEF
DQW(MSE)EK(MSE)GFSENGKLTSRAGDASIFLK
;
_entity_poly.pdbx_strand_id   A,B,C,D,E,F
#
loop_
_chem_comp.id
_chem_comp.type
_chem_comp.name
_chem_comp.formula
GOL non-polymer GLYCEROL 'C3 H8 O3'
#
# COMPACT_ATOMS: atom_id res chain seq x y z
N MSE A 2 -26.05 44.61 -25.95
CA MSE A 2 -24.71 43.94 -25.86
C MSE A 2 -23.82 44.28 -27.06
O MSE A 2 -24.33 44.55 -28.14
CB MSE A 2 -24.90 42.42 -25.70
CG MSE A 2 -25.49 41.69 -26.90
SE MSE A 2 -25.97 39.82 -26.48
CE MSE A 2 -27.44 40.17 -25.28
N ILE A 3 -22.49 44.23 -26.84
CA ILE A 3 -21.44 44.62 -27.83
C ILE A 3 -21.47 43.99 -29.25
N LEU A 4 -21.10 42.71 -29.40
CA LEU A 4 -21.05 41.97 -30.70
C LEU A 4 -20.16 42.57 -31.80
N LYS A 5 -19.08 43.20 -31.38
CA LYS A 5 -18.18 43.92 -32.25
C LYS A 5 -16.79 43.92 -31.66
N THR A 6 -15.77 43.67 -32.47
CA THR A 6 -14.38 43.71 -32.00
C THR A 6 -13.49 44.31 -33.07
N ASN A 7 -12.46 45.01 -32.64
CA ASN A 7 -11.53 45.64 -33.54
C ASN A 7 -10.23 44.93 -33.33
N LEU A 8 -9.97 43.92 -34.15
CA LEU A 8 -8.79 43.08 -33.98
C LEU A 8 -8.51 42.35 -35.27
N PHE A 9 -7.49 42.72 -36.07
CA PHE A 9 -6.55 43.81 -35.85
C PHE A 9 -6.68 44.77 -37.03
N GLY A 10 -6.82 46.06 -36.72
CA GLY A 10 -7.00 47.12 -37.73
C GLY A 10 -8.25 46.97 -38.61
N HIS A 11 -9.27 46.30 -38.08
CA HIS A 11 -10.48 46.02 -38.83
C HIS A 11 -11.53 45.71 -37.79
N THR A 12 -12.64 46.44 -37.84
CA THR A 12 -13.76 46.22 -36.94
C THR A 12 -14.66 45.15 -37.53
N TYR A 13 -14.93 44.10 -36.76
CA TYR A 13 -15.85 43.07 -37.17
C TYR A 13 -17.06 43.18 -36.29
N GLN A 14 -18.23 43.33 -36.90
CA GLN A 14 -19.49 43.36 -36.18
C GLN A 14 -20.20 42.05 -36.55
N PHE A 15 -20.89 41.45 -35.60
CA PHE A 15 -21.60 40.21 -35.84
C PHE A 15 -23.08 40.54 -35.70
N LYS A 16 -23.91 39.80 -36.42
CA LYS A 16 -25.33 40.11 -36.47
C LYS A 16 -26.08 39.78 -35.19
N SER A 17 -25.68 38.69 -34.53
CA SER A 17 -26.38 38.15 -33.38
C SER A 17 -25.52 37.17 -32.59
N ILE A 18 -26.10 36.64 -31.52
CA ILE A 18 -25.46 35.62 -30.73
C ILE A 18 -25.32 34.38 -31.63
N THR A 19 -26.38 34.02 -32.35
CA THR A 19 -26.32 32.84 -33.23
C THR A 19 -25.17 32.95 -34.22
N ASP A 20 -24.94 34.17 -34.72
CA ASP A 20 -23.89 34.44 -35.69
C ASP A 20 -22.54 34.27 -35.04
N VAL A 21 -22.38 34.83 -33.84
CA VAL A 21 -21.12 34.75 -33.08
C VAL A 21 -20.79 33.31 -32.73
N LEU A 22 -21.77 32.55 -32.28
CA LEU A 22 -21.57 31.14 -31.94
C LEU A 22 -21.12 30.34 -33.13
N ALA A 23 -21.72 30.59 -34.27
CA ALA A 23 -21.40 29.89 -35.51
C ALA A 23 -20.04 30.22 -36.07
N LYS A 24 -19.69 31.50 -36.12
CA LYS A 24 -18.42 31.90 -36.71
C LYS A 24 -17.26 31.59 -35.79
N ALA A 25 -17.52 31.50 -34.49
CA ALA A 25 -16.49 31.10 -33.51
C ALA A 25 -16.06 29.60 -33.56
N ASN A 26 -16.77 28.75 -34.30
CA ASN A 26 -16.37 27.35 -34.48
C ASN A 26 -15.13 27.18 -35.35
N GLU A 27 -14.32 26.12 -35.13
CA GLU A 27 -13.23 25.80 -36.05
C GLU A 27 -13.86 25.38 -37.34
N GLU A 28 -13.07 25.15 -38.38
CA GLU A 28 -13.66 24.78 -39.66
C GLU A 28 -14.45 23.50 -39.54
N LYS A 29 -15.72 23.56 -39.98
CA LYS A 29 -16.62 22.42 -39.96
C LYS A 29 -17.36 22.35 -41.29
N SER A 30 -17.39 21.15 -41.88
CA SER A 30 -17.97 20.94 -43.23
C SER A 30 -19.42 21.35 -43.34
N GLY A 31 -20.25 20.90 -42.41
CA GLY A 31 -21.69 21.20 -42.43
C GLY A 31 -22.05 22.66 -42.26
N ASP A 32 -21.31 23.36 -41.41
CA ASP A 32 -21.50 24.77 -41.18
C ASP A 32 -21.10 25.58 -42.42
N ARG A 33 -20.05 25.13 -43.08
CA ARG A 33 -19.62 25.73 -44.31
C ARG A 33 -20.74 25.62 -45.35
N LEU A 34 -21.25 24.40 -45.56
CA LEU A 34 -22.34 24.14 -46.51
C LEU A 34 -23.66 24.86 -46.18
N ALA A 35 -23.83 25.33 -44.94
CA ALA A 35 -25.04 26.06 -44.53
C ALA A 35 -24.86 27.57 -44.57
N GLY A 36 -23.64 28.05 -44.80
CA GLY A 36 -23.38 29.47 -44.92
C GLY A 36 -23.16 30.22 -43.63
N VAL A 37 -23.15 29.51 -42.50
CA VAL A 37 -23.00 30.12 -41.17
C VAL A 37 -21.54 30.27 -40.70
N ALA A 38 -20.61 29.60 -41.39
CA ALA A 38 -19.20 29.62 -41.01
C ALA A 38 -18.51 30.96 -41.24
N ALA A 39 -17.32 31.12 -40.66
CA ALA A 39 -16.54 32.35 -40.75
C ALA A 39 -15.92 32.52 -42.14
N GLU A 40 -15.93 33.73 -42.67
CA GLU A 40 -15.41 33.99 -44.00
C GLU A 40 -13.89 34.02 -44.07
N SER A 41 -13.22 34.04 -42.93
CA SER A 41 -11.78 34.05 -42.89
C SER A 41 -11.30 33.58 -41.54
N ALA A 42 -10.01 33.33 -41.45
CA ALA A 42 -9.40 32.97 -40.20
C ALA A 42 -9.48 34.15 -39.24
N GLU A 43 -9.35 35.37 -39.77
CA GLU A 43 -9.40 36.59 -38.97
C GLU A 43 -10.80 36.85 -38.42
N GLU A 44 -11.83 36.56 -39.19
CA GLU A 44 -13.19 36.76 -38.74
C GLU A 44 -13.51 35.74 -37.63
N ARG A 45 -12.97 34.53 -37.75
CA ARG A 45 -13.16 33.49 -36.73
C ARG A 45 -12.53 33.85 -35.41
N VAL A 46 -11.33 34.41 -35.45
CA VAL A 46 -10.66 34.88 -34.25
C VAL A 46 -11.47 36.03 -33.62
N ALA A 47 -12.07 36.84 -34.47
CA ALA A 47 -12.93 37.93 -34.02
C ALA A 47 -14.16 37.38 -33.29
N ALA A 48 -14.81 36.38 -33.88
CA ALA A 48 -15.97 35.75 -33.27
C ALA A 48 -15.62 35.23 -31.91
N LYS A 49 -14.50 34.52 -31.82
CA LYS A 49 -13.99 33.98 -30.56
C LYS A 49 -13.73 35.08 -29.53
N VAL A 50 -13.10 36.17 -29.94
CA VAL A 50 -12.85 37.29 -29.03
C VAL A 50 -14.16 37.87 -28.52
N VAL A 51 -15.13 38.03 -29.42
CA VAL A 51 -16.40 38.60 -29.04
C VAL A 51 -17.07 37.70 -28.02
N LEU A 52 -17.15 36.41 -28.37
CA LEU A 52 -17.73 35.36 -27.53
C LEU A 52 -17.04 35.29 -26.17
N SER A 53 -15.72 35.36 -26.14
CA SER A 53 -15.01 35.29 -24.88
C SER A 53 -15.48 36.35 -23.87
N LYS A 54 -15.95 37.50 -24.35
CA LYS A 54 -16.38 38.59 -23.48
C LYS A 54 -17.87 38.58 -23.11
N MSE A 55 -18.62 37.72 -23.78
CA MSE A 55 -20.06 37.59 -23.57
C MSE A 55 -20.34 37.01 -22.22
O MSE A 55 -19.63 36.12 -21.78
CB MSE A 55 -20.60 36.65 -24.61
CG MSE A 55 -22.05 36.73 -24.82
SE MSE A 55 -22.49 35.84 -26.44
CE MSE A 55 -21.64 36.90 -27.69
N THR A 56 -21.37 37.51 -21.54
CA THR A 56 -21.69 37.00 -20.22
C THR A 56 -22.64 35.81 -20.28
N LEU A 57 -22.62 35.02 -19.21
CA LEU A 57 -23.49 33.83 -19.08
C LEU A 57 -24.95 34.27 -19.00
N GLY A 58 -25.20 35.46 -18.45
CA GLY A 58 -26.56 36.01 -18.43
C GLY A 58 -27.10 36.14 -19.83
N ASP A 59 -26.39 36.87 -20.67
CA ASP A 59 -26.80 37.10 -22.04
C ASP A 59 -27.12 35.81 -22.79
N LEU A 60 -26.25 34.83 -22.67
CA LEU A 60 -26.43 33.56 -23.40
C LEU A 60 -27.64 32.74 -22.93
N ARG A 61 -27.80 32.67 -21.62
CA ARG A 61 -28.89 31.94 -20.98
C ARG A 61 -30.22 32.50 -21.41
N ASN A 62 -30.33 33.82 -21.36
CA ASN A 62 -31.57 34.52 -21.67
C ASN A 62 -31.94 34.59 -23.17
N ASN A 63 -31.00 34.30 -24.05
CA ASN A 63 -31.24 34.35 -25.46
C ASN A 63 -30.95 33.04 -26.13
N PRO A 64 -31.69 32.00 -25.78
CA PRO A 64 -31.44 30.72 -26.45
C PRO A 64 -31.62 30.87 -27.95
N VAL A 65 -30.88 30.10 -28.72
CA VAL A 65 -30.91 30.23 -30.18
C VAL A 65 -32.23 29.77 -30.85
N VAL A 66 -33.09 29.07 -30.13
CA VAL A 66 -34.43 28.79 -30.61
C VAL A 66 -35.27 29.24 -29.43
N PRO A 67 -36.23 30.16 -29.64
CA PRO A 67 -36.93 30.75 -28.50
C PRO A 67 -37.71 29.77 -27.66
N TYR A 68 -37.82 30.12 -26.37
CA TYR A 68 -38.52 29.36 -25.36
C TYR A 68 -39.98 29.10 -25.70
N GLU A 69 -40.68 30.12 -26.19
CA GLU A 69 -42.10 29.99 -26.49
C GLU A 69 -42.34 29.13 -27.74
N THR A 70 -41.32 29.00 -28.59
CA THR A 70 -41.39 28.26 -29.84
C THR A 70 -40.88 26.82 -29.83
N ASP A 71 -39.93 26.52 -28.93
CA ASP A 71 -39.23 25.24 -28.94
C ASP A 71 -39.23 24.49 -27.61
N GLU A 72 -39.75 23.25 -27.61
CA GLU A 72 -39.82 22.38 -26.43
C GLU A 72 -38.45 22.04 -25.89
N VAL A 73 -37.49 21.80 -26.78
CA VAL A 73 -36.12 21.49 -26.35
C VAL A 73 -35.55 22.71 -25.59
N THR A 74 -35.80 23.91 -26.08
CA THR A 74 -35.34 25.10 -25.34
C THR A 74 -35.94 25.17 -23.97
N ARG A 75 -37.22 24.88 -23.87
CA ARG A 75 -37.91 24.90 -22.58
C ARG A 75 -37.39 23.81 -21.63
N ILE A 76 -37.17 22.60 -22.14
CA ILE A 76 -36.63 21.51 -21.33
C ILE A 76 -35.25 21.92 -20.76
N ILE A 77 -34.40 22.46 -21.63
CA ILE A 77 -33.09 22.95 -21.27
C ILE A 77 -33.18 24.03 -20.20
N GLN A 78 -33.96 25.05 -20.48
CA GLN A 78 -34.09 26.20 -19.58
C GLN A 78 -34.76 25.85 -18.22
N ASP A 79 -35.71 24.91 -18.24
CA ASP A 79 -36.47 24.52 -17.04
C ASP A 79 -35.61 23.72 -16.04
N GLN A 80 -34.47 23.21 -16.50
CA GLN A 80 -33.57 22.50 -15.61
C GLN A 80 -32.66 23.48 -14.86
N VAL A 81 -32.57 24.71 -15.30
CA VAL A 81 -31.65 25.66 -14.65
C VAL A 81 -32.04 25.98 -13.21
N ASN A 82 -31.07 26.09 -12.32
CA ASN A 82 -31.35 26.62 -11.00
C ASN A 82 -31.11 28.11 -11.18
N ASP A 83 -32.17 28.88 -11.08
CA ASP A 83 -32.11 30.32 -11.28
C ASP A 83 -31.24 31.03 -10.26
N ARG A 84 -31.22 30.53 -9.03
CA ARG A 84 -30.40 31.14 -7.98
C ARG A 84 -28.92 30.96 -8.27
N ILE A 85 -28.55 29.74 -8.67
CA ILE A 85 -27.16 29.44 -9.02
C ILE A 85 -26.77 30.25 -10.25
N HIS A 86 -27.64 30.26 -11.26
CA HIS A 86 -27.36 31.03 -12.45
C HIS A 86 -27.17 32.50 -12.12
N ASP A 87 -27.99 33.06 -11.25
CA ASP A 87 -27.92 34.49 -10.93
C ASP A 87 -26.56 34.87 -10.39
N SER A 88 -25.95 34.02 -9.57
CA SER A 88 -24.60 34.33 -9.06
C SER A 88 -23.50 34.23 -10.14
N ILE A 89 -23.66 33.37 -11.14
CA ILE A 89 -22.68 33.32 -12.24
C ILE A 89 -23.10 34.13 -13.48
N LYS A 90 -24.26 34.77 -13.48
CA LYS A 90 -24.74 35.50 -14.71
C LYS A 90 -23.76 36.55 -15.32
N ASN A 91 -22.94 37.17 -14.47
CA ASN A 91 -22.03 38.22 -14.92
C ASN A 91 -20.61 37.75 -15.29
N TRP A 92 -20.40 36.43 -15.16
CA TRP A 92 -19.15 35.80 -15.57
C TRP A 92 -19.14 35.86 -17.05
N THR A 93 -17.94 35.88 -17.63
CA THR A 93 -17.77 35.83 -19.06
C THR A 93 -17.48 34.38 -19.44
N VAL A 94 -17.65 34.06 -20.71
CA VAL A 94 -17.39 32.71 -21.18
C VAL A 94 -15.93 32.37 -20.86
N GLU A 95 -15.01 33.25 -21.19
CA GLU A 95 -13.59 33.03 -20.92
C GLU A 95 -13.29 32.84 -19.43
N GLU A 96 -14.02 33.52 -18.57
CA GLU A 96 -13.83 33.33 -17.14
C GLU A 96 -14.37 31.95 -16.73
N LEU A 97 -15.47 31.54 -17.36
CA LEU A 97 -16.03 30.20 -17.10
C LEU A 97 -15.00 29.17 -17.50
N ARG A 98 -14.44 29.31 -18.70
CA ARG A 98 -13.39 28.41 -19.21
C ARG A 98 -12.21 28.26 -18.25
N GLU A 99 -11.64 29.39 -17.86
CA GLU A 99 -10.52 29.42 -16.97
C GLU A 99 -10.91 28.77 -15.66
N TRP A 100 -12.09 29.10 -15.15
CA TRP A 100 -12.53 28.54 -13.88
C TRP A 100 -12.68 27.03 -13.94
N ILE A 101 -13.23 26.53 -15.04
CA ILE A 101 -13.41 25.07 -15.16
C ILE A 101 -12.10 24.32 -15.17
N LEU A 102 -11.06 24.93 -15.75
CA LEU A 102 -9.77 24.25 -15.92
C LEU A 102 -8.78 24.38 -14.78
N ASP A 103 -9.00 25.35 -13.89
CA ASP A 103 -8.16 25.60 -12.73
C ASP A 103 -8.02 24.37 -11.83
N HIS A 104 -6.83 24.23 -11.24
CA HIS A 104 -6.51 23.11 -10.34
C HIS A 104 -7.47 22.95 -9.21
N LYS A 105 -7.76 24.09 -8.60
CA LYS A 105 -8.59 24.19 -7.42
C LYS A 105 -10.07 23.99 -7.68
N THR A 106 -10.48 23.95 -8.95
CA THR A 106 -11.88 23.68 -9.26
C THR A 106 -12.07 22.16 -9.36
N THR A 107 -13.03 21.64 -8.59
CA THR A 107 -13.33 20.22 -8.53
C THR A 107 -14.57 19.79 -9.34
N ASP A 108 -14.69 18.48 -9.52
CA ASP A 108 -15.83 17.89 -10.18
C ASP A 108 -17.11 18.36 -9.52
N ALA A 109 -17.13 18.42 -8.18
CA ALA A 109 -18.29 18.89 -7.40
C ALA A 109 -18.65 20.33 -7.67
N ASP A 110 -17.62 21.18 -7.76
CA ASP A 110 -17.81 22.60 -8.10
C ASP A 110 -18.44 22.74 -9.47
N ILE A 111 -17.90 22.02 -10.44
CA ILE A 111 -18.36 22.09 -11.81
C ILE A 111 -19.80 21.64 -11.91
N LYS A 112 -20.18 20.58 -11.21
CA LYS A 112 -21.56 20.14 -11.24
C LYS A 112 -22.49 21.16 -10.62
N ARG A 113 -22.00 21.92 -9.64
CA ARG A 113 -22.81 22.98 -9.05
C ARG A 113 -23.05 24.11 -10.05
N VAL A 114 -22.00 24.53 -10.74
CA VAL A 114 -22.07 25.61 -11.74
C VAL A 114 -22.88 25.18 -12.96
N ALA A 115 -22.80 23.90 -13.32
CA ALA A 115 -23.62 23.35 -14.40
C ALA A 115 -25.11 23.66 -14.22
N ARG A 116 -25.55 23.76 -12.98
N ARG A 116 -25.57 23.71 -12.98
CA ARG A 116 -26.94 24.06 -12.67
CA ARG A 116 -26.96 24.05 -12.70
C ARG A 116 -27.30 25.49 -13.08
C ARG A 116 -27.29 25.46 -13.21
N GLY A 117 -26.29 26.35 -13.26
CA GLY A 117 -26.50 27.71 -13.73
C GLY A 117 -26.20 27.90 -15.21
N LEU A 118 -25.89 26.81 -15.91
CA LEU A 118 -25.59 26.86 -17.32
C LEU A 118 -26.70 26.30 -18.21
N THR A 119 -26.63 26.64 -19.49
CA THR A 119 -27.53 26.12 -20.50
C THR A 119 -26.69 25.59 -21.65
N SER A 120 -27.34 24.87 -22.54
CA SER A 120 -26.67 24.32 -23.67
C SER A 120 -25.90 25.38 -24.48
N GLU A 121 -26.45 26.56 -24.67
CA GLU A 121 -25.74 27.60 -25.44
C GLU A 121 -24.44 28.01 -24.74
N ILE A 122 -24.42 27.99 -23.42
CA ILE A 122 -23.22 28.35 -22.66
C ILE A 122 -22.17 27.26 -22.75
N ILE A 123 -22.63 26.03 -22.56
CA ILE A 123 -21.76 24.87 -22.67
C ILE A 123 -21.16 24.96 -24.02
N ALA A 124 -22.01 25.17 -25.02
CA ALA A 124 -21.54 25.28 -26.43
C ALA A 124 -20.55 26.36 -26.52
N ALA A 125 -20.87 27.55 -26.01
CA ALA A 125 -19.99 28.69 -26.09
C ALA A 125 -18.62 28.39 -25.54
N VAL A 126 -18.54 27.87 -24.31
CA VAL A 126 -17.24 27.62 -23.67
C VAL A 126 -16.40 26.61 -24.48
N THR A 127 -17.01 25.54 -24.97
CA THR A 127 -16.31 24.58 -25.80
C THR A 127 -15.54 25.21 -26.98
N LYS A 128 -16.13 26.22 -27.61
CA LYS A 128 -15.56 26.88 -28.79
C LYS A 128 -14.32 27.66 -28.45
N LEU A 129 -14.17 28.07 -27.20
CA LEU A 129 -12.95 28.77 -26.80
C LEU A 129 -11.90 27.85 -26.21
N MSE A 130 -12.11 26.55 -26.30
CA MSE A 130 -11.17 25.60 -25.70
C MSE A 130 -10.28 24.91 -26.74
O MSE A 130 -10.68 24.74 -27.88
CB MSE A 130 -11.93 24.55 -24.86
CG MSE A 130 -12.52 25.13 -23.57
SE MSE A 130 -13.81 24.01 -22.66
CE MSE A 130 -12.53 23.10 -21.85
N SER A 131 -9.06 24.57 -26.34
CA SER A 131 -8.14 23.87 -27.20
C SER A 131 -8.39 22.36 -27.08
N ASN A 132 -7.85 21.55 -27.98
CA ASN A 132 -8.07 20.09 -27.88
C ASN A 132 -7.54 19.53 -26.53
N LEU A 133 -6.44 20.05 -26.03
CA LEU A 133 -5.95 19.63 -24.74
C LEU A 133 -6.89 20.07 -23.60
N ASP A 134 -7.52 21.24 -23.72
CA ASP A 134 -8.50 21.69 -22.72
C ASP A 134 -9.72 20.77 -22.74
N LEU A 135 -10.22 20.44 -23.91
CA LEU A 135 -11.37 19.54 -23.98
C LEU A 135 -11.13 18.13 -23.40
N ILE A 136 -9.88 17.70 -23.40
CA ILE A 136 -9.44 16.41 -22.90
C ILE A 136 -9.21 16.47 -21.39
N TYR A 137 -8.39 17.42 -20.98
CA TYR A 137 -8.10 17.62 -19.59
C TYR A 137 -9.36 18.04 -18.82
N GLY A 138 -10.16 18.89 -19.43
CA GLY A 138 -11.38 19.40 -18.81
C GLY A 138 -12.46 18.36 -18.61
N ALA A 139 -12.59 17.47 -19.58
CA ALA A 139 -13.55 16.38 -19.53
C ALA A 139 -13.12 15.25 -18.58
N LYS A 140 -11.81 15.08 -18.38
CA LYS A 140 -11.29 14.04 -17.50
C LYS A 140 -11.66 14.37 -16.05
N LYS A 141 -11.60 15.67 -15.72
CA LYS A 141 -11.99 16.16 -14.43
C LYS A 141 -13.38 15.79 -14.00
N ILE A 142 -14.26 15.67 -14.98
CA ILE A 142 -15.67 15.44 -14.77
C ILE A 142 -16.10 13.97 -14.78
N ARG A 143 -16.54 13.46 -13.64
CA ARG A 143 -17.10 12.10 -13.53
C ARG A 143 -18.62 12.09 -13.68
N VAL A 144 -19.10 11.14 -14.46
CA VAL A 144 -20.50 10.94 -14.67
C VAL A 144 -20.71 9.45 -14.70
N ILE A 145 -21.65 8.97 -13.89
CA ILE A 145 -21.95 7.57 -13.83
C ILE A 145 -23.45 7.39 -13.93
N ALA A 146 -23.88 6.19 -14.32
CA ALA A 146 -25.31 5.91 -14.41
C ALA A 146 -25.54 4.41 -14.26
N HIS A 147 -26.73 4.02 -13.83
CA HIS A 147 -27.03 2.63 -13.53
C HIS A 147 -28.30 2.18 -14.19
N ALA A 148 -28.21 1.10 -14.93
CA ALA A 148 -29.34 0.41 -15.51
C ALA A 148 -29.33 -0.93 -14.80
N ASN A 149 -28.58 -1.90 -15.29
CA ASN A 149 -28.44 -3.18 -14.60
C ASN A 149 -27.12 -3.15 -13.84
N THR A 150 -26.09 -2.63 -14.49
CA THR A 150 -24.80 -2.39 -13.86
C THR A 150 -24.51 -0.87 -13.97
N THR A 151 -23.42 -0.40 -13.35
CA THR A 151 -23.04 1.05 -13.32
C THR A 151 -21.92 1.43 -14.31
N ILE A 152 -22.22 2.35 -15.23
CA ILE A 152 -21.26 2.74 -16.22
C ILE A 152 -20.61 4.03 -15.75
N GLY A 153 -19.40 4.30 -16.19
CA GLY A 153 -18.74 5.57 -15.89
C GLY A 153 -17.72 5.66 -14.77
N LEU A 154 -17.58 4.59 -14.00
CA LEU A 154 -16.65 4.61 -12.87
C LEU A 154 -15.18 4.66 -13.33
N PRO A 155 -14.35 5.39 -12.57
CA PRO A 155 -12.95 5.48 -12.94
C PRO A 155 -12.32 4.11 -12.97
N GLY A 156 -11.43 3.89 -13.95
CA GLY A 156 -10.74 2.64 -14.09
C GLY A 156 -11.44 1.70 -15.04
N THR A 157 -12.61 2.10 -15.51
CA THR A 157 -13.39 1.25 -16.40
C THR A 157 -13.55 1.85 -17.82
N PHE A 158 -13.76 0.99 -18.80
CA PHE A 158 -14.02 1.45 -20.14
C PHE A 158 -14.99 0.42 -20.66
N SER A 159 -16.10 0.88 -21.24
CA SER A 159 -17.19 0.02 -21.65
C SER A 159 -17.40 -0.01 -23.15
N ALA A 160 -18.05 -1.07 -23.63
CA ALA A 160 -18.24 -1.23 -25.05
C ALA A 160 -19.58 -1.89 -25.37
N ARG A 161 -20.23 -1.34 -26.38
CA ARG A 161 -21.50 -1.82 -26.85
C ARG A 161 -21.21 -2.95 -27.79
N LEU A 162 -22.03 -4.00 -27.67
CA LEU A 162 -21.96 -5.15 -28.52
C LEU A 162 -23.23 -5.07 -29.36
N GLN A 163 -23.08 -4.74 -30.65
CA GLN A 163 -24.18 -4.63 -31.62
C GLN A 163 -23.78 -5.21 -32.96
N PRO A 164 -23.83 -6.54 -33.08
CA PRO A 164 -23.51 -7.13 -34.37
C PRO A 164 -24.25 -6.53 -35.59
N ASN A 165 -23.54 -6.19 -36.65
CA ASN A 165 -24.27 -5.74 -37.89
C ASN A 165 -24.98 -6.90 -38.70
N HIS A 166 -24.34 -7.40 -39.75
CA HIS A 166 -24.93 -8.45 -40.62
C HIS A 166 -26.10 -7.87 -41.44
N PRO A 167 -25.96 -7.84 -42.78
CA PRO A 167 -26.98 -7.21 -43.66
C PRO A 167 -28.40 -7.76 -43.55
N THR A 168 -28.51 -9.09 -43.39
CA THR A 168 -29.78 -9.81 -43.26
C THR A 168 -30.29 -9.94 -41.84
N ASP A 169 -29.43 -9.68 -40.85
CA ASP A 169 -29.75 -9.93 -39.43
C ASP A 169 -30.01 -11.43 -39.27
N ASP A 170 -29.13 -12.22 -39.88
CA ASP A 170 -29.22 -13.66 -39.85
C ASP A 170 -28.93 -14.15 -38.45
N PRO A 171 -29.84 -14.92 -37.84
CA PRO A 171 -29.62 -15.39 -36.47
C PRO A 171 -28.23 -15.98 -36.20
N ASP A 172 -27.74 -16.86 -37.08
CA ASP A 172 -26.43 -17.50 -36.88
C ASP A 172 -25.28 -16.51 -36.91
N GLY A 173 -25.28 -15.62 -37.89
CA GLY A 173 -24.24 -14.58 -38.02
C GLY A 173 -24.20 -13.61 -36.85
N ILE A 174 -25.37 -13.27 -36.32
CA ILE A 174 -25.48 -12.41 -35.14
C ILE A 174 -24.95 -13.12 -33.90
N LEU A 175 -25.42 -14.35 -33.67
CA LEU A 175 -24.99 -15.14 -32.53
C LEU A 175 -23.49 -15.32 -32.50
N ALA A 176 -22.93 -15.63 -33.66
CA ALA A 176 -21.50 -15.82 -33.81
C ALA A 176 -20.74 -14.57 -33.42
N SER A 177 -21.21 -13.43 -33.90
CA SER A 177 -20.58 -12.16 -33.58
C SER A 177 -20.74 -11.81 -32.10
N LEU A 178 -21.87 -12.18 -31.50
CA LEU A 178 -22.11 -11.93 -30.08
C LEU A 178 -21.17 -12.67 -29.17
N MSE A 179 -21.02 -13.96 -29.44
CA MSE A 179 -20.18 -14.81 -28.65
C MSE A 179 -18.72 -14.43 -28.76
O MSE A 179 -18.01 -14.41 -27.76
CB MSE A 179 -20.34 -16.25 -29.10
CG MSE A 179 -21.71 -16.80 -28.84
SE MSE A 179 -21.85 -18.65 -29.37
CE MSE A 179 -21.38 -18.56 -31.27
N GLU A 180 -18.26 -14.15 -29.99
CA GLU A 180 -16.89 -13.73 -30.19
C GLU A 180 -16.65 -12.46 -29.40
N GLY A 181 -17.58 -11.51 -29.54
CA GLY A 181 -17.51 -10.24 -28.85
C GLY A 181 -17.40 -10.37 -27.37
N LEU A 182 -18.15 -11.28 -26.76
CA LEU A 182 -18.07 -11.50 -25.32
C LEU A 182 -16.67 -11.92 -24.91
N THR A 183 -16.08 -12.83 -25.67
CA THR A 183 -14.73 -13.35 -25.34
C THR A 183 -13.67 -12.25 -25.27
N TYR A 184 -13.89 -11.13 -25.97
CA TYR A 184 -12.99 -9.96 -25.90
C TYR A 184 -13.43 -8.93 -24.88
N GLY A 185 -14.50 -9.22 -24.18
CA GLY A 185 -15.05 -8.33 -23.16
C GLY A 185 -15.90 -7.18 -23.65
N ILE A 186 -16.57 -7.39 -24.78
CA ILE A 186 -17.42 -6.40 -25.40
C ILE A 186 -18.84 -6.73 -25.02
N GLY A 187 -19.63 -5.72 -24.71
CA GLY A 187 -21.04 -5.93 -24.34
C GLY A 187 -21.41 -5.58 -22.91
N ASP A 188 -20.54 -4.88 -22.20
CA ASP A 188 -20.83 -4.49 -20.82
C ASP A 188 -21.70 -3.20 -20.75
N ALA A 189 -21.57 -2.34 -21.76
CA ALA A 189 -22.40 -1.15 -21.88
C ALA A 189 -23.77 -1.62 -22.30
N VAL A 190 -23.83 -2.35 -23.40
CA VAL A 190 -25.09 -2.83 -23.87
C VAL A 190 -24.92 -3.99 -24.87
N ILE A 191 -25.90 -4.86 -24.94
CA ILE A 191 -25.94 -5.95 -25.89
C ILE A 191 -27.19 -5.68 -26.70
N GLY A 192 -27.06 -5.56 -28.00
CA GLY A 192 -28.22 -5.24 -28.81
C GLY A 192 -28.10 -5.40 -30.31
N LEU A 193 -28.99 -4.74 -31.01
CA LEU A 193 -29.04 -4.84 -32.44
C LEU A 193 -29.76 -3.65 -33.02
N ASN A 194 -29.34 -3.20 -34.19
CA ASN A 194 -30.04 -2.17 -34.94
C ASN A 194 -30.68 -2.94 -36.07
N PRO A 195 -31.96 -3.33 -35.91
CA PRO A 195 -32.54 -4.28 -36.86
C PRO A 195 -33.02 -3.69 -38.17
N VAL A 196 -32.91 -4.50 -39.22
CA VAL A 196 -33.37 -4.14 -40.55
C VAL A 196 -34.90 -4.17 -40.56
N ASP A 197 -35.44 -5.22 -39.97
CA ASP A 197 -36.86 -5.40 -39.79
C ASP A 197 -37.19 -4.86 -38.41
N ASP A 198 -37.70 -3.65 -38.38
CA ASP A 198 -38.04 -2.95 -37.14
C ASP A 198 -39.54 -2.89 -36.92
N SER A 199 -40.24 -3.94 -37.34
CA SER A 199 -41.67 -4.04 -37.11
C SER A 199 -41.84 -4.43 -35.66
N THR A 200 -42.96 -4.05 -35.06
CA THR A 200 -43.22 -4.38 -33.67
C THR A 200 -42.97 -5.85 -33.35
N ASP A 201 -43.40 -6.75 -34.21
CA ASP A 201 -43.22 -8.19 -33.95
C ASP A 201 -41.75 -8.60 -34.04
N SER A 202 -41.00 -7.99 -34.95
CA SER A 202 -39.59 -8.32 -35.05
C SER A 202 -38.86 -7.85 -33.79
N VAL A 203 -39.20 -6.65 -33.30
CA VAL A 203 -38.58 -6.13 -32.10
C VAL A 203 -38.96 -7.03 -30.94
N VAL A 204 -40.21 -7.45 -30.86
CA VAL A 204 -40.64 -8.34 -29.80
C VAL A 204 -39.79 -9.60 -29.85
N ARG A 205 -39.67 -10.21 -31.02
CA ARG A 205 -38.90 -11.43 -31.17
C ARG A 205 -37.44 -11.28 -30.79
N LEU A 206 -36.84 -10.16 -31.14
CA LEU A 206 -35.42 -9.91 -30.89
C LEU A 206 -35.12 -9.70 -29.44
N LEU A 207 -35.95 -8.87 -28.79
CA LEU A 207 -35.82 -8.57 -27.36
C LEU A 207 -35.93 -9.83 -26.55
N ASN A 208 -36.91 -10.65 -26.88
CA ASN A 208 -37.07 -11.93 -26.23
C ASN A 208 -35.83 -12.76 -26.43
N LYS A 209 -35.39 -12.91 -27.66
CA LYS A 209 -34.18 -13.72 -27.94
C LYS A 209 -32.95 -13.18 -27.22
N PHE A 210 -32.79 -11.85 -27.22
CA PHE A 210 -31.63 -11.26 -26.54
C PHE A 210 -31.65 -11.51 -25.04
N GLU A 211 -32.81 -11.48 -24.39
CA GLU A 211 -32.85 -11.75 -22.96
C GLU A 211 -32.69 -13.24 -22.66
N GLU A 212 -33.13 -14.10 -23.57
CA GLU A 212 -32.94 -15.53 -23.39
C GLU A 212 -31.45 -15.80 -23.36
N PHE A 213 -30.73 -15.26 -24.31
CA PHE A 213 -29.27 -15.41 -24.38
C PHE A 213 -28.54 -14.85 -23.15
N ARG A 214 -28.86 -13.63 -22.77
CA ARG A 214 -28.25 -12.96 -21.62
C ARG A 214 -28.50 -13.73 -20.32
N SER A 215 -29.75 -14.16 -20.14
CA SER A 215 -30.16 -14.90 -18.97
C SER A 215 -29.51 -16.28 -18.94
N LYS A 216 -29.33 -16.89 -20.11
CA LYS A 216 -28.69 -18.19 -20.20
C LYS A 216 -27.28 -18.16 -19.65
N TRP A 217 -26.48 -17.23 -20.18
CA TRP A 217 -25.11 -17.08 -19.76
C TRP A 217 -24.95 -16.14 -18.58
N ASP A 218 -26.06 -15.68 -17.99
CA ASP A 218 -26.03 -14.85 -16.80
C ASP A 218 -25.07 -13.66 -16.98
N VAL A 219 -25.12 -13.02 -18.14
CA VAL A 219 -24.24 -11.90 -18.45
C VAL A 219 -24.76 -10.66 -17.72
N PRO A 220 -23.93 -10.01 -16.89
CA PRO A 220 -24.34 -8.77 -16.22
C PRO A 220 -24.24 -7.55 -17.14
N THR A 221 -25.37 -7.24 -17.78
CA THR A 221 -25.43 -6.21 -18.79
C THR A 221 -26.89 -5.81 -19.02
N GLN A 222 -27.09 -4.99 -20.04
CA GLN A 222 -28.36 -4.47 -20.45
C GLN A 222 -28.63 -4.80 -21.91
N THR A 223 -29.87 -5.12 -22.29
CA THR A 223 -30.20 -5.33 -23.70
C THR A 223 -31.03 -4.19 -24.23
N CYS A 224 -30.90 -3.96 -25.53
CA CYS A 224 -31.59 -2.88 -26.23
C CYS A 224 -31.63 -3.07 -27.75
N VAL A 225 -32.82 -3.02 -28.33
CA VAL A 225 -33.02 -3.09 -29.78
C VAL A 225 -33.27 -1.65 -30.26
N LEU A 226 -32.39 -1.15 -31.09
CA LEU A 226 -32.35 0.22 -31.53
C LEU A 226 -33.32 0.53 -32.68
N ALA A 227 -34.61 0.52 -32.38
CA ALA A 227 -35.65 0.82 -33.32
C ALA A 227 -36.22 2.14 -32.88
N HIS A 228 -37.44 2.48 -33.30
CA HIS A 228 -38.05 3.75 -32.92
C HIS A 228 -38.51 3.69 -31.48
N VAL A 229 -38.46 4.80 -30.76
CA VAL A 229 -38.92 4.80 -29.37
C VAL A 229 -40.31 4.15 -29.22
N LYS A 230 -41.26 4.53 -30.07
CA LYS A 230 -42.63 4.04 -30.02
C LYS A 230 -42.77 2.57 -30.35
N THR A 231 -41.90 2.01 -31.19
CA THR A 231 -41.94 0.58 -31.51
C THR A 231 -41.43 -0.25 -30.35
N GLN A 232 -40.39 0.24 -29.69
CA GLN A 232 -39.87 -0.46 -28.52
C GLN A 232 -40.95 -0.49 -27.44
N MSE A 233 -41.58 0.66 -27.19
CA MSE A 233 -42.68 0.79 -26.22
C MSE A 233 -43.82 -0.15 -26.54
O MSE A 233 -44.44 -0.70 -25.67
CB MSE A 233 -43.27 2.18 -26.23
CG MSE A 233 -42.32 3.25 -25.84
SE MSE A 233 -43.18 5.03 -25.82
CE MSE A 233 -43.93 4.87 -24.41
N GLU A 234 -44.11 -0.30 -27.82
CA GLU A 234 -45.18 -1.13 -28.27
C GLU A 234 -44.84 -2.61 -27.99
N ALA A 235 -43.59 -2.97 -28.19
CA ALA A 235 -43.13 -4.33 -27.93
C ALA A 235 -43.15 -4.66 -26.42
N MSE A 236 -42.84 -3.65 -25.63
CA MSE A 236 -42.81 -3.76 -24.19
C MSE A 236 -44.21 -3.90 -23.62
O MSE A 236 -44.38 -4.53 -22.59
CB MSE A 236 -42.16 -2.53 -23.57
CG MSE A 236 -40.69 -2.32 -23.95
SE MSE A 236 -40.15 -0.36 -23.48
CE MSE A 236 -40.07 -0.63 -21.74
N ARG A 237 -45.21 -3.29 -24.25
CA ARG A 237 -46.58 -3.45 -23.80
C ARG A 237 -47.12 -4.84 -24.16
N ARG A 238 -46.49 -5.47 -25.15
CA ARG A 238 -46.80 -6.84 -25.55
C ARG A 238 -45.98 -7.85 -24.74
N GLY A 239 -45.23 -7.38 -23.74
CA GLY A 239 -44.52 -8.25 -22.82
C GLY A 239 -43.07 -8.54 -23.10
N ALA A 240 -42.48 -7.86 -24.08
CA ALA A 240 -41.08 -8.06 -24.41
C ALA A 240 -40.18 -7.24 -23.48
N PRO A 241 -39.11 -7.89 -22.95
CA PRO A 241 -38.20 -7.28 -22.01
C PRO A 241 -37.13 -6.47 -22.70
N THR A 242 -36.88 -5.23 -22.24
CA THR A 242 -35.75 -4.46 -22.75
C THR A 242 -35.00 -3.87 -21.55
N GLY A 243 -33.68 -3.74 -21.69
CA GLY A 243 -32.88 -3.14 -20.63
C GLY A 243 -32.95 -1.64 -20.79
N LEU A 244 -32.62 -1.17 -21.99
CA LEU A 244 -32.67 0.26 -22.30
C LEU A 244 -33.69 0.53 -23.39
N VAL A 245 -34.07 1.79 -23.55
CA VAL A 245 -34.99 2.23 -24.60
C VAL A 245 -34.24 3.29 -25.35
N PHE A 246 -34.10 3.07 -26.65
CA PHE A 246 -33.30 3.92 -27.49
C PHE A 246 -34.07 4.86 -28.38
N GLN A 247 -33.48 6.03 -28.63
CA GLN A 247 -34.04 6.94 -29.59
C GLN A 247 -33.00 7.93 -30.05
N SER A 248 -33.01 8.20 -31.36
CA SER A 248 -32.22 9.25 -31.95
C SER A 248 -32.89 10.59 -31.65
N ILE A 249 -32.10 11.60 -31.27
CA ILE A 249 -32.65 12.87 -30.81
C ILE A 249 -31.99 14.04 -31.46
N ALA A 250 -32.68 15.18 -31.38
CA ALA A 250 -32.23 16.41 -32.00
C ALA A 250 -32.24 17.57 -31.01
N GLY A 251 -31.65 18.68 -31.44
CA GLY A 251 -31.55 19.88 -30.63
C GLY A 251 -32.67 20.87 -30.79
N SER A 252 -33.74 20.48 -31.48
CA SER A 252 -34.90 21.33 -31.67
C SER A 252 -36.14 20.50 -31.63
N GLU A 253 -37.25 21.15 -31.32
CA GLU A 253 -38.56 20.53 -31.34
C GLU A 253 -38.88 20.11 -32.75
N LYS A 254 -38.51 20.97 -33.70
CA LYS A 254 -38.71 20.71 -35.11
C LYS A 254 -37.95 19.43 -35.46
N GLY A 255 -36.73 19.29 -34.95
CA GLY A 255 -35.89 18.12 -35.18
C GLY A 255 -36.46 16.82 -34.63
N ASN A 256 -36.95 16.85 -33.40
CA ASN A 256 -37.56 15.67 -32.79
C ASN A 256 -38.86 15.26 -33.49
N THR A 257 -39.67 16.25 -33.89
CA THR A 257 -40.90 15.98 -34.63
C THR A 257 -40.58 15.27 -35.93
N ALA A 258 -39.54 15.70 -36.61
CA ALA A 258 -39.08 15.00 -37.81
C ALA A 258 -38.69 13.54 -37.51
N PHE A 259 -38.10 13.28 -36.33
CA PHE A 259 -37.78 11.91 -35.91
C PHE A 259 -38.99 11.11 -35.44
N GLY A 260 -40.06 11.78 -35.07
CA GLY A 260 -41.30 11.12 -34.72
C GLY A 260 -41.66 11.04 -33.25
N PHE A 261 -41.31 12.06 -32.46
CA PHE A 261 -41.62 12.05 -31.04
C PHE A 261 -41.51 13.46 -30.44
N ASP A 262 -41.84 13.55 -29.16
CA ASP A 262 -41.64 14.76 -28.39
C ASP A 262 -41.22 14.37 -26.97
N GLY A 263 -40.97 15.35 -26.11
CA GLY A 263 -40.57 15.06 -24.75
C GLY A 263 -41.51 14.13 -24.00
N ALA A 264 -42.80 14.29 -24.26
CA ALA A 264 -43.82 13.52 -23.59
C ALA A 264 -43.69 12.05 -23.92
N THR A 265 -43.38 11.78 -25.18
CA THR A 265 -43.15 10.44 -25.68
C THR A 265 -41.96 9.75 -24.99
N ILE A 266 -40.88 10.50 -24.84
CA ILE A 266 -39.66 10.00 -24.23
C ILE A 266 -39.88 9.75 -22.74
N GLU A 267 -40.68 10.62 -22.14
CA GLU A 267 -40.99 10.53 -20.74
C GLU A 267 -41.89 9.36 -20.49
N GLU A 268 -42.78 9.08 -21.42
CA GLU A 268 -43.67 7.93 -21.30
C GLU A 268 -42.89 6.63 -21.41
N ALA A 269 -41.85 6.60 -22.25
CA ALA A 269 -40.99 5.40 -22.44
C ALA A 269 -40.13 5.12 -21.22
N ARG A 270 -39.68 6.19 -20.58
CA ARG A 270 -38.93 6.08 -19.36
C ARG A 270 -39.76 5.53 -18.20
N GLN A 271 -40.98 6.04 -18.05
N GLN A 271 -40.98 6.04 -18.05
CA GLN A 271 -41.86 5.58 -17.00
CA GLN A 271 -41.85 5.56 -16.99
C GLN A 271 -42.26 4.13 -17.28
C GLN A 271 -42.26 4.13 -17.28
N LEU A 272 -42.44 3.79 -18.56
CA LEU A 272 -42.81 2.41 -18.95
C LEU A 272 -41.66 1.42 -18.67
N ALA A 273 -40.43 1.86 -18.87
CA ALA A 273 -39.24 1.02 -18.65
C ALA A 273 -39.01 0.81 -17.18
N LEU A 274 -39.24 1.86 -16.38
CA LEU A 274 -39.19 1.75 -14.94
C LEU A 274 -40.27 0.85 -14.37
N GLN A 275 -41.42 0.82 -15.02
CA GLN A 275 -42.54 0.00 -14.55
C GLN A 275 -42.42 -1.44 -15.04
N SER A 276 -41.91 -1.62 -16.24
CA SER A 276 -41.96 -2.91 -16.88
C SER A 276 -40.68 -3.36 -17.55
N GLY A 277 -39.66 -2.50 -17.62
CA GLY A 277 -38.42 -2.89 -18.23
C GLY A 277 -37.66 -3.95 -17.45
N ALA A 278 -36.66 -4.55 -18.09
CA ALA A 278 -35.82 -5.58 -17.49
C ALA A 278 -34.63 -5.02 -16.67
N ALA A 279 -34.38 -3.72 -16.76
CA ALA A 279 -33.27 -3.12 -16.04
C ALA A 279 -33.70 -2.57 -14.71
N THR A 280 -32.80 -2.64 -13.73
CA THR A 280 -33.05 -2.12 -12.40
C THR A 280 -33.31 -0.60 -12.42
N GLY A 281 -32.54 0.14 -13.17
CA GLY A 281 -32.73 1.60 -13.20
C GLY A 281 -31.89 2.32 -12.18
N PRO A 282 -32.07 3.64 -12.04
CA PRO A 282 -33.05 4.50 -12.66
C PRO A 282 -32.71 4.96 -14.07
N ASN A 283 -31.48 4.72 -14.54
CA ASN A 283 -31.03 5.15 -15.88
C ASN A 283 -31.34 4.08 -16.95
N VAL A 284 -32.38 4.34 -17.74
CA VAL A 284 -32.90 3.39 -18.69
C VAL A 284 -32.96 3.87 -20.15
N MSE A 285 -32.60 5.12 -20.41
CA MSE A 285 -32.63 5.63 -21.77
C MSE A 285 -31.26 5.55 -22.41
O MSE A 285 -30.21 5.68 -21.76
CB MSE A 285 -33.09 7.10 -21.86
CG MSE A 285 -34.39 7.44 -21.21
SE MSE A 285 -35.91 6.25 -21.74
CE MSE A 285 -36.01 6.47 -23.37
N TYR A 286 -31.32 5.41 -23.70
CA TYR A 286 -30.18 5.33 -24.53
C TYR A 286 -30.47 6.24 -25.71
N PHE A 287 -29.80 7.39 -25.77
CA PHE A 287 -30.02 8.33 -26.85
C PHE A 287 -28.83 8.45 -27.79
N GLU A 288 -29.14 8.74 -29.05
CA GLU A 288 -28.14 8.97 -30.07
C GLU A 288 -28.30 10.40 -30.62
N THR A 289 -27.19 11.09 -30.77
CA THR A 289 -27.22 12.45 -31.28
C THR A 289 -26.37 12.45 -32.56
N GLY A 290 -25.64 13.54 -32.84
CA GLY A 290 -24.81 13.63 -34.04
C GLY A 290 -25.52 14.62 -34.92
N GLN A 291 -24.77 15.36 -35.73
CA GLN A 291 -25.37 16.43 -36.56
C GLN A 291 -25.67 16.11 -38.05
N GLY A 292 -26.92 16.33 -38.51
CA GLY A 292 -28.05 16.87 -37.69
C GLY A 292 -29.38 16.15 -37.88
N SER A 293 -30.19 16.68 -38.81
CA SER A 293 -31.55 16.18 -39.17
C SER A 293 -32.57 16.31 -38.01
N PHE A 301 -31.67 25.84 -39.58
CA PHE A 301 -32.26 26.71 -38.60
C PHE A 301 -31.41 28.02 -38.39
N GLY A 302 -30.23 28.10 -39.03
CA GLY A 302 -29.26 29.22 -38.86
C GLY A 302 -28.24 28.99 -37.74
N VAL A 303 -28.47 27.94 -36.93
CA VAL A 303 -27.67 27.60 -35.75
C VAL A 303 -26.63 26.57 -36.08
N ASP A 304 -25.42 26.75 -35.55
CA ASP A 304 -24.31 25.80 -35.81
C ASP A 304 -24.44 24.42 -35.14
N GLN A 305 -23.78 23.44 -35.75
CA GLN A 305 -23.69 22.04 -35.33
C GLN A 305 -23.28 21.81 -33.89
N VAL A 306 -22.33 22.60 -33.41
CA VAL A 306 -21.80 22.47 -32.06
C VAL A 306 -22.92 22.86 -31.10
N THR A 307 -23.49 24.06 -31.31
CA THR A 307 -24.57 24.56 -30.43
C THR A 307 -25.81 23.68 -30.45
N MSE A 308 -26.14 23.10 -31.59
CA MSE A 308 -27.26 22.19 -31.66
C MSE A 308 -26.96 20.84 -31.00
O MSE A 308 -27.88 20.14 -30.56
CB MSE A 308 -27.62 21.91 -33.12
CG MSE A 308 -28.48 22.97 -33.81
SE MSE A 308 -30.20 23.00 -33.01
CE MSE A 308 -31.27 23.53 -34.44
N GLU A 309 -25.69 20.45 -30.99
CA GLU A 309 -25.24 19.22 -30.32
C GLU A 309 -25.41 19.43 -28.82
N ALA A 310 -24.90 20.53 -28.32
CA ALA A 310 -25.11 20.90 -26.94
C ALA A 310 -26.54 20.80 -26.49
N ARG A 311 -27.46 21.28 -27.33
CA ARG A 311 -28.87 21.28 -27.02
C ARG A 311 -29.46 19.88 -26.95
N CYS A 312 -28.98 18.97 -27.78
CA CYS A 312 -29.40 17.56 -27.68
C CYS A 312 -29.05 17.00 -26.33
N TYR A 313 -27.83 17.31 -25.88
CA TYR A 313 -27.32 16.89 -24.58
C TYR A 313 -28.23 17.42 -23.46
N GLY A 314 -28.66 18.67 -23.58
CA GLY A 314 -29.54 19.31 -22.60
C GLY A 314 -30.93 18.70 -22.53
N PHE A 315 -31.43 18.26 -23.69
CA PHE A 315 -32.67 17.51 -23.79
C PHE A 315 -32.48 16.17 -23.12
N ALA A 316 -31.45 15.45 -23.57
CA ALA A 316 -31.13 14.14 -23.01
C ALA A 316 -31.06 14.14 -21.46
N LYS A 317 -30.35 15.11 -20.89
CA LYS A 317 -30.15 15.21 -19.44
C LYS A 317 -31.43 15.12 -18.64
N LYS A 318 -32.53 15.62 -19.19
CA LYS A 318 -33.83 15.60 -18.51
C LYS A 318 -34.33 14.18 -18.22
N PHE A 319 -33.98 13.22 -19.08
CA PHE A 319 -34.46 11.83 -18.94
C PHE A 319 -33.47 10.82 -18.33
N ASP A 320 -32.41 11.34 -17.67
CA ASP A 320 -31.36 10.51 -16.97
C ASP A 320 -30.94 9.27 -17.72
N PRO A 321 -30.28 9.46 -18.85
CA PRO A 321 -29.95 8.31 -19.66
C PRO A 321 -28.79 7.47 -19.11
N PHE A 322 -28.78 6.19 -19.50
CA PHE A 322 -27.69 5.32 -19.20
C PHE A 322 -26.55 5.62 -20.19
N LEU A 323 -26.92 5.90 -21.43
CA LEU A 323 -25.96 6.18 -22.49
C LEU A 323 -26.32 7.34 -23.42
N VAL A 324 -25.35 8.20 -23.79
CA VAL A 324 -25.61 9.19 -24.83
C VAL A 324 -24.40 9.36 -25.76
N ASN A 325 -24.44 8.54 -26.82
N ASN A 325 -24.45 8.55 -26.84
CA ASN A 325 -23.47 8.53 -27.93
CA ASN A 325 -23.47 8.53 -27.94
C ASN A 325 -23.73 9.55 -29.05
C ASN A 325 -23.72 9.53 -29.06
N THR A 326 -22.67 10.23 -29.48
CA THR A 326 -22.73 11.13 -30.62
C THR A 326 -22.30 10.28 -31.78
N VAL A 327 -22.48 10.77 -33.00
CA VAL A 327 -21.99 10.07 -34.16
C VAL A 327 -21.18 11.07 -34.96
N VAL A 328 -19.89 10.82 -35.12
CA VAL A 328 -19.02 11.70 -35.90
C VAL A 328 -18.54 10.88 -37.10
N GLY A 329 -18.34 11.53 -38.23
CA GLY A 329 -18.08 10.83 -39.46
C GLY A 329 -16.75 11.03 -40.14
N PHE A 330 -15.95 9.96 -40.12
CA PHE A 330 -14.66 9.92 -40.79
C PHE A 330 -14.87 9.15 -42.10
N TYR A 337 -11.95 19.70 -46.07
CA TYR A 337 -12.04 18.54 -45.20
C TYR A 337 -10.66 17.99 -44.83
N ASP A 338 -10.35 18.07 -43.54
CA ASP A 338 -9.16 17.51 -42.95
C ASP A 338 -9.71 16.64 -41.87
N SER A 339 -9.07 15.50 -41.63
CA SER A 339 -9.50 14.57 -40.60
C SER A 339 -9.50 15.19 -39.19
N LYS A 340 -8.74 16.27 -38.96
CA LYS A 340 -8.66 16.91 -37.67
C LYS A 340 -10.03 17.39 -37.17
N GLN A 341 -10.93 17.68 -38.11
CA GLN A 341 -12.27 18.13 -37.81
C GLN A 341 -13.09 17.12 -37.04
N VAL A 342 -12.95 15.85 -37.42
CA VAL A 342 -13.67 14.76 -36.78
C VAL A 342 -13.15 14.55 -35.36
N ILE A 343 -11.85 14.61 -35.18
CA ILE A 343 -11.26 14.54 -33.87
C ILE A 343 -11.77 15.67 -33.00
N ARG A 344 -11.72 16.89 -33.54
CA ARG A 344 -12.20 18.08 -32.85
C ARG A 344 -13.66 17.88 -32.42
N ALA A 345 -14.48 17.40 -33.34
CA ALA A 345 -15.90 17.19 -33.07
C ALA A 345 -16.10 16.21 -31.93
N GLY A 346 -15.46 15.05 -32.04
CA GLY A 346 -15.54 14.02 -31.00
C GLY A 346 -15.10 14.55 -29.64
N LEU A 347 -14.02 15.31 -29.59
CA LEU A 347 -13.56 15.85 -28.32
C LEU A 347 -14.53 16.88 -27.77
N GLU A 348 -15.13 17.68 -28.66
CA GLU A 348 -16.12 18.68 -28.26
C GLU A 348 -17.36 18.03 -27.71
N ASP A 349 -17.92 17.11 -28.46
CA ASP A 349 -19.12 16.39 -28.04
C ASP A 349 -18.91 15.81 -26.66
N HIS A 350 -17.89 14.97 -26.53
CA HIS A 350 -17.57 14.35 -25.27
C HIS A 350 -17.49 15.37 -24.12
N PHE A 351 -16.74 16.45 -24.29
CA PHE A 351 -16.72 17.45 -23.26
C PHE A 351 -18.10 18.12 -23.03
N MSE A 352 -18.76 18.68 -24.06
CA MSE A 352 -20.08 19.30 -23.76
C MSE A 352 -20.97 18.35 -22.93
O MSE A 352 -21.71 18.76 -22.00
CB MSE A 352 -20.82 19.78 -25.05
CG MSE A 352 -20.13 21.08 -25.78
SE MSE A 352 -20.71 21.42 -27.23
CE MSE A 352 -21.98 21.76 -26.77
N GLY A 353 -20.90 17.04 -23.25
CA GLY A 353 -21.78 16.09 -22.60
C GLY A 353 -21.42 15.75 -21.19
N LYS A 354 -20.14 15.55 -20.94
CA LYS A 354 -19.67 15.41 -19.56
C LYS A 354 -20.04 16.65 -18.73
N LEU A 355 -19.81 17.85 -19.25
CA LEU A 355 -20.21 19.08 -18.52
C LEU A 355 -21.71 19.18 -18.34
N THR A 356 -22.48 18.74 -19.33
CA THR A 356 -23.95 18.71 -19.21
C THR A 356 -24.37 17.73 -18.10
N GLY A 357 -23.52 16.78 -17.78
CA GLY A 357 -23.77 15.84 -16.70
C GLY A 357 -24.34 14.52 -17.18
N ILE A 358 -24.18 14.22 -18.47
CA ILE A 358 -24.70 12.96 -19.02
C ILE A 358 -23.63 11.93 -19.29
N SER A 359 -24.03 10.65 -19.35
CA SER A 359 -23.14 9.55 -19.68
C SER A 359 -22.79 9.63 -21.15
N MSE A 360 -21.67 10.25 -21.49
CA MSE A 360 -21.35 10.47 -22.92
C MSE A 360 -20.31 9.55 -23.54
O MSE A 360 -19.22 9.29 -23.02
CB MSE A 360 -20.91 11.91 -23.16
CG MSE A 360 -21.11 12.37 -24.63
SE MSE A 360 -22.63 12.79 -24.86
CE MSE A 360 -22.19 12.74 -26.28
N GLY A 361 -20.68 9.07 -24.71
CA GLY A 361 -19.85 8.20 -25.51
C GLY A 361 -19.71 8.75 -26.90
N CYS A 362 -19.28 7.91 -27.84
CA CYS A 362 -19.06 8.40 -29.19
C CYS A 362 -18.89 7.33 -30.23
N ASP A 363 -19.68 7.40 -31.30
CA ASP A 363 -19.60 6.46 -32.41
C ASP A 363 -18.83 7.11 -33.50
N VAL A 364 -17.78 6.45 -34.00
CA VAL A 364 -16.95 7.00 -35.05
C VAL A 364 -17.13 6.19 -36.31
N CYS A 365 -17.67 6.83 -37.33
CA CYS A 365 -17.88 6.21 -38.63
C CYS A 365 -16.64 6.28 -39.49
N TYR A 366 -16.40 5.25 -40.29
CA TYR A 366 -15.26 5.27 -41.20
C TYR A 366 -15.47 4.40 -42.41
N THR A 367 -14.71 4.75 -43.45
CA THR A 367 -14.67 4.03 -44.70
C THR A 367 -13.18 3.79 -44.98
N ASN A 368 -12.52 4.88 -45.36
CA ASN A 368 -11.04 5.04 -45.71
C ASN A 368 -10.80 6.08 -46.87
N HIS A 369 -10.55 7.31 -46.44
CA HIS A 369 -10.45 8.50 -47.27
C HIS A 369 -9.72 9.54 -46.43
N MSE A 370 -8.48 9.86 -46.80
CA MSE A 370 -7.70 10.86 -46.07
C MSE A 370 -8.42 12.20 -45.82
O MSE A 370 -9.28 12.33 -44.94
N ALA A 372 -10.41 9.51 -42.84
CA ALA A 372 -11.52 8.55 -42.68
C ALA A 372 -11.15 7.04 -42.54
N ASP A 373 -9.91 6.71 -42.13
CA ASP A 373 -9.47 5.28 -42.01
C ASP A 373 -9.50 4.78 -40.56
N GLN A 374 -9.22 3.49 -40.36
CA GLN A 374 -9.19 2.91 -39.01
C GLN A 374 -8.13 3.58 -38.10
N ASN A 375 -7.02 4.02 -38.68
CA ASN A 375 -5.99 4.78 -37.94
C ASN A 375 -6.52 6.08 -37.34
N ASP A 376 -7.43 6.75 -38.06
CA ASP A 376 -8.02 8.00 -37.61
C ASP A 376 -8.95 7.75 -36.45
N VAL A 377 -9.64 6.63 -36.54
CA VAL A 377 -10.57 6.17 -35.54
C VAL A 377 -9.81 5.84 -34.26
N GLU A 378 -8.62 5.28 -34.43
CA GLU A 378 -7.78 4.93 -33.32
C GLU A 378 -7.25 6.20 -32.70
N ASN A 379 -6.84 7.16 -33.53
CA ASN A 379 -6.37 8.44 -33.01
C ASN A 379 -7.41 9.06 -32.08
N LEU A 380 -8.65 9.12 -32.53
CA LEU A 380 -9.71 9.70 -31.74
C LEU A 380 -10.00 8.89 -30.50
N SER A 381 -10.08 7.57 -30.66
CA SER A 381 -10.33 6.66 -29.57
C SER A 381 -9.35 6.84 -28.41
N VAL A 382 -8.07 6.92 -28.72
CA VAL A 382 -7.03 7.09 -27.70
C VAL A 382 -7.14 8.46 -27.04
N LEU A 383 -7.45 9.46 -27.84
CA LEU A 383 -7.64 10.83 -27.33
C LEU A 383 -8.88 10.91 -26.43
N LEU A 384 -9.97 10.25 -26.84
CA LEU A 384 -11.18 10.23 -26.02
C LEU A 384 -10.98 9.46 -24.74
N THR A 385 -10.17 8.41 -24.80
CA THR A 385 -9.92 7.60 -23.61
C THR A 385 -9.06 8.31 -22.57
N ALA A 386 -8.13 9.13 -23.02
CA ALA A 386 -7.35 10.00 -22.14
C ALA A 386 -8.26 11.03 -21.48
N ALA A 387 -9.36 11.36 -22.16
CA ALA A 387 -10.40 12.29 -21.68
C ALA A 387 -11.41 11.72 -20.66
N GLY A 388 -11.34 10.42 -20.38
CA GLY A 388 -12.28 9.80 -19.47
C GLY A 388 -13.55 9.34 -20.16
N CYS A 389 -13.55 9.24 -21.48
CA CYS A 389 -14.67 8.70 -22.18
C CYS A 389 -14.67 7.20 -21.88
N ASN A 390 -15.85 6.71 -21.49
CA ASN A 390 -16.07 5.34 -21.06
C ASN A 390 -16.61 4.39 -22.11
N PHE A 391 -16.98 4.90 -23.28
CA PHE A 391 -17.40 4.03 -24.39
C PHE A 391 -17.24 4.72 -25.76
N ILE A 392 -16.64 3.99 -26.68
CA ILE A 392 -16.34 4.46 -28.02
C ILE A 392 -16.49 3.26 -28.91
N MSE A 393 -17.05 3.45 -30.10
CA MSE A 393 -17.22 2.34 -31.01
C MSE A 393 -17.07 2.79 -32.46
O MSE A 393 -17.72 3.73 -32.89
CB MSE A 393 -18.59 1.71 -30.82
CG MSE A 393 -18.70 0.27 -31.28
SE MSE A 393 -20.58 -0.27 -31.46
CE MSE A 393 -20.39 -2.33 -31.69
N GLY A 394 -16.22 2.11 -33.22
CA GLY A 394 -16.03 2.41 -34.63
C GLY A 394 -17.18 1.81 -35.41
N ILE A 395 -17.66 2.53 -36.42
CA ILE A 395 -18.72 2.07 -37.28
C ILE A 395 -18.20 2.11 -38.70
N PRO A 396 -17.85 0.95 -39.27
CA PRO A 396 -17.30 0.92 -40.62
C PRO A 396 -18.39 1.00 -41.67
N HIS A 397 -18.16 1.80 -42.72
CA HIS A 397 -19.05 1.89 -43.88
C HIS A 397 -18.25 1.52 -45.11
N GLY A 398 -18.95 1.27 -46.20
CA GLY A 398 -18.29 0.90 -47.44
C GLY A 398 -19.24 0.04 -48.24
N ASP A 399 -18.99 -0.07 -49.54
CA ASP A 399 -19.82 -0.89 -50.43
C ASP A 399 -19.78 -2.37 -50.00
N ASP A 400 -18.64 -2.81 -49.47
CA ASP A 400 -18.46 -4.18 -49.01
C ASP A 400 -19.15 -4.39 -47.64
N VAL A 401 -20.42 -4.81 -47.69
CA VAL A 401 -21.24 -5.04 -46.49
C VAL A 401 -20.76 -6.22 -45.61
N MSE A 402 -19.89 -7.08 -46.16
CA MSE A 402 -19.30 -8.23 -45.44
C MSE A 402 -17.97 -7.94 -44.74
O MSE A 402 -17.63 -8.64 -43.78
CB MSE A 402 -19.13 -9.44 -46.37
CG MSE A 402 -20.38 -10.29 -46.54
SE MSE A 402 -21.03 -11.11 -44.85
CE MSE A 402 -19.26 -12.06 -44.27
N LEU A 403 -17.20 -6.97 -45.23
CA LEU A 403 -15.99 -6.55 -44.53
C LEU A 403 -16.42 -5.67 -43.33
N ASN A 404 -17.61 -5.05 -43.42
CA ASN A 404 -18.20 -4.24 -42.35
C ASN A 404 -18.66 -5.12 -41.19
N TYR A 405 -19.37 -6.20 -41.53
CA TYR A 405 -19.82 -7.18 -40.53
C TYR A 405 -18.61 -7.87 -39.86
N GLN A 406 -17.62 -8.26 -40.66
CA GLN A 406 -16.41 -8.93 -40.18
C GLN A 406 -15.43 -7.97 -39.46
N THR A 407 -15.41 -6.68 -39.84
CA THR A 407 -14.58 -5.65 -39.18
C THR A 407 -15.30 -5.26 -37.90
N THR A 408 -14.82 -5.83 -36.82
CA THR A 408 -15.54 -5.85 -35.58
C THR A 408 -15.05 -4.87 -34.47
N GLY A 409 -13.75 -4.59 -34.42
CA GLY A 409 -13.20 -3.64 -33.44
C GLY A 409 -13.08 -4.19 -32.02
N TYR A 410 -13.38 -5.49 -31.87
CA TYR A 410 -13.36 -6.15 -30.59
C TYR A 410 -11.94 -6.21 -30.06
N HIS A 411 -11.01 -6.68 -30.90
CA HIS A 411 -9.63 -6.80 -30.47
C HIS A 411 -8.98 -5.44 -30.17
N GLU A 412 -9.32 -4.44 -30.97
CA GLU A 412 -8.77 -3.10 -30.77
C GLU A 412 -9.23 -2.46 -29.47
N THR A 413 -10.47 -2.76 -29.07
CA THR A 413 -11.04 -2.25 -27.82
C THR A 413 -10.34 -2.89 -26.61
N ALA A 414 -10.08 -4.20 -26.67
CA ALA A 414 -9.32 -4.85 -25.61
C ALA A 414 -7.97 -4.19 -25.46
N THR A 415 -7.35 -3.89 -26.59
CA THR A 415 -6.03 -3.28 -26.65
C THR A 415 -6.01 -1.87 -26.03
N LEU A 416 -6.99 -1.08 -26.42
CA LEU A 416 -7.21 0.26 -25.90
C LEU A 416 -7.38 0.26 -24.39
N ARG A 417 -8.10 -0.75 -23.90
CA ARG A 417 -8.31 -0.90 -22.46
C ARG A 417 -7.00 -1.15 -21.73
N GLU A 418 -6.25 -2.12 -22.24
CA GLU A 418 -4.98 -2.47 -21.68
C GLU A 418 -3.99 -1.32 -21.71
N LEU A 419 -3.97 -0.55 -22.77
CA LEU A 419 -3.11 0.62 -22.90
C LEU A 419 -3.27 1.58 -21.74
N PHE A 420 -4.51 1.85 -21.37
CA PHE A 420 -4.82 2.76 -20.28
C PHE A 420 -5.03 2.04 -18.95
N GLY A 421 -5.07 0.72 -18.99
CA GLY A 421 -5.23 -0.06 -17.77
C GLY A 421 -6.63 -0.13 -17.26
N LEU A 422 -7.59 -0.12 -18.18
CA LEU A 422 -9.00 -0.10 -17.81
C LEU A 422 -9.63 -1.48 -17.96
N LYS A 423 -10.76 -1.66 -17.27
CA LYS A 423 -11.51 -2.92 -17.25
C LYS A 423 -12.99 -2.75 -17.61
N PRO A 424 -13.70 -3.85 -17.96
CA PRO A 424 -15.12 -3.63 -18.12
C PRO A 424 -15.76 -3.23 -16.78
N ILE A 425 -17.01 -2.78 -16.82
CA ILE A 425 -17.79 -2.48 -15.62
C ILE A 425 -17.54 -3.62 -14.62
N LYS A 426 -17.49 -3.32 -13.33
CA LYS A 426 -17.13 -4.30 -12.31
C LYS A 426 -17.79 -5.68 -12.47
N GLU A 427 -19.12 -5.73 -12.52
CA GLU A 427 -19.82 -7.02 -12.53
C GLU A 427 -19.55 -7.83 -13.80
N PHE A 428 -19.30 -7.15 -14.94
CA PHE A 428 -19.01 -7.82 -16.20
C PHE A 428 -17.58 -8.37 -16.18
N ASP A 429 -16.68 -7.60 -15.60
CA ASP A 429 -15.33 -8.06 -15.44
C ASP A 429 -15.27 -9.32 -14.55
N GLN A 430 -16.17 -9.42 -13.56
CA GLN A 430 -16.26 -10.58 -12.66
C GLN A 430 -16.80 -11.76 -13.44
N TRP A 431 -17.78 -11.51 -14.30
CA TRP A 431 -18.36 -12.51 -15.19
C TRP A 431 -17.27 -13.07 -16.10
N MSE A 432 -16.46 -12.18 -16.69
CA MSE A 432 -15.36 -12.59 -17.57
C MSE A 432 -14.38 -13.52 -16.89
O MSE A 432 -14.00 -14.54 -17.49
CB MSE A 432 -14.56 -11.38 -18.04
CG MSE A 432 -15.29 -10.48 -18.97
SE MSE A 432 -15.34 -11.00 -20.80
CE MSE A 432 -13.57 -10.97 -21.24
N GLU A 433 -13.99 -13.21 -15.66
CA GLU A 433 -13.05 -14.07 -14.94
C GLU A 433 -13.71 -15.42 -14.69
N LYS A 434 -14.97 -15.43 -14.31
CA LYS A 434 -15.65 -16.71 -14.12
C LYS A 434 -15.76 -17.53 -15.42
N MSE A 435 -15.74 -16.88 -16.59
CA MSE A 435 -15.80 -17.60 -17.87
C MSE A 435 -14.40 -17.97 -18.37
O MSE A 435 -14.27 -18.73 -19.33
CB MSE A 435 -16.46 -16.73 -18.91
CG MSE A 435 -17.88 -16.43 -18.60
SE MSE A 435 -19.09 -17.90 -18.98
CE MSE A 435 -18.89 -17.83 -20.99
N GLY A 436 -13.38 -17.41 -17.70
CA GLY A 436 -11.99 -17.65 -18.06
C GLY A 436 -11.54 -16.84 -19.27
N PHE A 437 -12.29 -15.82 -19.65
CA PHE A 437 -11.87 -15.01 -20.77
C PHE A 437 -10.85 -13.95 -20.37
N SER A 438 -10.76 -13.61 -19.09
CA SER A 438 -9.79 -12.61 -18.68
C SER A 438 -9.30 -12.88 -17.27
N GLU A 439 -8.32 -12.08 -16.88
CA GLU A 439 -7.70 -12.18 -15.58
C GLU A 439 -7.02 -10.85 -15.29
N ASN A 440 -7.42 -10.23 -14.20
CA ASN A 440 -6.92 -8.92 -13.80
C ASN A 440 -6.97 -7.90 -14.94
N GLY A 441 -8.06 -7.90 -15.69
CA GLY A 441 -8.22 -6.96 -16.78
C GLY A 441 -7.72 -7.43 -18.12
N LYS A 442 -6.60 -8.17 -18.14
CA LYS A 442 -6.00 -8.65 -19.40
C LYS A 442 -6.67 -9.94 -19.91
N LEU A 443 -6.89 -10.04 -21.22
CA LEU A 443 -7.52 -11.21 -21.80
C LEU A 443 -6.57 -12.41 -21.79
N THR A 444 -7.15 -13.61 -21.78
CA THR A 444 -6.41 -14.88 -21.81
C THR A 444 -6.40 -15.48 -23.21
N SER A 445 -5.96 -16.74 -23.34
CA SER A 445 -5.92 -17.47 -24.62
C SER A 445 -7.30 -17.75 -25.21
N ARG A 446 -8.33 -17.75 -24.37
CA ARG A 446 -9.73 -17.97 -24.80
C ARG A 446 -10.32 -16.82 -25.66
N ALA A 447 -9.65 -15.66 -25.70
CA ALA A 447 -10.09 -14.51 -26.50
C ALA A 447 -10.21 -14.85 -27.98
N GLY A 448 -11.42 -14.73 -28.54
CA GLY A 448 -11.70 -15.11 -29.92
C GLY A 448 -12.23 -16.54 -29.99
N ASP A 449 -12.12 -17.27 -28.88
CA ASP A 449 -12.53 -18.67 -28.77
C ASP A 449 -13.87 -18.81 -28.03
N ALA A 450 -14.94 -18.82 -28.82
CA ALA A 450 -16.32 -18.97 -28.34
C ALA A 450 -16.74 -20.42 -28.12
N SER A 451 -15.78 -21.35 -28.15
CA SER A 451 -16.03 -22.77 -27.96
C SER A 451 -16.81 -23.03 -26.68
N ILE A 452 -16.43 -22.37 -25.58
CA ILE A 452 -17.09 -22.56 -24.26
C ILE A 452 -18.62 -22.41 -24.31
N PHE A 453 -19.13 -21.57 -25.22
CA PHE A 453 -20.58 -21.41 -25.36
C PHE A 453 -21.18 -22.65 -26.02
N LEU A 454 -20.49 -23.19 -27.03
CA LEU A 454 -20.93 -24.37 -27.77
C LEU A 454 -20.42 -25.65 -27.11
N MSE B 2 24.65 -44.36 27.07
CA MSE B 2 24.90 -43.48 25.89
C MSE B 2 26.35 -43.67 25.39
O MSE B 2 27.26 -43.87 26.20
CB MSE B 2 24.62 -42.00 26.23
CG MSE B 2 25.70 -41.27 27.09
SE MSE B 2 25.09 -39.60 27.99
CE MSE B 2 24.18 -40.38 29.60
N ILE B 3 26.53 -43.62 24.07
CA ILE B 3 27.83 -43.75 23.47
C ILE B 3 28.60 -42.44 23.61
N LEU B 4 29.76 -42.48 24.26
CA LEU B 4 30.65 -41.31 24.37
C LEU B 4 31.94 -41.54 23.60
N LYS B 5 31.88 -42.42 22.58
CA LYS B 5 33.02 -42.71 21.71
C LYS B 5 32.60 -42.86 20.25
N THR B 6 33.53 -42.66 19.33
CA THR B 6 33.24 -42.76 17.91
C THR B 6 34.50 -43.03 17.08
N ASN B 7 34.39 -43.93 16.08
CA ASN B 7 35.51 -44.25 15.19
C ASN B 7 35.60 -43.19 14.11
N LEU B 8 36.59 -42.29 14.25
CA LEU B 8 36.76 -41.15 13.31
C LEU B 8 38.07 -41.22 12.51
N PHE B 9 37.93 -41.37 11.19
CA PHE B 9 39.06 -41.44 10.25
C PHE B 9 40.06 -42.54 10.66
N GLY B 10 39.54 -43.69 11.07
CA GLY B 10 40.37 -44.82 11.52
C GLY B 10 40.58 -44.88 13.04
N HIS B 11 40.89 -43.74 13.66
CA HIS B 11 41.11 -43.66 15.11
C HIS B 11 39.78 -43.72 15.88
N THR B 12 39.81 -44.25 17.10
CA THR B 12 38.63 -44.33 17.96
C THR B 12 38.80 -43.41 19.16
N TYR B 13 37.96 -42.37 19.19
CA TYR B 13 37.94 -41.33 20.24
C TYR B 13 36.92 -41.61 21.34
N GLN B 14 37.39 -41.59 22.58
CA GLN B 14 36.59 -41.85 23.77
C GLN B 14 36.61 -40.58 24.63
N PHE B 15 35.41 -40.17 25.09
CA PHE B 15 35.26 -38.95 25.92
C PHE B 15 34.91 -39.32 27.36
N LYS B 16 35.41 -38.51 28.29
CA LYS B 16 35.28 -38.76 29.72
C LYS B 16 33.85 -38.66 30.20
N SER B 17 33.11 -37.71 29.65
CA SER B 17 31.75 -37.40 30.10
C SER B 17 31.04 -36.48 29.14
N ILE B 18 29.79 -36.17 29.47
CA ILE B 18 29.02 -35.20 28.72
C ILE B 18 29.78 -33.89 28.77
N THR B 19 30.14 -33.45 29.98
CA THR B 19 30.90 -32.22 30.18
C THR B 19 32.12 -32.13 29.25
N ASP B 20 32.78 -33.28 29.05
CA ASP B 20 34.00 -33.40 28.23
C ASP B 20 33.66 -33.24 26.78
N VAL B 21 32.59 -33.90 26.37
CA VAL B 21 32.15 -33.81 24.97
C VAL B 21 31.76 -32.38 24.67
N LEU B 22 30.99 -31.80 25.60
CA LEU B 22 30.53 -30.44 25.48
C LEU B 22 31.69 -29.51 25.31
N ALA B 23 32.73 -29.66 26.11
CA ALA B 23 33.89 -28.77 26.04
C ALA B 23 34.70 -28.93 24.76
N LYS B 24 34.91 -30.18 24.36
CA LYS B 24 35.76 -30.49 23.22
C LYS B 24 35.05 -30.23 21.89
N ALA B 25 33.71 -30.25 21.91
CA ALA B 25 32.90 -29.92 20.73
C ALA B 25 33.00 -28.43 20.36
N ASN B 26 33.30 -27.55 21.30
CA ASN B 26 33.44 -26.12 21.00
C ASN B 26 34.50 -25.78 19.95
N GLU B 27 34.39 -24.60 19.33
CA GLU B 27 35.42 -24.09 18.43
C GLU B 27 36.57 -23.67 19.33
N GLU B 28 37.68 -23.24 18.76
CA GLU B 28 38.83 -22.84 19.53
C GLU B 28 38.51 -21.67 20.43
N LYS B 29 38.68 -21.84 21.74
CA LYS B 29 38.42 -20.77 22.69
C LYS B 29 39.55 -20.61 23.70
N SER B 30 40.18 -19.43 23.69
CA SER B 30 41.29 -19.08 24.59
C SER B 30 41.05 -19.53 26.06
N GLY B 31 39.89 -19.19 26.60
CA GLY B 31 39.56 -19.56 27.97
C GLY B 31 39.45 -21.05 28.22
N ASP B 32 38.82 -21.79 27.31
CA ASP B 32 38.70 -23.25 27.43
C ASP B 32 40.08 -23.90 27.30
N ARG B 33 40.84 -23.42 26.31
CA ARG B 33 42.20 -23.87 26.08
C ARG B 33 43.01 -23.68 27.36
N LEU B 34 43.12 -22.41 27.82
N LEU B 34 43.12 -22.42 27.81
CA LEU B 34 43.86 -22.04 29.04
CA LEU B 34 43.86 -22.05 29.04
C LEU B 34 43.23 -22.55 30.34
C LEU B 34 43.34 -22.72 30.31
N ALA B 35 42.17 -23.36 30.23
CA ALA B 35 41.55 -24.05 31.37
C ALA B 35 41.74 -25.55 31.27
N GLY B 36 42.28 -26.03 30.14
CA GLY B 36 42.59 -27.43 29.95
C GLY B 36 41.53 -28.31 29.32
N VAL B 37 40.29 -27.80 29.22
CA VAL B 37 39.13 -28.58 28.73
C VAL B 37 38.96 -28.68 27.23
N ALA B 38 39.65 -27.83 26.48
CA ALA B 38 39.57 -27.83 25.00
C ALA B 38 39.98 -29.14 24.32
N ALA B 39 39.67 -29.25 23.02
CA ALA B 39 40.00 -30.43 22.22
C ALA B 39 41.50 -30.54 21.99
N GLU B 40 42.00 -31.79 21.91
CA GLU B 40 43.44 -32.03 21.76
C GLU B 40 43.90 -31.87 20.32
N SER B 41 43.01 -32.12 19.37
CA SER B 41 43.31 -31.91 17.97
C SER B 41 42.05 -31.45 17.25
N ALA B 42 42.16 -31.17 15.95
CA ALA B 42 41.01 -30.81 15.13
C ALA B 42 40.18 -32.05 14.86
N GLU B 43 40.87 -33.20 14.78
CA GLU B 43 40.24 -34.49 14.53
C GLU B 43 39.40 -34.91 15.75
N GLU B 44 39.88 -34.58 16.96
CA GLU B 44 39.14 -34.88 18.20
C GLU B 44 37.93 -33.95 18.37
N ARG B 45 38.04 -32.73 17.83
CA ARG B 45 36.97 -31.75 17.88
C ARG B 45 35.82 -32.33 17.06
N VAL B 46 36.12 -32.67 15.82
CA VAL B 46 35.14 -33.27 14.95
C VAL B 46 34.50 -34.50 15.63
N ALA B 47 35.30 -35.30 16.32
CA ALA B 47 34.79 -36.49 17.01
C ALA B 47 33.79 -36.10 18.11
N ALA B 48 34.13 -35.06 18.85
CA ALA B 48 33.29 -34.54 19.92
C ALA B 48 31.92 -34.09 19.39
N LYS B 49 31.95 -33.35 18.28
CA LYS B 49 30.76 -32.87 17.61
C LYS B 49 29.91 -34.01 17.09
N VAL B 50 30.56 -35.03 16.56
CA VAL B 50 29.84 -36.18 16.03
C VAL B 50 29.13 -36.89 17.17
N VAL B 51 29.84 -37.10 18.28
CA VAL B 51 29.23 -37.77 19.44
C VAL B 51 28.06 -36.97 19.98
N LEU B 52 28.25 -35.65 20.02
CA LEU B 52 27.26 -34.72 20.51
C LEU B 52 26.03 -34.71 19.60
N SER B 53 26.27 -34.72 18.30
CA SER B 53 25.20 -34.68 17.30
C SER B 53 24.21 -35.81 17.44
N LYS B 54 24.70 -36.98 17.89
CA LYS B 54 23.87 -38.18 18.05
C LYS B 54 23.32 -38.28 19.45
N MSE B 55 23.61 -37.30 20.30
CA MSE B 55 23.13 -37.35 21.66
C MSE B 55 21.68 -36.89 21.77
O MSE B 55 21.28 -35.91 21.14
CB MSE B 55 24.01 -36.44 22.48
CG MSE B 55 23.76 -36.53 23.94
SE MSE B 55 25.48 -36.29 24.69
CE MSE B 55 26.23 -38.08 23.97
N THR B 56 20.88 -37.58 22.58
CA THR B 56 19.48 -37.20 22.71
C THR B 56 19.29 -36.04 23.69
N LEU B 57 18.15 -35.36 23.57
CA LEU B 57 17.81 -34.24 24.44
C LEU B 57 17.47 -34.76 25.84
N GLY B 58 16.89 -35.95 25.94
CA GLY B 58 16.65 -36.52 27.25
C GLY B 58 17.94 -36.65 28.06
N ASP B 59 18.98 -37.22 27.44
CA ASP B 59 20.29 -37.44 28.09
C ASP B 59 20.90 -36.13 28.60
N LEU B 60 20.82 -35.07 27.79
CA LEU B 60 21.36 -33.79 28.19
C LEU B 60 20.52 -33.17 29.29
N ARG B 61 19.20 -33.33 29.20
CA ARG B 61 18.30 -32.73 30.18
C ARG B 61 18.55 -33.30 31.54
N ASN B 62 18.61 -34.61 31.58
CA ASN B 62 18.82 -35.37 32.80
C ASN B 62 20.24 -35.32 33.39
N ASN B 63 21.21 -34.79 32.65
CA ASN B 63 22.59 -34.75 33.10
C ASN B 63 23.19 -33.34 33.13
N PRO B 64 22.59 -32.43 33.89
CA PRO B 64 23.18 -31.11 33.92
C PRO B 64 24.62 -31.15 34.37
N VAL B 65 25.46 -30.36 33.69
CA VAL B 65 26.92 -30.29 33.98
C VAL B 65 27.24 -29.98 35.44
N VAL B 66 26.29 -29.39 36.17
CA VAL B 66 26.44 -29.17 37.60
C VAL B 66 25.20 -29.79 38.21
N PRO B 67 25.35 -30.61 39.26
CA PRO B 67 24.15 -31.35 39.71
C PRO B 67 23.01 -30.53 40.29
N TYR B 68 21.82 -31.07 40.15
CA TYR B 68 20.62 -30.45 40.67
C TYR B 68 20.66 -30.32 42.19
N GLU B 69 20.96 -31.41 42.89
CA GLU B 69 20.96 -31.40 44.37
C GLU B 69 21.96 -30.40 44.95
N THR B 70 23.02 -30.11 44.21
CA THR B 70 24.09 -29.19 44.63
C THR B 70 24.01 -27.74 44.17
N ASP B 71 23.59 -27.51 42.93
CA ASP B 71 23.61 -26.17 42.32
C ASP B 71 22.21 -25.56 42.11
N GLU B 72 22.02 -24.32 42.56
CA GLU B 72 20.73 -23.62 42.46
C GLU B 72 20.42 -23.22 41.04
N VAL B 73 21.47 -22.79 40.35
CA VAL B 73 21.34 -22.34 38.99
C VAL B 73 20.89 -23.54 38.15
N THR B 74 21.29 -24.76 38.50
CA THR B 74 20.78 -25.94 37.77
C THR B 74 19.32 -26.11 38.09
N ARG B 75 18.96 -25.97 39.36
CA ARG B 75 17.57 -26.16 39.75
C ARG B 75 16.70 -25.10 39.07
N ILE B 76 17.13 -23.84 39.08
CA ILE B 76 16.35 -22.78 38.45
C ILE B 76 16.02 -23.09 36.99
N ILE B 77 17.04 -23.49 36.26
CA ILE B 77 16.97 -23.88 34.85
C ILE B 77 16.04 -25.01 34.63
N GLN B 78 16.21 -26.04 35.46
CA GLN B 78 15.42 -27.28 35.32
C GLN B 78 13.98 -27.11 35.79
N ASP B 79 13.76 -26.30 36.81
CA ASP B 79 12.41 -26.08 37.32
C ASP B 79 11.57 -25.27 36.32
N GLN B 80 12.22 -24.58 35.39
CA GLN B 80 11.54 -23.84 34.33
C GLN B 80 11.04 -24.77 33.23
N VAL B 81 11.54 -26.00 33.18
CA VAL B 81 11.17 -26.98 32.13
C VAL B 81 9.72 -27.45 32.18
N ASN B 82 9.07 -27.57 31.01
CA ASN B 82 7.75 -28.19 30.97
C ASN B 82 8.08 -29.66 30.70
N ASP B 83 7.79 -30.49 31.69
CA ASP B 83 8.12 -31.92 31.63
C ASP B 83 7.36 -32.66 30.53
N ARG B 84 6.12 -32.25 30.28
CA ARG B 84 5.29 -32.83 29.23
C ARG B 84 5.85 -32.50 27.86
N ILE B 85 6.16 -31.21 27.65
CA ILE B 85 6.75 -30.80 26.41
C ILE B 85 8.13 -31.44 26.29
N HIS B 86 8.86 -31.57 27.40
CA HIS B 86 10.14 -32.22 27.29
C HIS B 86 9.97 -33.68 26.83
N ASP B 87 9.06 -34.41 27.45
CA ASP B 87 8.87 -35.83 27.15
C ASP B 87 8.69 -36.13 25.66
N SER B 88 7.99 -35.24 24.97
CA SER B 88 7.69 -35.43 23.55
C SER B 88 8.86 -35.17 22.63
N ILE B 89 9.89 -34.47 23.12
CA ILE B 89 11.10 -34.26 22.32
C ILE B 89 12.34 -34.95 22.91
N LYS B 90 12.18 -35.68 24.01
CA LYS B 90 13.35 -36.23 24.73
C LYS B 90 14.23 -37.17 23.88
N ASN B 91 13.62 -37.88 22.92
CA ASN B 91 14.33 -38.79 22.02
C ASN B 91 14.87 -38.11 20.76
N TRP B 92 14.71 -36.79 20.63
CA TRP B 92 15.28 -36.05 19.52
C TRP B 92 16.74 -36.00 19.78
N THR B 93 17.52 -35.98 18.73
CA THR B 93 18.96 -35.91 18.84
C THR B 93 19.39 -34.45 18.55
N VAL B 94 20.51 -34.00 19.11
CA VAL B 94 20.95 -32.58 18.89
C VAL B 94 21.05 -32.15 17.40
N GLU B 95 21.37 -33.08 16.51
N GLU B 95 21.34 -33.13 16.55
CA GLU B 95 21.44 -32.73 15.10
CA GLU B 95 21.46 -32.92 15.12
C GLU B 95 20.03 -32.52 14.56
C GLU B 95 20.09 -32.59 14.54
N GLU B 96 19.08 -33.33 15.02
CA GLU B 96 17.69 -33.20 14.59
C GLU B 96 17.11 -31.86 15.00
N LEU B 97 17.38 -31.50 16.26
CA LEU B 97 16.94 -30.22 16.81
C LEU B 97 17.45 -29.06 15.97
N ARG B 98 18.74 -29.09 15.65
CA ARG B 98 19.37 -28.05 14.84
C ARG B 98 18.68 -27.90 13.48
N GLU B 99 18.44 -29.01 12.79
CA GLU B 99 17.76 -28.98 11.49
C GLU B 99 16.28 -28.53 11.65
N TRP B 100 15.67 -28.88 12.76
CA TRP B 100 14.30 -28.50 13.02
C TRP B 100 14.22 -26.99 13.29
N ILE B 101 15.13 -26.47 14.10
CA ILE B 101 15.18 -25.03 14.38
C ILE B 101 15.37 -24.24 13.10
N LEU B 102 16.24 -24.75 12.21
CA LEU B 102 16.63 -24.03 11.01
C LEU B 102 15.70 -24.19 9.80
N ASP B 103 14.76 -25.11 9.87
CA ASP B 103 13.82 -25.34 8.78
C ASP B 103 12.93 -24.11 8.55
N HIS B 104 12.58 -23.88 7.28
CA HIS B 104 11.71 -22.79 6.82
C HIS B 104 10.37 -22.81 7.51
N LYS B 105 9.81 -24.02 7.58
CA LYS B 105 8.47 -24.30 8.09
C LYS B 105 8.36 -24.32 9.61
N THR B 106 9.49 -24.26 10.32
CA THR B 106 9.50 -24.16 11.76
C THR B 106 9.46 -22.68 12.08
N THR B 107 8.44 -22.26 12.84
CA THR B 107 8.21 -20.84 13.16
C THR B 107 8.74 -20.38 14.49
N ASP B 108 8.78 -19.07 14.69
CA ASP B 108 9.16 -18.53 15.99
C ASP B 108 8.29 -19.13 17.09
N ALA B 109 6.99 -19.23 16.83
CA ALA B 109 6.06 -19.83 17.78
C ALA B 109 6.38 -21.30 18.09
N ASP B 110 6.79 -22.04 17.05
CA ASP B 110 7.17 -23.45 17.21
C ASP B 110 8.38 -23.57 18.12
N ILE B 111 9.36 -22.68 17.92
CA ILE B 111 10.59 -22.68 18.68
C ILE B 111 10.29 -22.40 20.14
N LYS B 112 9.49 -21.38 20.41
CA LYS B 112 9.15 -21.04 21.81
C LYS B 112 8.52 -22.22 22.55
N ARG B 113 7.62 -22.94 21.89
CA ARG B 113 7.04 -24.12 22.54
C ARG B 113 8.08 -25.20 22.82
N VAL B 114 8.95 -25.46 21.86
CA VAL B 114 9.99 -26.50 22.02
C VAL B 114 10.96 -26.13 23.12
N ALA B 115 11.25 -24.83 23.22
CA ALA B 115 12.17 -24.26 24.21
C ALA B 115 11.76 -24.58 25.64
N ARG B 116 10.47 -24.71 25.90
CA ARG B 116 9.98 -25.10 27.22
C ARG B 116 10.47 -26.50 27.60
N GLY B 117 10.82 -27.31 26.59
CA GLY B 117 11.39 -28.64 26.82
C GLY B 117 12.90 -28.69 26.75
N LEU B 118 13.55 -27.54 26.66
CA LEU B 118 15.00 -27.51 26.58
C LEU B 118 15.60 -26.93 27.84
N THR B 119 16.87 -27.26 28.04
CA THR B 119 17.65 -26.78 29.17
C THR B 119 18.85 -26.08 28.59
N SER B 120 19.57 -25.33 29.43
CA SER B 120 20.75 -24.59 28.98
C SER B 120 21.84 -25.45 28.34
N GLU B 121 21.95 -26.70 28.79
CA GLU B 121 22.92 -27.64 28.23
C GLU B 121 22.51 -28.06 26.81
N ILE B 122 21.21 -28.16 26.55
CA ILE B 122 20.72 -28.47 25.21
C ILE B 122 20.94 -27.26 24.32
N ILE B 123 20.54 -26.10 24.81
CA ILE B 123 20.79 -24.85 24.06
C ILE B 123 22.27 -24.77 23.68
N ALA B 124 23.17 -25.08 24.62
CA ALA B 124 24.64 -25.05 24.37
C ALA B 124 25.04 -26.08 23.34
N ALA B 125 24.54 -27.31 23.54
CA ALA B 125 24.82 -28.41 22.62
C ALA B 125 24.48 -28.03 21.20
N VAL B 126 23.23 -27.62 20.96
CA VAL B 126 22.83 -27.30 19.58
C VAL B 126 23.73 -26.21 18.97
N THR B 127 24.10 -25.21 19.78
CA THR B 127 24.91 -24.08 19.31
C THR B 127 26.29 -24.51 18.81
N LYS B 128 26.89 -25.48 19.49
CA LYS B 128 28.21 -26.01 19.13
C LYS B 128 28.25 -26.60 17.72
N LEU B 129 27.13 -27.18 17.27
CA LEU B 129 27.01 -27.81 15.95
C LEU B 129 26.49 -26.91 14.84
N MSE B 130 26.33 -25.62 15.10
CA MSE B 130 25.79 -24.71 14.10
C MSE B 130 26.90 -23.91 13.45
O MSE B 130 27.85 -23.59 14.13
CB MSE B 130 24.79 -23.75 14.76
CG MSE B 130 23.51 -24.44 15.14
SE MSE B 130 22.26 -23.45 16.24
CE MSE B 130 21.41 -22.54 14.86
N SER B 131 26.79 -23.61 12.15
CA SER B 131 27.75 -22.71 11.49
C SER B 131 27.44 -21.26 11.91
N ASN B 132 28.28 -20.31 11.51
CA ASN B 132 28.00 -18.90 11.87
C ASN B 132 26.76 -18.37 11.15
N LEU B 133 26.53 -18.84 9.94
CA LEU B 133 25.35 -18.41 9.20
C LEU B 133 24.13 -18.97 9.92
N ASP B 134 24.29 -20.17 10.48
CA ASP B 134 23.22 -20.82 11.25
C ASP B 134 22.83 -20.04 12.49
N LEU B 135 23.83 -19.53 13.19
CA LEU B 135 23.56 -18.77 14.40
C LEU B 135 23.00 -17.36 14.08
N ILE B 136 23.26 -16.86 12.89
CA ILE B 136 22.73 -15.57 12.44
C ILE B 136 21.28 -15.74 11.94
N TYR B 137 21.07 -16.61 10.96
CA TYR B 137 19.72 -16.89 10.45
C TYR B 137 18.85 -17.48 11.55
N GLY B 138 19.45 -18.33 12.37
CA GLY B 138 18.73 -18.98 13.47
C GLY B 138 18.27 -18.00 14.51
N ALA B 139 19.12 -17.01 14.81
CA ALA B 139 18.75 -16.00 15.79
C ALA B 139 17.70 -15.00 15.26
N LYS B 140 17.76 -14.67 13.96
CA LYS B 140 16.83 -13.72 13.31
C LYS B 140 15.40 -14.21 13.35
N LYS B 141 15.21 -15.51 13.10
CA LYS B 141 13.92 -16.20 13.24
C LYS B 141 13.13 -15.95 14.52
N ILE B 142 13.87 -15.86 15.62
CA ILE B 142 13.34 -15.78 16.98
C ILE B 142 13.19 -14.33 17.46
N ARG B 143 11.96 -13.93 17.77
CA ARG B 143 11.64 -12.59 18.27
C ARG B 143 11.53 -12.59 19.80
N VAL B 144 12.17 -11.62 20.45
CA VAL B 144 12.04 -11.50 21.89
C VAL B 144 11.84 -10.04 22.26
N ILE B 145 10.76 -9.75 22.97
CA ILE B 145 10.50 -8.39 23.42
C ILE B 145 10.38 -8.37 24.95
N ALA B 146 10.54 -7.19 25.52
CA ALA B 146 10.44 -6.99 26.93
C ALA B 146 9.98 -5.55 27.12
N HIS B 147 9.38 -5.25 28.27
CA HIS B 147 8.88 -3.92 28.56
C HIS B 147 9.24 -3.46 29.96
N ALA B 148 9.90 -2.31 30.04
CA ALA B 148 10.21 -1.66 31.30
C ALA B 148 9.30 -0.41 31.32
N ASN B 149 9.82 0.72 30.83
CA ASN B 149 8.99 1.88 30.55
C ASN B 149 8.53 1.80 29.11
N THR B 150 9.45 1.40 28.22
CA THR B 150 9.15 1.18 26.79
C THR B 150 9.47 -0.26 26.38
N THR B 151 9.04 -0.66 25.18
CA THR B 151 9.24 -2.04 24.68
C THR B 151 10.48 -2.25 23.82
N ILE B 152 11.39 -3.11 24.29
CA ILE B 152 12.62 -3.41 23.56
C ILE B 152 12.45 -4.67 22.75
N GLY B 153 13.09 -4.74 21.59
CA GLY B 153 13.08 -5.94 20.77
C GLY B 153 12.16 -6.03 19.58
N LEU B 154 11.40 -4.98 19.27
CA LEU B 154 10.45 -5.09 18.16
C LEU B 154 11.14 -4.96 16.81
N PRO B 155 10.64 -5.69 15.80
CA PRO B 155 11.16 -5.59 14.46
C PRO B 155 11.32 -4.13 14.01
N GLY B 156 12.33 -3.90 13.21
CA GLY B 156 12.62 -2.57 12.71
C GLY B 156 13.29 -1.67 13.72
N THR B 157 13.67 -2.19 14.88
CA THR B 157 14.29 -1.37 15.88
C THR B 157 15.70 -1.83 16.28
N PHE B 158 16.50 -0.86 16.69
CA PHE B 158 17.84 -1.11 17.22
C PHE B 158 17.99 -0.12 18.35
N SER B 159 18.30 -0.63 19.53
CA SER B 159 18.41 0.17 20.74
C SER B 159 19.84 0.32 21.21
N ALA B 160 20.13 1.46 21.83
CA ALA B 160 21.46 1.74 22.32
C ALA B 160 21.42 2.15 23.80
N ARG B 161 22.31 1.58 24.61
CA ARG B 161 22.42 1.95 26.00
C ARG B 161 23.34 3.17 25.99
N LEU B 162 23.04 4.11 26.89
CA LEU B 162 23.77 5.35 27.06
C LEU B 162 24.35 5.34 28.48
N GLN B 163 25.60 4.92 28.59
CA GLN B 163 26.31 4.79 29.87
C GLN B 163 27.66 5.46 29.70
N PRO B 164 27.76 6.78 29.97
CA PRO B 164 29.04 7.49 29.83
C PRO B 164 30.16 6.94 30.72
N ASN B 165 31.40 6.95 30.20
CA ASN B 165 32.59 6.41 30.92
C ASN B 165 33.74 7.43 31.18
N HIS B 166 33.44 8.50 31.92
CA HIS B 166 34.45 9.50 32.32
C HIS B 166 35.24 8.93 33.50
N PRO B 167 36.59 8.92 33.43
CA PRO B 167 37.48 8.30 34.46
C PRO B 167 37.22 8.63 35.95
N THR B 168 37.01 9.91 36.27
CA THR B 168 36.72 10.37 37.63
C THR B 168 35.21 10.52 37.94
N ASP B 169 34.35 10.02 37.05
CA ASP B 169 32.88 10.18 37.17
C ASP B 169 32.48 11.66 37.39
N ASP B 170 33.15 12.56 36.68
CA ASP B 170 32.87 14.00 36.74
C ASP B 170 31.44 14.30 36.22
N PRO B 171 30.52 14.75 37.10
CA PRO B 171 29.14 15.09 36.68
C PRO B 171 28.98 15.93 35.39
N ASP B 172 29.90 16.85 35.11
CA ASP B 172 29.87 17.63 33.86
C ASP B 172 30.25 16.75 32.68
N GLY B 173 31.27 15.93 32.87
CA GLY B 173 31.72 14.97 31.85
C GLY B 173 30.63 13.96 31.49
N ILE B 174 29.90 13.49 32.49
CA ILE B 174 28.81 12.55 32.26
C ILE B 174 27.68 13.28 31.55
N LEU B 175 27.26 14.40 32.13
CA LEU B 175 26.20 15.21 31.56
C LEU B 175 26.46 15.54 30.09
N ALA B 176 27.62 16.10 29.79
CA ALA B 176 27.99 16.46 28.40
C ALA B 176 27.85 15.29 27.45
N SER B 177 28.23 14.11 27.94
CA SER B 177 28.16 12.84 27.19
C SER B 177 26.71 12.43 26.97
N LEU B 178 25.89 12.48 28.03
CA LEU B 178 24.45 12.15 27.93
C LEU B 178 23.76 12.93 26.84
N MSE B 179 23.95 14.23 26.89
CA MSE B 179 23.34 15.16 25.96
C MSE B 179 23.85 14.88 24.56
O MSE B 179 23.05 14.75 23.63
CB MSE B 179 23.65 16.60 26.35
CG MSE B 179 23.17 16.96 27.78
SE MSE B 179 23.57 18.80 28.39
CE MSE B 179 25.48 19.08 27.87
N GLU B 180 25.16 14.76 24.41
CA GLU B 180 25.74 14.45 23.10
C GLU B 180 25.15 13.14 22.58
N GLY B 181 24.97 12.15 23.45
CA GLY B 181 24.46 10.84 23.08
C GLY B 181 23.03 10.85 22.60
N LEU B 182 22.18 11.50 23.39
CA LEU B 182 20.77 11.65 23.04
C LEU B 182 20.66 12.26 21.66
N THR B 183 21.49 13.26 21.36
CA THR B 183 21.44 13.91 20.04
C THR B 183 21.61 12.93 18.86
N TYR B 184 22.24 11.75 19.12
CA TYR B 184 22.43 10.66 18.12
C TYR B 184 21.42 9.50 18.18
N GLY B 185 20.50 9.53 19.15
CA GLY B 185 19.51 8.47 19.27
C GLY B 185 20.00 7.34 20.14
N ILE B 186 20.89 7.66 21.08
CA ILE B 186 21.49 6.73 21.99
C ILE B 186 20.86 6.92 23.37
N GLY B 187 20.37 5.84 23.95
CA GLY B 187 19.72 5.92 25.26
C GLY B 187 18.35 5.28 25.31
N ASP B 188 17.82 4.85 24.16
CA ASP B 188 16.47 4.24 24.15
C ASP B 188 16.39 2.93 24.95
N ALA B 189 17.52 2.24 25.10
CA ALA B 189 17.56 1.01 25.89
C ALA B 189 17.66 1.37 27.35
N VAL B 190 18.69 2.15 27.69
CA VAL B 190 18.94 2.59 29.06
C VAL B 190 19.74 3.87 29.09
N ILE B 191 19.60 4.63 30.16
CA ILE B 191 20.45 5.79 30.44
C ILE B 191 21.06 5.40 31.77
N GLY B 192 22.37 5.20 31.83
CA GLY B 192 22.96 4.78 33.08
C GLY B 192 24.41 5.12 33.33
N LEU B 193 25.01 4.37 34.26
CA LEU B 193 26.39 4.56 34.62
C LEU B 193 26.90 3.40 35.47
N ASN B 194 28.13 2.98 35.19
CA ASN B 194 28.85 1.99 36.02
C ASN B 194 29.82 2.84 36.79
N PRO B 195 29.49 3.14 38.05
CA PRO B 195 30.26 4.16 38.75
C PRO B 195 31.46 3.62 39.46
N VAL B 196 32.43 4.51 39.72
CA VAL B 196 33.63 4.14 40.47
C VAL B 196 33.19 4.07 41.94
N ASP B 197 32.53 5.12 42.45
CA ASP B 197 31.98 5.08 43.80
C ASP B 197 30.64 4.34 43.69
N ASP B 198 30.64 3.07 44.09
CA ASP B 198 29.42 2.25 44.07
C ASP B 198 28.90 2.04 45.48
N SER B 199 29.05 3.06 46.35
CA SER B 199 28.55 2.99 47.71
C SER B 199 27.06 3.33 47.65
N THR B 200 26.29 2.96 48.67
CA THR B 200 24.87 3.23 48.72
C THR B 200 24.59 4.72 48.48
N ASP B 201 25.30 5.51 49.27
CA ASP B 201 25.21 6.97 49.28
C ASP B 201 25.37 7.54 47.88
N SER B 202 26.35 7.02 47.14
CA SER B 202 26.63 7.49 45.78
C SER B 202 25.60 7.05 44.75
N VAL B 203 25.18 5.78 44.82
CA VAL B 203 24.15 5.27 43.93
C VAL B 203 22.91 6.16 44.09
N VAL B 204 22.46 6.31 45.32
CA VAL B 204 21.31 7.14 45.62
C VAL B 204 21.45 8.50 44.91
N ARG B 205 22.59 9.15 45.13
CA ARG B 205 22.83 10.48 44.55
C ARG B 205 22.66 10.41 43.02
N LEU B 206 23.32 9.42 42.41
CA LEU B 206 23.28 9.19 40.96
C LEU B 206 21.90 8.82 40.41
N LEU B 207 21.18 7.96 41.10
CA LEU B 207 19.85 7.59 40.63
C LEU B 207 18.96 8.83 40.63
N ASN B 208 18.86 9.49 41.78
CA ASN B 208 18.07 10.71 41.90
C ASN B 208 18.47 11.73 40.85
N LYS B 209 19.76 11.81 40.50
CA LYS B 209 20.22 12.81 39.54
C LYS B 209 19.86 12.44 38.09
N PHE B 210 19.94 11.15 37.75
CA PHE B 210 19.58 10.70 36.39
C PHE B 210 18.10 10.95 36.13
N GLU B 211 17.29 10.52 37.08
CA GLU B 211 15.86 10.67 36.98
C GLU B 211 15.45 12.17 36.87
N GLU B 212 16.14 13.09 37.55
CA GLU B 212 15.85 14.53 37.43
C GLU B 212 15.93 14.83 35.96
N PHE B 213 17.07 14.47 35.38
CA PHE B 213 17.39 14.69 33.97
C PHE B 213 16.45 14.02 33.00
N ARG B 214 16.22 12.72 33.18
CA ARG B 214 15.32 11.98 32.31
C ARG B 214 13.94 12.64 32.33
N SER B 215 13.47 12.94 33.53
CA SER B 215 12.17 13.55 33.76
C SER B 215 12.10 15.00 33.27
N LYS B 216 13.21 15.73 33.38
CA LYS B 216 13.30 17.12 32.91
C LYS B 216 13.05 17.20 31.39
N TRP B 217 13.58 16.23 30.64
CA TRP B 217 13.36 16.25 29.19
C TRP B 217 12.32 15.23 28.71
N ASP B 218 11.61 14.56 29.62
CA ASP B 218 10.60 13.53 29.27
C ASP B 218 11.16 12.50 28.33
N VAL B 219 12.29 11.91 28.69
CA VAL B 219 12.90 10.94 27.81
C VAL B 219 12.21 9.58 27.97
N PRO B 220 11.55 9.06 26.91
CA PRO B 220 10.93 7.73 27.03
C PRO B 220 12.00 6.61 27.14
N THR B 221 12.40 6.28 28.37
CA THR B 221 13.48 5.34 28.59
C THR B 221 13.55 4.92 30.04
N GLN B 222 14.58 4.17 30.38
CA GLN B 222 14.75 3.63 31.72
C GLN B 222 16.10 3.96 32.26
N THR B 223 16.17 4.23 33.56
CA THR B 223 17.44 4.54 34.21
C THR B 223 17.94 3.33 34.94
N CYS B 224 19.27 3.25 35.05
CA CYS B 224 19.93 2.16 35.75
C CYS B 224 21.35 2.54 36.19
N VAL B 225 21.71 2.26 37.43
CA VAL B 225 23.08 2.48 37.90
C VAL B 225 23.60 1.08 38.12
N LEU B 226 24.67 0.73 37.40
CA LEU B 226 25.22 -0.60 37.39
C LEU B 226 26.15 -0.80 38.58
N ALA B 227 25.54 -1.14 39.71
CA ALA B 227 26.23 -1.43 40.94
C ALA B 227 25.79 -2.83 41.37
N HIS B 228 26.05 -3.20 42.60
CA HIS B 228 25.66 -4.49 43.08
C HIS B 228 24.16 -4.45 43.30
N VAL B 229 23.48 -5.58 43.13
CA VAL B 229 22.03 -5.61 43.32
C VAL B 229 21.63 -5.14 44.73
N LYS B 230 22.28 -5.69 45.75
CA LYS B 230 22.01 -5.32 47.13
C LYS B 230 22.21 -3.81 47.41
N THR B 231 23.14 -3.18 46.70
CA THR B 231 23.37 -1.73 46.83
C THR B 231 22.20 -0.94 46.22
N GLN B 232 21.87 -1.31 44.99
CA GLN B 232 20.71 -0.73 44.30
C GLN B 232 19.46 -0.88 45.17
N MSE B 233 19.15 -2.10 45.61
CA MSE B 233 17.99 -2.34 46.48
C MSE B 233 17.92 -1.45 47.70
O MSE B 233 16.86 -0.96 48.06
CB MSE B 233 17.97 -3.76 47.00
CG MSE B 233 17.76 -4.82 45.94
SE MSE B 233 17.90 -6.58 46.74
CE MSE B 233 16.39 -6.45 47.69
N GLU B 234 19.06 -1.32 48.39
CA GLU B 234 19.14 -0.49 49.59
C GLU B 234 18.85 0.96 49.23
N ALA B 235 19.46 1.42 48.13
CA ALA B 235 19.25 2.77 47.61
C ALA B 235 17.78 3.05 47.35
N MSE B 236 17.07 2.04 46.82
CA MSE B 236 15.65 2.13 46.50
C MSE B 236 14.84 2.16 47.76
O MSE B 236 13.81 2.86 47.82
CB MSE B 236 15.20 0.93 45.68
CG MSE B 236 15.87 0.78 44.34
SE MSE B 236 15.55 -1.05 43.57
CE MSE B 236 13.67 -0.89 43.36
N ARG B 237 15.28 1.40 48.77
CA ARG B 237 14.64 1.39 50.08
C ARG B 237 14.82 2.74 50.80
N ARG B 238 15.85 3.48 50.38
CA ARG B 238 16.07 4.86 50.84
C ARG B 238 15.30 5.86 49.94
N GLY B 239 14.52 5.34 48.98
CA GLY B 239 13.67 6.14 48.11
C GLY B 239 14.24 6.58 46.77
N ALA B 240 15.34 5.98 46.34
CA ALA B 240 15.97 6.37 45.07
C ALA B 240 15.30 5.65 43.91
N PRO B 241 14.95 6.38 42.84
CA PRO B 241 14.28 5.72 41.73
C PRO B 241 15.19 5.00 40.76
N THR B 242 14.87 3.74 40.44
CA THR B 242 15.60 3.06 39.37
C THR B 242 14.61 2.39 38.38
N GLY B 243 14.91 2.50 37.08
CA GLY B 243 14.11 1.83 36.07
C GLY B 243 14.36 0.33 36.09
N LEU B 244 15.64 -0.03 36.03
CA LEU B 244 16.07 -1.41 35.99
C LEU B 244 16.99 -1.73 37.13
N VAL B 245 17.01 -2.99 37.54
CA VAL B 245 17.93 -3.42 38.59
C VAL B 245 18.98 -4.32 37.95
N PHE B 246 20.25 -3.89 38.08
CA PHE B 246 21.39 -4.53 37.44
C PHE B 246 22.14 -5.55 38.27
N GLN B 247 22.66 -6.60 37.61
CA GLN B 247 23.54 -7.55 38.31
C GLN B 247 24.34 -8.43 37.36
N SER B 248 25.63 -8.65 37.67
CA SER B 248 26.46 -9.60 36.96
C SER B 248 26.10 -11.00 37.46
N ILE B 249 25.94 -11.93 36.54
CA ILE B 249 25.51 -13.27 36.91
C ILE B 249 26.43 -14.35 36.34
N ALA B 250 26.38 -15.51 36.98
CA ALA B 250 27.22 -16.63 36.63
C ALA B 250 26.31 -17.82 36.38
N GLY B 251 26.87 -18.87 35.77
CA GLY B 251 26.14 -20.09 35.42
C GLY B 251 26.26 -21.19 36.45
N SER B 252 26.60 -20.81 37.69
CA SER B 252 26.75 -21.77 38.79
C SER B 252 26.46 -21.05 40.07
N GLU B 253 25.97 -21.77 41.08
CA GLU B 253 25.75 -21.18 42.39
C GLU B 253 27.08 -20.70 42.97
N LYS B 254 28.12 -21.51 42.77
CA LYS B 254 29.47 -21.15 43.19
C LYS B 254 29.79 -19.72 42.72
N GLY B 255 29.58 -19.45 41.41
CA GLY B 255 29.80 -18.13 40.79
C GLY B 255 28.89 -17.02 41.31
N ASN B 256 27.60 -17.32 41.48
CA ASN B 256 26.68 -16.32 42.04
C ASN B 256 27.02 -16.04 43.50
N THR B 257 27.38 -17.10 44.23
CA THR B 257 27.82 -16.95 45.62
C THR B 257 29.05 -16.02 45.60
N ALA B 258 30.01 -16.32 44.72
CA ALA B 258 31.21 -15.49 44.58
C ALA B 258 30.94 -14.03 44.18
N PHE B 259 29.77 -13.75 43.59
CA PHE B 259 29.35 -12.37 43.25
C PHE B 259 28.56 -11.72 44.39
N GLY B 260 28.21 -12.50 45.41
CA GLY B 260 27.53 -11.98 46.60
C GLY B 260 26.01 -11.93 46.57
N PHE B 261 25.39 -12.88 45.83
CA PHE B 261 23.93 -12.97 45.75
C PHE B 261 23.50 -14.41 45.46
N ASP B 262 22.20 -14.67 45.57
CA ASP B 262 21.64 -15.96 45.22
C ASP B 262 20.30 -15.72 44.52
N GLY B 263 19.58 -16.79 44.18
CA GLY B 263 18.29 -16.65 43.51
C GLY B 263 17.22 -15.88 44.26
N ALA B 264 17.17 -16.04 45.58
CA ALA B 264 16.20 -15.35 46.40
C ALA B 264 16.48 -13.86 46.51
N THR B 265 17.74 -13.45 46.31
CA THR B 265 18.16 -12.03 46.34
C THR B 265 17.62 -11.33 45.11
N ILE B 266 17.78 -12.00 43.97
CA ILE B 266 17.37 -11.45 42.70
C ILE B 266 15.87 -11.30 42.70
N GLU B 267 15.17 -12.34 43.13
CA GLU B 267 13.72 -12.32 43.17
C GLU B 267 13.23 -11.21 44.09
N GLU B 268 13.92 -10.98 45.17
CA GLU B 268 13.56 -9.91 46.08
C GLU B 268 13.75 -8.53 45.44
N ALA B 269 14.76 -8.41 44.60
CA ALA B 269 15.08 -7.15 43.90
C ALA B 269 14.08 -6.88 42.81
N ARG B 270 13.59 -7.96 42.18
CA ARG B 270 12.54 -7.91 41.14
C ARG B 270 11.23 -7.39 41.72
N GLN B 271 10.76 -8.01 42.82
N GLN B 271 10.76 -8.02 42.82
CA GLN B 271 9.53 -7.59 43.52
CA GLN B 271 9.52 -7.62 43.53
C GLN B 271 9.63 -6.16 44.04
C GLN B 271 9.61 -6.20 44.10
N LEU B 272 10.82 -5.77 44.47
CA LEU B 272 11.04 -4.41 44.97
C LEU B 272 11.00 -3.41 43.82
N ALA B 273 11.48 -3.82 42.66
CA ALA B 273 11.44 -2.91 41.53
C ALA B 273 9.99 -2.81 41.09
N LEU B 274 9.23 -3.87 41.25
CA LEU B 274 7.81 -3.82 40.90
C LEU B 274 7.00 -2.99 41.90
N GLN B 275 7.39 -3.02 43.16
CA GLN B 275 6.70 -2.25 44.15
C GLN B 275 7.11 -0.75 44.17
N SER B 276 8.35 -0.42 43.94
CA SER B 276 8.70 0.99 44.02
C SER B 276 9.73 1.41 43.03
N GLY B 277 9.94 0.63 41.98
CA GLY B 277 10.86 1.06 40.93
C GLY B 277 10.18 2.16 40.13
N ALA B 278 10.92 2.75 39.21
CA ALA B 278 10.35 3.80 38.38
C ALA B 278 9.92 3.27 37.00
N ALA B 279 10.10 1.98 36.72
CA ALA B 279 9.67 1.40 35.43
C ALA B 279 8.31 0.75 35.59
N THR B 280 7.50 0.86 34.55
CA THR B 280 6.16 0.28 34.53
C THR B 280 6.25 -1.25 34.66
N GLY B 281 7.20 -1.88 33.99
CA GLY B 281 7.38 -3.34 34.07
C GLY B 281 6.63 -4.05 32.97
N PRO B 282 6.52 -5.37 33.07
CA PRO B 282 6.97 -6.26 34.14
C PRO B 282 8.46 -6.58 34.14
N ASN B 283 9.17 -6.15 33.09
CA ASN B 283 10.58 -6.47 32.90
C ASN B 283 11.44 -5.34 33.43
N VAL B 284 12.09 -5.62 34.54
CA VAL B 284 12.87 -4.63 35.26
C VAL B 284 14.30 -5.08 35.55
N MSE B 285 14.65 -6.34 35.23
CA MSE B 285 16.00 -6.81 35.50
C MSE B 285 16.91 -6.59 34.32
O MSE B 285 16.50 -6.67 33.17
CB MSE B 285 16.03 -8.31 35.87
CG MSE B 285 15.27 -8.70 37.11
SE MSE B 285 15.54 -7.58 38.70
CE MSE B 285 17.40 -7.84 38.90
N TYR B 286 18.17 -6.30 34.66
CA TYR B 286 19.23 -6.08 33.69
C TYR B 286 20.44 -6.88 34.14
N PHE B 287 20.71 -8.00 33.48
CA PHE B 287 21.85 -8.84 33.88
C PHE B 287 22.99 -8.69 32.90
N GLU B 288 24.20 -8.93 33.38
CA GLU B 288 25.40 -8.87 32.54
C GLU B 288 26.07 -10.21 32.69
N THR B 289 26.45 -10.84 31.58
CA THR B 289 27.09 -12.16 31.62
C THR B 289 28.53 -12.07 31.07
N GLY B 290 29.14 -13.21 30.71
CA GLY B 290 30.52 -13.22 30.23
C GLY B 290 31.10 -14.61 30.12
N PHE B 301 35.67 -25.28 37.51
CA PHE B 301 34.38 -25.92 37.26
C PHE B 301 34.48 -27.23 36.41
N GLY B 302 35.43 -27.27 35.45
CA GLY B 302 35.61 -28.38 34.48
C GLY B 302 34.69 -28.27 33.25
N VAL B 303 33.83 -27.24 33.27
CA VAL B 303 32.78 -26.96 32.28
C VAL B 303 33.21 -25.86 31.32
N ASP B 304 32.92 -26.01 30.04
CA ASP B 304 33.30 -25.01 29.05
C ASP B 304 32.54 -23.67 29.10
N GLN B 305 33.20 -22.60 28.61
CA GLN B 305 32.67 -21.23 28.52
C GLN B 305 31.29 -21.08 27.91
N VAL B 306 31.10 -21.73 26.77
CA VAL B 306 29.84 -21.67 26.07
C VAL B 306 28.69 -22.26 26.94
N THR B 307 28.89 -23.45 27.52
CA THR B 307 27.86 -24.05 28.37
C THR B 307 27.60 -23.20 29.64
N MSE B 308 28.65 -22.64 30.27
CA MSE B 308 28.38 -21.75 31.44
C MSE B 308 27.55 -20.53 31.08
O MSE B 308 26.70 -20.10 31.87
CB MSE B 308 29.67 -21.28 32.13
CG MSE B 308 30.31 -22.30 33.05
SE MSE B 308 29.09 -22.88 34.44
CE MSE B 308 30.48 -23.63 35.73
N GLU B 309 27.81 -19.97 29.90
CA GLU B 309 27.12 -18.79 29.36
C GLU B 309 25.63 -19.06 29.14
N ALA B 310 25.33 -20.23 28.57
CA ALA B 310 23.98 -20.69 28.37
C ALA B 310 23.23 -20.78 29.65
N ARG B 311 23.89 -21.28 30.69
CA ARG B 311 23.24 -21.45 32.00
C ARG B 311 22.97 -20.12 32.69
N CYS B 312 23.76 -19.10 32.41
CA CYS B 312 23.45 -17.77 32.94
C CYS B 312 22.13 -17.28 32.41
N TYR B 313 21.91 -17.58 31.12
CA TYR B 313 20.69 -17.20 30.44
C TYR B 313 19.53 -18.00 30.99
N GLY B 314 19.74 -19.29 31.19
CA GLY B 314 18.69 -20.15 31.78
C GLY B 314 18.26 -19.63 33.14
N PHE B 315 19.24 -19.08 33.88
CA PHE B 315 19.05 -18.46 35.18
C PHE B 315 18.33 -17.13 35.00
N ALA B 316 18.86 -16.28 34.15
CA ALA B 316 18.24 -14.98 33.80
C ALA B 316 16.75 -15.09 33.42
N LYS B 317 16.39 -16.09 32.60
CA LYS B 317 15.03 -16.26 32.10
C LYS B 317 14.00 -16.33 33.22
N LYS B 318 14.43 -16.81 34.40
CA LYS B 318 13.55 -16.94 35.57
C LYS B 318 13.07 -15.59 36.13
N PHE B 319 13.81 -14.51 35.83
CA PHE B 319 13.46 -13.16 36.33
C PHE B 319 12.99 -12.17 35.22
N ASP B 320 12.66 -12.70 34.04
CA ASP B 320 12.12 -11.97 32.88
C ASP B 320 12.75 -10.61 32.75
N PRO B 321 14.01 -10.59 32.34
CA PRO B 321 14.68 -9.31 32.32
C PRO B 321 14.36 -8.50 31.09
N PHE B 322 14.52 -7.18 31.25
CA PHE B 322 14.41 -6.26 30.17
C PHE B 322 15.66 -6.42 29.27
N LEU B 323 16.82 -6.64 29.89
CA LEU B 323 18.09 -6.76 29.17
C LEU B 323 19.04 -7.81 29.72
N VAL B 324 19.83 -8.44 28.85
CA VAL B 324 20.85 -9.38 29.29
C VAL B 324 21.96 -9.14 28.29
N ASN B 325 23.13 -8.80 28.80
CA ASN B 325 24.31 -8.51 27.98
C ASN B 325 25.46 -9.46 28.26
N THR B 326 26.02 -10.04 27.21
CA THR B 326 27.23 -10.85 27.36
C THR B 326 28.34 -9.88 27.08
N VAL B 327 29.53 -10.17 27.60
CA VAL B 327 30.64 -9.29 27.36
C VAL B 327 31.74 -10.09 26.71
N VAL B 328 32.05 -9.74 25.46
CA VAL B 328 33.09 -10.38 24.69
C VAL B 328 34.17 -9.32 24.42
N GLY B 329 35.40 -9.74 24.13
CA GLY B 329 36.44 -8.75 23.93
C GLY B 329 37.57 -9.00 22.94
N PHE B 330 38.04 -7.90 22.36
CA PHE B 330 39.22 -7.87 21.51
C PHE B 330 40.28 -7.25 22.42
N ILE B 331 40.65 -8.02 23.44
CA ILE B 331 41.60 -7.60 24.47
C ILE B 331 42.48 -8.78 24.91
N LEU B 336 47.90 -14.51 22.47
CA LEU B 336 47.33 -14.57 21.12
C LEU B 336 46.01 -15.39 21.07
N TYR B 337 45.26 -15.16 19.99
CA TYR B 337 43.98 -15.75 19.70
C TYR B 337 43.67 -15.13 18.37
N ASP B 338 42.73 -15.69 17.60
CA ASP B 338 42.33 -15.09 16.32
C ASP B 338 41.01 -14.33 16.57
N SER B 339 40.85 -13.17 15.93
CA SER B 339 39.64 -12.32 16.06
C SER B 339 38.32 -13.06 15.77
N LYS B 340 38.36 -14.08 14.91
CA LYS B 340 37.20 -14.88 14.60
C LYS B 340 36.54 -15.51 15.83
N GLN B 341 37.33 -15.72 16.87
CA GLN B 341 36.86 -16.36 18.10
C GLN B 341 35.88 -15.49 18.88
N VAL B 342 36.09 -14.18 18.82
CA VAL B 342 35.25 -13.19 19.47
C VAL B 342 33.92 -13.11 18.74
N ILE B 343 34.00 -13.04 17.41
CA ILE B 343 32.86 -12.97 16.56
C ILE B 343 32.01 -14.22 16.84
N ARG B 344 32.61 -15.40 16.75
CA ARG B 344 31.86 -16.65 17.01
C ARG B 344 31.30 -16.67 18.45
N ALA B 345 31.99 -16.08 19.43
CA ALA B 345 31.44 -16.03 20.80
C ALA B 345 30.17 -15.15 20.86
N GLY B 346 30.27 -13.94 20.29
CA GLY B 346 29.16 -13.01 20.21
C GLY B 346 27.95 -13.59 19.48
N LEU B 347 28.18 -14.29 18.37
CA LEU B 347 27.09 -14.94 17.62
C LEU B 347 26.45 -16.12 18.38
N GLU B 348 27.23 -16.81 19.22
CA GLU B 348 26.68 -17.91 20.06
C GLU B 348 25.86 -17.37 21.19
N ASP B 349 26.48 -16.45 21.92
CA ASP B 349 25.85 -15.81 23.03
C ASP B 349 24.51 -15.32 22.56
N HIS B 350 24.49 -14.60 21.43
CA HIS B 350 23.23 -14.07 20.91
C HIS B 350 22.20 -15.15 20.52
N PHE B 351 22.60 -16.21 19.80
CA PHE B 351 21.61 -17.25 19.45
C PHE B 351 21.03 -17.90 20.70
N MSE B 352 21.90 -18.31 21.63
CA MSE B 352 21.46 -19.02 22.82
C MSE B 352 20.48 -18.21 23.66
O MSE B 352 19.56 -18.79 24.25
CB MSE B 352 22.67 -19.43 23.65
CG MSE B 352 23.59 -20.47 22.95
SE MSE B 352 25.07 -21.05 24.06
CE MSE B 352 26.11 -19.19 24.29
N GLY B 353 20.71 -16.89 23.73
CA GLY B 353 19.87 -16.00 24.54
C GLY B 353 18.49 -15.84 23.94
N LYS B 354 18.44 -15.72 22.63
CA LYS B 354 17.18 -15.68 21.91
C LYS B 354 16.44 -17.02 22.01
N LEU B 355 17.16 -18.11 21.87
CA LEU B 355 16.52 -19.44 21.96
C LEU B 355 16.03 -19.69 23.37
N THR B 356 16.72 -19.12 24.37
CA THR B 356 16.33 -19.24 25.79
C THR B 356 15.12 -18.37 26.07
N GLY B 357 14.99 -17.29 25.28
CA GLY B 357 13.83 -16.42 25.33
C GLY B 357 14.10 -15.11 26.04
N ILE B 358 15.36 -14.69 26.09
CA ILE B 358 15.71 -13.48 26.85
C ILE B 358 16.08 -12.34 25.94
N SER B 359 15.82 -11.12 26.41
CA SER B 359 16.17 -9.94 25.66
C SER B 359 17.69 -9.93 25.68
N MSE B 360 18.30 -10.36 24.59
CA MSE B 360 19.74 -10.58 24.50
C MSE B 360 20.48 -9.50 23.72
O MSE B 360 20.04 -9.05 22.66
CB MSE B 360 19.97 -11.92 23.82
CG MSE B 360 21.37 -12.43 23.99
SE MSE B 360 21.70 -12.83 25.86
CE MSE B 360 23.64 -12.52 25.79
N GLY B 361 21.63 -9.08 24.23
CA GLY B 361 22.42 -8.07 23.57
C GLY B 361 23.88 -8.35 23.82
N CYS B 362 24.74 -7.43 23.43
CA CYS B 362 26.15 -7.74 23.54
C CYS B 362 27.10 -6.57 23.63
N ASP B 363 27.92 -6.58 24.68
CA ASP B 363 28.94 -5.55 24.91
C ASP B 363 30.27 -6.02 24.33
N VAL B 364 30.86 -5.26 23.41
CA VAL B 364 32.11 -5.69 22.79
C VAL B 364 33.26 -4.82 23.29
N CYS B 365 34.16 -5.41 24.08
CA CYS B 365 35.31 -4.68 24.59
C CYS B 365 36.44 -4.68 23.57
N TYR B 366 37.24 -3.63 23.56
CA TYR B 366 38.34 -3.59 22.60
C TYR B 366 39.46 -2.62 23.03
N THR B 367 40.66 -2.90 22.53
CA THR B 367 41.83 -2.09 22.83
C THR B 367 41.76 -0.80 22.05
N ASN B 368 41.45 0.29 22.76
CA ASN B 368 41.31 1.60 22.16
C ASN B 368 42.61 2.39 22.23
N HIS B 369 43.37 2.32 21.14
CA HIS B 369 44.59 3.12 20.97
C HIS B 369 44.54 3.82 19.59
N MSE B 370 44.31 3.05 18.52
CA MSE B 370 44.16 3.59 17.16
C MSE B 370 42.64 3.66 16.88
O MSE B 370 41.85 3.97 17.78
CB MSE B 370 44.86 2.67 16.12
CG MSE B 370 46.13 1.91 16.57
SE MSE B 370 47.70 3.00 17.01
CE MSE B 370 48.86 1.57 17.83
N LYS B 371 42.26 3.44 15.62
CA LYS B 371 40.89 3.12 15.23
C LYS B 371 41.12 1.72 14.62
N ALA B 372 41.76 0.86 15.44
CA ALA B 372 42.26 -0.48 15.05
C ALA B 372 41.29 -1.63 15.24
N ASP B 373 40.98 -1.95 16.51
CA ASP B 373 40.03 -3.03 16.80
C ASP B 373 38.63 -2.67 16.28
N GLN B 374 38.32 -1.36 16.14
CA GLN B 374 37.03 -0.95 15.58
C GLN B 374 36.60 -1.84 14.43
N ASN B 375 37.47 -1.98 13.44
CA ASN B 375 37.18 -2.82 12.27
C ASN B 375 36.63 -4.21 12.67
N ASP B 376 37.15 -4.77 13.77
CA ASP B 376 36.65 -6.06 14.31
C ASP B 376 35.28 -5.94 15.02
N VAL B 377 35.12 -4.84 15.74
CA VAL B 377 33.91 -4.54 16.48
C VAL B 377 32.78 -4.34 15.47
N GLU B 378 33.02 -3.47 14.50
CA GLU B 378 32.09 -3.19 13.41
C GLU B 378 31.76 -4.49 12.66
N ASN B 379 32.73 -5.39 12.53
CA ASN B 379 32.43 -6.66 11.91
C ASN B 379 31.36 -7.38 12.69
N LEU B 380 31.60 -7.59 13.98
CA LEU B 380 30.66 -8.29 14.86
C LEU B 380 29.28 -7.61 14.99
N SER B 381 29.31 -6.29 15.18
CA SER B 381 28.11 -5.49 15.26
C SER B 381 27.20 -5.60 14.04
N VAL B 382 27.78 -5.61 12.85
CA VAL B 382 26.99 -5.71 11.63
C VAL B 382 26.44 -7.15 11.49
N LEU B 383 27.22 -8.14 11.89
CA LEU B 383 26.77 -9.55 11.85
C LEU B 383 25.64 -9.81 12.86
N LEU B 384 25.81 -9.30 14.09
CA LEU B 384 24.79 -9.42 15.15
C LEU B 384 23.50 -8.67 14.80
N THR B 385 23.62 -7.56 14.10
CA THR B 385 22.45 -6.78 13.70
C THR B 385 21.74 -7.50 12.57
N ALA B 386 22.51 -8.22 11.75
CA ALA B 386 21.90 -9.05 10.73
C ALA B 386 21.20 -10.26 11.36
N ALA B 387 21.62 -10.60 12.57
CA ALA B 387 21.09 -11.72 13.35
C ALA B 387 19.81 -11.37 14.12
N GLY B 388 19.47 -10.09 14.20
CA GLY B 388 18.29 -9.63 14.87
C GLY B 388 18.61 -9.18 16.28
N CYS B 389 19.85 -8.67 16.47
CA CYS B 389 20.28 -8.19 17.75
C CYS B 389 19.81 -6.74 17.89
N ASN B 390 19.22 -6.44 19.05
CA ASN B 390 18.58 -5.15 19.30
C ASN B 390 19.41 -4.13 20.06
N PHE B 391 20.54 -4.56 20.63
CA PHE B 391 21.45 -3.65 21.32
C PHE B 391 22.85 -4.21 21.42
N ILE B 392 23.81 -3.36 21.07
CA ILE B 392 25.22 -3.68 21.09
C ILE B 392 25.93 -2.45 21.59
N MSE B 393 27.02 -2.64 22.32
CA MSE B 393 27.77 -1.48 22.79
C MSE B 393 29.25 -1.77 22.92
O MSE B 393 29.67 -2.59 23.73
CB MSE B 393 27.25 -1.05 24.14
CG MSE B 393 27.63 0.37 24.41
SE MSE B 393 27.10 0.82 26.16
CE MSE B 393 27.21 2.86 25.88
N GLY B 394 30.05 -1.07 22.10
CA GLY B 394 31.49 -1.17 22.17
C GLY B 394 31.93 -0.54 23.48
N ILE B 395 32.93 -1.14 24.13
CA ILE B 395 33.48 -0.62 25.39
C ILE B 395 35.00 -0.51 25.21
N PRO B 396 35.51 0.73 25.05
CA PRO B 396 36.94 0.90 24.81
C PRO B 396 37.75 0.75 26.09
N HIS B 397 38.97 0.20 25.99
CA HIS B 397 39.88 -0.02 27.14
C HIS B 397 41.30 0.54 26.96
N ASP B 400 44.69 4.56 28.35
CA ASP B 400 44.29 5.87 27.83
C ASP B 400 42.82 6.16 28.20
N VAL B 401 42.59 6.37 29.49
CA VAL B 401 41.24 6.60 30.06
C VAL B 401 40.42 7.76 29.42
N MSE B 402 41.11 8.75 28.84
CA MSE B 402 40.45 9.94 28.22
C MSE B 402 40.06 9.76 26.74
O MSE B 402 39.11 10.41 26.27
CB MSE B 402 41.34 11.19 28.34
CG MSE B 402 41.37 11.82 29.75
SE MSE B 402 39.62 12.52 30.39
CE MSE B 402 40.14 13.06 32.30
N LEU B 403 40.82 8.96 26.02
CA LEU B 403 40.49 8.63 24.63
C LEU B 403 39.26 7.71 24.68
N ASN B 404 39.18 6.88 25.73
CA ASN B 404 38.07 5.93 25.94
C ASN B 404 36.73 6.62 26.22
N TYR B 405 36.77 7.82 26.75
CA TYR B 405 35.57 8.56 27.04
C TYR B 405 35.16 9.35 25.83
N GLN B 406 36.13 9.83 25.06
CA GLN B 406 35.86 10.52 23.79
C GLN B 406 35.47 9.51 22.69
N THR B 407 35.93 8.26 22.81
CA THR B 407 35.55 7.19 21.90
C THR B 407 34.12 6.84 22.30
N THR B 408 33.20 7.48 21.59
CA THR B 408 31.80 7.49 21.95
C THR B 408 30.91 6.43 21.28
N GLY B 409 31.24 6.02 20.05
CA GLY B 409 30.44 5.03 19.32
C GLY B 409 29.06 5.52 18.91
N TYR B 410 28.79 6.80 19.12
CA TYR B 410 27.47 7.34 18.87
C TYR B 410 27.21 7.44 17.39
N HIS B 411 28.17 7.98 16.64
CA HIS B 411 27.98 8.14 15.20
C HIS B 411 27.92 6.79 14.47
N GLU B 412 28.74 5.85 14.91
CA GLU B 412 28.79 4.54 14.29
C GLU B 412 27.45 3.81 14.49
N THR B 413 26.91 3.88 15.71
CA THR B 413 25.60 3.30 16.04
C THR B 413 24.52 3.82 15.10
N ALA B 414 24.48 5.13 14.94
CA ALA B 414 23.52 5.76 14.05
C ALA B 414 23.70 5.24 12.62
N THR B 415 24.95 5.04 12.20
CA THR B 415 25.28 4.54 10.86
C THR B 415 24.82 3.08 10.70
N LEU B 416 24.96 2.32 11.77
CA LEU B 416 24.53 0.94 11.78
C LEU B 416 23.02 0.86 11.59
N ARG B 417 22.27 1.77 12.21
CA ARG B 417 20.82 1.78 12.06
C ARG B 417 20.43 2.11 10.64
N GLU B 418 21.06 3.14 10.11
CA GLU B 418 20.77 3.57 8.75
C GLU B 418 21.05 2.46 7.74
N LEU B 419 22.13 1.70 7.94
CA LEU B 419 22.50 0.59 7.08
C LEU B 419 21.37 -0.43 6.94
N PHE B 420 20.80 -0.81 8.08
CA PHE B 420 19.73 -1.79 8.13
C PHE B 420 18.31 -1.19 8.19
N GLY B 421 18.19 0.15 8.16
CA GLY B 421 16.86 0.79 8.17
C GLY B 421 16.10 0.72 9.49
N LEU B 422 16.86 0.66 10.57
CA LEU B 422 16.31 0.51 11.91
C LEU B 422 16.16 1.85 12.59
N LYS B 423 15.28 1.89 13.59
CA LYS B 423 14.99 3.09 14.37
C LYS B 423 15.08 2.69 15.83
N PRO B 424 15.12 3.66 16.76
CA PRO B 424 15.08 3.27 18.16
C PRO B 424 13.71 2.80 18.51
N ILE B 425 13.51 2.49 19.78
CA ILE B 425 12.18 2.13 20.27
C ILE B 425 11.21 3.26 19.90
N LYS B 426 10.00 2.86 19.48
CA LYS B 426 8.94 3.78 19.00
C LYS B 426 8.80 5.06 19.80
N GLU B 427 8.56 4.91 21.09
CA GLU B 427 8.34 6.05 21.97
C GLU B 427 9.52 6.97 22.02
N PHE B 428 10.73 6.40 22.03
CA PHE B 428 11.96 7.19 22.05
C PHE B 428 12.17 7.82 20.69
N ASP B 429 11.89 7.05 19.63
CA ASP B 429 12.00 7.58 18.26
C ASP B 429 11.06 8.79 18.09
N GLN B 430 9.85 8.71 18.65
CA GLN B 430 8.92 9.83 18.62
C GLN B 430 9.46 11.04 19.39
N TRP B 431 10.18 10.79 20.49
CA TRP B 431 10.80 11.86 21.30
C TRP B 431 11.88 12.60 20.52
N MSE B 432 12.64 11.86 19.72
CA MSE B 432 13.67 12.48 18.87
C MSE B 432 13.05 13.44 17.85
O MSE B 432 13.59 14.51 17.58
CB MSE B 432 14.44 11.40 18.12
CG MSE B 432 15.22 10.48 19.01
SE MSE B 432 16.95 11.19 19.51
CE MSE B 432 17.74 11.03 17.73
N GLU B 433 11.92 13.03 17.25
CA GLU B 433 11.29 13.86 16.23
C GLU B 433 10.79 15.13 16.88
N LYS B 434 10.11 15.03 18.02
CA LYS B 434 9.70 16.23 18.75
C LYS B 434 10.90 17.14 19.04
N MSE B 435 12.02 16.55 19.47
CA MSE B 435 13.23 17.32 19.80
C MSE B 435 13.99 17.84 18.60
O MSE B 435 14.90 18.65 18.76
CB MSE B 435 14.19 16.46 20.62
CG MSE B 435 13.65 16.03 21.96
SE MSE B 435 13.64 17.46 23.24
CE MSE B 435 15.60 17.68 23.62
N GLY B 436 13.64 17.39 17.42
CA GLY B 436 14.30 17.83 16.19
C GLY B 436 15.66 17.17 15.94
N PHE B 437 15.93 16.05 16.61
CA PHE B 437 17.19 15.35 16.38
C PHE B 437 17.12 14.36 15.22
N SER B 438 15.92 13.93 14.83
CA SER B 438 15.80 12.98 13.72
C SER B 438 14.50 13.12 12.95
N GLU B 439 14.53 12.81 11.66
CA GLU B 439 13.32 12.80 10.82
C GLU B 439 13.21 11.41 10.23
N ASN B 440 12.15 10.70 10.59
CA ASN B 440 11.91 9.36 10.05
C ASN B 440 13.11 8.43 10.19
N GLY B 441 13.65 8.34 11.41
CA GLY B 441 14.76 7.44 11.68
C GLY B 441 16.16 7.97 11.42
N LYS B 442 16.31 8.86 10.44
CA LYS B 442 17.61 9.44 10.06
C LYS B 442 17.89 10.76 10.83
N LEU B 443 19.13 10.95 11.24
CA LEU B 443 19.51 12.12 12.05
C LEU B 443 19.61 13.40 11.27
N THR B 444 19.36 14.52 11.97
CA THR B 444 19.39 15.87 11.40
C THR B 444 20.66 16.64 11.76
N SER B 445 20.76 17.87 11.23
CA SER B 445 21.84 18.83 11.52
C SER B 445 22.16 18.92 13.01
N ARG B 446 21.11 18.92 13.86
CA ARG B 446 21.24 18.96 15.34
C ARG B 446 22.03 17.79 15.98
N ALA B 447 22.21 16.67 15.27
CA ALA B 447 22.98 15.52 15.76
C ALA B 447 24.43 15.92 16.03
N GLY B 448 24.82 15.91 17.31
CA GLY B 448 26.14 16.37 17.77
C GLY B 448 25.97 17.69 18.53
N ASP B 449 25.08 18.54 18.00
CA ASP B 449 24.71 19.85 18.56
C ASP B 449 23.74 19.68 19.75
N ALA B 450 24.31 19.75 20.96
CA ALA B 450 23.53 19.65 22.19
C ALA B 450 23.00 21.01 22.69
N SER B 451 22.98 22.03 21.82
CA SER B 451 22.52 23.37 22.17
C SER B 451 21.16 23.39 22.84
N ILE B 452 20.25 22.56 22.32
CA ILE B 452 18.88 22.46 22.84
C ILE B 452 18.76 22.26 24.35
N PHE B 453 19.73 21.56 24.94
CA PHE B 453 19.71 21.27 26.38
C PHE B 453 20.15 22.44 27.24
N LEU B 454 21.19 23.16 26.81
CA LEU B 454 21.74 24.30 27.56
C LEU B 454 20.90 25.57 27.36
N MSE C 2 53.38 18.99 -2.17
CA MSE C 2 53.03 17.63 -1.70
C MSE C 2 53.98 17.17 -0.61
O MSE C 2 55.06 16.60 -0.89
CB MSE C 2 53.05 16.64 -2.88
CG MSE C 2 52.41 15.27 -2.57
SE MSE C 2 52.77 13.90 -3.93
CE MSE C 2 52.45 14.95 -5.61
N ILE C 3 53.62 17.42 0.65
CA ILE C 3 54.45 16.99 1.78
C ILE C 3 54.30 15.47 1.92
N LEU C 4 55.36 14.79 2.33
CA LEU C 4 55.31 13.35 2.56
C LEU C 4 55.92 13.03 3.93
N LYS C 5 55.90 14.03 4.81
CA LYS C 5 56.42 13.90 6.18
C LYS C 5 55.34 14.28 7.18
N THR C 6 55.49 13.80 8.41
CA THR C 6 54.54 14.08 9.48
C THR C 6 55.16 13.71 10.80
N ASN C 7 54.85 14.46 11.85
CA ASN C 7 55.33 14.13 13.18
C ASN C 7 54.29 13.30 13.92
N LEU C 8 54.34 11.97 13.76
CA LEU C 8 53.40 11.09 14.48
C LEU C 8 53.80 11.17 15.96
N PHE C 9 53.31 12.25 16.58
CA PHE C 9 53.58 12.64 18.00
C PHE C 9 54.52 11.75 18.86
N GLY C 10 55.80 11.99 18.63
CA GLY C 10 56.91 11.27 19.24
C GLY C 10 58.09 11.02 18.31
N HIS C 11 57.88 11.15 17.00
CA HIS C 11 58.91 10.91 15.99
C HIS C 11 58.44 11.51 14.67
N THR C 12 59.37 11.76 13.75
CA THR C 12 59.03 12.31 12.44
C THR C 12 59.25 11.25 11.36
N TYR C 13 58.18 10.95 10.62
CA TYR C 13 58.20 9.92 9.57
C TYR C 13 58.15 10.55 8.20
N GLN C 14 59.15 10.28 7.36
CA GLN C 14 59.18 10.78 5.96
C GLN C 14 59.03 9.55 5.08
N PHE C 15 58.32 9.69 3.96
CA PHE C 15 58.09 8.53 3.07
C PHE C 15 58.80 8.74 1.72
N LYS C 16 59.15 7.62 1.10
CA LYS C 16 59.90 7.66 -0.16
C LYS C 16 59.12 8.29 -1.31
N SER C 17 57.82 8.00 -1.42
CA SER C 17 56.99 8.51 -2.52
C SER C 17 55.52 8.29 -2.21
N ILE C 18 54.64 8.62 -3.18
CA ILE C 18 53.21 8.31 -3.06
C ILE C 18 53.05 6.78 -2.93
N THR C 19 53.72 6.02 -3.82
CA THR C 19 53.70 4.55 -3.79
C THR C 19 54.00 4.03 -2.38
N ASP C 20 54.99 4.63 -1.74
CA ASP C 20 55.38 4.21 -0.40
C ASP C 20 54.25 4.49 0.62
N VAL C 21 53.71 5.72 0.59
CA VAL C 21 52.60 6.12 1.50
C VAL C 21 51.32 5.31 1.25
N LEU C 22 51.03 5.00 0.00
CA LEU C 22 49.86 4.16 -0.30
C LEU C 22 50.04 2.83 0.41
N ALA C 23 51.14 2.14 0.10
CA ALA C 23 51.49 0.86 0.72
C ALA C 23 51.47 0.83 2.26
N LYS C 24 52.06 1.84 2.92
CA LYS C 24 52.16 1.83 4.39
C LYS C 24 50.82 2.12 5.08
N ALA C 25 49.89 2.73 4.36
CA ALA C 25 48.57 3.03 4.94
C ALA C 25 47.68 1.78 5.04
N ASN C 26 47.89 0.77 4.19
CA ASN C 26 47.10 -0.48 4.24
C ASN C 26 47.17 -1.14 5.60
N GLU C 27 46.12 -1.85 6.04
CA GLU C 27 46.24 -2.60 7.32
C GLU C 27 47.15 -3.77 7.01
N GLU C 28 47.58 -4.50 8.03
CA GLU C 28 48.44 -5.68 7.85
C GLU C 28 47.92 -6.67 6.76
N LYS C 29 48.63 -6.76 5.62
CA LYS C 29 48.27 -7.68 4.53
C LYS C 29 49.43 -8.62 4.23
N SER C 30 49.13 -9.89 4.01
CA SER C 30 50.17 -10.91 3.82
C SER C 30 51.14 -10.62 2.66
N GLY C 31 50.60 -10.44 1.47
CA GLY C 31 51.41 -10.17 0.27
C GLY C 31 52.28 -8.91 0.36
N ASP C 32 51.72 -7.85 0.93
CA ASP C 32 52.44 -6.58 1.13
C ASP C 32 53.58 -6.72 2.11
N ARG C 33 53.40 -7.60 3.09
CA ARG C 33 54.43 -7.84 4.07
C ARG C 33 55.53 -8.63 3.39
N LEU C 34 55.18 -9.80 2.84
CA LEU C 34 56.15 -10.65 2.13
C LEU C 34 56.93 -9.88 1.06
N ALA C 35 56.30 -8.88 0.46
CA ALA C 35 56.96 -8.05 -0.57
C ALA C 35 57.78 -6.90 0.01
N GLY C 36 57.79 -6.72 1.31
CA GLY C 36 58.57 -5.64 1.92
C GLY C 36 58.06 -4.22 1.73
N VAL C 37 56.82 -4.05 1.28
CA VAL C 37 56.25 -2.71 1.08
C VAL C 37 55.42 -2.20 2.28
N ALA C 38 55.13 -3.08 3.25
CA ALA C 38 54.31 -2.74 4.43
C ALA C 38 54.96 -1.72 5.40
N ALA C 39 54.22 -1.34 6.43
CA ALA C 39 54.68 -0.42 7.48
C ALA C 39 55.54 -1.15 8.53
N GLU C 40 56.66 -0.54 8.92
CA GLU C 40 57.59 -1.18 9.89
C GLU C 40 57.01 -1.22 11.30
N SER C 41 56.08 -0.33 11.61
CA SER C 41 55.42 -0.32 12.92
C SER C 41 54.01 0.23 12.77
N ALA C 42 53.12 -0.17 13.69
CA ALA C 42 51.74 0.30 13.69
C ALA C 42 51.68 1.84 13.72
N GLU C 43 52.66 2.42 14.40
CA GLU C 43 52.77 3.87 14.50
C GLU C 43 53.10 4.49 13.13
N GLU C 44 53.93 3.83 12.31
CA GLU C 44 54.29 4.40 10.98
C GLU C 44 53.14 4.16 9.96
N ARG C 45 52.22 3.25 10.29
CA ARG C 45 51.00 3.02 9.50
C ARG C 45 49.99 4.14 9.73
N VAL C 46 49.89 4.62 10.97
CA VAL C 46 49.05 5.77 11.27
C VAL C 46 49.63 6.98 10.54
N ALA C 47 50.96 7.09 10.57
CA ALA C 47 51.65 8.19 9.93
C ALA C 47 51.40 8.16 8.42
N ALA C 48 51.41 6.95 7.85
CA ALA C 48 51.16 6.79 6.43
C ALA C 48 49.78 7.37 6.09
N LYS C 49 48.78 6.93 6.86
CA LYS C 49 47.40 7.38 6.71
C LYS C 49 47.27 8.92 6.83
N VAL C 50 47.82 9.46 7.91
CA VAL C 50 47.78 10.91 8.13
C VAL C 50 48.22 11.61 6.86
N VAL C 51 49.38 11.21 6.35
CA VAL C 51 49.95 11.82 5.15
C VAL C 51 49.01 11.67 3.96
N LEU C 52 48.42 10.50 3.84
CA LEU C 52 47.52 10.23 2.75
C LEU C 52 46.29 11.09 2.90
N SER C 53 45.79 11.20 4.13
CA SER C 53 44.54 11.90 4.42
C SER C 53 44.61 13.36 3.98
N LYS C 54 45.75 14.01 4.20
CA LYS C 54 45.91 15.42 3.82
C LYS C 54 46.33 15.61 2.37
N MSE C 55 46.50 14.52 1.62
CA MSE C 55 46.96 14.58 0.23
C MSE C 55 45.82 14.94 -0.71
O MSE C 55 44.72 14.42 -0.55
CB MSE C 55 47.56 13.24 -0.17
CG MSE C 55 48.56 13.30 -1.31
SE MSE C 55 49.37 11.53 -1.73
CE MSE C 55 50.11 11.03 -0.04
N THR C 56 46.06 15.80 -1.69
CA THR C 56 45.01 16.24 -2.58
C THR C 56 44.78 15.20 -3.67
N LEU C 57 43.58 15.25 -4.27
CA LEU C 57 43.19 14.28 -5.30
C LEU C 57 43.96 14.46 -6.60
N GLY C 58 44.27 15.72 -6.94
CA GLY C 58 45.02 16.04 -8.16
C GLY C 58 46.40 15.42 -8.15
N ASP C 59 47.07 15.50 -6.99
CA ASP C 59 48.38 14.91 -6.83
C ASP C 59 48.32 13.41 -7.11
N LEU C 60 47.25 12.75 -6.67
CA LEU C 60 47.10 11.31 -6.87
C LEU C 60 46.87 10.97 -8.34
N ARG C 61 46.04 11.78 -8.99
CA ARG C 61 45.69 11.58 -10.39
C ARG C 61 46.89 11.78 -11.29
N ASN C 62 47.67 12.82 -11.01
CA ASN C 62 48.86 13.14 -11.80
C ASN C 62 50.03 12.18 -11.62
N ASN C 63 50.12 11.55 -10.46
CA ASN C 63 51.20 10.64 -10.18
C ASN C 63 50.73 9.19 -9.99
N PRO C 64 50.31 8.51 -11.10
CA PRO C 64 49.95 7.09 -10.97
C PRO C 64 51.16 6.26 -10.60
N VAL C 65 50.96 5.18 -9.83
CA VAL C 65 52.10 4.33 -9.38
C VAL C 65 52.85 3.59 -10.53
N VAL C 66 52.30 3.62 -11.73
CA VAL C 66 52.96 3.08 -12.90
C VAL C 66 52.77 4.14 -13.99
N PRO C 67 53.89 4.70 -14.50
CA PRO C 67 53.86 5.76 -15.51
C PRO C 67 52.97 5.53 -16.71
N TYR C 68 52.37 6.63 -17.17
CA TYR C 68 51.46 6.66 -18.30
C TYR C 68 52.17 6.28 -19.58
N GLU C 69 53.42 6.75 -19.71
CA GLU C 69 54.24 6.54 -20.93
C GLU C 69 54.63 5.07 -21.13
N THR C 70 54.78 4.39 -19.99
CA THR C 70 55.16 2.99 -19.89
C THR C 70 54.01 1.99 -19.88
N ASP C 71 52.99 2.29 -19.10
CA ASP C 71 51.94 1.30 -18.80
C ASP C 71 50.55 1.55 -19.40
N GLU C 72 50.04 0.53 -20.07
CA GLU C 72 48.73 0.55 -20.77
C GLU C 72 47.59 0.76 -19.79
N VAL C 73 47.66 0.02 -18.69
CA VAL C 73 46.63 0.06 -17.67
C VAL C 73 46.55 1.46 -17.12
N THR C 74 47.66 2.14 -16.90
CA THR C 74 47.55 3.52 -16.41
C THR C 74 46.85 4.39 -17.46
N ARG C 75 47.15 4.15 -18.74
CA ARG C 75 46.53 4.95 -19.79
C ARG C 75 45.04 4.65 -19.90
N ILE C 76 44.68 3.37 -19.89
CA ILE C 76 43.26 2.97 -19.92
C ILE C 76 42.48 3.66 -18.77
N ILE C 77 43.08 3.65 -17.59
CA ILE C 77 42.51 4.29 -16.41
C ILE C 77 42.42 5.82 -16.57
N GLN C 78 43.55 6.44 -16.86
CA GLN C 78 43.63 7.90 -16.91
C GLN C 78 42.82 8.51 -18.04
N ASP C 79 42.70 7.78 -19.15
CA ASP C 79 41.98 8.29 -20.31
C ASP C 79 40.46 8.30 -20.09
N GLN C 80 39.98 7.56 -19.08
CA GLN C 80 38.57 7.53 -18.71
C GLN C 80 38.16 8.72 -17.86
N VAL C 81 39.14 9.43 -17.31
CA VAL C 81 38.85 10.58 -16.46
C VAL C 81 38.26 11.71 -17.28
N ASN C 82 37.27 12.40 -16.69
CA ASN C 82 36.76 13.62 -17.26
C ASN C 82 37.57 14.72 -16.55
N ASP C 83 38.47 15.34 -17.31
CA ASP C 83 39.36 16.39 -16.78
C ASP C 83 38.56 17.49 -16.10
N ARG C 84 37.49 17.93 -16.76
CA ARG C 84 36.64 19.01 -16.28
C ARG C 84 36.15 18.74 -14.87
N ILE C 85 35.59 17.54 -14.68
CA ILE C 85 35.07 17.11 -13.39
C ILE C 85 36.21 17.04 -12.40
N HIS C 86 37.33 16.43 -12.83
CA HIS C 86 38.50 16.28 -12.00
C HIS C 86 39.04 17.64 -11.57
N ASP C 87 39.02 18.61 -12.48
CA ASP C 87 39.53 19.94 -12.14
C ASP C 87 38.78 20.51 -10.96
N SER C 88 37.47 20.30 -10.91
CA SER C 88 36.66 20.78 -9.78
C SER C 88 37.02 20.14 -8.44
N ILE C 89 37.51 18.91 -8.47
CA ILE C 89 37.82 18.21 -7.21
C ILE C 89 39.29 18.09 -6.88
N LYS C 90 40.18 18.40 -7.82
CA LYS C 90 41.63 18.22 -7.63
C LYS C 90 42.18 18.71 -6.28
N ASN C 91 41.62 19.78 -5.70
CA ASN C 91 42.10 20.28 -4.38
C ASN C 91 41.39 19.66 -3.16
N TRP C 92 40.59 18.63 -3.39
CA TRP C 92 39.97 17.91 -2.29
C TRP C 92 41.04 17.01 -1.75
N THR C 93 40.99 16.72 -0.46
CA THR C 93 41.93 15.79 0.14
C THR C 93 41.32 14.39 0.11
N VAL C 94 42.04 13.40 0.62
CA VAL C 94 41.53 12.03 0.66
C VAL C 94 40.49 11.95 1.77
N GLU C 95 40.82 12.49 2.95
CA GLU C 95 39.90 12.53 4.09
C GLU C 95 38.61 13.24 3.69
N GLU C 96 38.72 14.40 3.05
CA GLU C 96 37.55 15.16 2.56
C GLU C 96 36.66 14.38 1.58
N LEU C 97 37.30 13.65 0.65
CA LEU C 97 36.58 12.80 -0.30
C LEU C 97 35.85 11.67 0.44
N ARG C 98 36.52 11.09 1.43
CA ARG C 98 35.91 10.04 2.22
C ARG C 98 34.64 10.58 2.85
N GLU C 99 34.77 11.65 3.65
CA GLU C 99 33.64 12.30 4.35
C GLU C 99 32.43 12.52 3.44
N TRP C 100 32.73 13.01 2.24
CA TRP C 100 31.73 13.33 1.25
C TRP C 100 30.98 12.09 0.72
N ILE C 101 31.67 10.97 0.53
CA ILE C 101 31.00 9.73 0.09
C ILE C 101 29.98 9.29 1.11
N LEU C 102 30.39 9.31 2.37
CA LEU C 102 29.60 8.78 3.47
C LEU C 102 28.56 9.73 4.04
N ASP C 103 28.39 10.90 3.43
CA ASP C 103 27.43 11.85 3.96
C ASP C 103 26.02 11.49 3.54
N HIS C 104 25.08 11.58 4.49
CA HIS C 104 23.64 11.42 4.26
C HIS C 104 23.17 12.05 2.98
N LYS C 105 23.54 13.33 2.84
CA LYS C 105 23.16 14.21 1.73
C LYS C 105 23.80 13.83 0.39
N THR C 106 24.80 12.96 0.40
CA THR C 106 25.46 12.55 -0.83
C THR C 106 24.82 11.26 -1.39
N THR C 107 24.37 11.35 -2.65
CA THR C 107 23.64 10.27 -3.33
C THR C 107 24.47 9.43 -4.29
N ASP C 108 23.90 8.32 -4.71
CA ASP C 108 24.53 7.45 -5.68
C ASP C 108 24.85 8.25 -6.94
N ALA C 109 23.95 9.14 -7.32
CA ALA C 109 24.12 9.93 -8.54
C ALA C 109 25.29 10.88 -8.40
N ASP C 110 25.42 11.48 -7.21
CA ASP C 110 26.55 12.34 -6.92
C ASP C 110 27.84 11.53 -7.09
N ILE C 111 27.88 10.42 -6.37
CA ILE C 111 29.05 9.57 -6.35
C ILE C 111 29.43 9.16 -7.75
N LYS C 112 28.44 8.88 -8.60
CA LYS C 112 28.80 8.49 -9.97
C LYS C 112 29.42 9.66 -10.76
N ARG C 113 29.07 10.89 -10.41
CA ARG C 113 29.66 12.05 -11.09
C ARG C 113 31.10 12.26 -10.62
N VAL C 114 31.35 12.12 -9.32
CA VAL C 114 32.69 12.26 -8.79
C VAL C 114 33.60 11.16 -9.32
N ALA C 115 33.12 9.92 -9.37
CA ALA C 115 33.93 8.83 -9.90
C ALA C 115 34.62 9.19 -11.23
N ARG C 116 33.95 9.99 -12.06
CA ARG C 116 34.53 10.39 -13.36
C ARG C 116 35.81 11.22 -13.25
N GLY C 117 35.99 11.87 -12.10
CA GLY C 117 37.18 12.67 -11.84
C GLY C 117 38.17 11.92 -10.95
N LEU C 118 37.90 10.62 -10.73
CA LEU C 118 38.74 9.80 -9.90
C LEU C 118 39.53 8.83 -10.74
N THR C 119 40.54 8.26 -10.08
CA THR C 119 41.35 7.20 -10.66
C THR C 119 41.51 6.12 -9.62
N SER C 120 41.99 4.97 -10.09
CA SER C 120 42.18 3.82 -9.25
C SER C 120 43.05 4.12 -8.03
N GLU C 121 44.04 5.01 -8.18
CA GLU C 121 44.93 5.38 -7.04
C GLU C 121 44.21 6.23 -6.01
N ILE C 122 43.22 6.99 -6.47
CA ILE C 122 42.37 7.76 -5.56
C ILE C 122 41.40 6.81 -4.87
N ILE C 123 40.74 5.97 -5.67
CA ILE C 123 39.82 4.94 -5.12
C ILE C 123 40.55 4.12 -4.04
N ALA C 124 41.78 3.74 -4.34
CA ALA C 124 42.61 2.98 -3.37
C ALA C 124 42.84 3.77 -2.11
N ALA C 125 43.27 5.01 -2.32
CA ALA C 125 43.60 5.93 -1.24
C ALA C 125 42.48 6.16 -0.27
N VAL C 126 41.28 6.47 -0.79
CA VAL C 126 40.13 6.77 0.09
C VAL C 126 39.78 5.51 0.90
N THR C 127 39.78 4.36 0.24
CA THR C 127 39.53 3.09 0.90
C THR C 127 40.50 2.82 2.02
N LYS C 128 41.78 3.10 1.80
CA LYS C 128 42.80 2.90 2.86
C LYS C 128 42.47 3.66 4.17
N LEU C 129 41.65 4.71 4.06
CA LEU C 129 41.28 5.53 5.22
C LEU C 129 39.88 5.29 5.77
N MSE C 130 39.21 4.26 5.27
CA MSE C 130 37.83 3.94 5.64
C MSE C 130 37.78 2.74 6.57
O MSE C 130 38.58 1.84 6.41
CB MSE C 130 37.03 3.63 4.38
CG MSE C 130 36.67 4.89 3.63
SE MSE C 130 35.89 4.56 1.91
CE MSE C 130 34.32 3.71 2.50
N SER C 131 36.85 2.73 7.53
CA SER C 131 36.73 1.60 8.45
C SER C 131 35.95 0.52 7.75
N ASN C 132 35.70 -0.59 8.43
CA ASN C 132 34.92 -1.68 7.81
C ASN C 132 33.46 -1.28 7.60
N LEU C 133 32.93 -0.50 8.53
CA LEU C 133 31.57 -0.08 8.44
C LEU C 133 31.43 0.89 7.29
N ASP C 134 32.47 1.71 7.08
CA ASP C 134 32.45 2.70 6.01
C ASP C 134 32.38 1.96 4.66
N LEU C 135 33.14 0.89 4.56
CA LEU C 135 33.17 0.10 3.34
C LEU C 135 31.84 -0.62 3.05
N ILE C 136 31.16 -1.02 4.11
CA ILE C 136 29.86 -1.68 3.99
C ILE C 136 28.78 -0.65 3.64
N TYR C 137 28.61 0.32 4.52
CA TYR C 137 27.64 1.41 4.36
C TYR C 137 27.91 2.16 3.07
N GLY C 138 29.14 2.68 2.95
CA GLY C 138 29.57 3.42 1.76
C GLY C 138 29.29 2.69 0.46
N ALA C 139 29.47 1.38 0.43
CA ALA C 139 29.19 0.58 -0.79
C ALA C 139 27.69 0.28 -0.98
N LYS C 140 26.98 0.15 0.15
CA LYS C 140 25.52 -0.12 0.13
C LYS C 140 24.87 0.96 -0.73
N LYS C 141 25.26 2.23 -0.47
CA LYS C 141 24.85 3.43 -1.21
C LYS C 141 24.95 3.38 -2.71
N ILE C 142 25.82 2.53 -3.24
CA ILE C 142 26.12 2.50 -4.66
C ILE C 142 25.53 1.28 -5.37
N ARG C 143 24.80 1.59 -6.44
CA ARG C 143 24.10 0.61 -7.23
C ARG C 143 24.80 0.51 -8.55
N VAL C 144 25.12 -0.71 -8.94
CA VAL C 144 25.73 -0.93 -10.19
C VAL C 144 24.97 -2.09 -10.77
N ILE C 145 24.46 -1.93 -12.00
CA ILE C 145 23.76 -3.02 -12.68
C ILE C 145 24.43 -3.26 -14.02
N ALA C 146 24.28 -4.47 -14.55
CA ALA C 146 24.86 -4.82 -15.85
C ALA C 146 23.92 -5.79 -16.51
N HIS C 147 23.92 -5.86 -17.82
CA HIS C 147 23.01 -6.71 -18.51
C HIS C 147 23.67 -7.53 -19.59
N ALA C 148 23.58 -8.84 -19.49
CA ALA C 148 24.07 -9.74 -20.52
C ALA C 148 22.85 -10.36 -21.15
N ASN C 149 22.34 -11.44 -20.58
CA ASN C 149 21.07 -11.98 -20.99
C ASN C 149 20.02 -11.40 -20.06
N THR C 150 20.33 -11.34 -18.78
CA THR C 150 19.47 -10.75 -17.79
C THR C 150 20.28 -9.72 -17.01
N THR C 151 19.61 -8.98 -16.13
CA THR C 151 20.25 -7.90 -15.39
C THR C 151 20.67 -8.30 -13.98
N ILE C 152 21.96 -8.17 -13.72
CA ILE C 152 22.55 -8.43 -12.42
C ILE C 152 22.68 -7.05 -11.73
N GLY C 153 22.58 -7.02 -10.40
CA GLY C 153 22.82 -5.81 -9.62
C GLY C 153 21.64 -5.04 -9.05
N LEU C 154 20.41 -5.40 -9.44
CA LEU C 154 19.25 -4.65 -8.96
C LEU C 154 19.05 -4.94 -7.48
N PRO C 155 18.45 -3.96 -6.76
CA PRO C 155 18.27 -4.11 -5.33
C PRO C 155 17.20 -5.16 -5.05
N GLY C 156 17.41 -5.93 -4.00
CA GLY C 156 16.52 -6.99 -3.66
C GLY C 156 16.91 -8.31 -4.28
N THR C 157 17.94 -8.31 -5.10
CA THR C 157 18.43 -9.54 -5.73
C THR C 157 19.79 -9.98 -5.21
N PHE C 158 20.03 -11.28 -5.26
CA PHE C 158 21.32 -11.81 -4.94
C PHE C 158 21.53 -12.94 -5.92
N SER C 159 22.65 -12.83 -6.65
CA SER C 159 22.97 -13.74 -7.73
C SER C 159 24.13 -14.67 -7.38
N ALA C 160 24.18 -15.80 -8.06
CA ALA C 160 25.21 -16.76 -7.79
C ALA C 160 25.66 -17.47 -9.06
N ARG C 161 26.92 -17.87 -9.07
CA ARG C 161 27.53 -18.57 -10.17
C ARG C 161 27.35 -20.08 -10.00
N LEU C 162 27.09 -20.78 -11.10
CA LEU C 162 26.99 -22.23 -11.07
C LEU C 162 28.17 -22.77 -11.91
N GLN C 163 29.28 -23.09 -11.22
CA GLN C 163 30.53 -23.54 -11.85
C GLN C 163 31.03 -24.85 -11.21
N PRO C 164 30.42 -26.01 -11.59
CA PRO C 164 30.81 -27.35 -11.10
C PRO C 164 32.32 -27.66 -11.05
N ASN C 165 32.85 -27.94 -9.85
CA ASN C 165 34.27 -28.27 -9.65
C ASN C 165 34.63 -29.67 -10.16
N PRO C 167 36.44 -32.36 -11.10
CA PRO C 167 37.26 -33.51 -10.69
C PRO C 167 38.29 -33.87 -11.77
N THR C 168 37.81 -34.49 -12.86
CA THR C 168 38.58 -34.80 -14.07
C THR C 168 37.74 -34.33 -15.26
N ASP C 169 37.03 -33.21 -15.06
CA ASP C 169 36.10 -32.66 -16.04
C ASP C 169 35.01 -33.70 -16.35
N ASP C 170 34.56 -34.40 -15.31
CA ASP C 170 33.59 -35.50 -15.43
C ASP C 170 32.18 -35.07 -15.91
N PRO C 171 31.78 -35.45 -17.15
CA PRO C 171 30.43 -35.07 -17.66
C PRO C 171 29.20 -35.44 -16.78
N ASP C 172 29.18 -36.69 -16.30
CA ASP C 172 28.12 -37.21 -15.41
C ASP C 172 27.98 -36.39 -14.14
N GLY C 173 29.13 -36.01 -13.57
CA GLY C 173 29.22 -35.23 -12.33
C GLY C 173 29.04 -33.71 -12.48
N ILE C 174 29.43 -33.17 -13.65
CA ILE C 174 29.22 -31.74 -13.96
C ILE C 174 27.71 -31.55 -14.13
N LEU C 175 27.14 -32.36 -15.04
CA LEU C 175 25.70 -32.38 -15.32
C LEU C 175 24.85 -32.43 -14.06
N ALA C 176 25.08 -33.45 -13.22
CA ALA C 176 24.38 -33.64 -11.96
C ALA C 176 24.52 -32.44 -11.03
N SER C 177 25.70 -31.82 -11.05
CA SER C 177 25.98 -30.64 -10.23
C SER C 177 25.17 -29.41 -10.74
N LEU C 178 25.03 -29.25 -12.05
CA LEU C 178 24.21 -28.17 -12.61
C LEU C 178 22.76 -28.21 -12.11
N MSE C 179 22.13 -29.35 -12.37
CA MSE C 179 20.75 -29.61 -12.04
C MSE C 179 20.49 -29.46 -10.55
O MSE C 179 19.51 -28.84 -10.15
CB MSE C 179 20.40 -31.04 -12.48
CG MSE C 179 20.67 -31.35 -13.97
SE MSE C 179 20.12 -33.17 -14.54
CE MSE C 179 20.86 -34.34 -12.97
N GLU C 180 21.36 -30.05 -9.73
CA GLU C 180 21.22 -29.91 -8.29
C GLU C 180 21.38 -28.43 -7.92
N GLY C 181 22.26 -27.72 -8.63
CA GLY C 181 22.49 -26.30 -8.37
C GLY C 181 21.30 -25.43 -8.70
N LEU C 182 20.62 -25.72 -9.82
CA LEU C 182 19.44 -24.94 -10.26
C LEU C 182 18.23 -25.17 -9.38
N THR C 183 18.18 -26.29 -8.69
CA THR C 183 17.05 -26.55 -7.80
C THR C 183 17.14 -25.67 -6.54
N TYR C 184 18.34 -25.17 -6.22
CA TYR C 184 18.54 -24.25 -5.09
C TYR C 184 18.58 -22.81 -5.57
N GLY C 185 18.53 -22.64 -6.89
CA GLY C 185 18.52 -21.31 -7.45
C GLY C 185 19.90 -20.73 -7.64
N ILE C 186 20.83 -21.60 -7.99
CA ILE C 186 22.20 -21.20 -8.25
C ILE C 186 22.38 -21.13 -9.78
N GLY C 187 23.00 -20.06 -10.28
CA GLY C 187 23.24 -19.95 -11.71
C GLY C 187 22.56 -18.84 -12.47
N ASP C 188 22.02 -17.86 -11.73
CA ASP C 188 21.41 -16.70 -12.36
C ASP C 188 22.48 -15.74 -12.84
N ALA C 189 23.60 -15.64 -12.13
CA ALA C 189 24.70 -14.77 -12.57
C ALA C 189 25.31 -15.36 -13.83
N VAL C 190 25.69 -16.64 -13.78
CA VAL C 190 26.25 -17.30 -14.93
C VAL C 190 26.35 -18.80 -14.63
N ILE C 191 26.29 -19.58 -15.70
CA ILE C 191 26.45 -21.02 -15.67
C ILE C 191 27.74 -21.29 -16.43
N GLY C 192 28.82 -21.54 -15.69
CA GLY C 192 30.13 -21.76 -16.26
C GLY C 192 30.87 -23.03 -15.88
N LEU C 193 32.18 -23.00 -16.11
CA LEU C 193 33.03 -24.12 -15.85
C LEU C 193 34.45 -23.67 -16.09
N ASN C 194 35.34 -23.99 -15.15
CA ASN C 194 36.76 -23.73 -15.28
C ASN C 194 37.34 -25.09 -15.64
N PRO C 195 37.60 -25.34 -16.94
CA PRO C 195 37.91 -26.72 -17.31
C PRO C 195 39.38 -27.04 -17.12
N VAL C 196 39.66 -28.31 -16.86
CA VAL C 196 41.05 -28.75 -16.71
C VAL C 196 41.62 -28.69 -18.14
N ASP C 197 40.87 -29.26 -19.08
CA ASP C 197 41.24 -29.25 -20.49
C ASP C 197 40.79 -27.92 -21.11
N ASP C 198 41.66 -26.92 -21.08
CA ASP C 198 41.33 -25.59 -21.64
C ASP C 198 41.78 -25.41 -23.09
N SER C 199 41.75 -26.50 -23.85
CA SER C 199 42.12 -26.47 -25.24
C SER C 199 40.93 -25.92 -25.99
N THR C 200 41.18 -25.35 -27.16
CA THR C 200 40.12 -24.78 -27.92
C THR C 200 39.04 -25.82 -28.12
N ASP C 201 39.42 -26.99 -28.63
CA ASP C 201 38.47 -28.07 -28.86
C ASP C 201 37.64 -28.37 -27.62
N SER C 202 38.26 -28.39 -26.45
CA SER C 202 37.53 -28.74 -25.23
C SER C 202 36.51 -27.67 -24.88
N VAL C 203 36.91 -26.42 -25.02
CA VAL C 203 36.03 -25.30 -24.76
C VAL C 203 34.83 -25.33 -25.72
N VAL C 204 35.07 -25.62 -27.00
CA VAL C 204 34.00 -25.67 -28.00
C VAL C 204 32.98 -26.75 -27.65
N ARG C 205 33.45 -27.89 -27.16
CA ARG C 205 32.55 -28.97 -26.77
C ARG C 205 31.73 -28.52 -25.56
N LEU C 206 32.40 -27.87 -24.62
CA LEU C 206 31.74 -27.43 -23.38
C LEU C 206 30.65 -26.40 -23.66
N LEU C 207 30.99 -25.35 -24.40
CA LEU C 207 30.04 -24.30 -24.72
C LEU C 207 28.79 -24.80 -25.44
N ASN C 208 28.99 -25.70 -26.39
CA ASN C 208 27.85 -26.25 -27.12
C ASN C 208 26.91 -27.03 -26.19
N LYS C 209 27.47 -27.82 -25.28
CA LYS C 209 26.67 -28.62 -24.35
C LYS C 209 25.98 -27.75 -23.30
N PHE C 210 26.72 -26.76 -22.76
CA PHE C 210 26.14 -25.77 -21.81
C PHE C 210 24.97 -24.99 -22.43
N GLU C 211 25.14 -24.55 -23.67
CA GLU C 211 24.06 -23.85 -24.34
C GLU C 211 22.93 -24.80 -24.74
N GLU C 212 23.27 -26.04 -25.09
CA GLU C 212 22.25 -27.03 -25.43
C GLU C 212 21.36 -27.21 -24.22
N PHE C 213 21.99 -27.39 -23.07
CA PHE C 213 21.28 -27.58 -21.81
C PHE C 213 20.46 -26.37 -21.45
N ARG C 214 21.07 -25.18 -21.49
CA ARG C 214 20.40 -23.93 -21.14
C ARG C 214 19.18 -23.66 -22.03
N SER C 215 19.35 -23.76 -23.34
CA SER C 215 18.23 -23.65 -24.26
C SER C 215 17.14 -24.71 -24.07
N LYS C 216 17.56 -25.95 -23.82
CA LYS C 216 16.63 -27.09 -23.58
C LYS C 216 15.65 -26.73 -22.47
N TRP C 217 16.21 -26.33 -21.33
CA TRP C 217 15.43 -25.95 -20.14
C TRP C 217 15.04 -24.47 -20.11
N ASP C 218 15.48 -23.72 -21.11
CA ASP C 218 15.07 -22.33 -21.27
C ASP C 218 15.40 -21.49 -20.03
N VAL C 219 16.60 -21.70 -19.50
CA VAL C 219 17.04 -21.03 -18.28
C VAL C 219 17.49 -19.65 -18.65
N PRO C 220 16.91 -18.60 -18.01
CA PRO C 220 17.37 -17.22 -18.31
C PRO C 220 18.64 -16.87 -17.57
N THR C 221 19.77 -17.11 -18.21
CA THR C 221 21.07 -16.80 -17.64
C THR C 221 22.08 -16.77 -18.77
N GLN C 222 23.35 -16.60 -18.40
CA GLN C 222 24.46 -16.50 -19.32
C GLN C 222 25.39 -17.68 -19.11
N THR C 223 26.02 -18.18 -20.19
CA THR C 223 27.01 -19.28 -20.11
C THR C 223 28.37 -18.81 -20.44
N CYS C 224 29.35 -19.50 -19.88
CA CYS C 224 30.73 -19.10 -20.05
C CYS C 224 31.77 -20.14 -19.60
N VAL C 225 32.69 -20.52 -20.49
CA VAL C 225 33.83 -21.39 -20.10
C VAL C 225 35.05 -20.53 -19.75
N LEU C 226 35.50 -20.65 -18.51
CA LEU C 226 36.59 -19.80 -17.98
C LEU C 226 38.00 -20.21 -18.42
N ALA C 227 38.25 -20.10 -19.73
CA ALA C 227 39.55 -20.39 -20.33
C ALA C 227 40.27 -19.07 -20.59
N HIS C 228 41.27 -19.09 -21.48
CA HIS C 228 42.00 -17.87 -21.82
C HIS C 228 41.10 -17.08 -22.77
N VAL C 229 41.24 -15.76 -22.76
CA VAL C 229 40.43 -14.96 -23.64
C VAL C 229 40.62 -15.42 -25.08
N LYS C 230 41.86 -15.56 -25.51
CA LYS C 230 42.16 -15.93 -26.91
C LYS C 230 41.60 -17.32 -27.28
N THR C 231 41.52 -18.23 -26.30
CA THR C 231 40.94 -19.58 -26.55
C THR C 231 39.45 -19.44 -26.84
N GLN C 232 38.78 -18.73 -25.93
CA GLN C 232 37.36 -18.46 -26.07
C GLN C 232 37.07 -17.80 -27.42
N MSE C 233 37.87 -16.78 -27.77
CA MSE C 233 37.70 -16.07 -29.03
C MSE C 233 37.80 -16.98 -30.24
O MSE C 233 37.06 -16.83 -31.20
CB MSE C 233 38.75 -14.99 -29.20
CG MSE C 233 38.64 -13.86 -28.20
SE MSE C 233 40.03 -12.52 -28.51
CE MSE C 233 39.32 -11.83 -30.01
N GLU C 234 38.75 -17.92 -30.21
CA GLU C 234 38.90 -18.85 -31.35
C GLU C 234 37.69 -19.78 -31.39
N ALA C 235 37.25 -20.24 -30.22
CA ALA C 235 36.07 -21.12 -30.11
C ALA C 235 34.85 -20.43 -30.67
N MSE C 236 34.76 -19.13 -30.41
CA MSE C 236 33.67 -18.31 -30.94
C MSE C 236 33.75 -18.18 -32.46
O MSE C 236 32.71 -18.20 -33.13
CB MSE C 236 33.68 -16.93 -30.30
CG MSE C 236 33.35 -16.96 -28.83
SE MSE C 236 33.66 -15.21 -28.05
CE MSE C 236 32.18 -14.44 -28.71
N ARG C 237 34.97 -18.05 -32.98
CA ARG C 237 35.18 -17.95 -34.43
C ARG C 237 34.82 -19.24 -35.16
N ARG C 238 34.85 -20.36 -34.44
CA ARG C 238 34.41 -21.64 -35.00
C ARG C 238 32.92 -21.87 -34.80
N GLY C 239 32.23 -20.92 -34.17
CA GLY C 239 30.77 -21.01 -34.01
C GLY C 239 30.22 -21.40 -32.65
N ALA C 240 31.09 -21.67 -31.68
CA ALA C 240 30.65 -21.99 -30.33
C ALA C 240 30.00 -20.75 -29.65
N PRO C 241 28.80 -20.93 -29.04
CA PRO C 241 28.12 -19.85 -28.36
C PRO C 241 28.56 -19.67 -26.93
N THR C 242 28.89 -18.41 -26.55
CA THR C 242 29.18 -18.09 -25.16
C THR C 242 28.42 -16.81 -24.79
N GLY C 243 27.98 -16.73 -23.53
CA GLY C 243 27.23 -15.59 -23.05
C GLY C 243 28.22 -14.52 -22.67
N LEU C 244 29.16 -14.92 -21.82
CA LEU C 244 30.22 -14.06 -21.36
C LEU C 244 31.59 -14.53 -21.87
N VAL C 245 32.58 -13.63 -21.80
CA VAL C 245 33.97 -13.94 -22.18
C VAL C 245 34.82 -13.67 -20.97
N PHE C 246 35.50 -14.72 -20.51
CA PHE C 246 36.30 -14.65 -19.29
C PHE C 246 37.81 -14.43 -19.49
N GLN C 247 38.40 -13.65 -18.57
CA GLN C 247 39.85 -13.42 -18.48
C GLN C 247 40.31 -12.88 -17.09
N SER C 248 41.35 -13.51 -16.51
CA SER C 248 41.95 -13.01 -15.27
C SER C 248 42.74 -11.87 -15.77
N ILE C 249 42.77 -10.79 -15.00
CA ILE C 249 43.37 -9.54 -15.44
C ILE C 249 44.26 -8.99 -14.36
N ALA C 250 45.13 -8.08 -14.72
CA ALA C 250 46.05 -7.52 -13.75
C ALA C 250 46.02 -6.00 -13.80
N GLY C 251 46.70 -5.39 -12.83
CA GLY C 251 46.76 -3.94 -12.66
C GLY C 251 47.94 -3.23 -13.31
N SER C 252 48.67 -3.93 -14.19
CA SER C 252 49.82 -3.38 -14.91
C SER C 252 49.92 -4.07 -16.27
N GLU C 253 50.51 -3.40 -17.24
CA GLU C 253 50.71 -3.98 -18.56
C GLU C 253 51.61 -5.23 -18.51
N LYS C 254 52.53 -5.29 -17.54
CA LYS C 254 53.40 -6.45 -17.36
C LYS C 254 52.55 -7.65 -16.92
N GLY C 255 51.64 -7.41 -15.99
CA GLY C 255 50.74 -8.46 -15.51
C GLY C 255 49.84 -8.99 -16.61
N ASN C 256 49.20 -8.08 -17.35
CA ASN C 256 48.33 -8.48 -18.45
C ASN C 256 49.19 -9.21 -19.51
N THR C 257 50.37 -8.65 -19.79
CA THR C 257 51.30 -9.26 -20.73
C THR C 257 51.69 -10.67 -20.27
N ALA C 258 51.91 -10.85 -18.98
CA ALA C 258 52.19 -12.17 -18.40
C ALA C 258 50.98 -13.13 -18.52
N PHE C 259 49.77 -12.59 -18.37
CA PHE C 259 48.53 -13.34 -18.56
C PHE C 259 48.31 -13.65 -20.04
N GLY C 260 49.04 -12.98 -20.92
CA GLY C 260 49.00 -13.28 -22.37
C GLY C 260 48.02 -12.48 -23.20
N PHE C 261 47.76 -11.25 -22.79
CA PHE C 261 46.83 -10.41 -23.51
C PHE C 261 47.16 -8.96 -23.25
N ASP C 262 46.52 -8.09 -24.03
CA ASP C 262 46.63 -6.65 -23.86
C ASP C 262 45.25 -6.01 -24.08
N GLY C 263 45.19 -4.70 -23.86
CA GLY C 263 43.97 -3.95 -24.07
C GLY C 263 43.22 -4.23 -25.37
N ALA C 264 43.95 -4.34 -26.48
CA ALA C 264 43.35 -4.60 -27.78
C ALA C 264 42.75 -6.01 -27.89
N THR C 265 43.29 -6.93 -27.08
CA THR C 265 42.82 -8.30 -27.07
C THR C 265 41.42 -8.34 -26.46
N ILE C 266 41.30 -7.66 -25.32
CA ILE C 266 40.04 -7.60 -24.57
C ILE C 266 38.92 -6.93 -25.41
N GLU C 267 39.25 -5.79 -26.02
CA GLU C 267 38.32 -5.10 -26.89
C GLU C 267 37.98 -5.92 -28.14
N GLU C 268 38.92 -6.72 -28.63
CA GLU C 268 38.66 -7.57 -29.79
C GLU C 268 37.64 -8.60 -29.35
N ALA C 269 37.82 -9.11 -28.13
CA ALA C 269 36.92 -10.08 -27.49
C ALA C 269 35.51 -9.50 -27.28
N ARG C 270 35.47 -8.32 -26.69
CA ARG C 270 34.22 -7.63 -26.46
C ARG C 270 33.43 -7.52 -27.76
N GLN C 271 34.03 -6.98 -28.80
CA GLN C 271 33.33 -6.78 -30.07
C GLN C 271 32.88 -8.10 -30.68
N LEU C 272 33.68 -9.13 -30.45
CA LEU C 272 33.36 -10.45 -31.00
C LEU C 272 32.08 -10.97 -30.36
N ALA C 273 32.02 -10.89 -29.03
CA ALA C 273 30.83 -11.32 -28.27
C ALA C 273 29.59 -10.58 -28.72
N LEU C 274 29.74 -9.28 -28.97
CA LEU C 274 28.64 -8.45 -29.45
C LEU C 274 28.19 -8.88 -30.86
N GLN C 275 29.12 -9.26 -31.71
CA GLN C 275 28.76 -9.69 -33.03
C GLN C 275 28.28 -11.16 -33.09
N SER C 276 28.81 -12.05 -32.27
CA SER C 276 28.35 -13.45 -32.38
C SER C 276 28.19 -14.19 -31.04
N GLY C 277 28.27 -13.49 -29.92
CA GLY C 277 28.05 -14.12 -28.62
C GLY C 277 26.58 -14.48 -28.55
N ALA C 278 26.19 -15.19 -27.50
CA ALA C 278 24.80 -15.58 -27.33
C ALA C 278 24.10 -14.74 -26.26
N ALA C 279 24.76 -13.69 -25.76
CA ALA C 279 24.16 -12.83 -24.76
C ALA C 279 23.61 -11.62 -25.47
N THR C 280 22.56 -11.03 -24.93
CA THR C 280 21.98 -9.85 -25.56
C THR C 280 22.96 -8.70 -25.45
N GLY C 281 23.61 -8.57 -24.30
CA GLY C 281 24.59 -7.49 -24.09
C GLY C 281 23.94 -6.26 -23.49
N PRO C 282 24.67 -5.14 -23.38
CA PRO C 282 26.01 -4.87 -23.89
C PRO C 282 27.18 -5.41 -23.04
N ASN C 283 26.89 -5.80 -21.79
CA ASN C 283 27.90 -6.24 -20.84
C ASN C 283 28.12 -7.72 -21.03
N VAL C 284 29.25 -8.05 -21.66
CA VAL C 284 29.58 -9.43 -22.05
C VAL C 284 30.89 -9.95 -21.46
N MSE C 285 31.71 -9.08 -20.87
CA MSE C 285 32.98 -9.50 -20.29
C MSE C 285 32.84 -9.91 -18.84
O MSE C 285 32.10 -9.28 -18.09
CB MSE C 285 34.00 -8.34 -20.34
CG MSE C 285 34.21 -7.74 -21.70
SE MSE C 285 34.65 -9.13 -22.98
CE MSE C 285 36.29 -9.73 -22.13
N TYR C 286 33.60 -10.93 -18.47
CA TYR C 286 33.65 -11.47 -17.13
C TYR C 286 35.11 -11.52 -16.74
N PHE C 287 35.50 -10.67 -15.79
CA PHE C 287 36.90 -10.61 -15.37
C PHE C 287 37.09 -11.12 -13.98
N GLU C 288 38.25 -11.77 -13.76
CA GLU C 288 38.65 -12.17 -12.42
C GLU C 288 39.87 -11.34 -12.01
N THR C 289 39.94 -10.96 -10.75
CA THR C 289 41.03 -10.13 -10.24
C THR C 289 41.51 -10.73 -8.92
N GLY C 290 42.17 -9.93 -8.10
CA GLY C 290 42.69 -10.36 -6.80
C GLY C 290 44.22 -10.41 -6.76
N GLN C 291 44.76 -10.17 -5.57
CA GLN C 291 46.21 -10.25 -5.26
C GLN C 291 47.00 -11.43 -5.88
N PHE C 301 57.30 -4.31 -9.16
CA PHE C 301 56.42 -3.16 -9.12
C PHE C 301 56.73 -2.26 -7.91
N GLY C 302 56.59 -2.80 -6.69
CA GLY C 302 56.74 -2.02 -5.44
C GLY C 302 55.41 -1.39 -4.99
N VAL C 303 54.34 -1.73 -5.72
CA VAL C 303 52.98 -1.25 -5.49
C VAL C 303 52.21 -2.25 -4.62
N ASP C 304 51.42 -1.72 -3.68
CA ASP C 304 50.66 -2.57 -2.76
C ASP C 304 49.47 -3.29 -3.44
N GLN C 305 49.16 -4.47 -2.87
CA GLN C 305 48.03 -5.32 -3.24
C GLN C 305 46.72 -4.60 -3.58
N VAL C 306 46.34 -3.67 -2.70
CA VAL C 306 45.10 -2.92 -2.77
C VAL C 306 45.10 -1.99 -3.96
N THR C 307 46.16 -1.16 -4.04
CA THR C 307 46.28 -0.20 -5.13
C THR C 307 46.37 -0.94 -6.46
N MSE C 308 46.95 -2.14 -6.45
CA MSE C 308 46.99 -2.93 -7.68
C MSE C 308 45.58 -3.37 -8.01
O MSE C 308 45.20 -3.39 -9.17
CB MSE C 308 47.97 -4.13 -7.57
CG MSE C 308 49.44 -3.79 -7.98
SE MSE C 308 49.52 -3.10 -9.83
CE MSE C 308 51.53 -3.16 -10.20
N GLU C 309 44.84 -3.73 -6.98
CA GLU C 309 43.45 -4.18 -7.18
C GLU C 309 42.62 -3.06 -7.86
N ALA C 310 42.53 -1.93 -7.17
CA ALA C 310 41.87 -0.76 -7.73
C ALA C 310 42.17 -0.56 -9.23
N ARG C 311 43.44 -0.71 -9.60
CA ARG C 311 43.83 -0.53 -11.02
C ARG C 311 43.26 -1.61 -11.96
N CYS C 312 43.06 -2.83 -11.46
CA CYS C 312 42.41 -3.83 -12.30
C CYS C 312 41.01 -3.36 -12.62
N TYR C 313 40.31 -2.86 -11.59
CA TYR C 313 38.94 -2.42 -11.75
C TYR C 313 38.87 -1.30 -12.79
N GLY C 314 39.74 -0.31 -12.68
CA GLY C 314 39.79 0.79 -13.66
C GLY C 314 40.02 0.26 -15.07
N PHE C 315 40.82 -0.79 -15.17
CA PHE C 315 41.07 -1.44 -16.45
C PHE C 315 39.78 -2.10 -16.94
N ALA C 316 39.19 -2.91 -16.05
CA ALA C 316 37.93 -3.65 -16.33
C ALA C 316 36.79 -2.74 -16.80
N LYS C 317 36.70 -1.57 -16.14
CA LYS C 317 35.65 -0.58 -16.38
C LYS C 317 35.57 -0.11 -17.84
N LYS C 318 36.72 0.04 -18.49
CA LYS C 318 36.74 0.46 -19.89
C LYS C 318 35.99 -0.53 -20.76
N PHE C 319 35.87 -1.78 -20.29
CA PHE C 319 35.21 -2.85 -21.07
C PHE C 319 33.80 -3.24 -20.63
N ASP C 320 33.21 -2.41 -19.73
CA ASP C 320 31.82 -2.52 -19.22
C ASP C 320 31.42 -3.95 -18.99
N PRO C 321 32.05 -4.61 -18.01
CA PRO C 321 31.82 -6.03 -17.76
C PRO C 321 30.51 -6.37 -17.08
N PHE C 322 30.01 -7.58 -17.35
CA PHE C 322 28.81 -8.09 -16.67
C PHE C 322 29.13 -8.40 -15.21
N LEU C 323 30.35 -8.95 -14.99
CA LEU C 323 30.86 -9.35 -13.69
C LEU C 323 32.34 -9.06 -13.53
N VAL C 324 32.74 -8.88 -12.30
CA VAL C 324 34.14 -8.69 -11.95
C VAL C 324 34.31 -9.29 -10.56
N ASN C 325 34.76 -10.56 -10.53
CA ASN C 325 34.99 -11.26 -9.28
C ASN C 325 36.40 -11.05 -8.82
N THR C 326 36.56 -10.87 -7.53
CA THR C 326 37.87 -10.82 -6.96
C THR C 326 38.00 -12.12 -6.19
N VAL C 327 39.24 -12.57 -5.99
CA VAL C 327 39.52 -13.79 -5.22
C VAL C 327 40.21 -13.35 -3.93
N VAL C 328 39.84 -13.96 -2.78
CA VAL C 328 40.45 -13.65 -1.45
C VAL C 328 40.84 -14.90 -0.66
N PRO C 333 46.01 -20.05 3.35
CA PRO C 333 45.59 -19.38 4.59
C PRO C 333 46.72 -19.20 5.62
N GLU C 334 47.78 -20.01 5.49
CA GLU C 334 48.97 -20.05 6.41
C GLU C 334 49.69 -18.71 6.79
N TYR C 335 49.70 -17.72 5.87
CA TYR C 335 50.37 -16.41 6.08
C TYR C 335 49.45 -15.31 6.66
N LEU C 336 48.26 -15.71 7.12
CA LEU C 336 47.31 -14.78 7.71
C LEU C 336 47.70 -14.47 9.12
N TYR C 337 48.00 -13.21 9.37
CA TYR C 337 48.28 -12.78 10.72
C TYR C 337 46.99 -12.90 11.55
N ASP C 338 45.84 -12.74 10.87
CA ASP C 338 44.53 -12.90 11.48
C ASP C 338 43.54 -13.12 10.32
N SER C 339 42.38 -13.74 10.59
CA SER C 339 41.32 -13.95 9.56
C SER C 339 40.63 -12.62 9.17
N LYS C 340 40.69 -11.64 10.08
CA LYS C 340 40.14 -10.31 9.84
C LYS C 340 40.63 -9.71 8.50
N GLN C 341 41.84 -10.10 8.09
CA GLN C 341 42.46 -9.59 6.87
C GLN C 341 41.75 -10.03 5.62
N VAL C 342 41.14 -11.23 5.67
CA VAL C 342 40.31 -11.70 4.55
C VAL C 342 39.00 -10.88 4.47
N ILE C 343 38.34 -10.71 5.62
CA ILE C 343 37.15 -9.91 5.69
C ILE C 343 37.50 -8.52 5.19
N ARG C 344 38.57 -7.92 5.73
CA ARG C 344 38.98 -6.57 5.31
C ARG C 344 39.22 -6.51 3.81
N ALA C 345 39.88 -7.52 3.26
CA ALA C 345 40.19 -7.52 1.84
C ALA C 345 38.93 -7.47 0.99
N GLY C 346 37.99 -8.36 1.27
CA GLY C 346 36.72 -8.40 0.57
C GLY C 346 35.92 -7.10 0.66
N LEU C 347 35.82 -6.52 1.84
CA LEU C 347 35.09 -5.25 1.99
C LEU C 347 35.77 -4.13 1.20
N GLU C 348 37.10 -4.15 1.13
CA GLU C 348 37.81 -3.13 0.37
C GLU C 348 37.59 -3.32 -1.10
N ASP C 349 37.67 -4.56 -1.54
CA ASP C 349 37.53 -4.90 -2.94
C ASP C 349 36.18 -4.48 -3.46
N HIS C 350 35.13 -4.86 -2.72
CA HIS C 350 33.74 -4.52 -3.10
C HIS C 350 33.56 -2.98 -3.16
N PHE C 351 34.02 -2.26 -2.13
CA PHE C 351 33.86 -0.78 -2.16
C PHE C 351 34.51 -0.17 -3.36
N MSE C 352 35.77 -0.51 -3.60
CA MSE C 352 36.50 0.08 -4.74
C MSE C 352 35.88 -0.30 -6.12
O MSE C 352 35.94 0.48 -7.11
CB MSE C 352 37.97 -0.34 -4.70
CG MSE C 352 38.74 0.11 -3.47
SE MSE C 352 40.62 -0.51 -3.53
CE MSE C 352 40.37 -2.55 -3.58
N GLY C 353 35.32 -1.49 -6.17
CA GLY C 353 34.70 -1.93 -7.41
C GLY C 353 33.41 -1.17 -7.61
N LYS C 354 32.62 -1.04 -6.57
CA LYS C 354 31.38 -0.27 -6.65
C LYS C 354 31.70 1.21 -6.90
N LEU C 355 32.70 1.75 -6.24
CA LEU C 355 33.06 3.18 -6.44
C LEU C 355 33.55 3.41 -7.86
N THR C 356 34.16 2.38 -8.46
CA THR C 356 34.66 2.46 -9.83
C THR C 356 33.53 2.35 -10.85
N GLY C 357 32.39 1.79 -10.41
CA GLY C 357 31.23 1.65 -11.28
C GLY C 357 31.19 0.31 -12.02
N ILE C 358 31.71 -0.75 -11.41
CA ILE C 358 31.67 -2.09 -12.01
C ILE C 358 30.85 -3.10 -11.19
N SER C 359 30.21 -4.02 -11.91
CA SER C 359 29.46 -5.12 -11.32
C SER C 359 30.43 -5.98 -10.55
N MSE C 360 30.54 -5.71 -9.24
CA MSE C 360 31.56 -6.30 -8.39
C MSE C 360 31.11 -7.54 -7.62
O MSE C 360 30.26 -7.44 -6.75
CB MSE C 360 32.03 -5.24 -7.38
CG MSE C 360 33.33 -5.53 -6.76
SE MSE C 360 34.70 -5.75 -8.11
CE MSE C 360 35.77 -6.76 -7.05
N GLY C 361 31.71 -8.68 -7.92
CA GLY C 361 31.41 -9.95 -7.25
C GLY C 361 32.59 -10.37 -6.42
N CYS C 362 32.48 -11.48 -5.72
CA CYS C 362 33.56 -11.90 -4.86
C CYS C 362 33.64 -13.42 -4.55
N ASP C 363 34.75 -14.04 -4.99
CA ASP C 363 35.05 -15.46 -4.75
C ASP C 363 35.91 -15.65 -3.50
N VAL C 364 35.42 -16.42 -2.54
CA VAL C 364 36.13 -16.63 -1.29
C VAL C 364 36.72 -18.04 -1.23
N CYS C 365 38.03 -18.14 -0.99
CA CYS C 365 38.72 -19.43 -0.86
C CYS C 365 38.82 -19.87 0.56
N TYR C 366 38.63 -21.16 0.79
CA TYR C 366 38.78 -21.68 2.15
C TYR C 366 39.20 -23.15 2.08
N THR C 367 39.98 -23.56 3.09
CA THR C 367 40.51 -24.90 3.24
C THR C 367 40.27 -25.39 4.66
N ASN C 368 39.24 -24.81 5.31
CA ASN C 368 39.03 -24.84 6.83
C ASN C 368 40.31 -24.98 7.78
N HIS C 369 41.18 -24.00 7.58
CA HIS C 369 42.42 -23.80 8.34
C HIS C 369 41.97 -23.05 9.60
N MSE C 370 42.79 -23.05 10.64
CA MSE C 370 42.48 -22.31 11.88
C MSE C 370 42.11 -20.82 11.67
O MSE C 370 41.40 -20.25 12.51
CB MSE C 370 43.66 -22.41 12.87
N LYS C 371 42.57 -20.21 10.57
CA LYS C 371 42.27 -18.82 10.21
C LYS C 371 41.46 -18.70 8.90
N ALA C 372 40.56 -19.66 8.64
CA ALA C 372 39.68 -19.64 7.45
C ALA C 372 39.57 -20.88 6.57
N ASP C 373 38.59 -21.80 6.70
CA ASP C 373 37.41 -21.94 7.66
C ASP C 373 36.06 -21.54 7.04
N GLN C 374 35.06 -22.44 7.03
CA GLN C 374 33.74 -22.11 6.44
C GLN C 374 32.98 -21.00 7.19
N ASN C 375 33.12 -20.95 8.51
CA ASN C 375 32.47 -19.92 9.32
C ASN C 375 32.98 -18.52 9.02
N ASP C 376 34.18 -18.41 8.46
CA ASP C 376 34.76 -17.12 8.09
C ASP C 376 34.21 -16.65 6.75
N VAL C 377 33.95 -17.62 5.88
CA VAL C 377 33.38 -17.35 4.56
C VAL C 377 31.93 -16.93 4.75
N GLU C 378 31.33 -17.30 5.87
CA GLU C 378 29.99 -16.84 6.19
C GLU C 378 30.11 -15.41 6.76
N ASN C 379 31.01 -15.18 7.69
CA ASN C 379 31.20 -13.83 8.18
C ASN C 379 31.38 -12.82 7.04
N LEU C 380 32.25 -13.13 6.10
CA LEU C 380 32.49 -12.21 5.00
C LEU C 380 31.29 -12.10 4.08
N SER C 381 30.58 -13.20 3.87
CA SER C 381 29.40 -13.22 3.00
C SER C 381 28.23 -12.39 3.50
N VAL C 382 27.93 -12.54 4.79
CA VAL C 382 26.87 -11.79 5.44
C VAL C 382 27.27 -10.32 5.48
N LEU C 383 28.55 -10.03 5.75
CA LEU C 383 29.02 -8.63 5.76
C LEU C 383 28.92 -7.97 4.39
N LEU C 384 29.27 -8.74 3.35
CA LEU C 384 29.22 -8.26 1.97
C LEU C 384 27.81 -8.08 1.49
N THR C 385 26.92 -8.95 1.99
CA THR C 385 25.54 -8.93 1.58
C THR C 385 24.88 -7.72 2.19
N ALA C 386 25.29 -7.35 3.39
CA ALA C 386 24.82 -6.08 4.00
C ALA C 386 25.40 -4.87 3.24
N ALA C 387 26.54 -5.11 2.57
CA ALA C 387 27.25 -4.08 1.80
C ALA C 387 26.60 -3.80 0.46
N GLY C 388 25.72 -4.68 0.01
CA GLY C 388 25.03 -4.50 -1.25
C GLY C 388 25.68 -5.31 -2.33
N CYS C 389 26.46 -6.33 -1.93
CA CYS C 389 27.13 -7.21 -2.86
C CYS C 389 26.10 -8.20 -3.36
N ASN C 390 26.06 -8.34 -4.69
CA ASN C 390 25.07 -9.13 -5.40
C ASN C 390 25.54 -10.49 -5.85
N PHE C 391 26.82 -10.80 -5.60
CA PHE C 391 27.45 -12.03 -6.06
C PHE C 391 28.54 -12.48 -5.11
N ILE C 392 28.43 -13.67 -4.54
CA ILE C 392 29.46 -14.15 -3.62
C ILE C 392 29.57 -15.64 -3.85
N MSE C 393 30.79 -16.18 -3.82
N MSE C 393 30.80 -16.17 -3.82
CA MSE C 393 30.98 -17.62 -4.01
CA MSE C 393 31.12 -17.57 -4.07
C MSE C 393 32.08 -18.15 -3.11
C MSE C 393 32.11 -18.12 -3.06
O MSE C 393 33.11 -17.51 -2.94
O MSE C 393 33.11 -17.48 -2.76
CB MSE C 393 31.27 -17.93 -5.48
CB MSE C 393 31.77 -17.70 -5.44
CG MSE C 393 30.07 -17.81 -6.43
CG MSE C 393 30.85 -18.01 -6.59
SE MSE C 393 28.77 -19.27 -6.34
SE MSE C 393 30.88 -19.93 -7.07
CE MSE C 393 27.50 -18.81 -4.90
CE MSE C 393 32.68 -20.00 -7.81
N GLY C 394 31.84 -19.31 -2.54
CA GLY C 394 32.78 -19.99 -1.64
C GLY C 394 33.56 -20.93 -2.51
N ILE C 395 34.86 -21.06 -2.28
CA ILE C 395 35.72 -21.96 -3.07
C ILE C 395 36.57 -22.81 -2.13
N PRO C 396 36.19 -24.09 -1.97
CA PRO C 396 36.97 -24.97 -1.11
C PRO C 396 38.26 -25.43 -1.81
N HIS C 397 39.32 -25.58 -1.03
CA HIS C 397 40.63 -26.03 -1.53
C HIS C 397 41.17 -27.24 -0.76
N GLY C 398 41.68 -28.24 -1.50
CA GLY C 398 42.25 -29.46 -0.92
C GLY C 398 41.24 -30.45 -0.40
N VAL C 401 39.56 -33.01 -3.08
CA VAL C 401 39.12 -33.10 -4.48
C VAL C 401 37.67 -33.60 -4.61
N MSE C 402 37.37 -34.72 -3.95
CA MSE C 402 36.02 -35.32 -3.94
C MSE C 402 35.09 -34.69 -2.87
O MSE C 402 33.86 -34.72 -3.03
N LEU C 403 35.67 -34.18 -1.78
CA LEU C 403 34.94 -33.48 -0.70
C LEU C 403 34.76 -31.97 -1.03
N ASN C 404 35.42 -31.50 -2.10
CA ASN C 404 35.31 -30.11 -2.58
C ASN C 404 34.22 -29.94 -3.67
N TYR C 405 33.98 -31.00 -4.47
CA TYR C 405 32.88 -31.01 -5.46
C TYR C 405 31.53 -31.13 -4.71
N GLN C 406 31.50 -31.99 -3.69
CA GLN C 406 30.32 -32.17 -2.82
C GLN C 406 30.12 -31.01 -1.81
N THR C 407 31.22 -30.34 -1.40
CA THR C 407 31.14 -29.11 -0.56
C THR C 407 30.60 -28.08 -1.56
N THR C 408 29.30 -27.84 -1.43
CA THR C 408 28.54 -27.16 -2.47
C THR C 408 28.26 -25.64 -2.32
N GLY C 409 27.76 -25.23 -1.15
CA GLY C 409 27.38 -23.80 -0.91
C GLY C 409 25.99 -23.39 -1.43
N TYR C 410 25.23 -24.37 -1.93
CA TYR C 410 23.93 -24.11 -2.50
C TYR C 410 22.93 -23.75 -1.41
N HIS C 411 22.84 -24.60 -0.40
CA HIS C 411 21.98 -24.35 0.76
C HIS C 411 22.40 -23.09 1.53
N GLU C 412 23.70 -22.83 1.63
CA GLU C 412 24.20 -21.64 2.33
C GLU C 412 23.82 -20.38 1.55
N THR C 413 23.95 -20.44 0.22
CA THR C 413 23.54 -19.34 -0.65
C THR C 413 22.03 -19.03 -0.47
N ALA C 414 21.21 -20.08 -0.44
CA ALA C 414 19.76 -19.97 -0.28
C ALA C 414 19.34 -19.36 1.04
N THR C 415 20.06 -19.73 2.08
CA THR C 415 19.82 -19.29 3.44
C THR C 415 20.30 -17.85 3.63
N LEU C 416 21.29 -17.47 2.85
CA LEU C 416 21.79 -16.13 2.89
C LEU C 416 20.71 -15.20 2.30
N ARG C 417 20.13 -15.61 1.17
CA ARG C 417 19.09 -14.81 0.54
C ARG C 417 17.92 -14.60 1.47
N GLU C 418 17.48 -15.71 2.03
CA GLU C 418 16.36 -15.72 2.92
C GLU C 418 16.68 -14.81 4.11
N LEU C 419 17.91 -14.84 4.62
CA LEU C 419 18.27 -13.96 5.72
C LEU C 419 18.05 -12.48 5.37
N PHE C 420 18.42 -12.10 4.15
CA PHE C 420 18.27 -10.71 3.73
C PHE C 420 17.01 -10.40 2.87
N GLY C 421 16.16 -11.40 2.65
CA GLY C 421 14.96 -11.19 1.88
C GLY C 421 15.24 -10.87 0.43
N LEU C 422 16.23 -11.56 -0.14
CA LEU C 422 16.64 -11.37 -1.54
C LEU C 422 16.22 -12.58 -2.39
N LYS C 423 16.13 -12.35 -3.70
CA LYS C 423 15.74 -13.37 -4.62
C LYS C 423 16.75 -13.37 -5.72
N PRO C 424 16.79 -14.43 -6.54
CA PRO C 424 17.64 -14.42 -7.72
C PRO C 424 17.21 -13.34 -8.70
N ILE C 425 17.87 -13.25 -9.85
CA ILE C 425 17.50 -12.23 -10.86
C ILE C 425 16.09 -12.53 -11.31
N LYS C 426 15.30 -11.46 -11.47
CA LYS C 426 13.85 -11.54 -11.84
C LYS C 426 13.47 -12.69 -12.75
N GLU C 427 14.08 -12.74 -13.92
CA GLU C 427 13.73 -13.73 -14.93
C GLU C 427 14.06 -15.14 -14.47
N PHE C 428 15.17 -15.29 -13.76
CA PHE C 428 15.58 -16.58 -13.23
C PHE C 428 14.65 -16.99 -12.11
N ASP C 429 14.25 -16.02 -11.30
CA ASP C 429 13.27 -16.24 -10.22
C ASP C 429 11.91 -16.67 -10.81
N GLN C 430 11.50 -16.08 -11.93
CA GLN C 430 10.27 -16.46 -12.59
C GLN C 430 10.37 -17.91 -13.09
N TRP C 431 11.56 -18.27 -13.60
CA TRP C 431 11.85 -19.61 -14.08
C TRP C 431 11.86 -20.57 -12.92
N MSE C 432 12.34 -20.14 -11.76
CA MSE C 432 12.30 -20.99 -10.56
C MSE C 432 10.87 -21.35 -10.18
O MSE C 432 10.57 -22.48 -9.82
CB MSE C 432 13.00 -20.32 -9.41
CG MSE C 432 14.48 -20.21 -9.59
SE MSE C 432 15.39 -21.92 -9.31
CE MSE C 432 15.11 -21.97 -7.44
N GLU C 433 9.97 -20.37 -10.27
CA GLU C 433 8.56 -20.63 -9.95
C GLU C 433 7.89 -21.44 -11.06
N LYS C 434 8.22 -21.17 -12.33
CA LYS C 434 7.66 -21.98 -13.40
C LYS C 434 8.12 -23.43 -13.24
N MSE C 435 9.30 -23.66 -12.67
CA MSE C 435 9.81 -25.01 -12.43
C MSE C 435 9.37 -25.61 -11.10
O MSE C 435 9.71 -26.76 -10.81
CB MSE C 435 11.35 -25.01 -12.45
CG MSE C 435 11.95 -24.59 -13.77
SE MSE C 435 11.75 -25.91 -15.17
CE MSE C 435 13.11 -27.18 -14.59
N GLY C 436 8.66 -24.85 -10.28
CA GLY C 436 8.21 -25.33 -8.96
C GLY C 436 9.31 -25.47 -7.92
N PHE C 437 10.45 -24.82 -8.12
CA PHE C 437 11.57 -24.92 -7.18
C PHE C 437 11.42 -23.91 -6.07
N SER C 438 10.81 -22.76 -6.35
CA SER C 438 10.59 -21.75 -5.32
C SER C 438 9.23 -21.09 -5.49
N GLU C 439 8.88 -20.25 -4.51
CA GLU C 439 7.65 -19.48 -4.45
C GLU C 439 7.98 -18.26 -3.63
N ASN C 440 7.95 -17.08 -4.25
CA ASN C 440 8.27 -15.82 -3.59
C ASN C 440 9.65 -15.82 -2.95
N GLY C 441 10.65 -16.34 -3.67
CA GLY C 441 12.02 -16.34 -3.16
C GLY C 441 12.38 -17.40 -2.12
N LYS C 442 11.41 -18.21 -1.71
CA LYS C 442 11.64 -19.30 -0.77
C LYS C 442 11.59 -20.61 -1.56
N LEU C 443 12.54 -21.49 -1.32
CA LEU C 443 12.60 -22.75 -2.01
C LEU C 443 11.58 -23.75 -1.49
N THR C 444 11.17 -24.65 -2.37
CA THR C 444 10.20 -25.67 -2.06
C THR C 444 10.90 -27.02 -1.74
N SER C 445 10.10 -28.08 -1.59
CA SER C 445 10.58 -29.45 -1.34
C SER C 445 11.23 -30.09 -2.58
N ARG C 446 11.06 -29.45 -3.75
CA ARG C 446 11.72 -29.87 -4.98
C ARG C 446 13.22 -29.43 -5.01
N ALA C 447 13.66 -28.66 -4.01
CA ALA C 447 15.08 -28.31 -3.86
C ALA C 447 15.88 -29.59 -3.58
N GLY C 448 16.94 -29.82 -4.34
CA GLY C 448 17.75 -31.05 -4.22
C GLY C 448 17.25 -32.17 -5.13
N ASP C 449 15.93 -32.18 -5.34
CA ASP C 449 15.22 -33.14 -6.17
C ASP C 449 15.31 -32.71 -7.65
N ALA C 450 16.36 -33.20 -8.32
CA ALA C 450 16.59 -32.91 -9.75
C ALA C 450 15.75 -33.78 -10.72
N SER C 451 14.72 -34.46 -10.20
CA SER C 451 13.88 -35.37 -10.99
C SER C 451 13.22 -34.66 -12.18
N ILE C 452 12.80 -33.40 -11.98
CA ILE C 452 12.18 -32.59 -13.04
C ILE C 452 13.03 -32.53 -14.32
N PHE C 453 14.35 -32.74 -14.17
CA PHE C 453 15.28 -32.79 -15.29
C PHE C 453 15.49 -34.21 -15.85
N LEU C 454 15.81 -35.17 -14.97
CA LEU C 454 16.04 -36.58 -15.36
C LEU C 454 14.96 -37.49 -14.77
N MSE D 2 -11.39 13.49 53.97
CA MSE D 2 -12.34 13.52 52.80
C MSE D 2 -13.78 13.87 53.22
O MSE D 2 -14.24 13.51 54.32
CB MSE D 2 -12.31 12.17 52.10
CG MSE D 2 -13.12 11.07 52.77
SE MSE D 2 -12.39 9.33 52.42
CE MSE D 2 -10.83 9.38 53.71
N ILE D 3 -14.49 14.60 52.37
CA ILE D 3 -15.87 14.99 52.62
C ILE D 3 -16.79 13.95 52.00
N LEU D 4 -17.52 13.18 52.81
CA LEU D 4 -18.49 12.22 52.29
C LEU D 4 -19.89 12.87 52.31
N LYS D 5 -19.93 14.18 52.06
CA LYS D 5 -21.11 15.01 52.12
C LYS D 5 -21.21 15.90 50.87
N THR D 6 -22.42 16.23 50.43
CA THR D 6 -22.58 17.11 49.27
C THR D 6 -23.98 17.72 49.29
N ASN D 7 -24.07 18.98 48.87
CA ASN D 7 -25.33 19.72 48.81
C ASN D 7 -25.91 19.63 47.40
N LEU D 8 -27.13 19.14 47.29
CA LEU D 8 -27.69 18.94 45.96
C LEU D 8 -29.23 18.99 45.98
N PHE D 9 -29.82 19.81 45.12
CA PHE D 9 -31.27 20.05 45.10
C PHE D 9 -31.71 20.51 46.49
N GLY D 10 -30.87 21.32 47.14
CA GLY D 10 -31.12 21.88 48.48
C GLY D 10 -30.86 21.03 49.72
N HIS D 11 -30.67 19.72 49.52
CA HIS D 11 -30.46 18.78 50.61
C HIS D 11 -28.97 18.55 50.80
N THR D 12 -28.60 18.10 52.00
CA THR D 12 -27.23 17.78 52.31
C THR D 12 -27.15 16.26 52.44
N TYR D 13 -26.53 15.61 51.44
CA TYR D 13 -26.39 14.16 51.41
C TYR D 13 -25.11 13.72 52.09
N GLN D 14 -25.27 12.95 53.18
CA GLN D 14 -24.17 12.42 53.95
C GLN D 14 -24.09 10.94 53.59
N PHE D 15 -22.88 10.40 53.46
CA PHE D 15 -22.72 9.00 53.13
C PHE D 15 -21.93 8.37 54.28
N LYS D 16 -22.31 7.14 54.60
CA LYS D 16 -21.73 6.40 55.74
C LYS D 16 -20.24 6.12 55.64
N SER D 17 -19.74 5.87 54.42
CA SER D 17 -18.35 5.50 54.21
C SER D 17 -18.03 5.48 52.74
N ILE D 18 -16.78 5.12 52.42
CA ILE D 18 -16.35 4.94 51.03
C ILE D 18 -17.12 3.76 50.42
N THR D 19 -17.35 2.73 51.21
CA THR D 19 -18.12 1.60 50.76
C THR D 19 -19.53 2.02 50.36
N ASP D 20 -20.13 2.91 51.14
CA ASP D 20 -21.49 3.42 50.90
C ASP D 20 -21.56 4.36 49.69
N VAL D 21 -20.52 5.14 49.47
CA VAL D 21 -20.48 6.03 48.31
C VAL D 21 -20.38 5.19 47.06
N LEU D 22 -19.45 4.23 47.07
CA LEU D 22 -19.29 3.33 45.93
C LEU D 22 -20.62 2.65 45.59
N ALA D 23 -21.33 2.16 46.58
CA ALA D 23 -22.57 1.44 46.32
C ALA D 23 -23.72 2.30 45.81
N LYS D 24 -23.90 3.47 46.39
CA LYS D 24 -25.03 4.30 45.97
C LYS D 24 -24.75 4.99 44.63
N ALA D 25 -23.47 5.10 44.26
CA ALA D 25 -23.05 5.67 42.98
C ALA D 25 -23.33 4.77 41.78
N ASN D 26 -23.61 3.49 41.99
CA ASN D 26 -23.93 2.60 40.88
C ASN D 26 -25.25 2.99 40.24
N GLU D 27 -25.44 2.57 39.00
CA GLU D 27 -26.71 2.68 38.31
C GLU D 27 -27.60 1.63 38.95
N GLU D 28 -28.87 1.60 38.62
CA GLU D 28 -29.77 0.63 39.21
C GLU D 28 -29.28 -0.78 39.01
N LYS D 29 -29.18 -1.56 40.09
CA LYS D 29 -28.76 -2.96 39.98
C LYS D 29 -29.58 -3.82 40.92
N SER D 30 -30.31 -4.79 40.36
CA SER D 30 -31.17 -5.70 41.13
C SER D 30 -30.44 -6.30 42.32
N GLY D 31 -29.23 -6.79 42.11
CA GLY D 31 -28.44 -7.39 43.18
C GLY D 31 -28.23 -6.46 44.36
N ASP D 32 -27.68 -5.27 44.08
CA ASP D 32 -27.43 -4.23 45.08
C ASP D 32 -28.70 -3.76 45.79
N ARG D 33 -29.78 -3.62 45.02
CA ARG D 33 -31.08 -3.21 45.53
C ARG D 33 -31.56 -4.19 46.58
N LEU D 34 -31.68 -5.47 46.19
CA LEU D 34 -32.15 -6.52 47.11
C LEU D 34 -31.28 -6.62 48.37
N ALA D 35 -29.97 -6.41 48.25
CA ALA D 35 -29.07 -6.44 49.40
C ALA D 35 -29.14 -5.16 50.24
N GLY D 36 -29.89 -4.16 49.79
CA GLY D 36 -30.11 -2.94 50.58
C GLY D 36 -29.09 -1.82 50.50
N VAL D 37 -28.11 -1.95 49.61
CA VAL D 37 -27.02 -0.95 49.51
C VAL D 37 -27.19 0.08 48.41
N ALA D 38 -28.29 0.00 47.67
CA ALA D 38 -28.49 0.92 46.57
C ALA D 38 -29.04 2.27 47.01
N ALA D 39 -28.91 3.22 46.10
CA ALA D 39 -29.39 4.58 46.30
C ALA D 39 -30.89 4.56 46.50
N GLU D 40 -31.38 5.46 47.34
CA GLU D 40 -32.80 5.51 47.65
C GLU D 40 -33.59 6.30 46.63
N SER D 41 -32.87 7.13 45.87
CA SER D 41 -33.49 7.96 44.85
C SER D 41 -32.48 8.33 43.79
N ALA D 42 -32.98 8.68 42.61
CA ALA D 42 -32.12 9.13 41.54
C ALA D 42 -31.25 10.32 42.01
N GLU D 43 -31.79 11.11 42.93
CA GLU D 43 -31.09 12.26 43.49
C GLU D 43 -29.90 11.82 44.33
N GLU D 44 -30.11 10.79 45.16
CA GLU D 44 -29.04 10.28 46.01
C GLU D 44 -27.95 9.59 45.17
N ARG D 45 -28.35 8.97 44.07
CA ARG D 45 -27.42 8.33 43.15
C ARG D 45 -26.49 9.38 42.60
N VAL D 46 -27.07 10.48 42.13
CA VAL D 46 -26.29 11.59 41.58
C VAL D 46 -25.38 12.21 42.65
N ALA D 47 -25.86 12.28 43.89
CA ALA D 47 -25.07 12.83 44.99
C ALA D 47 -23.84 11.97 45.28
N ALA D 48 -24.05 10.66 45.22
CA ALA D 48 -22.99 9.68 45.43
C ALA D 48 -21.93 9.87 44.40
N LYS D 49 -22.35 9.97 43.13
CA LYS D 49 -21.43 10.21 42.03
C LYS D 49 -20.66 11.51 42.22
N VAL D 50 -21.34 12.56 42.65
CA VAL D 50 -20.65 13.81 42.90
C VAL D 50 -19.60 13.61 44.01
N VAL D 51 -19.98 12.96 45.11
CA VAL D 51 -19.05 12.71 46.21
C VAL D 51 -17.86 11.89 45.74
N LEU D 52 -18.18 10.80 45.05
CA LEU D 52 -17.18 9.89 44.51
C LEU D 52 -16.21 10.57 43.57
N SER D 53 -16.74 11.46 42.72
CA SER D 53 -15.95 12.17 41.72
C SER D 53 -14.88 13.12 42.28
N LYS D 54 -15.08 13.60 43.49
CA LYS D 54 -14.16 14.54 44.15
C LYS D 54 -13.18 13.83 45.06
N MSE D 55 -13.35 12.53 45.19
CA MSE D 55 -12.53 11.70 46.04
C MSE D 55 -11.21 11.43 45.36
O MSE D 55 -11.17 11.24 44.16
CB MSE D 55 -13.30 10.40 46.28
CG MSE D 55 -12.80 9.55 47.40
SE MSE D 55 -14.13 8.24 47.85
CE MSE D 55 -15.59 9.31 48.34
N THR D 56 -10.12 11.40 46.11
CA THR D 56 -8.83 11.14 45.52
C THR D 56 -8.57 9.65 45.40
N LEU D 57 -7.68 9.31 44.48
CA LEU D 57 -7.27 7.92 44.29
C LEU D 57 -6.49 7.41 45.50
N GLY D 58 -5.71 8.28 46.15
CA GLY D 58 -4.97 7.89 47.34
C GLY D 58 -5.87 7.44 48.47
N ASP D 59 -6.99 8.14 48.65
CA ASP D 59 -7.98 7.83 49.68
C ASP D 59 -8.63 6.49 49.40
N LEU D 60 -8.85 6.16 48.13
CA LEU D 60 -9.44 4.88 47.74
C LEU D 60 -8.41 3.76 47.79
N ARG D 61 -7.17 4.08 47.45
CA ARG D 61 -6.10 3.10 47.46
C ARG D 61 -5.88 2.64 48.88
N ASN D 62 -5.89 3.59 49.82
CA ASN D 62 -5.67 3.26 51.23
C ASN D 62 -6.88 2.74 51.93
N ASN D 63 -8.06 2.81 51.31
CA ASN D 63 -9.26 2.36 51.97
C ASN D 63 -10.00 1.24 51.26
N PRO D 64 -9.32 0.10 51.04
CA PRO D 64 -9.98 -1.01 50.35
C PRO D 64 -11.23 -1.46 51.09
N VAL D 65 -12.30 -1.75 50.35
CA VAL D 65 -13.58 -2.09 51.00
C VAL D 65 -13.55 -3.32 51.89
N VAL D 66 -12.45 -4.08 51.87
CA VAL D 66 -12.24 -5.14 52.81
C VAL D 66 -10.82 -4.89 53.27
N PRO D 67 -10.59 -4.78 54.61
CA PRO D 67 -9.23 -4.42 55.04
C PRO D 67 -8.15 -5.45 54.74
N TYR D 68 -6.98 -4.92 54.42
CA TYR D 68 -5.78 -5.64 54.07
C TYR D 68 -5.47 -6.74 55.05
N GLU D 69 -5.59 -6.43 56.35
CA GLU D 69 -5.26 -7.35 57.44
C GLU D 69 -6.13 -8.59 57.51
N THR D 70 -7.36 -8.48 57.01
CA THR D 70 -8.31 -9.57 57.12
C THR D 70 -8.72 -10.24 55.81
N ASP D 71 -8.18 -9.82 54.68
CA ASP D 71 -8.63 -10.40 53.40
C ASP D 71 -7.52 -10.60 52.40
N GLU D 72 -7.31 -11.84 51.98
CA GLU D 72 -6.24 -12.18 51.05
C GLU D 72 -6.40 -11.49 49.70
N VAL D 73 -7.63 -11.36 49.21
CA VAL D 73 -7.88 -10.72 47.91
C VAL D 73 -7.44 -9.26 48.00
N THR D 74 -7.78 -8.56 49.08
CA THR D 74 -7.27 -7.19 49.21
C THR D 74 -5.77 -7.14 49.19
N ARG D 75 -5.13 -8.08 49.87
CA ARG D 75 -3.68 -8.10 49.93
C ARG D 75 -3.05 -8.35 48.57
N ILE D 76 -3.58 -9.33 47.84
CA ILE D 76 -3.10 -9.66 46.50
C ILE D 76 -3.24 -8.47 45.54
N ILE D 77 -4.35 -7.75 45.66
CA ILE D 77 -4.58 -6.57 44.87
C ILE D 77 -3.61 -5.46 45.24
N GLN D 78 -3.54 -5.15 46.52
CA GLN D 78 -2.72 -4.03 46.99
C GLN D 78 -1.23 -4.27 46.80
N ASP D 79 -0.80 -5.52 46.95
CA ASP D 79 0.60 -5.86 46.79
C ASP D 79 1.06 -5.77 45.34
N GLN D 80 0.13 -5.70 44.38
CA GLN D 80 0.48 -5.51 42.96
C GLN D 80 0.75 -4.03 42.65
N VAL D 81 0.31 -3.16 43.52
CA VAL D 81 0.50 -1.71 43.32
C VAL D 81 1.97 -1.34 43.38
N ASN D 82 2.38 -0.46 42.45
CA ASN D 82 3.68 0.14 42.51
C ASN D 82 3.46 1.44 43.27
N ASP D 83 4.02 1.52 44.46
CA ASP D 83 3.81 2.66 45.36
C ASP D 83 4.33 4.00 44.83
N ARG D 84 5.39 3.96 44.02
CA ARG D 84 5.97 5.16 43.44
C ARG D 84 5.04 5.75 42.40
N ILE D 85 4.50 4.88 41.56
CA ILE D 85 3.58 5.34 40.51
C ILE D 85 2.30 5.82 41.17
N HIS D 86 1.87 5.14 42.21
CA HIS D 86 0.70 5.59 42.92
C HIS D 86 0.90 6.98 43.55
N ASP D 87 2.06 7.19 44.15
CA ASP D 87 2.35 8.45 44.83
C ASP D 87 2.18 9.66 43.93
N SER D 88 2.48 9.51 42.63
CA SER D 88 2.37 10.64 41.70
C SER D 88 0.93 10.98 41.30
N ILE D 89 0.05 10.00 41.39
CA ILE D 89 -1.36 10.19 41.06
C ILE D 89 -2.29 10.13 42.28
N LYS D 90 -1.76 9.89 43.48
CA LYS D 90 -2.58 9.77 44.69
C LYS D 90 -3.56 10.93 44.94
N ASN D 91 -3.20 12.14 44.49
CA ASN D 91 -4.02 13.33 44.68
C ASN D 91 -4.98 13.62 43.54
N TRP D 92 -4.97 12.77 42.50
CA TRP D 92 -5.89 12.89 41.37
C TRP D 92 -7.24 12.58 41.89
N THR D 93 -8.24 13.18 41.31
CA THR D 93 -9.57 12.92 41.75
C THR D 93 -10.11 11.80 40.82
N VAL D 94 -11.20 11.13 41.18
CA VAL D 94 -11.75 10.05 40.33
C VAL D 94 -12.21 10.68 39.00
N GLU D 95 -12.74 11.90 39.04
CA GLU D 95 -13.18 12.57 37.82
C GLU D 95 -12.00 12.91 36.90
N GLU D 96 -10.88 13.28 37.50
CA GLU D 96 -9.68 13.61 36.72
C GLU D 96 -9.07 12.36 36.11
N LEU D 97 -9.16 11.23 36.81
CA LEU D 97 -8.70 9.94 36.27
C LEU D 97 -9.58 9.58 35.05
N ARG D 98 -10.89 9.75 35.16
CA ARG D 98 -11.82 9.44 34.05
C ARG D 98 -11.55 10.24 32.74
N GLU D 99 -11.26 11.54 32.89
CA GLU D 99 -10.99 12.42 31.77
C GLU D 99 -9.63 12.10 31.16
N TRP D 100 -8.66 11.79 31.99
CA TRP D 100 -7.33 11.50 31.53
C TRP D 100 -7.33 10.17 30.75
N ILE D 101 -8.07 9.18 31.23
CA ILE D 101 -8.13 7.90 30.53
C ILE D 101 -8.76 8.07 29.16
N LEU D 102 -9.83 8.88 29.08
CA LEU D 102 -10.57 9.07 27.84
C LEU D 102 -10.00 10.10 26.85
N ASP D 103 -8.97 10.85 27.21
CA ASP D 103 -8.37 11.85 26.33
C ASP D 103 -7.60 11.20 25.16
N HIS D 104 -7.60 11.86 24.00
CA HIS D 104 -6.84 11.47 22.80
C HIS D 104 -5.37 11.25 23.05
N LYS D 105 -4.74 12.23 23.70
CA LYS D 105 -3.29 12.22 23.99
C LYS D 105 -2.86 11.12 24.98
N THR D 106 -3.83 10.40 25.53
CA THR D 106 -3.57 9.32 26.48
C THR D 106 -3.58 7.97 25.73
N THR D 107 -2.39 7.39 25.66
CA THR D 107 -2.17 6.17 24.96
C THR D 107 -2.40 4.98 25.85
N ASP D 108 -2.52 3.82 25.22
CA ASP D 108 -2.65 2.57 25.92
C ASP D 108 -1.42 2.37 26.83
N ALA D 109 -0.24 2.73 26.36
CA ALA D 109 0.96 2.59 27.19
C ALA D 109 0.89 3.47 28.45
N ASP D 110 0.31 4.68 28.34
CA ASP D 110 0.11 5.58 29.48
C ASP D 110 -0.79 4.94 30.52
N ILE D 111 -1.92 4.42 30.05
CA ILE D 111 -2.91 3.74 30.89
C ILE D 111 -2.34 2.53 31.60
N LYS D 112 -1.47 1.78 30.93
CA LYS D 112 -0.84 0.62 31.55
C LYS D 112 0.13 1.03 32.67
N ARG D 113 0.71 2.23 32.54
CA ARG D 113 1.56 2.78 33.58
C ARG D 113 0.73 3.19 34.78
N VAL D 114 -0.31 3.98 34.54
CA VAL D 114 -1.20 4.40 35.62
C VAL D 114 -1.86 3.20 36.30
N ALA D 115 -2.23 2.16 35.55
CA ALA D 115 -2.89 0.98 36.18
C ALA D 115 -2.12 0.39 37.33
N ARG D 116 -0.80 0.61 37.34
CA ARG D 116 0.10 0.16 38.40
C ARG D 116 -0.06 0.93 39.71
N GLY D 117 -0.59 2.15 39.63
CA GLY D 117 -0.91 2.95 40.80
C GLY D 117 -2.37 2.83 41.18
N LEU D 118 -3.13 2.02 40.44
CA LEU D 118 -4.55 1.83 40.67
C LEU D 118 -4.75 0.55 41.43
N THR D 119 -5.96 0.41 41.95
CA THR D 119 -6.40 -0.73 42.68
C THR D 119 -7.82 -0.99 42.22
N SER D 120 -8.40 -2.08 42.67
CA SER D 120 -9.75 -2.45 42.26
C SER D 120 -10.83 -1.47 42.67
N GLU D 121 -10.69 -0.87 43.83
CA GLU D 121 -11.65 0.12 44.32
C GLU D 121 -11.66 1.35 43.43
N ILE D 122 -10.48 1.79 42.99
CA ILE D 122 -10.35 2.95 42.11
C ILE D 122 -10.89 2.61 40.73
N ILE D 123 -10.54 1.43 40.24
CA ILE D 123 -11.03 0.98 38.94
C ILE D 123 -12.57 0.99 38.94
N ALA D 124 -13.15 0.48 40.01
CA ALA D 124 -14.59 0.49 40.18
C ALA D 124 -15.10 1.92 40.24
N ALA D 125 -14.42 2.72 41.02
CA ALA D 125 -14.80 4.11 41.20
C ALA D 125 -15.01 4.79 39.87
N VAL D 126 -13.99 4.80 39.03
CA VAL D 126 -14.02 5.53 37.75
C VAL D 126 -15.17 5.03 36.84
N THR D 127 -15.28 3.72 36.71
CA THR D 127 -16.34 3.06 35.93
C THR D 127 -17.76 3.52 36.27
N LYS D 128 -18.00 3.77 37.57
CA LYS D 128 -19.30 4.25 38.06
C LYS D 128 -19.63 5.64 37.54
N LEU D 129 -18.59 6.41 37.25
CA LEU D 129 -18.75 7.75 36.72
C LEU D 129 -18.69 7.85 35.19
N MSE D 130 -18.63 6.71 34.49
CA MSE D 130 -18.54 6.68 33.02
C MSE D 130 -19.84 6.30 32.40
O MSE D 130 -20.60 5.55 33.00
CB MSE D 130 -17.51 5.68 32.55
CG MSE D 130 -16.17 6.10 32.92
SE MSE D 130 -14.71 4.86 32.80
CE MSE D 130 -14.72 4.74 30.89
N SER D 131 -20.09 6.84 31.20
CA SER D 131 -21.27 6.54 30.42
C SER D 131 -21.04 5.27 29.58
N ASN D 132 -22.08 4.67 28.99
CA ASN D 132 -21.88 3.45 28.21
C ASN D 132 -20.90 3.67 27.06
N LEU D 133 -20.93 4.87 26.46
CA LEU D 133 -20.05 5.19 25.36
C LEU D 133 -18.64 5.32 25.86
N ASP D 134 -18.47 5.91 27.04
CA ASP D 134 -17.16 6.00 27.69
C ASP D 134 -16.55 4.63 27.90
N LEU D 135 -17.38 3.72 28.40
CA LEU D 135 -16.98 2.34 28.67
C LEU D 135 -16.62 1.53 27.45
N ILE D 136 -17.24 1.88 26.33
CA ILE D 136 -16.98 1.21 25.04
C ILE D 136 -15.73 1.76 24.42
N TYR D 137 -15.67 3.09 24.34
CA TYR D 137 -14.52 3.79 23.78
C TYR D 137 -13.28 3.62 24.67
N GLY D 138 -13.47 3.75 25.99
CA GLY D 138 -12.37 3.56 26.92
C GLY D 138 -11.77 2.16 26.82
N ALA D 139 -12.63 1.15 26.76
CA ALA D 139 -12.16 -0.23 26.64
C ALA D 139 -11.47 -0.50 25.32
N LYS D 140 -12.01 0.03 24.21
CA LYS D 140 -11.39 -0.12 22.88
C LYS D 140 -9.94 0.39 22.86
N LYS D 141 -9.68 1.54 23.49
CA LYS D 141 -8.31 2.07 23.62
C LYS D 141 -7.27 1.11 24.16
N ILE D 142 -7.72 0.15 24.97
CA ILE D 142 -6.86 -0.74 25.74
C ILE D 142 -6.74 -2.14 25.18
N ARG D 143 -5.52 -2.53 24.81
CA ARG D 143 -5.27 -3.84 24.23
C ARG D 143 -4.64 -4.76 25.24
N VAL D 144 -5.18 -5.97 25.32
CA VAL D 144 -4.67 -6.96 26.23
C VAL D 144 -4.55 -8.25 25.47
N ILE D 145 -3.36 -8.85 25.54
CA ILE D 145 -3.06 -10.09 24.88
C ILE D 145 -2.47 -11.04 25.91
N ALA D 146 -2.61 -12.32 25.59
CA ALA D 146 -2.18 -13.39 26.44
C ALA D 146 -1.94 -14.60 25.56
N HIS D 147 -0.99 -15.45 25.94
CA HIS D 147 -0.64 -16.60 25.10
C HIS D 147 -0.62 -17.92 25.85
N ALA D 148 -1.47 -18.84 25.45
CA ALA D 148 -1.48 -20.19 26.03
C ALA D 148 -0.75 -20.98 24.96
N ASN D 149 -1.47 -21.59 24.02
CA ASN D 149 -0.84 -22.18 22.85
C ASN D 149 -0.78 -21.14 21.73
N THR D 150 -1.82 -20.30 21.63
CA THR D 150 -1.90 -19.23 20.64
C THR D 150 -2.14 -17.93 21.40
N THR D 151 -2.10 -16.80 20.70
CA THR D 151 -2.25 -15.45 21.31
C THR D 151 -3.65 -14.88 21.16
N ILE D 152 -4.39 -14.79 22.27
CA ILE D 152 -5.73 -14.20 22.27
C ILE D 152 -5.58 -12.67 22.48
N GLY D 153 -6.48 -11.86 21.92
CA GLY D 153 -6.49 -10.40 22.14
C GLY D 153 -5.92 -9.46 21.09
N LEU D 154 -5.38 -10.01 20.01
CA LEU D 154 -4.78 -9.13 19.00
C LEU D 154 -5.81 -8.37 18.18
N PRO D 155 -5.45 -7.14 17.75
CA PRO D 155 -6.36 -6.33 16.92
C PRO D 155 -6.78 -7.07 15.68
N GLY D 156 -8.01 -6.86 15.25
CA GLY D 156 -8.55 -7.54 14.10
C GLY D 156 -9.06 -8.95 14.36
N THR D 157 -8.96 -9.44 15.59
CA THR D 157 -9.46 -10.78 15.88
C THR D 157 -10.56 -10.74 16.88
N PHE D 158 -11.30 -11.84 16.89
CA PHE D 158 -12.39 -12.02 17.80
C PHE D 158 -12.46 -13.53 17.96
N SER D 159 -12.42 -14.01 19.20
CA SER D 159 -12.32 -15.43 19.52
C SER D 159 -13.55 -16.01 20.17
N ALA D 160 -13.71 -17.34 20.08
CA ALA D 160 -14.88 -17.97 20.69
C ALA D 160 -14.56 -19.31 21.34
N ARG D 161 -15.19 -19.57 22.50
CA ARG D 161 -15.01 -20.83 23.23
C ARG D 161 -15.92 -21.87 22.64
N LEU D 162 -15.44 -23.11 22.59
CA LEU D 162 -16.22 -24.23 22.12
C LEU D 162 -16.54 -25.13 23.32
N GLN D 163 -17.74 -24.98 23.88
CA GLN D 163 -18.20 -25.70 25.06
C GLN D 163 -19.61 -26.23 24.90
N PRO D 164 -19.78 -27.38 24.22
CA PRO D 164 -21.09 -28.05 24.17
C PRO D 164 -21.26 -28.91 25.44
N ASN D 165 -22.32 -28.90 26.25
CA ASN D 165 -23.68 -28.25 26.17
C ASN D 165 -24.83 -29.33 26.07
N HIS D 166 -24.43 -30.61 26.00
CA HIS D 166 -25.38 -31.72 25.95
C HIS D 166 -25.78 -32.13 27.38
N PRO D 167 -27.10 -32.28 27.64
CA PRO D 167 -27.67 -32.66 28.96
C PRO D 167 -27.03 -33.85 29.69
N THR D 168 -26.82 -34.95 29.00
CA THR D 168 -26.22 -36.13 29.59
C THR D 168 -24.74 -36.26 29.21
N ASP D 169 -24.15 -35.20 28.67
CA ASP D 169 -22.75 -35.20 28.18
C ASP D 169 -22.53 -36.46 27.33
N ASP D 170 -23.43 -36.68 26.38
CA ASP D 170 -23.34 -37.81 25.46
C ASP D 170 -22.16 -37.62 24.51
N PRO D 171 -21.16 -38.54 24.54
CA PRO D 171 -19.97 -38.39 23.66
C PRO D 171 -20.24 -38.10 22.17
N ASP D 172 -21.35 -38.59 21.63
CA ASP D 172 -21.72 -38.36 20.23
C ASP D 172 -22.28 -36.96 20.06
N GLY D 173 -23.16 -36.56 20.97
CA GLY D 173 -23.76 -35.23 20.93
C GLY D 173 -22.71 -34.14 21.03
N ILE D 174 -21.73 -34.38 21.91
CA ILE D 174 -20.61 -33.47 22.13
C ILE D 174 -19.75 -33.36 20.86
N LEU D 175 -19.30 -34.50 20.36
CA LEU D 175 -18.48 -34.51 19.16
C LEU D 175 -19.18 -33.82 17.98
N ALA D 176 -20.45 -34.13 17.79
CA ALA D 176 -21.25 -33.51 16.73
C ALA D 176 -21.16 -32.00 16.80
N SER D 177 -21.44 -31.47 17.99
CA SER D 177 -21.44 -30.03 18.22
C SER D 177 -20.02 -29.45 18.08
N LEU D 178 -19.01 -30.21 18.53
CA LEU D 178 -17.60 -29.82 18.36
C LEU D 178 -17.23 -29.66 16.90
N MSE D 179 -17.51 -30.70 16.10
CA MSE D 179 -17.21 -30.70 14.67
C MSE D 179 -17.91 -29.57 13.95
O MSE D 179 -17.30 -28.90 13.11
CB MSE D 179 -17.59 -32.03 14.02
CG MSE D 179 -16.75 -33.19 14.46
SE MSE D 179 -17.25 -34.87 13.60
CE MSE D 179 -19.03 -35.14 14.32
N GLU D 180 -19.20 -29.36 14.26
CA GLU D 180 -19.95 -28.28 13.67
C GLU D 180 -19.34 -26.95 14.04
N GLY D 181 -19.07 -26.78 15.34
CA GLY D 181 -18.48 -25.55 15.87
C GLY D 181 -17.24 -25.10 15.15
N LEU D 182 -16.33 -26.03 14.89
CA LEU D 182 -15.07 -25.75 14.21
C LEU D 182 -15.27 -25.24 12.80
N THR D 183 -16.26 -25.77 12.10
CA THR D 183 -16.59 -25.35 10.72
C THR D 183 -17.09 -23.92 10.67
N TYR D 184 -17.62 -23.43 11.79
CA TYR D 184 -18.07 -22.03 11.90
C TYR D 184 -16.98 -21.15 12.46
N GLY D 185 -15.85 -21.74 12.79
CA GLY D 185 -14.68 -21.02 13.31
C GLY D 185 -14.68 -20.79 14.81
N ILE D 186 -15.44 -21.62 15.53
CA ILE D 186 -15.54 -21.54 16.97
C ILE D 186 -14.56 -22.51 17.64
N GLY D 187 -13.94 -22.07 18.72
CA GLY D 187 -12.97 -22.88 19.48
C GLY D 187 -11.56 -22.36 19.44
N ASP D 188 -11.35 -21.16 18.92
CA ASP D 188 -9.99 -20.63 18.84
C ASP D 188 -9.49 -20.13 20.17
N ALA D 189 -10.40 -19.80 21.08
CA ALA D 189 -10.04 -19.37 22.43
C ALA D 189 -9.74 -20.56 23.28
N VAL D 190 -10.64 -21.53 23.24
CA VAL D 190 -10.51 -22.74 24.02
C VAL D 190 -11.56 -23.77 23.56
N ILE D 191 -11.20 -25.03 23.67
CA ILE D 191 -12.10 -26.13 23.36
C ILE D 191 -12.26 -26.86 24.68
N GLY D 192 -13.47 -27.07 25.12
CA GLY D 192 -13.65 -27.70 26.41
C GLY D 192 -15.05 -28.09 26.78
N LEU D 193 -15.27 -28.27 28.08
CA LEU D 193 -16.53 -28.73 28.57
C LEU D 193 -16.69 -28.44 30.04
N ASN D 194 -17.92 -28.16 30.44
CA ASN D 194 -18.31 -28.01 31.84
C ASN D 194 -19.09 -29.27 32.08
N PRO D 195 -18.43 -30.30 32.63
CA PRO D 195 -19.10 -31.59 32.70
C PRO D 195 -20.12 -31.71 33.81
N VAL D 196 -20.98 -32.72 33.67
CA VAL D 196 -21.98 -33.03 34.67
C VAL D 196 -21.25 -33.89 35.73
N ASP D 197 -20.40 -34.82 35.27
CA ASP D 197 -19.56 -35.65 36.13
C ASP D 197 -18.21 -34.95 36.21
N ASP D 198 -18.03 -34.15 37.26
CA ASP D 198 -16.81 -33.35 37.49
C ASP D 198 -15.80 -34.01 38.46
N SER D 199 -15.89 -35.32 38.60
CA SER D 199 -15.00 -36.05 39.45
C SER D 199 -13.70 -36.19 38.71
N THR D 200 -12.65 -36.58 39.41
CA THR D 200 -11.35 -36.66 38.79
C THR D 200 -11.26 -37.75 37.72
N ASP D 201 -11.93 -38.88 37.89
CA ASP D 201 -11.87 -39.94 36.87
C ASP D 201 -12.52 -39.50 35.57
N SER D 202 -13.55 -38.65 35.67
CA SER D 202 -14.24 -38.13 34.50
C SER D 202 -13.41 -37.05 33.84
N VAL D 203 -12.84 -36.16 34.63
CA VAL D 203 -12.03 -35.09 34.10
C VAL D 203 -10.82 -35.67 33.38
N VAL D 204 -10.24 -36.73 33.92
CA VAL D 204 -9.13 -37.37 33.27
C VAL D 204 -9.57 -37.90 31.91
N ARG D 205 -10.71 -38.60 31.83
CA ARG D 205 -11.20 -39.16 30.56
C ARG D 205 -11.39 -38.07 29.52
N LEU D 206 -12.10 -37.03 29.93
CA LEU D 206 -12.37 -35.88 29.07
C LEU D 206 -11.11 -35.19 28.60
N LEU D 207 -10.19 -34.90 29.48
CA LEU D 207 -8.94 -34.24 29.07
C LEU D 207 -8.18 -35.03 28.04
N ASN D 208 -8.06 -36.33 28.28
CA ASN D 208 -7.41 -37.21 27.32
C ASN D 208 -8.13 -37.20 25.98
N LYS D 209 -9.45 -37.35 26.01
CA LYS D 209 -10.25 -37.39 24.79
C LYS D 209 -10.20 -36.06 24.02
N PHE D 210 -10.27 -34.93 24.73
CA PHE D 210 -10.23 -33.62 24.05
C PHE D 210 -8.90 -33.40 23.36
N GLU D 211 -7.81 -33.81 24.00
CA GLU D 211 -6.49 -33.67 23.40
C GLU D 211 -6.28 -34.65 22.23
N GLU D 212 -6.88 -35.83 22.33
CA GLU D 212 -6.78 -36.86 21.31
C GLU D 212 -7.39 -36.29 20.04
N PHE D 213 -8.54 -35.64 20.18
CA PHE D 213 -9.24 -35.03 19.07
C PHE D 213 -8.53 -33.79 18.58
N ARG D 214 -8.08 -32.95 19.49
CA ARG D 214 -7.38 -31.74 19.09
C ARG D 214 -6.15 -32.08 18.28
N SER D 215 -5.37 -33.03 18.75
CA SER D 215 -4.13 -33.38 18.08
C SER D 215 -4.39 -34.12 16.77
N LYS D 216 -5.47 -34.90 16.71
CA LYS D 216 -5.83 -35.62 15.49
C LYS D 216 -6.02 -34.65 14.34
N TRP D 217 -6.66 -33.53 14.62
CA TRP D 217 -6.94 -32.54 13.59
C TRP D 217 -5.94 -31.38 13.63
N ASP D 218 -4.94 -31.50 14.48
CA ASP D 218 -3.86 -30.53 14.56
C ASP D 218 -4.40 -29.10 14.70
N VAL D 219 -5.38 -28.94 15.59
CA VAL D 219 -6.11 -27.68 15.77
C VAL D 219 -5.28 -26.72 16.62
N PRO D 220 -5.01 -25.51 16.15
CA PRO D 220 -4.21 -24.60 16.97
C PRO D 220 -5.04 -23.91 18.05
N THR D 221 -5.12 -24.53 19.22
CA THR D 221 -5.94 -24.01 20.29
C THR D 221 -5.59 -24.65 21.63
N GLN D 222 -6.42 -24.47 22.65
CA GLN D 222 -6.13 -24.93 24.00
C GLN D 222 -7.30 -25.69 24.53
N THR D 223 -7.06 -26.67 25.37
CA THR D 223 -8.19 -27.41 25.98
C THR D 223 -8.29 -27.10 27.45
N CYS D 224 -9.49 -27.33 27.96
CA CYS D 224 -9.77 -27.08 29.35
C CYS D 224 -11.07 -27.70 29.76
N VAL D 225 -11.10 -28.38 30.92
CA VAL D 225 -12.34 -28.98 31.45
C VAL D 225 -12.71 -28.17 32.70
N LEU D 226 -13.87 -27.54 32.68
CA LEU D 226 -14.28 -26.59 33.72
C LEU D 226 -14.85 -27.23 34.98
N ALA D 227 -13.94 -27.88 35.73
CA ALA D 227 -14.25 -28.51 36.99
C ALA D 227 -13.61 -27.67 38.09
N HIS D 228 -13.59 -28.15 39.32
CA HIS D 228 -12.95 -27.42 40.39
C HIS D 228 -11.45 -27.49 40.14
N VAL D 229 -10.75 -26.42 40.47
CA VAL D 229 -9.30 -26.37 40.27
C VAL D 229 -8.53 -27.56 40.89
N LYS D 230 -8.90 -27.97 42.08
CA LYS D 230 -8.23 -29.06 42.76
C LYS D 230 -8.44 -30.40 42.00
N THR D 231 -9.57 -30.53 41.31
CA THR D 231 -9.86 -31.72 40.48
C THR D 231 -9.01 -31.76 39.23
N GLN D 232 -8.86 -30.62 38.57
CA GLN D 232 -8.02 -30.52 37.39
C GLN D 232 -6.58 -30.87 37.80
N MSE D 233 -6.07 -30.23 38.87
CA MSE D 233 -4.72 -30.54 39.40
C MSE D 233 -4.56 -32.05 39.68
O MSE D 233 -3.55 -32.61 39.28
CB MSE D 233 -4.44 -29.77 40.66
CG MSE D 233 -4.41 -28.25 40.49
SE MSE D 233 -4.30 -27.38 42.29
CE MSE D 233 -2.48 -27.56 42.47
N GLU D 234 -5.51 -32.72 40.35
CA GLU D 234 -5.46 -34.19 40.55
C GLU D 234 -5.34 -34.91 39.23
N ALA D 235 -6.18 -34.54 38.26
CA ALA D 235 -6.16 -35.13 36.94
C ALA D 235 -4.83 -34.90 36.25
N MSE D 236 -4.30 -33.68 36.37
CA MSE D 236 -3.01 -33.35 35.76
C MSE D 236 -1.89 -34.13 36.38
O MSE D 236 -0.97 -34.53 35.66
CB MSE D 236 -2.72 -31.87 35.92
CG MSE D 236 -3.71 -30.99 35.17
SE MSE D 236 -3.56 -29.11 35.87
CE MSE D 236 -2.01 -28.93 35.19
N ARG D 237 -1.97 -34.35 37.69
CA ARG D 237 -0.97 -35.17 38.38
C ARG D 237 -1.07 -36.64 37.98
N ARG D 238 -2.22 -37.09 37.50
CA ARG D 238 -2.34 -38.43 36.94
C ARG D 238 -1.88 -38.52 35.48
N GLY D 239 -1.38 -37.43 34.91
CA GLY D 239 -0.85 -37.45 33.55
C GLY D 239 -1.80 -36.92 32.50
N ALA D 240 -2.97 -36.44 32.91
CA ALA D 240 -3.93 -35.89 31.98
C ALA D 240 -3.51 -34.50 31.50
N PRO D 241 -3.49 -34.27 30.18
CA PRO D 241 -3.09 -32.96 29.67
C PRO D 241 -4.22 -31.95 29.69
N THR D 242 -3.90 -30.70 30.02
CA THR D 242 -4.86 -29.60 30.03
C THR D 242 -4.13 -28.38 29.51
N GLY D 243 -4.82 -27.56 28.73
CA GLY D 243 -4.21 -26.37 28.17
C GLY D 243 -4.29 -25.24 29.18
N LEU D 244 -5.48 -25.08 29.76
CA LEU D 244 -5.70 -24.06 30.79
C LEU D 244 -6.27 -24.75 31.98
N VAL D 245 -6.17 -24.08 33.12
CA VAL D 245 -6.73 -24.59 34.36
C VAL D 245 -7.74 -23.57 34.71
N PHE D 246 -8.94 -24.04 35.02
CA PHE D 246 -10.09 -23.19 35.27
C PHE D 246 -10.55 -23.09 36.73
N GLN D 247 -11.13 -21.95 37.08
CA GLN D 247 -11.72 -21.82 38.39
C GLN D 247 -12.61 -20.56 38.53
N SER D 248 -13.80 -20.72 39.11
CA SER D 248 -14.64 -19.59 39.45
C SER D 248 -13.99 -18.86 40.63
N ILE D 249 -13.93 -17.53 40.57
CA ILE D 249 -13.30 -16.74 41.63
C ILE D 249 -14.22 -15.64 42.20
N ALA D 250 -13.82 -15.10 43.36
CA ALA D 250 -14.56 -14.06 44.05
C ALA D 250 -13.66 -12.86 44.43
N GLY D 251 -14.30 -11.78 44.85
CA GLY D 251 -13.59 -10.54 45.24
C GLY D 251 -13.22 -10.49 46.71
N SER D 252 -13.39 -11.62 47.41
CA SER D 252 -13.04 -11.69 48.82
C SER D 252 -12.57 -13.08 49.15
N GLU D 253 -11.78 -13.16 50.22
CA GLU D 253 -11.29 -14.42 50.75
C GLU D 253 -12.44 -15.27 51.24
N LYS D 254 -13.44 -14.66 51.88
CA LYS D 254 -14.60 -15.41 52.33
C LYS D 254 -15.24 -16.12 51.13
N GLY D 255 -15.42 -15.41 50.02
CA GLY D 255 -15.98 -15.99 48.79
C GLY D 255 -15.14 -17.10 48.19
N ASN D 256 -13.84 -16.87 48.11
CA ASN D 256 -12.89 -17.86 47.60
C ASN D 256 -12.87 -19.13 48.47
N THR D 257 -12.89 -18.92 49.78
CA THR D 257 -12.95 -20.04 50.72
C THR D 257 -14.24 -20.78 50.50
N ALA D 258 -15.35 -20.07 50.31
CA ALA D 258 -16.64 -20.71 50.00
C ALA D 258 -16.57 -21.58 48.73
N PHE D 259 -15.71 -21.19 47.78
CA PHE D 259 -15.48 -21.96 46.55
C PHE D 259 -14.49 -23.10 46.72
N GLY D 260 -13.81 -23.18 47.86
CA GLY D 260 -12.89 -24.28 48.12
C GLY D 260 -11.44 -24.08 47.78
N PHE D 261 -10.95 -22.84 47.83
CA PHE D 261 -9.56 -22.56 47.49
C PHE D 261 -9.09 -21.24 48.07
N ASP D 262 -7.80 -20.99 47.90
CA ASP D 262 -7.18 -19.73 48.28
C ASP D 262 -6.09 -19.41 47.25
N GLY D 263 -5.46 -18.26 47.41
CA GLY D 263 -4.42 -17.81 46.53
C GLY D 263 -3.28 -18.79 46.33
N ALA D 264 -2.88 -19.50 47.39
CA ALA D 264 -1.81 -20.49 47.31
C ALA D 264 -2.23 -21.65 46.45
N THR D 265 -3.51 -22.00 46.48
CA THR D 265 -4.04 -23.06 45.63
C THR D 265 -3.97 -22.65 44.17
N ILE D 266 -4.35 -21.40 43.87
CA ILE D 266 -4.32 -20.96 42.45
C ILE D 266 -2.87 -20.84 41.97
N GLU D 267 -1.99 -20.43 42.86
CA GLU D 267 -0.61 -20.32 42.47
C GLU D 267 -0.01 -21.72 42.27
N GLU D 268 -0.39 -22.68 43.10
CA GLU D 268 0.10 -24.04 42.94
C GLU D 268 -0.39 -24.57 41.60
N ALA D 269 -1.68 -24.38 41.35
CA ALA D 269 -2.34 -24.76 40.09
C ALA D 269 -1.64 -24.23 38.84
N ARG D 270 -1.25 -22.96 38.91
CA ARG D 270 -0.54 -22.29 37.84
C ARG D 270 0.84 -22.85 37.58
N GLN D 271 1.61 -23.11 38.63
N GLN D 271 1.61 -23.12 38.63
CA GLN D 271 2.96 -23.67 38.48
CA GLN D 271 2.95 -23.66 38.46
C GLN D 271 2.85 -25.09 37.92
C GLN D 271 2.88 -25.12 37.96
N LEU D 272 1.87 -25.85 38.38
CA LEU D 272 1.69 -27.21 37.92
C LEU D 272 1.49 -27.20 36.40
N ALA D 273 0.55 -26.37 35.92
CA ALA D 273 0.27 -26.19 34.49
C ALA D 273 1.50 -25.76 33.70
N LEU D 274 2.37 -24.90 34.27
CA LEU D 274 3.63 -24.56 33.60
C LEU D 274 4.63 -25.76 33.57
N GLN D 275 4.49 -26.69 34.50
CA GLN D 275 5.39 -27.83 34.58
C GLN D 275 4.94 -28.98 33.73
N SER D 276 3.65 -29.29 33.75
CA SER D 276 3.19 -30.40 32.94
C SER D 276 1.84 -30.14 32.29
N GLY D 277 1.49 -28.89 32.05
CA GLY D 277 0.26 -28.59 31.32
C GLY D 277 0.60 -28.77 29.85
N ALA D 278 -0.41 -28.69 28.98
CA ALA D 278 -0.21 -28.90 27.53
C ALA D 278 0.05 -27.60 26.78
N ALA D 279 -0.28 -26.45 27.36
CA ALA D 279 -0.08 -25.17 26.69
C ALA D 279 1.32 -24.62 26.94
N THR D 280 1.92 -24.05 25.90
CA THR D 280 3.23 -23.41 25.98
C THR D 280 3.27 -22.43 27.14
N GLY D 281 2.26 -21.56 27.22
CA GLY D 281 2.19 -20.55 28.28
C GLY D 281 2.77 -19.21 27.87
N PRO D 282 3.01 -18.30 28.84
CA PRO D 282 2.85 -18.36 30.28
C PRO D 282 1.45 -18.20 30.83
N ASN D 283 0.49 -17.87 29.96
CA ASN D 283 -0.88 -17.64 30.39
C ASN D 283 -1.65 -18.94 30.32
N VAL D 284 -1.92 -19.49 31.50
CA VAL D 284 -2.54 -20.79 31.60
C VAL D 284 -3.77 -20.81 32.47
N MSE D 285 -4.13 -19.71 33.08
CA MSE D 285 -5.28 -19.70 33.95
C MSE D 285 -6.52 -19.23 33.22
O MSE D 285 -6.42 -18.42 32.30
CB MSE D 285 -5.04 -18.80 35.20
CG MSE D 285 -3.82 -19.19 36.05
SE MSE D 285 -3.93 -21.17 36.50
CE MSE D 285 -5.29 -21.07 37.39
N TYR D 286 -7.66 -19.75 33.62
CA TYR D 286 -8.94 -19.38 33.06
C TYR D 286 -9.91 -19.19 34.19
N PHE D 287 -10.25 -17.94 34.51
CA PHE D 287 -11.17 -17.67 35.60
C PHE D 287 -12.57 -17.24 35.15
N GLU D 288 -13.53 -17.48 36.02
CA GLU D 288 -14.90 -17.06 35.80
C GLU D 288 -15.33 -16.15 36.95
N THR D 289 -16.00 -15.04 36.64
CA THR D 289 -16.42 -14.11 37.70
C THR D 289 -17.92 -13.92 37.63
N GLY D 290 -18.41 -12.76 38.07
CA GLY D 290 -19.84 -12.44 38.08
C GLY D 290 -20.39 -12.19 39.47
N PHE D 301 -20.41 -8.32 51.47
CA PHE D 301 -20.35 -7.88 52.87
C PHE D 301 -20.69 -6.39 53.03
N GLY D 302 -21.77 -5.93 52.41
CA GLY D 302 -22.13 -4.49 52.36
C GLY D 302 -21.51 -3.77 51.15
N VAL D 303 -20.68 -4.49 50.38
CA VAL D 303 -19.94 -3.99 49.23
C VAL D 303 -20.77 -4.19 47.97
N ASP D 304 -20.81 -3.19 47.08
CA ASP D 304 -21.60 -3.32 45.84
C ASP D 304 -21.00 -4.32 44.88
N GLN D 305 -21.85 -4.87 44.02
CA GLN D 305 -21.43 -5.90 43.06
C GLN D 305 -20.44 -5.43 41.97
N VAL D 306 -20.34 -4.13 41.70
CA VAL D 306 -19.39 -3.61 40.72
C VAL D 306 -17.98 -3.61 41.34
N THR D 307 -17.94 -3.26 42.62
CA THR D 307 -16.66 -3.22 43.34
C THR D 307 -16.20 -4.64 43.62
N MSE D 308 -17.11 -5.50 44.02
CA MSE D 308 -16.74 -6.92 44.19
C MSE D 308 -16.18 -7.49 42.90
O MSE D 308 -15.15 -8.13 42.92
CB MSE D 308 -17.90 -7.75 44.72
CG MSE D 308 -18.05 -7.63 46.22
SE MSE D 308 -16.44 -8.23 47.17
CE MSE D 308 -17.31 -8.74 48.94
N GLU D 309 -16.82 -7.22 41.78
CA GLU D 309 -16.34 -7.67 40.47
C GLU D 309 -14.95 -7.18 40.11
N ALA D 310 -14.66 -5.89 40.34
CA ALA D 310 -13.34 -5.35 40.05
C ALA D 310 -12.27 -6.10 40.86
N ARG D 311 -12.62 -6.44 42.10
CA ARG D 311 -11.72 -7.14 43.01
C ARG D 311 -11.42 -8.54 42.48
N CYS D 312 -12.39 -9.20 41.86
CA CYS D 312 -12.10 -10.50 41.19
C CYS D 312 -11.04 -10.34 40.11
N TYR D 313 -11.01 -9.18 39.44
CA TYR D 313 -10.05 -8.95 38.36
C TYR D 313 -8.67 -8.62 38.90
N GLY D 314 -8.61 -7.91 40.02
CA GLY D 314 -7.33 -7.63 40.70
C GLY D 314 -6.72 -8.93 41.21
N PHE D 315 -7.59 -9.81 41.69
CA PHE D 315 -7.19 -11.13 42.10
C PHE D 315 -6.61 -11.92 40.91
N ALA D 316 -7.45 -12.11 39.87
CA ALA D 316 -7.09 -12.84 38.65
C ALA D 316 -5.83 -12.35 38.00
N LYS D 317 -5.61 -11.03 38.00
CA LYS D 317 -4.44 -10.44 37.37
C LYS D 317 -3.14 -11.00 37.91
N LYS D 318 -3.10 -11.24 39.22
CA LYS D 318 -1.90 -11.76 39.83
C LYS D 318 -1.46 -13.09 39.18
N PHE D 319 -2.39 -13.88 38.64
CA PHE D 319 -2.07 -15.19 38.06
C PHE D 319 -2.05 -15.22 36.52
N ASP D 320 -1.84 -14.04 35.91
CA ASP D 320 -1.76 -13.79 34.45
C ASP D 320 -2.62 -14.70 33.59
N PRO D 321 -3.94 -14.55 33.69
CA PRO D 321 -4.80 -15.49 32.99
C PRO D 321 -4.82 -15.32 31.48
N PHE D 322 -5.16 -16.41 30.81
CA PHE D 322 -5.32 -16.40 29.39
C PHE D 322 -6.73 -15.87 29.15
N LEU D 323 -7.64 -16.11 30.09
CA LEU D 323 -9.04 -15.68 29.97
C LEU D 323 -9.67 -15.42 31.29
N VAL D 324 -10.50 -14.40 31.35
CA VAL D 324 -11.33 -14.13 32.50
C VAL D 324 -12.68 -13.70 31.98
N ASN D 325 -13.65 -14.63 32.02
N ASN D 325 -13.65 -14.62 32.04
CA ASN D 325 -15.02 -14.35 31.61
CA ASN D 325 -15.01 -14.33 31.61
C ASN D 325 -15.89 -13.96 32.78
C ASN D 325 -15.89 -13.96 32.78
N THR D 326 -16.59 -12.83 32.67
CA THR D 326 -17.56 -12.47 33.68
C THR D 326 -18.85 -13.15 33.23
N VAL D 327 -19.87 -13.10 34.06
CA VAL D 327 -21.14 -13.69 33.65
C VAL D 327 -22.26 -12.71 34.00
N VAL D 328 -23.01 -12.32 32.98
CA VAL D 328 -24.17 -11.45 33.15
C VAL D 328 -25.33 -12.22 32.60
N GLY D 329 -26.55 -11.86 32.97
CA GLY D 329 -27.70 -12.64 32.52
C GLY D 329 -29.03 -11.96 32.38
N PHE D 330 -29.69 -12.21 31.25
CA PHE D 330 -31.04 -11.71 30.99
C PHE D 330 -31.99 -12.77 31.60
N ILE D 331 -31.87 -12.98 32.91
CA ILE D 331 -32.60 -14.01 33.67
C ILE D 331 -33.26 -13.40 34.92
N TYR D 337 -36.36 -4.30 37.19
CA TYR D 337 -35.36 -4.82 36.26
C TYR D 337 -35.63 -4.39 34.80
N ASP D 338 -34.66 -3.72 34.17
CA ASP D 338 -34.75 -3.38 32.75
C ASP D 338 -33.57 -4.07 32.07
N SER D 339 -33.70 -4.35 30.76
CA SER D 339 -32.63 -5.03 29.98
C SER D 339 -31.32 -4.24 29.94
N LYS D 340 -31.43 -2.91 30.09
CA LYS D 340 -30.27 -2.03 30.08
C LYS D 340 -29.31 -2.33 31.21
N GLN D 341 -29.80 -2.96 32.27
CA GLN D 341 -28.96 -3.25 33.43
C GLN D 341 -27.96 -4.32 33.10
N VAL D 342 -28.38 -5.32 32.31
CA VAL D 342 -27.51 -6.40 31.91
C VAL D 342 -26.44 -5.91 30.95
N ILE D 343 -26.88 -5.06 30.03
CA ILE D 343 -26.00 -4.46 29.04
C ILE D 343 -24.96 -3.66 29.75
N ARG D 344 -25.41 -2.73 30.58
CA ARG D 344 -24.48 -1.85 31.32
C ARG D 344 -23.51 -2.63 32.22
N ALA D 345 -23.95 -3.74 32.81
CA ALA D 345 -23.04 -4.55 33.63
C ALA D 345 -21.95 -5.16 32.75
N GLY D 346 -22.33 -5.71 31.60
CA GLY D 346 -21.34 -6.25 30.65
C GLY D 346 -20.34 -5.21 30.15
N LEU D 347 -20.79 -4.01 29.86
CA LEU D 347 -19.84 -2.96 29.42
C LEU D 347 -18.88 -2.64 30.54
N GLU D 348 -19.41 -2.46 31.74
CA GLU D 348 -18.62 -2.17 32.93
C GLU D 348 -17.53 -3.17 33.20
N ASP D 349 -17.96 -4.41 33.26
CA ASP D 349 -17.12 -5.55 33.48
C ASP D 349 -15.97 -5.63 32.47
N HIS D 350 -16.30 -5.47 31.19
CA HIS D 350 -15.30 -5.44 30.17
C HIS D 350 -14.32 -4.26 30.37
N PHE D 351 -14.83 -3.08 30.69
CA PHE D 351 -13.89 -1.97 30.90
C PHE D 351 -12.95 -2.22 32.11
N MSE D 352 -13.51 -2.53 33.28
CA MSE D 352 -12.69 -2.77 34.50
C MSE D 352 -11.63 -3.85 34.28
O MSE D 352 -10.50 -3.75 34.74
CB MSE D 352 -13.57 -3.19 35.68
CG MSE D 352 -14.58 -2.16 36.05
SE MSE D 352 -15.61 -2.43 37.53
CE MSE D 352 -16.66 -4.60 37.16
N GLY D 353 -12.06 -4.90 33.57
CA GLY D 353 -11.23 -6.03 33.22
C GLY D 353 -10.07 -5.59 32.35
N LYS D 354 -10.36 -4.89 31.28
CA LYS D 354 -9.32 -4.31 30.42
C LYS D 354 -8.41 -3.33 31.16
N LEU D 355 -9.01 -2.44 31.94
CA LEU D 355 -8.21 -1.46 32.72
C LEU D 355 -7.28 -2.19 33.73
N THR D 356 -7.73 -3.36 34.22
CA THR D 356 -6.94 -4.15 35.15
C THR D 356 -5.75 -4.81 34.43
N GLY D 357 -5.89 -5.02 33.13
CA GLY D 357 -4.86 -5.57 32.31
C GLY D 357 -5.01 -7.05 32.05
N ILE D 358 -6.21 -7.58 32.19
CA ILE D 358 -6.47 -9.01 32.01
C ILE D 358 -7.24 -9.31 30.73
N SER D 359 -7.03 -10.51 30.20
CA SER D 359 -7.74 -10.93 29.02
C SER D 359 -9.18 -11.08 29.49
N MSE D 360 -10.04 -10.18 29.02
CA MSE D 360 -11.42 -10.07 29.47
C MSE D 360 -12.52 -10.33 28.44
O MSE D 360 -12.52 -9.78 27.35
CB MSE D 360 -11.63 -8.68 30.03
CG MSE D 360 -12.87 -8.58 30.86
SE MSE D 360 -12.71 -9.51 32.52
CE MSE D 360 -14.43 -9.52 32.67
N GLY D 361 -13.46 -11.17 28.84
CA GLY D 361 -14.55 -11.60 27.98
C GLY D 361 -15.83 -11.73 28.75
N CYS D 362 -16.85 -12.24 28.08
CA CYS D 362 -18.14 -12.20 28.71
C CYS D 362 -19.16 -13.26 28.30
N ASP D 363 -19.60 -14.05 29.26
CA ASP D 363 -20.63 -15.05 29.08
C ASP D 363 -21.99 -14.43 29.38
N VAL D 364 -22.90 -14.48 28.39
CA VAL D 364 -24.22 -13.87 28.50
C VAL D 364 -25.26 -14.94 28.62
N CYS D 365 -26.01 -14.93 29.72
CA CYS D 365 -27.10 -15.88 29.94
C CYS D 365 -28.41 -15.33 29.45
N TYR D 366 -29.22 -16.21 28.88
CA TYR D 366 -30.52 -15.78 28.42
C TYR D 366 -31.47 -16.96 28.47
N THR D 367 -32.71 -16.62 28.78
CA THR D 367 -33.77 -17.59 28.84
C THR D 367 -34.06 -17.93 27.40
N ASN D 368 -33.94 -19.20 27.04
CA ASN D 368 -34.05 -19.62 25.65
C ASN D 368 -35.45 -19.36 25.02
N HIS D 369 -36.48 -20.17 25.32
CA HIS D 369 -37.89 -20.00 24.83
C HIS D 369 -38.10 -19.59 23.33
N MSE D 370 -38.46 -18.31 23.09
CA MSE D 370 -38.64 -17.77 21.74
C MSE D 370 -37.27 -17.39 21.17
O MSE D 370 -36.38 -16.99 21.94
CB MSE D 370 -39.58 -16.54 21.76
CG MSE D 370 -41.00 -16.74 22.36
N LYS D 371 -37.06 -17.51 19.85
CA LYS D 371 -35.79 -17.09 19.20
C LYS D 371 -35.52 -15.55 19.39
N ALA D 372 -36.59 -14.80 19.67
CA ALA D 372 -36.55 -13.35 19.96
C ALA D 372 -35.66 -12.99 21.18
N ASP D 373 -35.60 -13.87 22.18
CA ASP D 373 -34.79 -13.71 23.40
C ASP D 373 -33.28 -13.45 23.14
N GLN D 374 -32.82 -13.86 21.96
CA GLN D 374 -31.47 -13.62 21.51
C GLN D 374 -31.22 -12.15 21.20
N ASN D 375 -32.26 -11.36 20.90
CA ASN D 375 -32.08 -9.94 20.53
C ASN D 375 -31.31 -9.11 21.56
N ASP D 376 -31.56 -9.38 22.83
CA ASP D 376 -30.85 -8.71 23.89
C ASP D 376 -29.39 -9.10 23.97
N VAL D 377 -29.12 -10.37 23.72
CA VAL D 377 -27.77 -10.90 23.74
C VAL D 377 -26.99 -10.30 22.59
N GLU D 378 -27.62 -10.22 21.43
CA GLU D 378 -27.02 -9.63 20.23
C GLU D 378 -26.74 -8.13 20.42
N ASN D 379 -27.60 -7.44 21.16
CA ASN D 379 -27.37 -6.02 21.42
C ASN D 379 -26.06 -5.90 22.16
N LEU D 380 -25.97 -6.55 23.32
CA LEU D 380 -24.77 -6.51 24.16
C LEU D 380 -23.52 -6.97 23.44
N SER D 381 -23.61 -8.09 22.75
CA SER D 381 -22.47 -8.62 22.02
C SER D 381 -21.87 -7.64 21.01
N VAL D 382 -22.73 -6.95 20.26
CA VAL D 382 -22.31 -5.97 19.27
C VAL D 382 -21.68 -4.75 19.97
N LEU D 383 -22.26 -4.35 21.08
CA LEU D 383 -21.70 -3.24 21.89
C LEU D 383 -20.32 -3.60 22.44
N LEU D 384 -20.18 -4.83 22.89
CA LEU D 384 -18.93 -5.32 23.46
C LEU D 384 -17.88 -5.45 22.42
N THR D 385 -18.28 -5.84 21.22
CA THR D 385 -17.33 -6.00 20.11
C THR D 385 -16.85 -4.63 19.64
N ALA D 386 -17.74 -3.65 19.61
CA ALA D 386 -17.33 -2.27 19.35
C ALA D 386 -16.32 -1.83 20.38
N ALA D 387 -16.46 -2.37 21.60
CA ALA D 387 -15.56 -2.05 22.73
C ALA D 387 -14.19 -2.72 22.69
N GLY D 388 -13.99 -3.66 21.77
CA GLY D 388 -12.72 -4.34 21.61
C GLY D 388 -12.67 -5.62 22.41
N CYS D 389 -13.82 -6.22 22.63
CA CYS D 389 -13.90 -7.43 23.42
C CYS D 389 -13.64 -8.58 22.50
N ASN D 390 -12.71 -9.45 22.87
CA ASN D 390 -12.24 -10.53 22.01
C ASN D 390 -12.93 -11.87 22.20
N PHE D 391 -13.85 -12.00 23.15
CA PHE D 391 -14.63 -13.23 23.29
C PHE D 391 -15.90 -12.99 24.06
N ILE D 392 -16.95 -13.62 23.55
CA ILE D 392 -18.30 -13.49 24.02
C ILE D 392 -18.99 -14.82 23.77
N MSE D 393 -19.85 -15.23 24.69
CA MSE D 393 -20.55 -16.45 24.48
C MSE D 393 -21.92 -16.34 25.11
O MSE D 393 -22.03 -15.92 26.23
CB MSE D 393 -19.80 -17.59 25.12
CG MSE D 393 -20.17 -18.89 24.48
SE MSE D 393 -19.44 -20.43 25.33
CE MSE D 393 -19.67 -21.64 23.72
N GLY D 394 -22.94 -16.68 24.33
CA GLY D 394 -24.31 -16.69 24.83
C GLY D 394 -24.48 -18.02 25.53
N ILE D 395 -25.23 -18.04 26.62
CA ILE D 395 -25.53 -19.29 27.35
C ILE D 395 -27.03 -19.39 27.53
N PRO D 396 -27.65 -20.30 26.78
CA PRO D 396 -29.08 -20.44 26.87
C PRO D 396 -29.50 -21.27 28.09
N HIS D 397 -30.62 -20.89 28.71
CA HIS D 397 -31.19 -21.62 29.85
C HIS D 397 -32.64 -22.05 29.59
N GLY D 398 -32.98 -23.25 30.10
CA GLY D 398 -34.31 -23.90 29.99
C GLY D 398 -34.63 -24.34 31.41
N ASP D 399 -35.55 -25.28 31.72
CA ASP D 399 -36.48 -26.16 30.86
C ASP D 399 -36.07 -26.93 29.54
N ASP D 400 -36.20 -26.36 28.34
CA ASP D 400 -35.91 -27.13 27.12
C ASP D 400 -34.40 -27.42 26.96
N VAL D 401 -33.92 -28.45 27.67
CA VAL D 401 -32.50 -28.83 27.67
C VAL D 401 -31.93 -29.24 26.30
N MSE D 402 -32.78 -29.71 25.40
CA MSE D 402 -32.33 -30.09 24.04
C MSE D 402 -32.33 -28.92 23.09
O MSE D 402 -31.55 -28.91 22.14
CB MSE D 402 -33.17 -31.26 23.47
CG MSE D 402 -32.75 -32.62 24.04
SE MSE D 402 -30.92 -33.21 23.50
CE MSE D 402 -30.65 -34.72 24.74
N LEU D 403 -33.20 -27.94 23.30
CA LEU D 403 -33.19 -26.72 22.48
C LEU D 403 -31.94 -25.90 22.84
N ASN D 404 -31.52 -25.94 24.11
CA ASN D 404 -30.31 -25.23 24.59
C ASN D 404 -29.05 -25.76 23.93
N TYR D 405 -29.01 -27.09 23.75
CA TYR D 405 -27.93 -27.79 23.06
C TYR D 405 -27.90 -27.45 21.55
N GLN D 406 -29.07 -27.22 20.95
CA GLN D 406 -29.19 -26.84 19.54
C GLN D 406 -28.91 -25.34 19.35
N THR D 407 -29.43 -24.50 20.26
CA THR D 407 -29.19 -23.05 20.25
C THR D 407 -27.74 -22.84 20.60
N THR D 408 -26.93 -22.86 19.56
CA THR D 408 -25.50 -22.91 19.71
C THR D 408 -24.78 -21.53 19.58
N GLY D 409 -25.35 -20.61 18.80
CA GLY D 409 -24.76 -19.28 18.61
C GLY D 409 -23.55 -19.24 17.67
N TYR D 410 -23.27 -20.37 17.02
CA TYR D 410 -22.11 -20.49 16.16
C TYR D 410 -22.23 -19.64 14.92
N HIS D 411 -23.43 -19.62 14.33
CA HIS D 411 -23.66 -18.84 13.15
C HIS D 411 -23.67 -17.35 13.49
N GLU D 412 -24.23 -17.01 14.63
CA GLU D 412 -24.34 -15.63 15.04
C GLU D 412 -22.96 -15.04 15.33
N THR D 413 -22.05 -15.88 15.82
CA THR D 413 -20.67 -15.47 16.09
C THR D 413 -19.92 -15.23 14.78
N ALA D 414 -20.15 -16.11 13.81
CA ALA D 414 -19.58 -15.99 12.48
C ALA D 414 -20.08 -14.68 11.86
N THR D 415 -21.36 -14.37 12.10
CA THR D 415 -21.92 -13.13 11.58
C THR D 415 -21.35 -11.90 12.26
N LEU D 416 -21.19 -12.00 13.57
CA LEU D 416 -20.68 -10.92 14.40
C LEU D 416 -19.28 -10.59 13.97
N ARG D 417 -18.48 -11.61 13.71
CA ARG D 417 -17.13 -11.39 13.22
C ARG D 417 -17.15 -10.71 11.87
N GLU D 418 -17.93 -11.24 10.96
CA GLU D 418 -18.04 -10.67 9.65
C GLU D 418 -18.49 -9.18 9.67
N LEU D 419 -19.36 -8.83 10.61
CA LEU D 419 -19.86 -7.47 10.76
C LEU D 419 -18.75 -6.48 11.11
N PHE D 420 -17.75 -6.91 11.87
CA PHE D 420 -16.64 -6.02 12.26
C PHE D 420 -15.39 -6.32 11.54
N GLY D 421 -15.45 -7.26 10.60
CA GLY D 421 -14.29 -7.63 9.79
C GLY D 421 -13.19 -8.29 10.59
N LEU D 422 -13.60 -9.20 11.46
CA LEU D 422 -12.69 -9.85 12.38
C LEU D 422 -12.46 -11.30 12.02
N LYS D 423 -11.27 -11.79 12.33
CA LYS D 423 -10.92 -13.19 12.09
C LYS D 423 -10.65 -13.89 13.39
N PRO D 424 -10.58 -15.24 13.37
CA PRO D 424 -10.13 -15.90 14.60
C PRO D 424 -8.66 -15.61 14.81
N ILE D 425 -8.13 -16.09 15.94
CA ILE D 425 -6.73 -16.00 16.26
C ILE D 425 -5.94 -16.55 15.07
N LYS D 426 -4.92 -15.80 14.66
CA LYS D 426 -4.10 -16.09 13.44
C LYS D 426 -3.89 -17.57 13.13
N GLU D 427 -3.30 -18.32 14.05
CA GLU D 427 -2.94 -19.70 13.82
C GLU D 427 -4.19 -20.51 13.52
N PHE D 428 -5.26 -20.25 14.26
CA PHE D 428 -6.53 -20.93 14.07
C PHE D 428 -7.17 -20.51 12.75
N ASP D 429 -7.00 -19.25 12.36
CA ASP D 429 -7.49 -18.79 11.07
C ASP D 429 -6.84 -19.57 9.93
N GLN D 430 -5.51 -19.76 10.01
CA GLN D 430 -4.75 -20.50 9.01
C GLN D 430 -5.25 -21.93 8.93
N TRP D 431 -5.55 -22.52 10.08
CA TRP D 431 -6.09 -23.86 10.14
C TRP D 431 -7.40 -23.91 9.37
N MSE D 432 -8.25 -22.93 9.58
CA MSE D 432 -9.53 -22.85 8.87
C MSE D 432 -9.37 -22.79 7.34
O MSE D 432 -10.13 -23.43 6.62
CB MSE D 432 -10.29 -21.61 9.31
CG MSE D 432 -10.72 -21.58 10.76
SE MSE D 432 -12.28 -22.69 11.07
CE MSE D 432 -13.59 -21.76 10.05
N GLU D 433 -8.40 -22.00 6.86
CA GLU D 433 -8.13 -21.90 5.41
C GLU D 433 -7.63 -23.24 4.87
N LYS D 434 -6.74 -23.90 5.60
CA LYS D 434 -6.24 -25.23 5.25
C LYS D 434 -7.34 -26.30 5.30
N MSE D 435 -8.34 -26.11 6.14
CA MSE D 435 -9.43 -27.07 6.27
C MSE D 435 -10.55 -26.81 5.27
O MSE D 435 -11.50 -27.60 5.15
CB MSE D 435 -9.98 -27.02 7.68
CG MSE D 435 -9.00 -27.56 8.70
SE MSE D 435 -8.92 -29.56 8.63
CE MSE D 435 -10.61 -29.94 9.44
N GLY D 436 -10.44 -25.69 4.57
CA GLY D 436 -11.41 -25.33 3.57
C GLY D 436 -12.70 -24.80 4.13
N PHE D 437 -12.67 -24.39 5.40
CA PHE D 437 -13.86 -23.81 6.04
C PHE D 437 -13.94 -22.29 5.88
N SER D 438 -12.85 -21.64 5.45
CA SER D 438 -12.89 -20.19 5.29
C SER D 438 -11.86 -19.63 4.33
N GLU D 439 -12.14 -18.42 3.83
CA GLU D 439 -11.21 -17.67 2.98
C GLU D 439 -11.11 -16.21 3.43
N ASN D 440 -9.89 -15.72 3.66
N ASN D 440 -9.87 -15.82 3.75
CA ASN D 440 -9.67 -14.34 4.13
CA ASN D 440 -9.55 -14.49 4.22
C ASN D 440 -10.72 -13.92 5.18
C ASN D 440 -10.61 -13.93 5.20
N GLY D 441 -10.93 -14.78 6.19
CA GLY D 441 -11.87 -14.47 7.25
C GLY D 441 -13.31 -14.86 7.07
N LYS D 442 -13.80 -14.92 5.82
CA LYS D 442 -15.21 -15.24 5.56
C LYS D 442 -15.41 -16.75 5.41
N LEU D 443 -16.51 -17.26 5.97
CA LEU D 443 -16.77 -18.69 5.88
C LEU D 443 -17.12 -19.13 4.46
N THR D 444 -16.98 -20.44 4.21
CA THR D 444 -17.27 -21.04 2.93
C THR D 444 -18.51 -21.95 3.04
N SER D 445 -18.85 -22.58 1.91
CA SER D 445 -19.94 -23.53 1.80
C SER D 445 -19.89 -24.64 2.84
N ARG D 446 -18.68 -25.07 3.22
CA ARG D 446 -18.48 -26.15 4.23
C ARG D 446 -18.96 -25.80 5.67
N ALA D 447 -19.17 -24.52 5.97
CA ALA D 447 -19.61 -24.10 7.30
C ALA D 447 -20.95 -24.72 7.69
N GLY D 448 -20.91 -25.71 8.59
CA GLY D 448 -22.10 -26.45 9.02
C GLY D 448 -22.07 -27.89 8.52
N ASP D 449 -21.08 -28.20 7.66
CA ASP D 449 -20.88 -29.51 7.06
C ASP D 449 -19.64 -30.22 7.67
N ALA D 450 -19.89 -31.06 8.67
CA ALA D 450 -18.83 -31.81 9.38
C ALA D 450 -18.35 -33.10 8.68
N SER D 451 -18.68 -33.22 7.39
CA SER D 451 -18.32 -34.39 6.59
C SER D 451 -16.82 -34.70 6.61
N ILE D 452 -16.02 -33.67 6.31
CA ILE D 452 -14.55 -33.78 6.25
C ILE D 452 -13.93 -34.49 7.47
N PHE D 453 -14.56 -34.38 8.64
CA PHE D 453 -14.10 -35.08 9.84
C PHE D 453 -14.50 -36.57 9.73
N LEU D 454 -15.73 -36.81 9.28
CA LEU D 454 -16.27 -38.18 9.12
C LEU D 454 -15.85 -38.83 7.79
N MSE E 2 -54.12 -18.11 -0.11
CA MSE E 2 -53.52 -17.44 1.08
C MSE E 2 -54.19 -17.90 2.34
O MSE E 2 -55.36 -17.57 2.56
CB MSE E 2 -53.68 -15.92 0.99
CG MSE E 2 -53.20 -15.20 2.22
SE MSE E 2 -53.30 -13.31 1.92
CE MSE E 2 -55.29 -13.13 1.62
N ILE E 3 -53.45 -18.61 3.18
CA ILE E 3 -54.05 -19.11 4.42
C ILE E 3 -53.37 -18.42 5.64
N LEU E 4 -54.22 -17.90 6.54
CA LEU E 4 -53.81 -17.17 7.73
C LEU E 4 -54.06 -18.00 8.96
N LYS E 5 -53.61 -19.25 8.93
CA LYS E 5 -53.90 -20.21 9.98
C LYS E 5 -52.69 -21.09 10.24
N THR E 6 -52.44 -21.42 11.49
CA THR E 6 -51.29 -22.27 11.85
C THR E 6 -51.60 -23.10 13.13
N ASN E 7 -50.85 -24.18 13.32
CA ASN E 7 -50.97 -25.05 14.48
C ASN E 7 -49.66 -24.99 15.26
N LEU E 8 -49.54 -23.97 16.11
CA LEU E 8 -48.32 -23.77 16.89
C LEU E 8 -48.46 -24.28 18.32
N PHE E 9 -47.36 -24.88 18.82
CA PHE E 9 -47.25 -25.42 20.19
C PHE E 9 -48.49 -26.20 20.69
N GLY E 10 -49.30 -26.75 19.77
CA GLY E 10 -50.52 -27.49 20.13
C GLY E 10 -51.84 -26.88 19.65
N HIS E 11 -51.99 -25.57 19.73
CA HIS E 11 -53.25 -24.87 19.36
C HIS E 11 -53.27 -24.29 17.95
N THR E 12 -54.48 -24.00 17.49
CA THR E 12 -54.74 -23.47 16.16
C THR E 12 -55.08 -21.98 16.25
N TYR E 13 -54.22 -21.11 15.67
CA TYR E 13 -54.48 -19.67 15.66
C TYR E 13 -54.80 -19.21 14.25
N GLN E 14 -56.01 -18.70 14.04
CA GLN E 14 -56.40 -18.14 12.77
C GLN E 14 -56.34 -16.64 12.98
N PHE E 15 -55.95 -15.90 11.93
CA PHE E 15 -55.84 -14.43 11.97
C PHE E 15 -56.89 -13.86 11.08
N LYS E 16 -57.28 -12.62 11.39
CA LYS E 16 -58.40 -11.95 10.70
C LYS E 16 -58.10 -11.40 9.28
N SER E 17 -56.83 -11.08 9.01
CA SER E 17 -56.39 -10.46 7.76
C SER E 17 -54.88 -10.43 7.73
N ILE E 18 -54.32 -9.91 6.65
CA ILE E 18 -52.87 -9.72 6.54
C ILE E 18 -52.45 -8.61 7.51
N THR E 19 -53.27 -7.54 7.62
CA THR E 19 -53.01 -6.45 8.54
C THR E 19 -52.82 -6.96 9.98
N ASP E 20 -53.65 -7.95 10.35
CA ASP E 20 -53.64 -8.59 11.67
C ASP E 20 -52.39 -9.43 11.83
N VAL E 21 -51.99 -10.14 10.79
CA VAL E 21 -50.79 -10.96 10.87
C VAL E 21 -49.56 -10.09 11.02
N LEU E 22 -49.47 -9.04 10.22
CA LEU E 22 -48.35 -8.10 10.28
C LEU E 22 -48.23 -7.52 11.68
N ALA E 23 -49.37 -7.12 12.25
CA ALA E 23 -49.39 -6.48 13.57
C ALA E 23 -48.98 -7.39 14.69
N LYS E 24 -49.52 -8.60 14.72
CA LYS E 24 -49.24 -9.50 15.84
C LYS E 24 -47.85 -10.13 15.78
N ALA E 25 -47.22 -10.09 14.62
CA ALA E 25 -45.88 -10.63 14.44
C ALA E 25 -44.78 -9.73 14.96
N ASN E 26 -45.09 -8.47 15.31
CA ASN E 26 -44.10 -7.57 15.88
C ASN E 26 -43.62 -8.03 17.25
N GLU E 27 -42.49 -7.52 17.72
CA GLU E 27 -42.09 -7.79 19.09
C GLU E 27 -42.98 -6.88 19.95
N GLU E 28 -42.89 -6.98 21.27
CA GLU E 28 -43.76 -6.20 22.14
C GLU E 28 -43.51 -4.71 21.95
N LYS E 29 -44.57 -3.94 21.69
CA LYS E 29 -44.47 -2.49 21.48
C LYS E 29 -45.60 -1.78 22.19
N SER E 30 -45.28 -0.73 22.95
CA SER E 30 -46.25 0.04 23.74
C SER E 30 -47.40 0.62 22.91
N GLY E 31 -47.07 1.22 21.77
CA GLY E 31 -48.08 1.82 20.92
C GLY E 31 -49.03 0.83 20.27
N ASP E 32 -48.54 -0.36 19.94
CA ASP E 32 -49.39 -1.40 19.35
C ASP E 32 -50.32 -1.96 20.42
N ARG E 33 -49.77 -2.23 21.61
CA ARG E 33 -50.54 -2.73 22.74
C ARG E 33 -51.65 -1.75 23.01
N LEU E 34 -51.28 -0.49 23.31
CA LEU E 34 -52.26 0.57 23.61
C LEU E 34 -53.29 0.78 22.54
N ALA E 35 -52.97 0.49 21.27
CA ALA E 35 -53.95 0.66 20.18
C ALA E 35 -54.72 -0.63 19.93
N GLY E 36 -54.31 -1.69 20.62
CA GLY E 36 -55.02 -2.96 20.60
C GLY E 36 -54.88 -3.82 19.38
N VAL E 37 -53.69 -3.81 18.78
CA VAL E 37 -53.43 -4.61 17.58
C VAL E 37 -52.34 -5.63 17.81
N ALA E 38 -51.76 -5.62 19.01
CA ALA E 38 -50.67 -6.54 19.35
C ALA E 38 -51.18 -7.94 19.60
N ALA E 39 -50.23 -8.87 19.77
CA ALA E 39 -50.57 -10.23 20.06
C ALA E 39 -51.10 -10.27 21.49
N GLU E 40 -51.87 -11.30 21.83
CA GLU E 40 -52.40 -11.41 23.20
C GLU E 40 -51.64 -12.44 24.05
N SER E 41 -50.56 -12.99 23.51
CA SER E 41 -49.74 -13.96 24.24
C SER E 41 -48.45 -14.18 23.50
N ALA E 42 -47.47 -14.76 24.17
CA ALA E 42 -46.20 -15.08 23.52
C ALA E 42 -46.37 -16.12 22.43
N GLU E 43 -47.38 -17.00 22.59
CA GLU E 43 -47.66 -18.09 21.64
C GLU E 43 -48.36 -17.59 20.36
N GLU E 44 -49.26 -16.63 20.51
CA GLU E 44 -49.97 -16.07 19.36
C GLU E 44 -48.99 -15.23 18.54
N ARG E 45 -48.14 -14.45 19.21
CA ARG E 45 -47.10 -13.68 18.50
C ARG E 45 -46.27 -14.61 17.63
N VAL E 46 -45.79 -15.70 18.19
CA VAL E 46 -45.00 -16.68 17.44
C VAL E 46 -45.80 -17.34 16.29
N ALA E 47 -47.10 -17.55 16.49
CA ALA E 47 -47.97 -18.10 15.44
C ALA E 47 -48.01 -17.10 14.28
N ALA E 48 -48.28 -15.84 14.59
CA ALA E 48 -48.28 -14.73 13.62
C ALA E 48 -46.96 -14.68 12.81
N LYS E 49 -45.83 -14.82 13.47
CA LYS E 49 -44.55 -14.83 12.78
C LYS E 49 -44.45 -16.06 11.85
N VAL E 50 -44.90 -17.22 12.31
CA VAL E 50 -44.93 -18.41 11.43
C VAL E 50 -45.85 -18.19 10.20
N VAL E 51 -47.01 -17.59 10.42
CA VAL E 51 -47.98 -17.37 9.35
C VAL E 51 -47.40 -16.41 8.31
N LEU E 52 -46.80 -15.33 8.81
CA LEU E 52 -46.16 -14.31 8.00
C LEU E 52 -44.98 -14.86 7.19
N SER E 53 -44.18 -15.74 7.81
CA SER E 53 -42.99 -16.28 7.15
C SER E 53 -43.30 -17.12 5.93
N LYS E 54 -44.49 -17.71 5.87
CA LYS E 54 -44.89 -18.60 4.75
C LYS E 54 -45.67 -17.88 3.64
N MSE E 55 -46.02 -16.64 3.92
CA MSE E 55 -46.69 -15.78 2.97
C MSE E 55 -45.79 -15.38 1.81
O MSE E 55 -44.59 -15.11 2.01
CB MSE E 55 -47.10 -14.55 3.74
CG MSE E 55 -48.06 -13.69 3.03
SE MSE E 55 -48.99 -12.80 4.42
CE MSE E 55 -49.90 -14.44 5.22
N THR E 56 -46.36 -15.33 0.61
CA THR E 56 -45.60 -14.95 -0.60
C THR E 56 -45.49 -13.43 -0.73
N LEU E 57 -44.50 -12.98 -1.48
CA LEU E 57 -44.32 -11.55 -1.72
C LEU E 57 -45.47 -11.05 -2.60
N GLY E 58 -45.94 -11.90 -3.52
CA GLY E 58 -47.08 -11.57 -4.38
C GLY E 58 -48.33 -11.24 -3.57
N ASP E 59 -48.66 -12.09 -2.61
CA ASP E 59 -49.82 -11.87 -1.75
C ASP E 59 -49.71 -10.60 -0.92
N LEU E 60 -48.51 -10.24 -0.48
CA LEU E 60 -48.29 -8.97 0.28
C LEU E 60 -48.32 -7.70 -0.61
N ARG E 61 -47.81 -7.83 -1.84
CA ARG E 61 -47.80 -6.74 -2.80
C ARG E 61 -49.21 -6.39 -3.23
N ASN E 62 -49.99 -7.44 -3.48
CA ASN E 62 -51.38 -7.31 -3.91
C ASN E 62 -52.35 -6.85 -2.82
N ASN E 63 -51.93 -6.87 -1.55
CA ASN E 63 -52.80 -6.51 -0.44
C ASN E 63 -52.24 -5.43 0.49
N PRO E 64 -52.09 -4.21 -0.03
CA PRO E 64 -51.60 -3.14 0.85
C PRO E 64 -52.55 -2.87 2.03
N VAL E 65 -51.99 -2.54 3.19
CA VAL E 65 -52.84 -2.33 4.38
C VAL E 65 -53.80 -1.13 4.32
N VAL E 66 -53.71 -0.31 3.28
CA VAL E 66 -54.68 0.74 3.04
C VAL E 66 -54.88 0.60 1.55
N PRO E 67 -56.14 0.57 1.08
CA PRO E 67 -56.36 0.28 -0.34
C PRO E 67 -55.81 1.29 -1.34
N TYR E 68 -55.42 0.78 -2.51
CA TYR E 68 -54.88 1.58 -3.58
C TYR E 68 -55.91 2.57 -4.08
N GLU E 69 -57.14 2.10 -4.30
CA GLU E 69 -58.19 2.98 -4.82
C GLU E 69 -58.42 4.21 -3.93
N THR E 70 -58.19 4.06 -2.62
CA THR E 70 -58.46 5.07 -1.58
C THR E 70 -57.27 5.84 -0.98
N ASP E 71 -56.06 5.29 -1.06
CA ASP E 71 -54.95 5.94 -0.39
C ASP E 71 -53.79 6.29 -1.33
N GLU E 72 -53.40 7.56 -1.34
CA GLU E 72 -52.35 8.04 -2.21
C GLU E 72 -51.00 7.45 -1.85
N VAL E 73 -50.75 7.28 -0.54
CA VAL E 73 -49.48 6.74 -0.10
C VAL E 73 -49.34 5.34 -0.71
N THR E 74 -50.38 4.51 -0.63
CA THR E 74 -50.34 3.19 -1.23
C THR E 74 -50.04 3.26 -2.72
N ARG E 75 -50.67 4.19 -3.43
CA ARG E 75 -50.46 4.34 -4.87
C ARG E 75 -49.04 4.74 -5.15
N ILE E 76 -48.53 5.74 -4.45
CA ILE E 76 -47.15 6.18 -4.61
C ILE E 76 -46.17 5.00 -4.42
N ILE E 77 -46.33 4.27 -3.33
CA ILE E 77 -45.48 3.13 -3.09
C ILE E 77 -45.66 2.11 -4.23
N GLN E 78 -46.91 1.71 -4.50
CA GLN E 78 -47.20 0.65 -5.52
C GLN E 78 -46.78 1.04 -6.92
N ASP E 79 -46.89 2.32 -7.25
CA ASP E 79 -46.50 2.78 -8.59
C ASP E 79 -44.99 2.75 -8.80
N GLN E 80 -44.21 2.69 -7.71
CA GLN E 80 -42.75 2.60 -7.83
C GLN E 80 -42.33 1.19 -8.19
N VAL E 81 -43.21 0.22 -8.02
CA VAL E 81 -42.84 -1.16 -8.30
C VAL E 81 -42.55 -1.40 -9.78
N ASN E 82 -41.55 -2.24 -10.03
CA ASN E 82 -41.31 -2.72 -11.36
C ASN E 82 -42.02 -4.06 -11.35
N ASP E 83 -43.00 -4.18 -12.22
CA ASP E 83 -43.85 -5.33 -12.28
C ASP E 83 -43.17 -6.55 -12.82
N ARG E 84 -42.17 -6.35 -13.66
CA ARG E 84 -41.44 -7.45 -14.24
C ARG E 84 -40.51 -8.07 -13.20
N ILE E 85 -39.88 -7.23 -12.38
CA ILE E 85 -39.00 -7.73 -11.32
C ILE E 85 -39.90 -8.33 -10.22
N HIS E 86 -41.00 -7.67 -9.89
CA HIS E 86 -41.90 -8.22 -8.88
C HIS E 86 -42.40 -9.60 -9.28
N ASP E 87 -42.72 -9.77 -10.55
CA ASP E 87 -43.29 -11.02 -11.04
C ASP E 87 -42.32 -12.20 -10.94
N SER E 88 -41.01 -11.93 -11.05
CA SER E 88 -40.01 -13.00 -10.97
C SER E 88 -39.81 -13.45 -9.52
N ILE E 89 -40.17 -12.61 -8.56
CA ILE E 89 -40.01 -12.99 -7.16
C ILE E 89 -41.35 -13.13 -6.46
N LYS E 90 -42.47 -12.98 -7.17
CA LYS E 90 -43.78 -12.98 -6.48
C LYS E 90 -44.08 -14.21 -5.63
N ASN E 91 -43.54 -15.39 -5.98
CA ASN E 91 -43.81 -16.63 -5.23
C ASN E 91 -42.80 -16.91 -4.09
N TRP E 92 -41.79 -16.04 -3.94
CA TRP E 92 -40.86 -16.12 -2.83
C TRP E 92 -41.66 -15.89 -1.57
N THR E 93 -41.35 -16.62 -0.50
CA THR E 93 -42.04 -16.42 0.77
C THR E 93 -41.21 -15.43 1.56
N VAL E 94 -41.79 -14.81 2.56
CA VAL E 94 -41.05 -13.79 3.34
C VAL E 94 -39.78 -14.35 4.04
N GLU E 95 -39.83 -15.58 4.54
CA GLU E 95 -38.62 -16.17 5.15
C GLU E 95 -37.54 -16.29 4.07
N GLU E 96 -37.92 -16.68 2.85
CA GLU E 96 -36.94 -16.83 1.77
C GLU E 96 -36.27 -15.51 1.42
N LEU E 97 -37.04 -14.46 1.34
CA LEU E 97 -36.49 -13.13 1.10
C LEU E 97 -35.51 -12.72 2.20
N ARG E 98 -35.82 -13.05 3.46
CA ARG E 98 -34.96 -12.72 4.63
C ARG E 98 -33.60 -13.33 4.50
N GLU E 99 -33.58 -14.61 4.16
CA GLU E 99 -32.35 -15.35 4.06
C GLU E 99 -31.55 -14.98 2.85
N TRP E 100 -32.24 -14.75 1.74
CA TRP E 100 -31.60 -14.34 0.53
C TRP E 100 -30.93 -12.98 0.75
N ILE E 101 -31.56 -12.08 1.47
CA ILE E 101 -30.95 -10.77 1.73
C ILE E 101 -29.68 -10.92 2.54
N LEU E 102 -29.72 -11.81 3.53
CA LEU E 102 -28.60 -11.97 4.44
C LEU E 102 -27.50 -12.89 3.94
N ASP E 103 -27.73 -13.69 2.90
CA ASP E 103 -26.67 -14.54 2.39
C ASP E 103 -25.50 -13.72 1.86
N HIS E 104 -24.30 -14.21 2.14
CA HIS E 104 -23.04 -13.66 1.66
C HIS E 104 -22.94 -13.40 0.19
N LYS E 105 -23.49 -14.32 -0.57
CA LYS E 105 -23.43 -14.25 -2.01
C LYS E 105 -24.38 -13.20 -2.59
N THR E 106 -25.30 -12.67 -1.78
CA THR E 106 -26.23 -11.61 -2.19
C THR E 106 -25.57 -10.25 -2.00
N THR E 107 -25.43 -9.50 -3.10
CA THR E 107 -24.75 -8.22 -3.07
C THR E 107 -25.72 -7.10 -2.82
N ASP E 108 -25.18 -5.93 -2.60
CA ASP E 108 -25.99 -4.73 -2.47
C ASP E 108 -26.67 -4.48 -3.81
N ALA E 109 -25.94 -4.63 -4.91
CA ALA E 109 -26.55 -4.45 -6.22
C ALA E 109 -27.75 -5.39 -6.39
N ASP E 110 -27.60 -6.66 -6.00
CA ASP E 110 -28.72 -7.62 -6.05
C ASP E 110 -29.93 -7.18 -5.23
N ILE E 111 -29.67 -6.68 -4.03
CA ILE E 111 -30.72 -6.20 -3.13
C ILE E 111 -31.52 -5.06 -3.75
N LYS E 112 -30.81 -4.05 -4.27
CA LYS E 112 -31.43 -2.91 -4.92
C LYS E 112 -32.27 -3.26 -6.13
N ARG E 113 -31.89 -4.32 -6.84
CA ARG E 113 -32.69 -4.84 -7.96
C ARG E 113 -33.98 -5.50 -7.46
N VAL E 114 -33.85 -6.41 -6.50
CA VAL E 114 -35.00 -7.05 -5.89
C VAL E 114 -35.92 -6.01 -5.25
N ALA E 115 -35.37 -4.92 -4.72
CA ALA E 115 -36.15 -3.89 -4.07
C ALA E 115 -37.22 -3.29 -5.00
N ARG E 116 -36.97 -3.35 -6.30
CA ARG E 116 -37.91 -2.85 -7.31
C ARG E 116 -39.17 -3.68 -7.34
N GLY E 117 -39.08 -4.93 -6.91
CA GLY E 117 -40.24 -5.79 -6.83
C GLY E 117 -40.78 -5.85 -5.42
N LEU E 118 -40.41 -4.92 -4.54
CA LEU E 118 -40.90 -4.90 -3.16
C LEU E 118 -41.74 -3.67 -2.89
N THR E 119 -42.53 -3.77 -1.83
CA THR E 119 -43.42 -2.72 -1.35
C THR E 119 -43.16 -2.58 0.13
N SER E 120 -43.68 -1.50 0.71
CA SER E 120 -43.50 -1.25 2.13
C SER E 120 -44.00 -2.40 3.01
N GLU E 121 -45.16 -2.94 2.71
CA GLU E 121 -45.69 -4.08 3.45
C GLU E 121 -44.73 -5.28 3.43
N ILE E 122 -44.09 -5.56 2.30
CA ILE E 122 -43.12 -6.66 2.24
C ILE E 122 -41.87 -6.33 3.05
N ILE E 123 -41.44 -5.08 2.95
CA ILE E 123 -40.28 -4.65 3.67
C ILE E 123 -40.54 -4.77 5.17
N ALA E 124 -41.78 -4.49 5.55
CA ALA E 124 -42.23 -4.51 6.96
C ALA E 124 -42.21 -5.93 7.42
N ALA E 125 -42.84 -6.79 6.64
CA ALA E 125 -42.87 -8.21 6.93
C ALA E 125 -41.52 -8.82 7.20
N VAL E 126 -40.60 -8.72 6.25
CA VAL E 126 -39.29 -9.40 6.39
C VAL E 126 -38.63 -8.97 7.70
N THR E 127 -38.64 -7.67 7.97
CA THR E 127 -38.09 -7.08 9.17
C THR E 127 -38.59 -7.67 10.49
N LYS E 128 -39.89 -7.89 10.58
CA LYS E 128 -40.52 -8.49 11.74
C LYS E 128 -40.00 -9.92 12.06
N LEU E 129 -39.35 -10.57 11.10
CA LEU E 129 -38.80 -11.95 11.26
C LEU E 129 -37.30 -11.95 11.38
N MSE E 130 -36.72 -10.78 11.62
CA MSE E 130 -35.28 -10.60 11.71
C MSE E 130 -34.85 -10.34 13.13
O MSE E 130 -35.57 -9.71 13.89
CB MSE E 130 -34.87 -9.43 10.83
CG MSE E 130 -35.05 -9.78 9.43
SE MSE E 130 -34.53 -8.52 8.03
CE MSE E 130 -32.79 -8.56 8.19
N SER E 131 -33.68 -10.85 13.49
CA SER E 131 -33.14 -10.62 14.82
C SER E 131 -32.45 -9.26 14.79
N ASN E 132 -32.07 -8.72 15.94
CA ASN E 132 -31.36 -7.44 15.94
C ASN E 132 -30.04 -7.52 15.17
N LEU E 133 -29.39 -8.68 15.19
CA LEU E 133 -28.12 -8.85 14.50
C LEU E 133 -28.34 -8.86 12.99
N ASP E 134 -29.37 -9.59 12.56
CA ASP E 134 -29.84 -9.56 11.19
C ASP E 134 -30.10 -8.17 10.69
N LEU E 135 -30.73 -7.35 11.51
CA LEU E 135 -31.06 -5.96 11.15
C LEU E 135 -29.86 -5.03 11.07
N ILE E 136 -28.86 -5.36 11.86
CA ILE E 136 -27.60 -4.61 11.92
C ILE E 136 -26.70 -4.98 10.75
N TYR E 137 -26.44 -6.27 10.62
CA TYR E 137 -25.64 -6.86 9.57
C TYR E 137 -26.24 -6.59 8.18
N GLY E 138 -27.55 -6.83 8.06
CA GLY E 138 -28.29 -6.66 6.84
C GLY E 138 -28.29 -5.23 6.35
N ALA E 139 -28.44 -4.30 7.27
CA ALA E 139 -28.43 -2.89 6.93
C ALA E 139 -27.04 -2.44 6.54
N LYS E 140 -26.01 -2.99 7.18
CA LYS E 140 -24.63 -2.59 6.86
C LYS E 140 -24.28 -2.91 5.41
N LYS E 141 -24.83 -4.00 4.88
CA LYS E 141 -24.61 -4.38 3.48
C LYS E 141 -25.04 -3.35 2.41
N ILE E 142 -26.11 -2.66 2.75
CA ILE E 142 -26.79 -1.73 1.87
C ILE E 142 -26.23 -0.31 1.93
N ARG E 143 -25.67 0.13 0.80
CA ARG E 143 -25.11 1.44 0.62
C ARG E 143 -26.14 2.34 0.00
N VAL E 144 -26.42 3.47 0.66
CA VAL E 144 -27.32 4.49 0.15
C VAL E 144 -26.61 5.85 0.24
N ILE E 145 -26.56 6.57 -0.87
CA ILE E 145 -25.96 7.91 -0.89
C ILE E 145 -26.94 8.91 -1.48
N ALA E 146 -26.71 10.18 -1.19
CA ALA E 146 -27.56 11.22 -1.68
C ALA E 146 -26.71 12.49 -1.73
N HIS E 147 -27.03 13.42 -2.61
CA HIS E 147 -26.26 14.66 -2.79
C HIS E 147 -27.15 15.88 -2.81
N ALA E 148 -26.87 16.83 -1.92
CA ALA E 148 -27.55 18.12 -1.86
C ALA E 148 -26.49 19.07 -2.32
N ASN E 149 -25.72 19.61 -1.39
CA ASN E 149 -24.51 20.34 -1.79
C ASN E 149 -23.29 19.44 -1.69
N THR E 150 -23.37 18.59 -0.68
N THR E 150 -23.27 18.62 -0.65
CA THR E 150 -22.36 17.66 -0.31
CA THR E 150 -22.21 17.65 -0.49
C THR E 150 -22.97 16.26 -0.47
C THR E 150 -22.92 16.29 -0.51
N THR E 151 -22.15 15.21 -0.47
CA THR E 151 -22.68 13.81 -0.56
C THR E 151 -22.70 13.04 0.75
N ILE E 152 -23.89 12.67 1.22
CA ILE E 152 -24.05 11.92 2.45
C ILE E 152 -24.13 10.44 2.16
N GLY E 153 -23.63 9.63 3.08
CA GLY E 153 -23.73 8.18 2.97
C GLY E 153 -22.54 7.38 2.50
N LEU E 154 -21.41 8.00 2.21
CA LEU E 154 -20.29 7.19 1.71
C LEU E 154 -19.61 6.46 2.84
N PRO E 155 -19.12 5.25 2.55
CA PRO E 155 -18.48 4.49 3.62
C PRO E 155 -17.34 5.27 4.30
N GLY E 156 -17.14 5.00 5.59
CA GLY E 156 -16.14 5.66 6.39
C GLY E 156 -16.53 7.08 6.81
N THR E 157 -17.80 7.44 6.62
CA THR E 157 -18.29 8.76 6.99
C THR E 157 -19.44 8.64 7.98
N PHE E 158 -19.59 9.67 8.80
CA PHE E 158 -20.69 9.72 9.71
C PHE E 158 -21.01 11.17 9.84
N SER E 159 -22.26 11.51 9.62
CA SER E 159 -22.69 12.86 9.57
C SER E 159 -23.57 13.25 10.71
N ALA E 160 -23.62 14.55 10.99
CA ALA E 160 -24.42 15.04 12.08
C ALA E 160 -25.12 16.38 11.76
N ARG E 161 -26.41 16.43 12.11
CA ARG E 161 -27.21 17.63 11.97
C ARG E 161 -26.84 18.57 13.09
N LEU E 162 -26.65 19.83 12.75
CA LEU E 162 -26.38 20.89 13.71
C LEU E 162 -27.64 21.73 13.77
N GLN E 163 -28.43 21.51 14.82
CA GLN E 163 -29.72 22.18 15.03
C GLN E 163 -29.91 22.63 16.48
N PRO E 164 -29.41 23.84 16.84
CA PRO E 164 -29.53 24.37 18.22
C PRO E 164 -30.96 24.41 18.81
N ASN E 165 -31.02 24.05 20.09
CA ASN E 165 -32.25 23.82 20.84
C ASN E 165 -32.71 24.95 21.78
N HIS E 166 -32.12 26.15 21.69
CA HIS E 166 -32.46 27.28 22.62
C HIS E 166 -33.98 27.54 22.70
N PRO E 167 -34.55 27.55 23.92
CA PRO E 167 -36.02 27.68 24.12
C PRO E 167 -36.67 28.96 23.54
N THR E 168 -36.02 30.11 23.70
CA THR E 168 -36.52 31.37 23.16
C THR E 168 -36.03 31.66 21.73
N ASP E 169 -35.24 30.76 21.15
CA ASP E 169 -34.63 30.94 19.81
C ASP E 169 -33.83 32.26 19.75
N ASP E 170 -33.06 32.44 20.81
CA ASP E 170 -32.22 33.60 20.99
C ASP E 170 -31.10 33.57 19.95
N PRO E 171 -30.98 34.62 19.11
CA PRO E 171 -29.88 34.68 18.14
C PRO E 171 -28.49 34.43 18.73
N ASP E 172 -28.18 34.99 19.89
CA ASP E 172 -26.85 34.79 20.51
C ASP E 172 -26.67 33.36 21.06
N GLY E 173 -27.72 32.79 21.62
CA GLY E 173 -27.69 31.41 22.13
C GLY E 173 -27.53 30.41 21.00
N ILE E 174 -28.23 30.67 19.89
CA ILE E 174 -28.14 29.84 18.71
C ILE E 174 -26.75 29.95 18.11
N LEU E 175 -26.29 31.18 17.87
CA LEU E 175 -24.95 31.42 17.30
C LEU E 175 -23.86 30.71 18.10
N ALA E 176 -23.87 30.88 19.43
CA ALA E 176 -22.90 30.22 20.30
C ALA E 176 -22.92 28.74 20.05
N SER E 177 -24.13 28.19 20.01
CA SER E 177 -24.36 26.75 19.82
C SER E 177 -23.92 26.25 18.42
N LEU E 178 -24.02 27.11 17.40
CA LEU E 178 -23.60 26.74 16.04
C LEU E 178 -22.11 26.64 15.98
N MSE E 179 -21.45 27.69 16.44
CA MSE E 179 -20.01 27.76 16.44
C MSE E 179 -19.33 26.72 17.31
O MSE E 179 -18.20 26.32 17.01
CB MSE E 179 -19.57 29.14 16.92
CG MSE E 179 -20.04 30.30 16.07
SE MSE E 179 -19.48 32.01 16.87
CE MSE E 179 -20.23 31.87 18.68
N GLU E 180 -19.98 26.33 18.40
CA GLU E 180 -19.45 25.31 19.28
C GLU E 180 -19.59 23.98 18.53
N GLY E 181 -20.77 23.72 17.99
CA GLY E 181 -21.04 22.50 17.23
C GLY E 181 -20.10 22.31 16.05
N LEU E 182 -19.82 23.39 15.33
CA LEU E 182 -18.92 23.34 14.19
C LEU E 182 -17.53 22.93 14.59
N THR E 183 -17.09 23.31 15.78
CA THR E 183 -15.74 22.97 16.25
C THR E 183 -15.61 21.49 16.57
N TYR E 184 -16.71 20.83 16.91
CA TYR E 184 -16.70 19.38 17.14
C TYR E 184 -17.03 18.60 15.88
N GLY E 185 -17.11 19.31 14.74
CA GLY E 185 -17.42 18.70 13.45
C GLY E 185 -18.88 18.34 13.23
N ILE E 186 -19.77 19.15 13.80
CA ILE E 186 -21.19 18.90 13.70
C ILE E 186 -21.77 19.86 12.67
N GLY E 187 -22.68 19.35 11.85
CA GLY E 187 -23.34 20.12 10.80
C GLY E 187 -22.97 19.75 9.37
N ASP E 188 -22.26 18.66 9.17
CA ASP E 188 -21.97 18.24 7.80
C ASP E 188 -23.23 17.73 7.07
N ALA E 189 -24.16 17.14 7.82
CA ALA E 189 -25.44 16.69 7.25
C ALA E 189 -26.31 17.89 6.92
N VAL E 190 -26.59 18.70 7.93
CA VAL E 190 -27.38 19.88 7.70
C VAL E 190 -27.13 20.90 8.83
N ILE E 191 -27.42 22.16 8.57
CA ILE E 191 -27.33 23.25 9.56
C ILE E 191 -28.72 23.84 9.55
N GLY E 192 -29.39 23.83 10.68
CA GLY E 192 -30.77 24.28 10.69
C GLY E 192 -31.38 24.60 12.02
N LEU E 193 -32.72 24.63 12.02
CA LEU E 193 -33.46 24.96 13.20
C LEU E 193 -34.91 24.49 13.08
N ASN E 194 -35.49 24.09 14.21
CA ASN E 194 -36.93 23.82 14.33
C ASN E 194 -37.36 25.04 15.14
N PRO E 195 -37.80 26.10 14.45
CA PRO E 195 -38.04 27.34 15.16
C PRO E 195 -39.38 27.36 15.87
N VAL E 196 -39.43 28.15 16.95
CA VAL E 196 -40.64 28.34 17.75
C VAL E 196 -41.65 29.15 16.94
N ASP E 197 -41.16 30.19 16.28
CA ASP E 197 -41.95 31.01 15.40
C ASP E 197 -41.81 30.41 14.00
N ASP E 198 -42.77 29.60 13.56
CA ASP E 198 -42.66 29.00 12.23
C ASP E 198 -43.58 29.71 11.21
N SER E 199 -43.60 31.04 11.30
CA SER E 199 -44.34 31.87 10.36
C SER E 199 -43.44 32.10 9.15
N THR E 200 -44.02 32.49 8.03
CA THR E 200 -43.22 32.74 6.84
C THR E 200 -42.17 33.85 7.11
N ASP E 201 -42.58 35.00 7.64
CA ASP E 201 -41.62 36.09 7.88
C ASP E 201 -40.43 35.59 8.69
N SER E 202 -40.70 34.73 9.68
CA SER E 202 -39.65 34.17 10.56
C SER E 202 -38.68 33.30 9.79
N VAL E 203 -39.24 32.30 9.12
CA VAL E 203 -38.51 31.35 8.29
C VAL E 203 -37.56 32.10 7.33
N VAL E 204 -38.08 33.13 6.66
CA VAL E 204 -37.30 33.97 5.75
C VAL E 204 -36.07 34.58 6.43
N ARG E 205 -36.25 35.12 7.62
CA ARG E 205 -35.14 35.73 8.35
C ARG E 205 -34.14 34.67 8.71
N LEU E 206 -34.66 33.55 9.20
CA LEU E 206 -33.82 32.42 9.60
C LEU E 206 -32.99 31.90 8.44
N LEU E 207 -33.66 31.68 7.32
CA LEU E 207 -32.97 31.20 6.12
C LEU E 207 -31.86 32.15 5.71
N ASN E 208 -32.20 33.43 5.58
CA ASN E 208 -31.20 34.44 5.20
C ASN E 208 -30.03 34.47 6.17
N LYS E 209 -30.29 34.39 7.46
CA LYS E 209 -29.22 34.43 8.45
C LYS E 209 -28.41 33.12 8.46
N PHE E 210 -29.04 31.97 8.23
CA PHE E 210 -28.29 30.71 8.18
C PHE E 210 -27.37 30.71 6.96
N GLU E 211 -27.90 31.13 5.82
CA GLU E 211 -27.07 31.19 4.62
C GLU E 211 -25.96 32.24 4.75
N GLU E 212 -26.25 33.44 5.29
CA GLU E 212 -25.19 34.45 5.53
C GLU E 212 -24.03 33.83 6.28
N PHE E 213 -24.38 33.16 7.39
CA PHE E 213 -23.41 32.50 8.24
C PHE E 213 -22.63 31.41 7.50
N ARG E 214 -23.32 30.60 6.72
CA ARG E 214 -22.70 29.50 5.97
C ARG E 214 -21.79 30.02 4.87
N SER E 215 -22.30 30.98 4.13
CA SER E 215 -21.55 31.63 3.08
C SER E 215 -20.31 32.35 3.64
N LYS E 216 -20.48 33.01 4.79
CA LYS E 216 -19.37 33.72 5.42
C LYS E 216 -18.19 32.79 5.69
N TRP E 217 -18.41 31.76 6.48
CA TRP E 217 -17.34 30.82 6.81
C TRP E 217 -17.05 29.80 5.71
N ASP E 218 -17.84 29.84 4.64
CA ASP E 218 -17.71 28.94 3.49
C ASP E 218 -17.84 27.47 3.92
N VAL E 219 -18.97 27.14 4.55
CA VAL E 219 -19.14 25.80 5.07
C VAL E 219 -19.76 24.88 4.01
N PRO E 220 -19.04 23.80 3.62
CA PRO E 220 -19.63 22.84 2.68
C PRO E 220 -20.72 22.00 3.35
N THR E 221 -21.94 22.52 3.29
CA THR E 221 -23.10 21.88 3.90
C THR E 221 -24.40 22.42 3.26
N GLN E 222 -25.51 22.02 3.85
CA GLN E 222 -26.87 22.37 3.45
C GLN E 222 -27.58 23.06 4.58
N THR E 223 -28.51 23.95 4.29
CA THR E 223 -29.25 24.55 5.38
C THR E 223 -30.70 24.19 5.21
N CYS E 224 -31.42 24.29 6.32
CA CYS E 224 -32.83 23.96 6.34
C CYS E 224 -33.51 24.49 7.59
N VAL E 225 -34.76 24.91 7.45
CA VAL E 225 -35.56 25.38 8.59
C VAL E 225 -36.76 24.46 8.69
N LEU E 226 -36.80 23.73 9.79
CA LEU E 226 -37.79 22.67 10.01
C LEU E 226 -39.20 23.21 10.34
N ALA E 227 -39.80 23.85 9.37
CA ALA E 227 -41.11 24.41 9.48
C ALA E 227 -42.03 23.58 8.58
N HIS E 228 -43.22 24.07 8.31
CA HIS E 228 -44.14 23.37 7.45
C HIS E 228 -43.65 23.54 6.02
N VAL E 229 -43.77 22.49 5.22
CA VAL E 229 -43.33 22.51 3.82
C VAL E 229 -43.90 23.69 3.01
N LYS E 230 -45.16 24.05 3.22
CA LYS E 230 -45.78 25.18 2.53
C LYS E 230 -45.24 26.52 3.02
N THR E 231 -44.72 26.56 4.24
CA THR E 231 -44.16 27.78 4.77
C THR E 231 -42.83 28.00 4.09
N GLN E 232 -42.03 26.94 3.99
CA GLN E 232 -40.71 27.02 3.38
C GLN E 232 -40.86 27.44 1.93
N MSE E 233 -41.87 26.87 1.23
CA MSE E 233 -42.17 27.20 -0.16
C MSE E 233 -42.48 28.66 -0.33
O MSE E 233 -42.03 29.27 -1.31
CB MSE E 233 -43.34 26.39 -0.66
CG MSE E 233 -43.01 24.94 -0.89
SE MSE E 233 -44.52 23.85 -1.56
CE MSE E 233 -44.67 24.46 -3.26
N GLU E 234 -43.24 29.24 0.61
CA GLU E 234 -43.60 30.65 0.57
C GLU E 234 -42.38 31.51 0.82
N ALA E 235 -41.50 31.07 1.73
CA ALA E 235 -40.28 31.79 2.03
C ALA E 235 -39.34 31.79 0.82
N MSE E 236 -39.26 30.67 0.11
CA MSE E 236 -38.39 30.51 -1.06
C MSE E 236 -38.89 31.31 -2.23
O MSE E 236 -38.08 31.77 -3.01
CB MSE E 236 -38.28 29.05 -1.51
CG MSE E 236 -37.64 28.11 -0.53
SE MSE E 236 -38.18 26.22 -0.93
CE MSE E 236 -37.20 26.02 -2.47
N ARG E 237 -40.22 31.43 -2.37
CA ARG E 237 -40.80 32.27 -3.42
C ARG E 237 -40.57 33.76 -3.12
N ARG E 238 -40.35 34.11 -1.87
CA ARG E 238 -39.98 35.48 -1.55
C ARG E 238 -38.49 35.70 -1.71
N GLY E 239 -37.75 34.66 -2.12
CA GLY E 239 -36.32 34.77 -2.38
C GLY E 239 -35.37 34.33 -1.27
N ALA E 240 -35.88 33.54 -0.34
CA ALA E 240 -35.06 33.07 0.76
C ALA E 240 -34.42 31.77 0.36
N PRO E 241 -33.11 31.62 0.64
CA PRO E 241 -32.36 30.43 0.27
C PRO E 241 -32.48 29.30 1.29
N THR E 242 -32.72 28.08 0.80
CA THR E 242 -32.73 26.89 1.62
C THR E 242 -32.03 25.74 0.87
N GLY E 243 -31.25 24.94 1.58
CA GLY E 243 -30.58 23.78 1.00
C GLY E 243 -31.56 22.63 0.86
N LEU E 244 -32.26 22.31 1.94
CA LEU E 244 -33.24 21.21 1.91
C LEU E 244 -34.61 21.75 2.22
N VAL E 245 -35.62 20.93 1.94
CA VAL E 245 -36.99 21.27 2.26
C VAL E 245 -37.51 20.16 3.16
N PHE E 246 -37.96 20.57 4.34
CA PHE E 246 -38.39 19.64 5.39
C PHE E 246 -39.87 19.40 5.46
N GLN E 247 -40.26 18.17 5.80
CA GLN E 247 -41.66 17.87 6.10
C GLN E 247 -41.87 16.60 6.90
N SER E 248 -42.67 16.67 7.96
CA SER E 248 -43.03 15.47 8.68
C SER E 248 -44.08 14.83 7.82
N ILE E 249 -43.98 13.51 7.66
CA ILE E 249 -44.84 12.73 6.77
C ILE E 249 -45.41 11.50 7.45
N ALA E 250 -46.46 10.96 6.86
CA ALA E 250 -47.15 9.83 7.44
C ALA E 250 -47.27 8.74 6.43
N GLY E 251 -47.74 7.59 6.90
CA GLY E 251 -47.82 6.42 6.06
C GLY E 251 -49.15 6.23 5.44
N SER E 252 -50.02 7.23 5.56
CA SER E 252 -51.35 7.15 4.94
C SER E 252 -51.72 8.52 4.45
N GLU E 253 -52.59 8.57 3.46
CA GLU E 253 -53.03 9.85 2.93
C GLU E 253 -53.76 10.63 4.02
N LYS E 254 -54.54 9.93 4.84
CA LYS E 254 -55.24 10.57 5.96
C LYS E 254 -54.25 11.27 6.91
N GLY E 255 -53.13 10.60 7.22
CA GLY E 255 -52.10 11.15 8.08
C GLY E 255 -51.44 12.37 7.46
N ASN E 256 -51.16 12.29 6.18
CA ASN E 256 -50.59 13.40 5.44
C ASN E 256 -51.56 14.56 5.35
N THR E 257 -52.84 14.29 5.08
CA THR E 257 -53.84 15.36 5.03
C THR E 257 -53.86 16.08 6.36
N ALA E 258 -53.88 15.30 7.45
CA ALA E 258 -53.79 15.85 8.81
C ALA E 258 -52.58 16.76 9.02
N PHE E 259 -51.46 16.47 8.36
CA PHE E 259 -50.25 17.33 8.38
C PHE E 259 -50.33 18.54 7.46
N GLY E 260 -51.31 18.57 6.57
CA GLY E 260 -51.49 19.71 5.68
C GLY E 260 -50.77 19.66 4.34
N PHE E 261 -50.74 18.48 3.71
CA PHE E 261 -50.12 18.32 2.40
C PHE E 261 -50.53 17.01 1.69
N ASP E 262 -50.18 16.94 0.42
CA ASP E 262 -50.35 15.73 -0.34
C ASP E 262 -49.08 15.52 -1.21
N GLY E 263 -49.06 14.45 -1.99
CA GLY E 263 -47.92 14.12 -2.83
C GLY E 263 -47.57 15.23 -3.78
N ALA E 264 -48.60 15.85 -4.34
CA ALA E 264 -48.47 16.97 -5.27
C ALA E 264 -47.79 18.15 -4.64
N THR E 265 -48.02 18.35 -3.35
CA THR E 265 -47.39 19.43 -2.61
C THR E 265 -45.88 19.18 -2.43
N ILE E 266 -45.52 17.93 -2.20
CA ILE E 266 -44.13 17.58 -1.99
C ILE E 266 -43.39 17.58 -3.33
N GLU E 267 -44.10 17.25 -4.41
CA GLU E 267 -43.47 17.30 -5.72
C GLU E 267 -43.22 18.74 -6.17
N GLU E 268 -44.10 19.65 -5.75
CA GLU E 268 -44.00 21.05 -6.10
C GLU E 268 -42.81 21.68 -5.35
N ALA E 269 -42.67 21.29 -4.09
CA ALA E 269 -41.57 21.74 -3.24
C ALA E 269 -40.24 21.28 -3.80
N ARG E 270 -40.19 20.01 -4.22
CA ARG E 270 -38.99 19.43 -4.77
C ARG E 270 -38.54 20.20 -6.01
N GLN E 271 -39.47 20.37 -6.96
N GLN E 271 -39.46 20.35 -6.98
CA GLN E 271 -39.23 21.12 -8.18
CA GLN E 271 -39.22 21.13 -8.19
C GLN E 271 -38.84 22.58 -7.91
C GLN E 271 -38.79 22.56 -7.88
N LEU E 272 -39.42 23.18 -6.88
CA LEU E 272 -39.11 24.57 -6.50
C LEU E 272 -37.71 24.68 -5.94
N ALA E 273 -37.29 23.67 -5.18
CA ALA E 273 -35.95 23.61 -4.62
C ALA E 273 -34.89 23.42 -5.71
N LEU E 274 -35.22 22.68 -6.76
CA LEU E 274 -34.31 22.47 -7.87
C LEU E 274 -34.18 23.71 -8.70
N GLN E 275 -35.26 24.49 -8.75
CA GLN E 275 -35.31 25.72 -9.51
C GLN E 275 -34.64 26.91 -8.80
N SER E 276 -34.93 27.13 -7.53
CA SER E 276 -34.33 28.28 -6.84
C SER E 276 -33.80 27.99 -5.44
N GLY E 277 -33.62 26.71 -5.10
CA GLY E 277 -32.99 26.34 -3.85
C GLY E 277 -31.51 26.63 -3.89
N ALA E 278 -30.87 26.63 -2.72
CA ALA E 278 -29.44 26.93 -2.60
C ALA E 278 -28.59 25.70 -2.72
N ALA E 279 -29.21 24.52 -2.84
CA ALA E 279 -28.48 23.28 -2.99
C ALA E 279 -28.31 22.87 -4.45
N THR E 280 -27.16 22.30 -4.77
CA THR E 280 -26.92 21.76 -6.10
C THR E 280 -27.97 20.71 -6.46
N GLY E 281 -28.23 19.80 -5.54
CA GLY E 281 -29.18 18.71 -5.78
C GLY E 281 -28.42 17.52 -6.35
N PRO E 282 -29.16 16.51 -6.85
CA PRO E 282 -30.61 16.38 -7.01
C PRO E 282 -31.44 16.13 -5.74
N ASN E 283 -30.79 15.62 -4.70
CA ASN E 283 -31.47 15.24 -3.46
C ASN E 283 -31.62 16.46 -2.56
N VAL E 284 -32.86 16.97 -2.47
CA VAL E 284 -33.15 18.19 -1.71
C VAL E 284 -34.26 18.06 -0.64
N MSE E 285 -34.91 16.91 -0.55
CA MSE E 285 -35.99 16.70 0.41
C MSE E 285 -35.48 16.16 1.74
O MSE E 285 -34.53 15.37 1.79
CB MSE E 285 -37.04 15.74 -0.16
CG MSE E 285 -37.77 16.25 -1.41
SE MSE E 285 -38.36 18.22 -1.23
CE MSE E 285 -39.42 18.19 0.17
N TYR E 286 -36.09 16.62 2.82
CA TYR E 286 -35.75 16.19 4.16
C TYR E 286 -37.05 15.82 4.87
N PHE E 287 -37.27 14.53 5.02
CA PHE E 287 -38.46 14.04 5.69
C PHE E 287 -38.18 13.56 7.11
N GLU E 288 -39.15 13.75 7.99
CA GLU E 288 -39.09 13.24 9.36
C GLU E 288 -40.26 12.27 9.54
N THR E 289 -39.99 11.06 10.02
CA THR E 289 -41.02 10.03 10.20
C THR E 289 -41.16 9.67 11.68
N GLY E 290 -41.80 8.54 12.00
CA GLY E 290 -42.02 8.12 13.39
C GLY E 290 -43.43 8.37 13.91
N HIS E 300 -56.00 5.06 13.62
CA HIS E 300 -55.91 5.24 12.17
C HIS E 300 -54.81 4.33 11.53
N PHE E 301 -55.11 3.08 11.19
CA PHE E 301 -56.42 2.43 11.36
C PHE E 301 -56.30 0.90 11.33
N GLY E 302 -55.96 0.33 12.48
CA GLY E 302 -55.79 -1.14 12.63
C GLY E 302 -54.44 -1.72 12.18
N VAL E 303 -53.54 -0.83 11.74
CA VAL E 303 -52.23 -1.15 11.20
C VAL E 303 -51.13 -0.88 12.23
N ASP E 304 -50.16 -1.79 12.32
CA ASP E 304 -49.07 -1.64 13.30
C ASP E 304 -48.12 -0.49 12.96
N GLN E 305 -47.37 -0.09 13.97
CA GLN E 305 -46.40 1.02 13.87
C GLN E 305 -45.26 0.78 12.91
N VAL E 306 -44.84 -0.48 12.78
CA VAL E 306 -43.73 -0.83 11.93
C VAL E 306 -44.14 -0.73 10.45
N THR E 307 -45.26 -1.35 10.11
CA THR E 307 -45.79 -1.30 8.76
C THR E 307 -46.15 0.11 8.30
N MSE E 308 -46.62 0.97 9.20
CA MSE E 308 -46.89 2.36 8.83
C MSE E 308 -45.60 3.05 8.61
O MSE E 308 -45.50 3.93 7.74
CB MSE E 308 -47.63 3.13 9.90
CG MSE E 308 -49.12 3.00 9.86
SE MSE E 308 -49.83 3.45 8.19
CE MSE E 308 -51.38 4.30 8.77
N GLU E 309 -44.62 2.72 9.43
CA GLU E 309 -43.27 3.30 9.28
C GLU E 309 -42.69 2.97 7.89
N ALA E 310 -42.81 1.70 7.48
CA ALA E 310 -42.31 1.30 6.18
C ALA E 310 -42.96 2.10 5.07
N ARG E 311 -44.25 2.36 5.19
CA ARG E 311 -44.98 3.08 4.15
C ARG E 311 -44.56 4.55 4.12
N CYS E 312 -44.08 5.08 5.23
CA CYS E 312 -43.54 6.44 5.15
C CYS E 312 -42.31 6.44 4.22
N TYR E 313 -41.52 5.38 4.30
CA TYR E 313 -40.27 5.28 3.55
C TYR E 313 -40.54 5.12 2.08
N GLY E 314 -41.50 4.26 1.75
CA GLY E 314 -41.92 4.11 0.37
C GLY E 314 -42.47 5.43 -0.18
N PHE E 315 -43.16 6.21 0.64
CA PHE E 315 -43.62 7.53 0.20
C PHE E 315 -42.42 8.43 -0.06
N ALA E 316 -41.50 8.48 0.89
CA ALA E 316 -40.33 9.36 0.79
C ALA E 316 -39.44 9.07 -0.41
N LYS E 317 -39.35 7.79 -0.79
CA LYS E 317 -38.48 7.34 -1.86
C LYS E 317 -38.79 8.01 -3.19
N LYS E 318 -40.07 8.25 -3.43
CA LYS E 318 -40.51 8.93 -4.64
C LYS E 318 -39.92 10.34 -4.81
N PHE E 319 -39.45 10.99 -3.74
CA PHE E 319 -38.94 12.37 -3.81
C PHE E 319 -37.44 12.48 -3.60
N ASP E 320 -36.79 11.32 -3.76
CA ASP E 320 -35.33 11.12 -3.58
C ASP E 320 -34.67 12.09 -2.63
N PRO E 321 -34.91 11.90 -1.33
CA PRO E 321 -34.44 12.81 -0.32
C PRO E 321 -33.00 12.64 0.12
N PHE E 322 -32.46 13.76 0.60
CA PHE E 322 -31.15 13.80 1.13
C PHE E 322 -31.13 13.10 2.50
N LEU E 323 -32.19 13.29 3.28
CA LEU E 323 -32.33 12.73 4.63
C LEU E 323 -33.74 12.28 4.92
N VAL E 324 -33.84 11.21 5.67
CA VAL E 324 -35.10 10.79 6.24
C VAL E 324 -34.64 10.45 7.65
N ASN E 325 -35.29 10.96 8.68
CA ASN E 325 -34.93 10.61 10.04
C ASN E 325 -36.20 10.21 10.79
N THR E 326 -36.23 8.97 11.27
CA THR E 326 -37.32 8.51 12.10
C THR E 326 -37.12 9.12 13.49
N VAL E 327 -38.14 9.02 14.33
CA VAL E 327 -38.01 9.47 15.73
C VAL E 327 -38.47 8.34 16.65
N VAL E 328 -37.60 7.93 17.57
CA VAL E 328 -37.91 6.94 18.61
C VAL E 328 -37.57 7.58 19.97
N GLY E 329 -38.07 7.06 21.08
CA GLY E 329 -37.73 7.69 22.36
C GLY E 329 -37.85 6.96 23.70
N PHE E 330 -37.07 7.48 24.68
CA PHE E 330 -37.02 6.99 26.09
C PHE E 330 -37.77 7.94 27.06
N TYR E 337 -43.02 -0.54 29.25
CA TYR E 337 -41.95 -0.33 28.29
C TYR E 337 -40.61 -0.77 28.85
N ASP E 338 -39.89 -1.60 28.10
CA ASP E 338 -38.51 -1.93 28.42
C ASP E 338 -37.69 -1.14 27.37
N SER E 339 -36.48 -0.75 27.71
CA SER E 339 -35.62 0.04 26.82
C SER E 339 -35.30 -0.69 25.52
N LYS E 340 -35.41 -2.02 25.52
CA LYS E 340 -35.11 -2.83 24.37
C LYS E 340 -36.00 -2.53 23.17
N GLN E 341 -37.22 -2.07 23.45
CA GLN E 341 -38.22 -1.72 22.42
C GLN E 341 -37.81 -0.52 21.59
N VAL E 342 -37.15 0.44 22.24
CA VAL E 342 -36.68 1.63 21.55
C VAL E 342 -35.53 1.23 20.62
N ILE E 343 -34.62 0.40 21.14
CA ILE E 343 -33.49 -0.11 20.37
C ILE E 343 -34.01 -0.90 19.19
N ARG E 344 -34.88 -1.85 19.46
CA ARG E 344 -35.46 -2.66 18.41
C ARG E 344 -36.12 -1.78 17.34
N ALA E 345 -36.77 -0.69 17.76
CA ALA E 345 -37.46 0.18 16.82
C ALA E 345 -36.46 0.93 15.94
N GLY E 346 -35.37 1.41 16.50
CA GLY E 346 -34.38 2.13 15.68
C GLY E 346 -33.75 1.23 14.65
N LEU E 347 -33.40 0.04 15.09
CA LEU E 347 -32.77 -0.92 14.18
C LEU E 347 -33.67 -1.33 13.03
N GLU E 348 -34.96 -1.52 13.33
CA GLU E 348 -35.98 -1.86 12.34
C GLU E 348 -36.14 -0.70 11.40
N ASP E 349 -36.36 0.48 11.99
CA ASP E 349 -36.50 1.68 11.21
C ASP E 349 -35.34 1.84 10.26
N HIS E 350 -34.11 1.75 10.76
CA HIS E 350 -32.93 1.86 9.90
C HIS E 350 -32.88 0.78 8.82
N PHE E 351 -33.09 -0.48 9.17
CA PHE E 351 -33.03 -1.54 8.15
C PHE E 351 -34.03 -1.33 7.00
N MSE E 352 -35.30 -1.17 7.36
CA MSE E 352 -36.39 -0.93 6.40
C MSE E 352 -36.08 0.25 5.45
O MSE E 352 -36.30 0.16 4.25
CB MSE E 352 -37.71 -0.68 7.16
CG MSE E 352 -38.33 -1.95 7.86
SE MSE E 352 -39.94 -1.64 8.57
CE MSE E 352 -39.61 0.58 9.37
N GLY E 353 -35.56 1.33 6.01
CA GLY E 353 -35.18 2.50 5.22
C GLY E 353 -34.01 2.25 4.29
N LYS E 354 -32.90 1.69 4.77
CA LYS E 354 -31.82 1.31 3.84
C LYS E 354 -32.38 0.36 2.76
N LEU E 355 -33.24 -0.59 3.12
CA LEU E 355 -33.82 -1.55 2.12
C LEU E 355 -34.75 -0.89 1.08
N THR E 356 -35.45 0.18 1.46
CA THR E 356 -36.27 0.96 0.52
C THR E 356 -35.37 1.78 -0.40
N GLY E 357 -34.16 2.07 0.09
CA GLY E 357 -33.16 2.83 -0.67
C GLY E 357 -33.09 4.29 -0.34
N ILE E 358 -33.41 4.64 0.91
CA ILE E 358 -33.37 6.08 1.32
C ILE E 358 -32.26 6.35 2.30
N SER E 359 -31.84 7.60 2.32
CA SER E 359 -30.80 8.04 3.20
C SER E 359 -31.46 8.04 4.56
N MSE E 360 -31.25 6.96 5.33
CA MSE E 360 -31.92 6.79 6.64
C MSE E 360 -31.11 7.11 7.90
O MSE E 360 -30.03 6.57 8.16
CB MSE E 360 -32.39 5.34 6.77
CG MSE E 360 -33.44 5.20 7.83
SE MSE E 360 -35.04 5.92 7.20
CE MSE E 360 -35.69 6.15 8.81
N GLY E 361 -31.70 7.94 8.73
CA GLY E 361 -31.10 8.37 9.98
C GLY E 361 -32.06 8.11 11.11
N CYS E 362 -31.67 8.54 12.29
CA CYS E 362 -32.46 8.28 13.46
C CYS E 362 -32.35 9.33 14.54
N ASP E 363 -33.48 9.91 14.91
CA ASP E 363 -33.52 10.87 16.00
C ASP E 363 -33.92 10.09 17.24
N VAL E 364 -33.24 10.35 18.36
CA VAL E 364 -33.53 9.64 19.61
C VAL E 364 -33.80 10.59 20.77
N CYS E 365 -35.04 10.60 21.23
CA CYS E 365 -35.48 11.43 22.34
C CYS E 365 -35.27 10.73 23.65
N TYR E 366 -35.00 11.50 24.68
CA TYR E 366 -34.79 10.96 26.00
C TYR E 366 -35.02 12.07 27.00
N THR E 367 -35.17 11.68 28.28
CA THR E 367 -35.38 12.63 29.39
C THR E 367 -34.28 12.64 30.46
N ASP E 373 -32.51 7.49 29.71
CA ASP E 373 -31.11 7.79 30.01
C ASP E 373 -30.32 8.16 28.79
N GLN E 374 -29.24 8.88 29.01
CA GLN E 374 -28.27 9.13 27.95
C GLN E 374 -27.52 7.82 27.59
N ASN E 375 -27.38 6.91 28.55
CA ASN E 375 -26.74 5.63 28.30
C ASN E 375 -27.52 4.79 27.32
N ASP E 376 -28.84 4.88 27.36
CA ASP E 376 -29.68 4.15 26.42
C ASP E 376 -29.56 4.67 24.99
N VAL E 377 -29.39 5.97 24.85
CA VAL E 377 -29.24 6.60 23.56
C VAL E 377 -27.91 6.18 22.97
N GLU E 378 -26.88 6.19 23.81
CA GLU E 378 -25.55 5.80 23.39
C GLU E 378 -25.50 4.34 22.95
N ASN E 379 -26.26 3.47 23.61
CA ASN E 379 -26.38 2.07 23.19
C ASN E 379 -26.97 1.93 21.81
N LEU E 380 -28.06 2.63 21.53
CA LEU E 380 -28.68 2.51 20.22
C LEU E 380 -27.78 3.10 19.16
N SER E 381 -27.21 4.27 19.46
CA SER E 381 -26.28 4.94 18.55
C SER E 381 -25.11 4.11 18.06
N VAL E 382 -24.44 3.46 19.01
CA VAL E 382 -23.34 2.55 18.71
C VAL E 382 -23.88 1.37 17.87
N LEU E 383 -25.04 0.85 18.22
CA LEU E 383 -25.62 -0.25 17.43
C LEU E 383 -25.96 0.23 15.99
N LEU E 384 -26.61 1.38 15.88
CA LEU E 384 -26.95 1.94 14.56
C LEU E 384 -25.72 2.18 13.70
N THR E 385 -24.65 2.63 14.35
CA THR E 385 -23.40 2.90 13.64
C THR E 385 -22.77 1.61 13.16
N ALA E 386 -22.82 0.57 13.98
CA ALA E 386 -22.34 -0.77 13.55
C ALA E 386 -23.14 -1.21 12.34
N ALA E 387 -24.40 -0.80 12.28
CA ALA E 387 -25.34 -1.10 11.18
C ALA E 387 -25.15 -0.22 9.93
N GLY E 388 -24.26 0.76 9.98
CA GLY E 388 -24.03 1.58 8.81
C GLY E 388 -24.93 2.79 8.71
N CYS E 389 -25.41 3.26 9.86
CA CYS E 389 -26.20 4.46 9.88
C CYS E 389 -25.25 5.66 9.86
N ASN E 390 -25.54 6.63 8.98
CA ASN E 390 -24.70 7.85 8.78
C ASN E 390 -25.07 9.10 9.54
N PHE E 391 -26.19 9.07 10.25
CA PHE E 391 -26.55 10.19 11.07
C PHE E 391 -27.53 9.75 12.12
N ILE E 392 -27.23 10.16 13.32
CA ILE E 392 -28.00 9.85 14.49
C ILE E 392 -27.96 11.12 15.26
N MSE E 393 -29.03 11.43 15.99
CA MSE E 393 -29.00 12.63 16.81
C MSE E 393 -29.82 12.42 18.07
O MSE E 393 -30.83 11.73 18.05
CB MSE E 393 -29.51 13.85 16.04
CG MSE E 393 -28.83 15.13 16.50
SE MSE E 393 -29.85 16.66 16.01
CE MSE E 393 -28.57 18.13 16.65
N GLY E 394 -29.34 12.99 19.16
CA GLY E 394 -30.01 12.92 20.45
C GLY E 394 -30.88 14.14 20.63
N ILE E 395 -32.07 13.96 21.18
CA ILE E 395 -33.03 15.05 21.43
C ILE E 395 -33.45 15.04 22.91
N PRO E 396 -32.77 15.86 23.74
CA PRO E 396 -33.14 15.93 25.14
C PRO E 396 -34.50 16.57 25.31
N HIS E 397 -35.40 15.83 25.96
CA HIS E 397 -36.73 16.30 26.35
C HIS E 397 -36.65 16.48 27.88
N GLY E 398 -37.50 17.32 28.43
CA GLY E 398 -37.49 17.54 29.88
C GLY E 398 -37.95 18.91 30.26
N ASP E 399 -38.23 19.06 31.55
CA ASP E 399 -38.73 20.31 32.12
C ASP E 399 -37.65 21.39 32.17
N ASP E 400 -36.40 20.98 32.36
CA ASP E 400 -35.29 21.92 32.42
C ASP E 400 -34.92 22.29 30.98
N VAL E 401 -35.54 23.36 30.45
CA VAL E 401 -35.29 23.82 29.04
C VAL E 401 -33.86 24.35 28.78
N MSE E 402 -33.18 24.85 29.81
CA MSE E 402 -31.79 25.31 29.68
C MSE E 402 -30.76 24.17 29.75
O MSE E 402 -29.66 24.31 29.21
CB MSE E 402 -31.45 26.37 30.75
CG MSE E 402 -31.98 27.75 30.43
SE MSE E 402 -31.28 28.50 28.72
CE MSE E 402 -29.26 28.32 29.02
N LEU E 403 -31.13 23.08 30.41
CA LEU E 403 -30.28 21.89 30.47
C LEU E 403 -30.34 21.18 29.12
N ASN E 404 -31.49 21.25 28.45
CA ASN E 404 -31.69 20.66 27.11
C ASN E 404 -30.83 21.38 26.03
N TYR E 405 -30.86 22.72 26.07
CA TYR E 405 -30.06 23.56 25.17
C TYR E 405 -28.54 23.37 25.42
N GLN E 406 -28.16 23.20 26.69
CA GLN E 406 -26.76 22.96 27.09
C GLN E 406 -26.33 21.49 26.84
N THR E 407 -27.30 20.55 26.81
CA THR E 407 -27.08 19.11 26.52
C THR E 407 -27.02 18.98 25.00
N THR E 408 -25.79 19.01 24.53
CA THR E 408 -25.48 19.22 23.13
C THR E 408 -25.22 17.94 22.28
N GLY E 409 -24.55 16.94 22.84
CA GLY E 409 -24.21 15.71 22.10
C GLY E 409 -23.07 15.87 21.08
N TYR E 410 -22.43 17.03 21.08
CA TYR E 410 -21.39 17.33 20.14
C TYR E 410 -20.16 16.50 20.39
N HIS E 411 -19.73 16.51 21.63
CA HIS E 411 -18.59 15.75 22.06
C HIS E 411 -18.80 14.23 21.93
N GLU E 412 -20.01 13.78 22.21
CA GLU E 412 -20.37 12.38 22.19
C GLU E 412 -20.39 11.87 20.76
N THR E 413 -20.86 12.68 19.82
CA THR E 413 -20.85 12.34 18.39
C THR E 413 -19.43 12.23 17.87
N ALA E 414 -18.58 13.17 18.26
CA ALA E 414 -17.19 13.13 17.92
C ALA E 414 -16.51 11.84 18.42
N THR E 415 -16.90 11.37 19.60
CA THR E 415 -16.37 10.14 20.18
C THR E 415 -16.85 8.92 19.42
N LEU E 416 -18.10 8.94 19.01
CA LEU E 416 -18.68 7.87 18.22
C LEU E 416 -17.91 7.66 16.90
N ARG E 417 -17.62 8.78 16.25
CA ARG E 417 -16.90 8.78 14.99
C ARG E 417 -15.56 8.21 15.19
N GLU E 418 -14.89 8.63 16.24
CA GLU E 418 -13.56 8.14 16.52
C GLU E 418 -13.59 6.66 16.93
N LEU E 419 -14.64 6.24 17.63
CA LEU E 419 -14.76 4.81 18.02
C LEU E 419 -14.71 3.92 16.79
N PHE E 420 -15.44 4.30 15.76
CA PHE E 420 -15.51 3.55 14.49
C PHE E 420 -14.56 4.03 13.40
N GLY E 421 -13.77 5.07 13.67
CA GLY E 421 -12.85 5.64 12.70
C GLY E 421 -13.56 6.23 11.48
N LEU E 422 -14.66 6.94 11.74
CA LEU E 422 -15.46 7.58 10.71
C LEU E 422 -15.08 9.08 10.70
N LYS E 423 -15.33 9.76 9.59
CA LYS E 423 -14.99 11.18 9.43
C LYS E 423 -16.22 11.87 8.94
N PRO E 424 -16.29 13.22 9.05
CA PRO E 424 -17.46 13.87 8.47
C PRO E 424 -17.40 13.80 6.95
N ILE E 425 -18.48 14.22 6.28
CA ILE E 425 -18.52 14.24 4.81
C ILE E 425 -17.22 14.84 4.25
N LYS E 426 -16.70 14.28 3.16
CA LYS E 426 -15.38 14.65 2.64
C LYS E 426 -15.12 16.15 2.61
N GLU E 427 -15.98 16.95 1.98
CA GLU E 427 -15.70 18.40 1.87
C GLU E 427 -15.75 19.11 3.21
N PHE E 428 -16.62 18.66 4.08
CA PHE E 428 -16.72 19.19 5.43
C PHE E 428 -15.46 18.82 6.24
N ASP E 429 -14.96 17.60 6.04
CA ASP E 429 -13.75 17.16 6.70
C ASP E 429 -12.59 18.02 6.26
N GLN E 430 -12.59 18.39 4.98
CA GLN E 430 -11.57 19.26 4.43
C GLN E 430 -11.65 20.66 5.01
N TRP E 431 -12.87 21.15 5.22
CA TRP E 431 -13.11 22.45 5.85
C TRP E 431 -12.66 22.43 7.32
N MSE E 432 -12.89 21.35 8.00
CA MSE E 432 -12.42 21.20 9.38
C MSE E 432 -10.90 21.30 9.48
O MSE E 432 -10.37 21.89 10.42
CB MSE E 432 -12.83 19.87 9.97
CG MSE E 432 -14.28 19.72 10.15
SE MSE E 432 -15.04 20.63 11.65
CE MSE E 432 -14.23 19.77 12.96
N GLU E 433 -10.20 20.70 8.52
CA GLU E 433 -8.76 20.74 8.50
C GLU E 433 -8.26 22.13 8.17
N LYS E 434 -8.91 22.81 7.21
CA LYS E 434 -8.55 24.19 6.88
C LYS E 434 -8.74 25.07 8.11
N MSE E 435 -9.80 24.83 8.87
CA MSE E 435 -10.12 25.61 10.07
C MSE E 435 -9.27 25.23 11.32
O MSE E 435 -9.32 25.91 12.35
CB MSE E 435 -11.59 25.42 10.40
CG MSE E 435 -12.54 26.00 9.35
SE MSE E 435 -12.63 27.96 9.41
CE MSE E 435 -13.65 28.18 11.01
N GLY E 436 -8.50 24.15 11.22
CA GLY E 436 -7.64 23.67 12.31
C GLY E 436 -8.42 22.98 13.41
N PHE E 437 -9.64 22.57 13.12
CA PHE E 437 -10.49 21.89 14.09
C PHE E 437 -10.23 20.41 14.10
N SER E 438 -9.58 19.87 13.08
CA SER E 438 -9.29 18.42 13.05
C SER E 438 -8.13 18.08 12.13
N GLU E 439 -7.58 16.90 12.33
CA GLU E 439 -6.49 16.34 11.52
C GLU E 439 -6.78 14.85 11.39
N ASN E 440 -6.91 14.34 10.16
CA ASN E 440 -7.26 12.94 9.90
C ASN E 440 -8.47 12.50 10.71
N GLY E 441 -9.51 13.33 10.71
CA GLY E 441 -10.75 13.02 11.41
C GLY E 441 -10.74 13.03 12.92
N LYS E 442 -9.62 13.43 13.52
CA LYS E 442 -9.49 13.50 14.98
C LYS E 442 -9.45 14.98 15.36
N LEU E 443 -10.24 15.37 16.35
CA LEU E 443 -10.31 16.77 16.71
C LEU E 443 -9.04 17.26 17.38
N THR E 444 -8.80 18.56 17.26
CA THR E 444 -7.63 19.23 17.82
C THR E 444 -8.02 19.92 19.14
N SER E 445 -7.09 20.71 19.69
CA SER E 445 -7.32 21.52 20.90
C SER E 445 -8.41 22.57 20.73
N ARG E 446 -8.61 23.00 19.49
CA ARG E 446 -9.60 24.01 19.15
C ARG E 446 -11.04 23.51 19.34
N ALA E 447 -11.25 22.20 19.40
CA ALA E 447 -12.57 21.64 19.63
C ALA E 447 -13.17 22.22 20.92
N GLY E 448 -14.29 22.92 20.78
CA GLY E 448 -14.97 23.58 21.90
C GLY E 448 -14.66 25.06 21.99
N ASP E 449 -13.66 25.51 21.23
CA ASP E 449 -13.20 26.89 21.25
C ASP E 449 -13.74 27.71 20.07
N ALA E 450 -14.76 28.53 20.35
CA ALA E 450 -15.38 29.42 19.35
C ALA E 450 -14.49 30.61 18.92
N SER E 451 -13.31 30.72 19.51
CA SER E 451 -12.30 31.74 19.23
C SER E 451 -12.13 32.13 17.74
N ILE E 452 -11.74 31.17 16.90
CA ILE E 452 -11.52 31.39 15.45
C ILE E 452 -12.61 32.19 14.78
N PHE E 453 -13.84 31.95 15.21
CA PHE E 453 -14.99 32.63 14.63
C PHE E 453 -15.08 34.09 15.02
N LEU E 454 -14.73 34.43 16.27
CA LEU E 454 -14.82 35.84 16.75
C LEU E 454 -13.62 36.74 16.31
N LYS E 455 -12.41 36.17 16.24
CA LYS E 455 -11.18 36.93 15.84
C LYS E 455 -11.18 37.42 14.39
N MSE F 2 13.53 -14.49 -52.78
CA MSE F 2 12.36 -13.68 -52.31
C MSE F 2 11.43 -13.29 -53.46
O MSE F 2 11.88 -12.89 -54.54
CB MSE F 2 12.84 -12.42 -51.60
CG MSE F 2 13.17 -11.25 -52.53
SE MSE F 2 14.19 -9.93 -51.59
CE MSE F 2 15.97 -10.98 -51.59
N ILE F 3 10.13 -13.35 -53.17
CA ILE F 3 9.08 -13.10 -54.12
C ILE F 3 8.64 -11.64 -53.98
N LEU F 4 8.52 -10.90 -55.08
CA LEU F 4 8.04 -9.49 -55.04
C LEU F 4 6.71 -9.32 -55.80
N LYS F 5 5.91 -10.39 -55.85
CA LYS F 5 4.64 -10.43 -56.56
C LYS F 5 3.50 -10.85 -55.61
N THR F 6 2.24 -10.70 -56.05
CA THR F 6 1.06 -11.12 -55.25
C THR F 6 -0.29 -10.85 -55.96
N ASN F 7 -1.36 -11.51 -55.49
CA ASN F 7 -2.73 -11.34 -56.02
C ASN F 7 -3.55 -10.34 -55.19
N GLY F 10 -7.19 -10.41 -57.09
CA GLY F 10 -7.47 -10.92 -58.43
C GLY F 10 -6.79 -10.06 -59.48
N HIS F 11 -5.48 -9.87 -59.30
CA HIS F 11 -4.66 -9.03 -60.14
C HIS F 11 -3.22 -9.32 -59.69
N THR F 12 -2.31 -9.59 -60.62
CA THR F 12 -0.93 -9.85 -60.25
C THR F 12 -0.19 -8.51 -60.10
N TYR F 13 0.16 -8.16 -58.86
CA TYR F 13 0.95 -6.96 -58.60
C TYR F 13 2.39 -7.40 -58.48
N GLN F 14 3.30 -6.60 -59.00
CA GLN F 14 4.73 -6.91 -58.87
C GLN F 14 5.50 -5.64 -58.56
N PHE F 15 6.56 -5.81 -57.79
CA PHE F 15 7.37 -4.67 -57.37
C PHE F 15 8.76 -4.81 -57.92
N LYS F 16 9.37 -3.64 -58.11
CA LYS F 16 10.66 -3.52 -58.74
C LYS F 16 11.83 -3.93 -57.83
N SER F 17 11.70 -3.73 -56.52
CA SER F 17 12.76 -4.07 -55.56
C SER F 17 12.23 -4.07 -54.13
N ILE F 18 13.09 -4.38 -53.17
CA ILE F 18 12.75 -4.27 -51.77
C ILE F 18 12.54 -2.78 -51.50
N THR F 19 13.44 -1.94 -52.02
CA THR F 19 13.33 -0.50 -51.86
C THR F 19 11.97 0.02 -52.33
N ASP F 20 11.42 -0.59 -53.39
CA ASP F 20 10.12 -0.22 -53.95
C ASP F 20 8.99 -0.67 -53.04
N VAL F 21 9.07 -1.91 -52.55
CA VAL F 21 8.02 -2.43 -51.66
C VAL F 21 7.98 -1.61 -50.39
N LEU F 22 9.13 -1.38 -49.77
CA LEU F 22 9.18 -0.58 -48.56
C LEU F 22 8.43 0.73 -48.79
N ALA F 23 8.68 1.37 -49.92
CA ALA F 23 8.05 2.65 -50.29
C ALA F 23 6.54 2.60 -50.49
N LYS F 24 6.09 1.67 -51.32
CA LYS F 24 4.67 1.59 -51.66
C LYS F 24 3.80 1.00 -50.53
N ALA F 25 4.45 0.37 -49.55
CA ALA F 25 3.80 -0.17 -48.35
C ALA F 25 3.36 0.91 -47.37
N ASN F 26 4.00 2.08 -47.46
CA ASN F 26 3.67 3.19 -46.60
C ASN F 26 2.25 3.66 -46.73
N GLU F 27 1.82 4.38 -45.71
CA GLU F 27 0.55 5.06 -45.74
C GLU F 27 0.79 6.30 -46.56
N GLU F 28 -0.26 6.81 -47.17
CA GLU F 28 -0.17 7.99 -48.00
C GLU F 28 0.58 9.09 -47.24
N LYS F 29 1.65 9.59 -47.86
CA LYS F 29 2.51 10.66 -47.36
C LYS F 29 2.81 11.57 -48.54
N SER F 30 2.73 12.89 -48.33
CA SER F 30 2.94 13.85 -49.43
C SER F 30 4.42 13.91 -49.90
N GLY F 31 5.36 13.83 -48.96
CA GLY F 31 6.79 13.82 -49.30
C GLY F 31 7.16 12.67 -50.22
N ASP F 32 6.60 11.49 -49.95
CA ASP F 32 6.84 10.32 -50.80
C ASP F 32 6.12 10.44 -52.12
N ARG F 33 4.86 10.86 -52.08
CA ARG F 33 4.05 11.05 -53.28
C ARG F 33 4.76 12.07 -54.20
N LEU F 34 5.11 13.26 -53.68
CA LEU F 34 5.85 14.28 -54.45
C LEU F 34 7.23 13.77 -54.95
N ALA F 35 7.82 12.78 -54.29
CA ALA F 35 9.08 12.17 -54.74
C ALA F 35 8.85 10.98 -55.67
N GLY F 36 7.61 10.71 -56.05
CA GLY F 36 7.32 9.64 -56.98
C GLY F 36 7.41 8.20 -56.49
N VAL F 37 7.91 7.99 -55.28
CA VAL F 37 8.10 6.63 -54.75
C VAL F 37 6.82 5.97 -54.22
N ALA F 38 5.82 6.78 -53.85
CA ALA F 38 4.55 6.28 -53.28
C ALA F 38 3.79 5.29 -54.18
N ALA F 39 2.72 4.70 -53.68
CA ALA F 39 1.95 3.74 -54.46
C ALA F 39 0.94 4.45 -55.36
N GLU F 40 0.53 3.76 -56.41
CA GLU F 40 -0.43 4.30 -57.38
C GLU F 40 -1.87 4.14 -56.95
N SER F 41 -2.12 3.43 -55.85
CA SER F 41 -3.47 3.19 -55.43
C SER F 41 -3.48 2.47 -54.10
N ALA F 42 -4.67 2.35 -53.53
CA ALA F 42 -4.90 1.65 -52.28
C ALA F 42 -4.75 0.16 -52.51
N GLU F 43 -5.14 -0.34 -53.68
CA GLU F 43 -4.98 -1.74 -54.00
C GLU F 43 -3.46 -2.04 -54.10
N GLU F 44 -2.69 -1.13 -54.69
CA GLU F 44 -1.26 -1.34 -54.79
C GLU F 44 -0.64 -1.28 -53.37
N ARG F 45 -1.05 -0.29 -52.57
CA ARG F 45 -0.55 -0.12 -51.18
C ARG F 45 -0.77 -1.37 -50.37
N VAL F 46 -1.98 -1.88 -50.41
CA VAL F 46 -2.31 -3.12 -49.73
C VAL F 46 -1.42 -4.25 -50.26
N ALA F 47 -1.17 -4.25 -51.58
CA ALA F 47 -0.31 -5.26 -52.22
C ALA F 47 1.15 -5.22 -51.72
N ALA F 48 1.71 -4.01 -51.61
CA ALA F 48 3.08 -3.79 -51.11
C ALA F 48 3.21 -4.29 -49.67
N LYS F 49 2.21 -3.96 -48.86
CA LYS F 49 2.13 -4.44 -47.47
C LYS F 49 2.09 -5.97 -47.42
N VAL F 50 1.31 -6.60 -48.31
CA VAL F 50 1.26 -8.07 -48.36
C VAL F 50 2.64 -8.66 -48.72
N VAL F 51 3.29 -8.06 -49.71
CA VAL F 51 4.62 -8.55 -50.12
C VAL F 51 5.63 -8.37 -48.97
N LEU F 52 5.59 -7.21 -48.32
CA LEU F 52 6.49 -6.86 -47.21
C LEU F 52 6.22 -7.75 -46.01
N SER F 53 4.98 -8.22 -45.89
CA SER F 53 4.58 -9.06 -44.76
C SER F 53 5.04 -10.49 -44.82
N LYS F 54 5.29 -10.98 -46.04
CA LYS F 54 5.73 -12.36 -46.28
C LYS F 54 7.24 -12.45 -46.46
N MSE F 55 7.91 -11.31 -46.35
CA MSE F 55 9.34 -11.23 -46.51
C MSE F 55 10.08 -11.62 -45.25
O MSE F 55 9.67 -11.25 -44.15
CB MSE F 55 9.64 -9.80 -46.89
CG MSE F 55 11.02 -9.59 -47.39
SE MSE F 55 10.98 -8.12 -48.62
CE MSE F 55 9.81 -8.83 -49.97
N THR F 56 11.18 -12.39 -45.37
CA THR F 56 11.91 -12.85 -44.20
C THR F 56 12.82 -11.76 -43.74
N LEU F 57 13.22 -11.81 -42.47
CA LEU F 57 14.09 -10.77 -41.90
C LEU F 57 15.51 -10.87 -42.48
N GLY F 58 15.92 -12.09 -42.83
CA GLY F 58 17.21 -12.28 -43.47
C GLY F 58 17.28 -11.54 -44.80
N ASP F 59 16.18 -11.58 -45.57
CA ASP F 59 16.16 -10.90 -46.87
C ASP F 59 16.35 -9.40 -46.73
N LEU F 60 15.79 -8.80 -45.68
CA LEU F 60 15.91 -7.36 -45.46
C LEU F 60 17.22 -7.04 -44.80
N ARG F 61 17.68 -7.96 -43.97
CA ARG F 61 18.93 -7.74 -43.27
C ARG F 61 20.08 -7.68 -44.29
N ASN F 62 20.03 -8.61 -45.23
CA ASN F 62 21.03 -8.70 -46.28
C ASN F 62 20.87 -7.72 -47.44
N ASN F 63 19.77 -6.95 -47.48
CA ASN F 63 19.51 -6.06 -48.62
C ASN F 63 19.24 -4.62 -48.23
N PRO F 64 20.20 -4.00 -47.52
CA PRO F 64 20.00 -2.60 -47.14
C PRO F 64 19.79 -1.72 -48.37
N VAL F 65 18.85 -0.79 -48.24
CA VAL F 65 18.49 0.14 -49.32
C VAL F 65 19.61 1.12 -49.74
N VAL F 66 20.78 1.03 -49.11
CA VAL F 66 21.96 1.77 -49.56
C VAL F 66 23.08 0.79 -49.24
N PRO F 67 23.95 0.49 -50.23
CA PRO F 67 24.98 -0.55 -50.08
C PRO F 67 26.00 -0.39 -48.97
N TYR F 68 26.35 -1.52 -48.35
CA TYR F 68 27.32 -1.56 -47.27
C TYR F 68 28.67 -1.02 -47.74
N GLU F 69 28.98 -1.27 -49.02
CA GLU F 69 30.25 -0.89 -49.64
C GLU F 69 30.35 0.62 -49.79
N THR F 70 29.26 1.17 -50.28
CA THR F 70 29.10 2.57 -50.54
C THR F 70 29.00 3.43 -49.27
N ASP F 71 28.00 3.10 -48.46
CA ASP F 71 27.51 3.94 -47.37
C ASP F 71 27.84 3.54 -45.93
N GLU F 72 28.47 4.46 -45.22
CA GLU F 72 28.88 4.32 -43.83
C GLU F 72 27.71 4.07 -42.90
N VAL F 73 26.60 4.76 -43.15
CA VAL F 73 25.40 4.59 -42.34
C VAL F 73 25.02 3.10 -42.44
N THR F 74 24.99 2.53 -43.64
CA THR F 74 24.63 1.12 -43.78
C THR F 74 25.58 0.21 -43.03
N ARG F 75 26.84 0.57 -42.97
CA ARG F 75 27.81 -0.28 -42.28
C ARG F 75 27.56 -0.20 -40.78
N ILE F 76 27.47 1.02 -40.29
CA ILE F 76 27.24 1.26 -38.88
C ILE F 76 25.99 0.53 -38.37
N ILE F 77 24.97 0.48 -39.20
CA ILE F 77 23.73 -0.24 -38.89
C ILE F 77 23.99 -1.73 -38.86
N GLN F 78 24.57 -2.23 -39.94
CA GLN F 78 24.84 -3.67 -40.12
C GLN F 78 25.89 -4.24 -39.16
N ASP F 79 26.85 -3.40 -38.75
CA ASP F 79 27.92 -3.84 -37.86
C ASP F 79 27.42 -3.91 -36.44
N GLN F 80 26.26 -3.30 -36.16
CA GLN F 80 25.66 -3.41 -34.82
C GLN F 80 24.93 -4.74 -34.67
N VAL F 81 24.56 -5.37 -35.77
CA VAL F 81 23.83 -6.64 -35.68
C VAL F 81 24.63 -7.79 -35.04
N ASN F 82 23.97 -8.58 -34.20
CA ASN F 82 24.54 -9.82 -33.66
C ASN F 82 24.07 -10.86 -34.66
N ASP F 83 25.04 -11.44 -35.39
CA ASP F 83 24.78 -12.41 -36.46
C ASP F 83 24.18 -13.71 -35.90
N ARG F 84 24.57 -14.10 -34.69
CA ARG F 84 24.00 -15.29 -34.03
C ARG F 84 22.50 -15.17 -33.76
N ILE F 85 22.12 -14.03 -33.20
CA ILE F 85 20.74 -13.77 -32.86
C ILE F 85 19.97 -13.57 -34.14
N HIS F 86 20.51 -12.74 -35.02
CA HIS F 86 19.84 -12.58 -36.30
C HIS F 86 19.63 -13.95 -36.95
N ASP F 87 20.61 -14.81 -36.85
CA ASP F 87 20.50 -16.12 -37.48
C ASP F 87 19.25 -16.89 -37.03
N SER F 88 18.97 -16.85 -35.74
CA SER F 88 17.83 -17.55 -35.16
C SER F 88 16.50 -17.01 -35.61
N ILE F 89 16.46 -15.72 -35.96
CA ILE F 89 15.20 -15.10 -36.41
C ILE F 89 15.15 -14.84 -37.91
N LYS F 90 16.22 -15.15 -38.65
CA LYS F 90 16.32 -14.76 -40.08
C LYS F 90 15.16 -15.27 -40.92
N ASN F 91 14.56 -16.39 -40.52
CA ASN F 91 13.43 -16.95 -41.26
C ASN F 91 12.06 -16.47 -40.77
N TRP F 92 12.05 -15.58 -39.77
CA TRP F 92 10.80 -14.99 -39.31
C TRP F 92 10.32 -14.11 -40.42
N THR F 93 9.02 -14.11 -40.66
CA THR F 93 8.45 -13.24 -41.68
C THR F 93 8.11 -11.90 -41.02
N VAL F 94 7.96 -10.83 -41.79
CA VAL F 94 7.71 -9.50 -41.16
C VAL F 94 6.42 -9.46 -40.37
N GLU F 95 5.39 -10.17 -40.82
CA GLU F 95 4.11 -10.16 -40.10
C GLU F 95 4.27 -10.85 -38.76
N GLU F 96 5.08 -11.90 -38.75
CA GLU F 96 5.38 -12.69 -37.55
C GLU F 96 6.12 -11.88 -36.53
N LEU F 97 7.05 -11.05 -37.00
CA LEU F 97 7.77 -10.17 -36.10
C LEU F 97 6.80 -9.17 -35.47
N ARG F 98 5.88 -8.65 -36.26
CA ARG F 98 4.86 -7.72 -35.72
C ARG F 98 4.04 -8.42 -34.64
N GLU F 99 3.37 -9.53 -34.97
CA GLU F 99 2.58 -10.30 -34.01
C GLU F 99 3.32 -10.51 -32.71
N TRP F 100 4.53 -11.05 -32.84
CA TRP F 100 5.37 -11.38 -31.71
C TRP F 100 5.64 -10.16 -30.83
N ILE F 101 6.00 -9.05 -31.44
CA ILE F 101 6.30 -7.85 -30.65
C ILE F 101 5.10 -7.49 -29.79
N LEU F 102 3.92 -7.50 -30.39
CA LEU F 102 2.68 -7.08 -29.71
C LEU F 102 2.09 -8.10 -28.74
N ASP F 103 2.50 -9.35 -28.82
CA ASP F 103 1.96 -10.39 -27.94
C ASP F 103 2.26 -10.18 -26.45
N HIS F 104 1.28 -10.51 -25.59
CA HIS F 104 1.39 -10.46 -24.10
C HIS F 104 2.60 -11.13 -23.51
N LYS F 105 2.87 -12.36 -23.96
CA LYS F 105 3.98 -13.16 -23.46
C LYS F 105 5.34 -12.53 -23.81
N THR F 106 5.37 -11.66 -24.81
CA THR F 106 6.60 -10.98 -25.22
C THR F 106 6.84 -9.75 -24.37
N THR F 107 8.00 -9.73 -23.71
CA THR F 107 8.37 -8.68 -22.81
C THR F 107 9.33 -7.74 -23.45
N ASP F 108 9.60 -6.66 -22.75
CA ASP F 108 10.52 -5.66 -23.19
C ASP F 108 11.94 -6.28 -23.36
N ALA F 109 12.42 -7.03 -22.37
CA ALA F 109 13.75 -7.62 -22.47
C ALA F 109 13.85 -8.56 -23.69
N ASP F 110 12.77 -9.29 -23.99
CA ASP F 110 12.71 -10.13 -25.20
C ASP F 110 12.93 -9.30 -26.44
N ILE F 111 12.14 -8.25 -26.57
CA ILE F 111 12.26 -7.33 -27.70
C ILE F 111 13.69 -6.84 -27.87
N LYS F 112 14.26 -6.32 -26.80
CA LYS F 112 15.62 -5.79 -26.83
C LYS F 112 16.61 -6.85 -27.33
N ARG F 113 16.35 -8.11 -26.98
CA ARG F 113 17.19 -9.20 -27.46
C ARG F 113 17.00 -9.37 -28.96
N VAL F 114 15.76 -9.57 -29.41
CA VAL F 114 15.48 -9.68 -30.85
C VAL F 114 15.99 -8.46 -31.66
N ALA F 115 15.90 -7.26 -31.09
CA ALA F 115 16.44 -6.06 -31.77
C ALA F 115 17.91 -6.17 -32.14
N ARG F 116 18.68 -7.01 -31.44
CA ARG F 116 20.10 -7.22 -31.75
C ARG F 116 20.24 -7.87 -33.10
N GLY F 117 19.32 -8.78 -33.41
CA GLY F 117 19.31 -9.42 -34.73
C GLY F 117 18.48 -8.67 -35.78
N LEU F 118 18.20 -7.39 -35.58
CA LEU F 118 17.44 -6.61 -36.55
C LEU F 118 18.26 -5.42 -37.06
N THR F 119 17.77 -4.88 -38.17
CA THR F 119 18.34 -3.72 -38.86
C THR F 119 17.20 -2.74 -39.04
N SER F 120 17.59 -1.51 -39.39
CA SER F 120 16.68 -0.41 -39.63
C SER F 120 15.66 -0.68 -40.72
N GLU F 121 16.06 -1.36 -41.78
CA GLU F 121 15.13 -1.71 -42.85
C GLU F 121 14.04 -2.63 -42.32
N ILE F 122 14.40 -3.54 -41.41
CA ILE F 122 13.41 -4.44 -40.81
C ILE F 122 12.51 -3.65 -39.84
N ILE F 123 13.15 -2.78 -39.07
CA ILE F 123 12.40 -1.95 -38.13
C ILE F 123 11.40 -1.13 -38.94
N ALA F 124 11.82 -0.57 -40.06
CA ALA F 124 10.89 0.18 -40.93
C ALA F 124 9.86 -0.74 -41.56
N ALA F 125 10.30 -1.92 -41.97
CA ALA F 125 9.35 -2.89 -42.54
C ALA F 125 8.21 -3.14 -41.60
N VAL F 126 8.50 -3.49 -40.34
CA VAL F 126 7.41 -3.86 -39.38
C VAL F 126 6.46 -2.68 -39.07
N THR F 127 7.02 -1.46 -38.90
CA THR F 127 6.25 -0.28 -38.66
C THR F 127 5.21 -0.06 -39.74
N LYS F 128 5.62 -0.22 -40.99
CA LYS F 128 4.73 -0.11 -42.15
C LYS F 128 3.51 -1.03 -42.07
N LEU F 129 3.61 -2.15 -41.35
CA LEU F 129 2.46 -3.05 -41.19
C LEU F 129 1.63 -2.81 -39.93
N MSE F 130 1.95 -1.78 -39.15
CA MSE F 130 1.29 -1.53 -37.86
C MSE F 130 0.29 -0.39 -37.94
O MSE F 130 0.55 0.61 -38.61
CB MSE F 130 2.32 -1.22 -36.79
CG MSE F 130 3.14 -2.45 -36.43
SE MSE F 130 4.73 -2.19 -35.38
CE MSE F 130 3.89 -2.01 -33.80
N SER F 131 -0.85 -0.54 -37.25
CA SER F 131 -1.88 0.48 -37.17
C SER F 131 -1.43 1.50 -36.17
N ASN F 132 -2.13 2.63 -36.05
CA ASN F 132 -1.72 3.65 -35.07
C ASN F 132 -1.79 3.15 -33.62
N LEU F 133 -2.74 2.26 -33.34
CA LEU F 133 -2.90 1.72 -32.00
C LEU F 133 -1.73 0.79 -31.70
N ASP F 134 -1.32 -0.02 -32.67
CA ASP F 134 -0.18 -0.90 -32.53
C ASP F 134 1.10 -0.13 -32.23
N LEU F 135 1.25 1.01 -32.88
CA LEU F 135 2.42 1.84 -32.68
C LEU F 135 2.43 2.54 -31.33
N ILE F 136 1.26 2.67 -30.74
CA ILE F 136 1.10 3.30 -29.43
C ILE F 136 1.33 2.27 -28.34
N TYR F 137 0.56 1.19 -28.39
CA TYR F 137 0.65 0.08 -27.50
C TYR F 137 2.01 -0.64 -27.54
N GLY F 138 2.54 -0.87 -28.75
CA GLY F 138 3.83 -1.49 -28.92
C GLY F 138 5.00 -0.64 -28.44
N ALA F 139 4.97 0.67 -28.65
CA ALA F 139 6.07 1.52 -28.15
C ALA F 139 5.99 1.66 -26.63
N LYS F 140 4.77 1.61 -26.05
CA LYS F 140 4.58 1.72 -24.59
C LYS F 140 5.27 0.59 -23.84
N LYS F 141 5.25 -0.60 -24.45
CA LYS F 141 5.93 -1.77 -23.97
C LYS F 141 7.45 -1.62 -23.81
N ILE F 142 8.05 -0.74 -24.61
CA ILE F 142 9.50 -0.58 -24.70
C ILE F 142 10.04 0.57 -23.86
N ARG F 143 10.88 0.28 -22.88
CA ARG F 143 11.45 1.32 -22.03
C ARG F 143 12.88 1.56 -22.45
N VAL F 144 13.26 2.84 -22.56
CA VAL F 144 14.61 3.22 -22.91
C VAL F 144 15.01 4.39 -22.03
N ILE F 145 16.11 4.28 -21.31
CA ILE F 145 16.58 5.33 -20.43
C ILE F 145 18.04 5.66 -20.84
N ALA F 146 18.49 6.84 -20.46
CA ALA F 146 19.80 7.37 -20.82
C ALA F 146 20.17 8.32 -19.71
N HIS F 147 21.45 8.47 -19.41
CA HIS F 147 21.87 9.33 -18.29
C HIS F 147 22.98 10.29 -18.69
N ALA F 148 22.72 11.60 -18.62
CA ALA F 148 23.73 12.62 -18.92
C ALA F 148 24.13 13.15 -17.57
N ASN F 149 23.40 14.14 -17.06
CA ASN F 149 23.57 14.53 -15.66
C ASN F 149 22.48 13.83 -14.83
N THR F 150 21.29 13.66 -15.43
CA THR F 150 20.18 12.95 -14.81
C THR F 150 19.63 11.85 -15.76
N THR F 151 18.78 10.96 -15.26
CA THR F 151 18.22 9.84 -16.09
C THR F 151 16.89 10.21 -16.75
N ILE F 152 16.87 10.26 -18.07
CA ILE F 152 15.66 10.53 -18.81
C ILE F 152 15.09 9.17 -19.19
N GLY F 153 13.78 9.07 -19.36
CA GLY F 153 13.13 7.85 -19.83
C GLY F 153 12.38 6.96 -18.86
N LEU F 154 12.51 7.19 -17.55
CA LEU F 154 11.85 6.32 -16.56
C LEU F 154 10.33 6.46 -16.56
N PRO F 155 9.62 5.37 -16.22
CA PRO F 155 8.16 5.39 -16.21
C PRO F 155 7.67 6.31 -15.13
N GLY F 156 6.54 6.93 -15.42
CA GLY F 156 5.94 7.91 -14.54
C GLY F 156 6.54 9.28 -14.77
N THR F 157 7.45 9.43 -15.74
CA THR F 157 8.04 10.75 -16.03
C THR F 157 7.81 11.18 -17.48
N PHE F 158 7.96 12.48 -17.67
CA PHE F 158 7.83 13.14 -18.94
C PHE F 158 8.74 14.34 -18.83
N SER F 159 9.60 14.53 -19.82
CA SER F 159 10.61 15.60 -19.77
C SER F 159 10.44 16.63 -20.85
N ALA F 160 11.01 17.81 -20.67
CA ALA F 160 10.85 18.81 -21.71
C ALA F 160 12.05 19.75 -21.84
N ARG F 161 12.35 20.13 -23.10
CA ARG F 161 13.42 21.07 -23.42
C ARG F 161 12.96 22.46 -23.16
N LEU F 162 13.89 23.24 -22.60
CA LEU F 162 13.73 24.65 -22.38
C LEU F 162 14.66 25.28 -23.41
N GLN F 163 14.06 25.82 -24.47
CA GLN F 163 14.79 26.38 -25.61
C GLN F 163 14.05 27.61 -26.16
N PRO F 164 14.27 28.80 -25.55
CA PRO F 164 13.60 30.02 -26.00
C PRO F 164 14.00 30.43 -27.40
N ASN F 165 13.01 30.73 -28.25
CA ASN F 165 13.27 31.19 -29.64
C ASN F 165 13.02 32.70 -29.79
N HIS F 166 13.95 33.51 -29.26
CA HIS F 166 13.88 34.96 -29.39
C HIS F 166 14.44 35.29 -30.78
N PRO F 167 13.80 36.23 -31.52
CA PRO F 167 14.27 36.55 -32.88
C PRO F 167 15.72 37.04 -33.01
N THR F 168 16.15 37.90 -32.08
CA THR F 168 17.50 38.45 -32.07
C THR F 168 18.45 37.79 -31.08
N ASP F 169 17.97 36.80 -30.32
CA ASP F 169 18.73 36.14 -29.23
C ASP F 169 19.12 37.14 -28.12
N ASP F 170 18.20 38.05 -27.81
CA ASP F 170 18.40 39.05 -26.78
C ASP F 170 18.57 38.39 -25.43
N PRO F 171 19.73 38.57 -24.77
CA PRO F 171 19.97 37.98 -23.44
C PRO F 171 18.85 38.16 -22.39
N ASP F 172 18.13 39.28 -22.43
CA ASP F 172 17.03 39.49 -21.49
C ASP F 172 15.76 38.76 -21.95
N GLY F 173 15.57 38.68 -23.27
CA GLY F 173 14.43 37.94 -23.81
C GLY F 173 14.56 36.45 -23.50
N ILE F 174 15.79 35.96 -23.53
CA ILE F 174 16.08 34.58 -23.20
C ILE F 174 15.93 34.39 -21.67
N LEU F 175 16.67 35.18 -20.90
CA LEU F 175 16.62 35.07 -19.45
C LEU F 175 15.19 35.05 -18.92
N ALA F 176 14.32 35.85 -19.51
CA ALA F 176 12.91 35.90 -19.10
C ALA F 176 12.22 34.58 -19.40
N SER F 177 12.30 34.15 -20.65
CA SER F 177 11.70 32.89 -21.10
C SER F 177 12.25 31.68 -20.33
N LEU F 178 13.57 31.65 -20.06
CA LEU F 178 14.17 30.56 -19.27
C LEU F 178 13.56 30.48 -17.89
N MSE F 179 13.51 31.62 -17.20
CA MSE F 179 12.98 31.64 -15.85
C MSE F 179 11.49 31.30 -15.78
O MSE F 179 11.04 30.71 -14.80
CB MSE F 179 13.16 33.00 -15.25
CG MSE F 179 14.60 33.42 -15.00
SE MSE F 179 14.67 35.27 -14.29
CE MSE F 179 13.67 36.25 -15.69
N GLU F 180 10.74 31.71 -16.80
CA GLU F 180 9.31 31.44 -16.84
C GLU F 180 9.16 29.92 -16.97
N GLY F 181 9.84 29.36 -17.97
CA GLY F 181 9.87 27.90 -18.19
C GLY F 181 10.19 27.09 -16.96
N LEU F 182 11.24 27.47 -16.23
CA LEU F 182 11.58 26.75 -15.03
C LEU F 182 10.43 26.67 -14.03
N THR F 183 9.61 27.71 -13.96
CA THR F 183 8.47 27.74 -13.02
C THR F 183 7.35 26.74 -13.38
N TYR F 184 7.27 26.37 -14.67
CA TYR F 184 6.33 25.38 -15.15
C TYR F 184 6.94 23.98 -15.17
N GLY F 185 8.22 23.87 -14.80
CA GLY F 185 8.94 22.61 -14.78
C GLY F 185 9.48 22.17 -16.12
N ILE F 186 9.96 23.14 -16.90
CA ILE F 186 10.49 22.90 -18.22
C ILE F 186 12.01 23.02 -18.17
N GLY F 187 12.71 22.12 -18.86
CA GLY F 187 14.19 22.11 -18.88
C GLY F 187 14.86 20.98 -18.09
N ASP F 188 14.10 19.91 -17.83
CA ASP F 188 14.63 18.75 -17.12
C ASP F 188 15.38 17.83 -18.13
N ALA F 189 14.98 17.87 -19.40
CA ALA F 189 15.68 17.14 -20.47
C ALA F 189 16.97 17.86 -20.86
N VAL F 190 16.85 19.17 -21.14
CA VAL F 190 18.01 19.99 -21.48
C VAL F 190 17.61 21.47 -21.52
N ILE F 191 18.55 22.34 -21.13
CA ILE F 191 18.40 23.79 -21.19
C ILE F 191 19.35 24.21 -22.27
N GLY F 192 18.83 24.82 -23.32
CA GLY F 192 19.68 25.22 -24.42
C GLY F 192 19.09 26.30 -25.27
N LEU F 193 19.73 26.52 -26.40
CA LEU F 193 19.30 27.50 -27.35
C LEU F 193 19.75 27.00 -28.68
N ASN F 194 18.94 27.24 -29.70
CA ASN F 194 19.34 27.03 -31.07
C ASN F 194 19.66 28.48 -31.45
N PRO F 195 20.96 28.83 -31.54
CA PRO F 195 21.30 30.24 -31.66
C PRO F 195 21.32 30.75 -33.10
N VAL F 196 21.04 32.05 -33.23
CA VAL F 196 21.03 32.73 -34.51
C VAL F 196 22.49 32.91 -34.96
N ASP F 197 23.36 33.26 -34.00
CA ASP F 197 24.79 33.34 -34.27
C ASP F 197 25.42 32.03 -33.79
N ASP F 198 25.60 31.09 -34.73
CA ASP F 198 26.22 29.79 -34.43
C ASP F 198 27.74 29.76 -34.74
N SER F 199 28.42 30.86 -34.39
CA SER F 199 29.84 30.96 -34.56
C SER F 199 30.47 30.34 -33.35
N THR F 200 31.71 29.90 -33.49
CA THR F 200 32.41 29.25 -32.39
C THR F 200 32.52 30.17 -31.17
N ASP F 201 32.80 31.46 -31.40
CA ASP F 201 32.92 32.42 -30.28
C ASP F 201 31.54 32.70 -29.66
N SER F 202 30.51 32.69 -30.51
CA SER F 202 29.11 32.84 -30.03
C SER F 202 28.74 31.65 -29.15
N VAL F 203 28.81 30.45 -29.75
CA VAL F 203 28.56 29.19 -29.04
C VAL F 203 29.32 29.17 -27.69
N VAL F 204 30.59 29.55 -27.69
CA VAL F 204 31.37 29.62 -26.44
C VAL F 204 30.70 30.53 -25.40
N ARG F 205 30.32 31.74 -25.84
CA ARG F 205 29.72 32.74 -24.94
C ARG F 205 28.42 32.20 -24.35
N LEU F 206 27.64 31.57 -25.22
CA LEU F 206 26.35 30.96 -24.84
C LEU F 206 26.58 29.85 -23.82
N LEU F 207 27.41 28.84 -24.16
CA LEU F 207 27.71 27.72 -23.26
C LEU F 207 28.10 28.14 -21.84
N ASN F 208 28.93 29.17 -21.71
CA ASN F 208 29.32 29.65 -20.38
C ASN F 208 28.19 30.41 -19.65
N LYS F 209 27.36 31.11 -20.42
CA LYS F 209 26.24 31.88 -19.84
C LYS F 209 25.21 30.94 -19.26
N PHE F 210 24.83 29.95 -20.06
CA PHE F 210 23.90 28.89 -19.64
C PHE F 210 24.40 28.14 -18.40
N GLU F 211 25.70 27.81 -18.40
CA GLU F 211 26.31 27.10 -17.30
C GLU F 211 26.32 27.91 -16.01
N GLU F 212 26.61 29.21 -16.12
CA GLU F 212 26.58 30.08 -14.95
C GLU F 212 25.17 30.08 -14.37
N PHE F 213 24.18 30.27 -15.26
CA PHE F 213 22.78 30.30 -14.84
C PHE F 213 22.35 28.98 -14.18
N ARG F 214 22.60 27.87 -14.86
CA ARG F 214 22.28 26.56 -14.31
C ARG F 214 22.96 26.35 -12.95
N SER F 215 24.26 26.58 -12.90
CA SER F 215 25.01 26.42 -11.67
C SER F 215 24.59 27.40 -10.58
N LYS F 216 24.11 28.58 -10.98
CA LYS F 216 23.66 29.58 -10.00
C LYS F 216 22.47 29.04 -9.22
N TRP F 217 21.51 28.47 -9.94
CA TRP F 217 20.32 27.91 -9.32
C TRP F 217 20.44 26.39 -8.99
N ASP F 218 21.61 25.80 -9.23
CA ASP F 218 21.88 24.38 -8.94
C ASP F 218 20.79 23.52 -9.60
N VAL F 219 20.57 23.75 -10.90
CA VAL F 219 19.49 23.10 -11.63
C VAL F 219 19.92 21.74 -12.16
N PRO F 220 19.30 20.66 -11.64
CA PRO F 220 19.70 19.33 -12.11
C PRO F 220 19.19 19.02 -13.51
N THR F 221 20.05 19.30 -14.47
CA THR F 221 19.77 19.07 -15.87
C THR F 221 21.10 19.18 -16.66
N GLN F 222 20.97 19.24 -17.98
CA GLN F 222 22.06 19.31 -18.92
C GLN F 222 21.95 20.54 -19.79
N THR F 223 23.07 21.03 -20.33
CA THR F 223 23.05 22.19 -21.23
C THR F 223 23.46 21.76 -22.60
N CYS F 224 23.12 22.55 -23.59
CA CYS F 224 23.48 22.28 -24.97
C CYS F 224 23.21 23.47 -25.88
N VAL F 225 23.99 23.62 -26.96
CA VAL F 225 23.76 24.70 -27.93
C VAL F 225 23.68 24.00 -29.25
N LEU F 226 22.51 24.07 -29.88
CA LEU F 226 22.22 23.26 -31.05
C LEU F 226 22.85 23.82 -32.30
N ALA F 227 24.15 23.58 -32.43
CA ALA F 227 24.94 24.05 -33.56
C ALA F 227 25.46 22.89 -34.42
N HIS F 228 26.60 23.09 -35.08
CA HIS F 228 27.20 22.02 -35.84
C HIS F 228 28.10 21.30 -34.87
N VAL F 229 28.16 19.98 -34.99
CA VAL F 229 29.01 19.19 -34.07
C VAL F 229 30.43 19.75 -34.00
N LYS F 230 30.96 20.20 -35.15
CA LYS F 230 32.34 20.73 -35.25
C LYS F 230 32.54 22.08 -34.54
N THR F 231 31.49 22.91 -34.56
CA THR F 231 31.50 24.21 -33.90
C THR F 231 31.53 24.03 -32.41
N GLN F 232 30.76 23.05 -31.94
CA GLN F 232 30.66 22.72 -30.51
C GLN F 232 32.02 22.20 -30.02
N MSE F 233 32.60 21.25 -30.75
CA MSE F 233 33.93 20.72 -30.43
C MSE F 233 34.97 21.86 -30.25
O MSE F 233 35.65 21.92 -29.23
CB MSE F 233 34.37 19.74 -31.49
CG MSE F 233 33.51 18.45 -31.57
SE MSE F 233 33.94 17.23 -33.09
CE MSE F 233 35.37 16.52 -32.29
N GLU F 234 35.07 22.79 -31.21
CA GLU F 234 36.02 23.91 -31.09
C GLU F 234 35.77 24.66 -29.80
N ALA F 235 34.50 25.00 -29.57
CA ALA F 235 34.06 25.69 -28.37
C ALA F 235 34.47 24.92 -27.13
N MSE F 236 34.31 23.60 -27.21
CA MSE F 236 34.67 22.73 -26.08
C MSE F 236 36.17 22.70 -25.87
O MSE F 236 36.65 22.69 -24.72
CB MSE F 236 34.17 21.31 -26.31
CG MSE F 236 32.66 21.16 -26.36
SE MSE F 236 32.20 19.32 -26.88
CE MSE F 236 32.80 18.61 -25.30
N ARG F 237 36.92 22.67 -26.98
CA ARG F 237 38.38 22.65 -26.92
C ARG F 237 38.94 23.96 -26.36
N ARG F 238 38.20 25.06 -26.54
CA ARG F 238 38.59 26.33 -25.95
C ARG F 238 38.26 26.40 -24.46
N GLY F 239 37.54 25.39 -23.94
CA GLY F 239 37.22 25.32 -22.51
C GLY F 239 35.78 25.62 -22.16
N ALA F 240 34.92 25.83 -23.17
CA ALA F 240 33.50 26.08 -22.90
C ALA F 240 32.78 24.76 -22.58
N PRO F 241 32.01 24.74 -21.46
CA PRO F 241 31.30 23.55 -21.00
C PRO F 241 30.01 23.24 -21.73
N THR F 242 29.76 21.95 -21.96
CA THR F 242 28.48 21.54 -22.56
C THR F 242 28.05 20.22 -21.92
N GLY F 243 26.74 20.09 -21.72
CA GLY F 243 26.16 18.87 -21.17
C GLY F 243 26.09 17.89 -22.32
N LEU F 244 25.48 18.30 -23.41
CA LEU F 244 25.37 17.42 -24.56
C LEU F 244 26.07 18.03 -25.77
N VAL F 245 26.18 17.22 -26.81
CA VAL F 245 26.76 17.65 -28.06
C VAL F 245 25.72 17.29 -29.07
N PHE F 246 25.23 18.29 -29.78
CA PHE F 246 24.14 18.14 -30.74
C PHE F 246 24.61 18.02 -32.17
N GLN F 247 23.78 17.36 -32.99
CA GLN F 247 24.03 17.27 -34.41
C GLN F 247 22.79 16.74 -35.15
N SER F 248 22.37 17.43 -36.21
CA SER F 248 21.31 16.99 -37.09
C SER F 248 21.94 15.86 -37.86
N ILE F 249 21.23 14.74 -38.02
CA ILE F 249 21.80 13.58 -38.70
C ILE F 249 20.87 13.15 -39.79
N ALA F 250 21.36 12.21 -40.60
CA ALA F 250 20.65 11.68 -41.78
C ALA F 250 20.86 10.18 -41.92
N GLY F 251 20.08 9.55 -42.79
CA GLY F 251 20.13 8.10 -42.96
C GLY F 251 21.00 7.58 -44.09
N SER F 252 21.97 8.40 -44.53
CA SER F 252 22.90 8.05 -45.63
C SER F 252 24.15 8.89 -45.47
N GLU F 253 25.30 8.30 -45.82
CA GLU F 253 26.60 8.97 -45.76
C GLU F 253 26.52 10.27 -46.56
N LYS F 254 25.90 10.19 -47.73
CA LYS F 254 25.70 11.39 -48.55
C LYS F 254 25.05 12.49 -47.70
N GLY F 255 23.89 12.18 -47.11
CA GLY F 255 23.14 13.09 -46.24
C GLY F 255 24.01 13.64 -45.14
N ASN F 256 24.73 12.76 -44.45
CA ASN F 256 25.64 13.17 -43.38
C ASN F 256 26.79 14.03 -43.91
N THR F 257 27.32 13.63 -45.07
CA THR F 257 28.38 14.39 -45.70
C THR F 257 27.81 15.76 -46.06
N ALA F 258 26.61 15.79 -46.64
CA ALA F 258 25.96 17.06 -46.92
C ALA F 258 25.89 17.90 -45.63
N PHE F 259 25.55 17.27 -44.50
CA PHE F 259 25.51 17.99 -43.20
C PHE F 259 26.89 18.38 -42.65
N GLY F 260 27.96 17.85 -43.24
CA GLY F 260 29.30 18.23 -42.86
C GLY F 260 30.00 17.37 -41.85
N PHE F 261 29.67 16.08 -41.82
CA PHE F 261 30.29 15.17 -40.85
C PHE F 261 30.13 13.70 -41.26
N ASP F 262 30.82 12.85 -40.50
CA ASP F 262 30.78 11.39 -40.67
C ASP F 262 30.77 10.69 -39.30
N GLY F 263 30.64 9.36 -39.33
CA GLY F 263 30.62 8.58 -38.10
C GLY F 263 31.79 8.87 -37.19
N ALA F 264 32.97 9.05 -37.78
CA ALA F 264 34.19 9.33 -37.03
C ALA F 264 34.22 10.73 -36.39
N THR F 265 33.45 11.65 -36.94
CA THR F 265 33.30 12.98 -36.35
C THR F 265 32.47 12.91 -35.05
N ILE F 266 31.42 12.08 -35.09
CA ILE F 266 30.51 11.94 -33.96
C ILE F 266 31.17 11.17 -32.84
N GLU F 267 32.06 10.24 -33.18
CA GLU F 267 32.78 9.50 -32.14
C GLU F 267 33.77 10.41 -31.46
N GLU F 268 34.42 11.25 -32.26
CA GLU F 268 35.36 12.23 -31.75
C GLU F 268 34.62 13.12 -30.74
N ALA F 269 33.49 13.67 -31.19
CA ALA F 269 32.60 14.55 -30.37
C ALA F 269 32.17 13.87 -29.06
N ARG F 270 31.83 12.59 -29.19
CA ARG F 270 31.42 11.79 -28.08
C ARG F 270 32.55 11.61 -27.08
N GLN F 271 33.69 11.10 -27.54
N GLN F 271 33.69 11.12 -27.55
CA GLN F 271 34.85 10.90 -26.66
CA GLN F 271 34.85 10.90 -26.69
C GLN F 271 35.35 12.23 -26.07
C GLN F 271 35.37 12.21 -26.10
N LEU F 272 35.19 13.31 -26.82
CA LEU F 272 35.59 14.64 -26.33
C LEU F 272 34.64 15.02 -25.15
N ALA F 273 33.33 14.74 -25.29
CA ALA F 273 32.34 15.03 -24.23
C ALA F 273 32.61 14.26 -22.96
N LEU F 274 32.99 12.99 -23.14
CA LEU F 274 33.36 12.13 -22.03
C LEU F 274 34.67 12.62 -21.38
N GLN F 275 35.58 13.17 -22.17
CA GLN F 275 36.85 13.69 -21.63
C GLN F 275 36.74 15.04 -20.87
N SER F 276 36.01 15.99 -21.46
CA SER F 276 35.96 17.37 -20.91
C SER F 276 34.58 18.07 -20.88
N GLY F 277 33.52 17.31 -21.14
CA GLY F 277 32.16 17.84 -21.11
C GLY F 277 31.70 18.06 -19.68
N ALA F 278 30.53 18.70 -19.52
CA ALA F 278 29.98 18.97 -18.20
C ALA F 278 29.00 17.89 -17.73
N ALA F 279 28.74 16.86 -18.54
CA ALA F 279 27.79 15.83 -18.18
C ALA F 279 28.49 14.59 -17.67
N THR F 280 28.01 14.05 -16.56
CA THR F 280 28.51 12.79 -16.01
C THR F 280 28.56 11.65 -17.05
N GLY F 281 27.66 11.65 -18.01
CA GLY F 281 27.67 10.61 -19.02
C GLY F 281 27.08 9.33 -18.46
N PRO F 282 27.11 8.25 -19.24
CA PRO F 282 27.71 8.08 -20.56
C PRO F 282 26.99 8.68 -21.77
N ASN F 283 25.71 8.99 -21.63
CA ASN F 283 24.90 9.44 -22.78
C ASN F 283 24.99 10.94 -22.88
N VAL F 284 25.69 11.41 -23.90
CA VAL F 284 25.99 12.83 -24.12
C VAL F 284 25.64 13.32 -25.51
N MSE F 285 25.26 12.42 -26.41
CA MSE F 285 24.93 12.81 -27.77
C MSE F 285 23.46 13.18 -27.85
O MSE F 285 22.64 12.56 -27.22
CB MSE F 285 25.24 11.69 -28.78
CG MSE F 285 26.72 11.29 -28.78
SE MSE F 285 27.89 12.92 -28.97
CE MSE F 285 27.30 13.38 -30.62
N TYR F 286 23.16 14.19 -28.67
CA TYR F 286 21.83 14.71 -28.88
C TYR F 286 21.64 14.90 -30.38
N PHE F 287 20.92 13.98 -31.00
CA PHE F 287 20.70 14.04 -32.43
C PHE F 287 19.33 14.59 -32.78
N GLU F 288 19.19 15.00 -34.04
CA GLU F 288 17.96 15.48 -34.57
C GLU F 288 17.80 14.82 -35.90
N THR F 289 16.69 14.13 -36.08
CA THR F 289 16.44 13.43 -37.31
C THR F 289 15.32 14.18 -38.02
N GLY F 290 14.57 13.50 -38.86
CA GLY F 290 13.46 14.11 -39.53
C GLY F 290 13.69 14.25 -40.99
N GLN F 291 12.60 14.02 -41.74
CA GLN F 291 12.57 14.09 -43.20
C GLN F 291 11.77 15.31 -43.64
N PHE F 301 17.88 8.43 -52.57
CA PHE F 301 17.34 8.40 -53.93
C PHE F 301 16.49 7.14 -54.17
N GLY F 302 15.16 7.31 -54.27
CA GLY F 302 14.21 6.18 -54.42
C GLY F 302 13.76 5.52 -53.11
N VAL F 303 14.38 5.92 -51.99
CA VAL F 303 14.09 5.37 -50.66
C VAL F 303 13.08 6.23 -49.90
N ASP F 304 12.01 5.59 -49.42
CA ASP F 304 10.94 6.29 -48.69
C ASP F 304 11.37 6.91 -47.32
N GLN F 305 10.65 7.96 -46.94
CA GLN F 305 10.93 8.76 -45.75
C GLN F 305 11.02 7.95 -44.43
N VAL F 306 10.24 6.86 -44.32
CA VAL F 306 10.21 6.06 -43.09
C VAL F 306 11.50 5.25 -42.95
N THR F 307 11.84 4.52 -44.02
CA THR F 307 13.02 3.68 -44.04
C THR F 307 14.23 4.57 -43.77
N MSE F 308 14.32 5.71 -44.43
CA MSE F 308 15.40 6.68 -44.13
C MSE F 308 15.41 7.17 -42.69
O MSE F 308 16.46 7.50 -42.15
CB MSE F 308 15.30 7.89 -45.05
CG MSE F 308 15.87 7.64 -46.42
SE MSE F 308 17.76 7.21 -46.30
CE MSE F 308 17.99 6.89 -48.18
N GLU F 309 14.23 7.25 -42.08
CA GLU F 309 14.11 7.71 -40.70
C GLU F 309 14.65 6.65 -39.76
N ALA F 310 14.25 5.40 -40.01
CA ALA F 310 14.74 4.26 -39.25
C ALA F 310 16.29 4.22 -39.23
N ARG F 311 16.87 4.40 -40.41
CA ARG F 311 18.32 4.36 -40.59
C ARG F 311 19.04 5.44 -39.81
N CYS F 312 18.39 6.58 -39.52
CA CYS F 312 19.06 7.62 -38.69
C CYS F 312 19.17 7.14 -37.27
N TYR F 313 18.16 6.42 -36.82
CA TYR F 313 18.13 5.91 -35.45
C TYR F 313 19.21 4.84 -35.33
N GLY F 314 19.22 3.92 -36.30
CA GLY F 314 20.26 2.89 -36.42
C GLY F 314 21.66 3.54 -36.38
N PHE F 315 21.80 4.68 -37.04
CA PHE F 315 23.06 5.44 -36.97
C PHE F 315 23.28 5.93 -35.54
N ALA F 316 22.27 6.61 -35.01
CA ALA F 316 22.37 7.24 -33.69
C ALA F 316 22.61 6.26 -32.57
N LYS F 317 22.04 5.05 -32.68
CA LYS F 317 22.19 4.04 -31.63
C LYS F 317 23.66 3.78 -31.26
N LYS F 318 24.50 3.72 -32.30
CA LYS F 318 25.93 3.47 -32.14
C LYS F 318 26.61 4.41 -31.14
N PHE F 319 26.08 5.63 -31.00
CA PHE F 319 26.67 6.68 -30.14
C PHE F 319 25.94 6.91 -28.81
N ASP F 320 25.09 5.94 -28.43
CA ASP F 320 24.26 5.92 -27.17
C ASP F 320 23.82 7.31 -26.65
N PRO F 321 22.91 7.93 -27.40
CA PRO F 321 22.61 9.32 -27.12
C PRO F 321 21.70 9.49 -25.93
N PHE F 322 21.69 10.70 -25.38
CA PHE F 322 20.77 11.04 -24.32
C PHE F 322 19.39 11.32 -24.92
N LEU F 323 19.38 11.88 -26.14
CA LEU F 323 18.16 12.27 -26.84
C LEU F 323 18.26 12.08 -28.33
N VAL F 324 17.14 11.76 -28.93
CA VAL F 324 17.03 11.70 -30.37
C VAL F 324 15.60 12.13 -30.75
N ASN F 325 15.50 13.40 -31.14
CA ASN F 325 14.28 14.00 -31.58
C ASN F 325 14.12 13.97 -33.06
N THR F 326 13.02 13.38 -33.55
CA THR F 326 12.63 13.52 -34.95
C THR F 326 12.00 14.90 -35.01
N VAL F 327 11.75 15.35 -36.24
CA VAL F 327 11.07 16.62 -36.43
C VAL F 327 9.99 16.38 -37.44
N VAL F 328 8.76 16.65 -37.04
CA VAL F 328 7.62 16.52 -37.95
C VAL F 328 6.93 17.85 -37.88
N GLY F 329 6.16 18.18 -38.92
CA GLY F 329 5.53 19.48 -38.98
C GLY F 329 4.17 19.51 -39.59
N PHE F 330 3.30 20.30 -38.96
CA PHE F 330 1.94 20.56 -39.41
C PHE F 330 1.97 21.77 -40.36
N ILE F 331 2.78 21.59 -41.40
CA ILE F 331 3.05 22.56 -42.44
C ILE F 331 3.04 21.74 -43.71
N GLY F 332 2.57 22.32 -44.80
CA GLY F 332 2.59 21.58 -46.05
C GLY F 332 1.86 22.20 -47.23
N PRO F 333 1.88 21.48 -48.38
CA PRO F 333 1.14 21.89 -49.61
C PRO F 333 -0.38 22.20 -49.45
N GLU F 334 -0.96 21.98 -48.27
CA GLU F 334 -2.39 22.27 -47.97
C GLU F 334 -3.37 21.36 -48.73
N TYR F 335 -3.23 21.28 -50.07
CA TYR F 335 -4.09 20.46 -50.91
C TYR F 335 -3.63 18.99 -50.94
N LEU F 336 -2.34 18.73 -50.72
CA LEU F 336 -1.79 17.36 -50.74
C LEU F 336 -1.48 16.78 -49.35
N TYR F 337 -1.75 17.57 -48.33
CA TYR F 337 -1.42 17.27 -46.95
C TYR F 337 -2.69 17.04 -46.13
N ASP F 338 -2.56 16.26 -45.06
CA ASP F 338 -3.65 16.03 -44.08
C ASP F 338 -2.93 15.84 -42.75
N SER F 339 -3.53 16.35 -41.69
CA SER F 339 -2.94 16.27 -40.35
C SER F 339 -2.61 14.84 -39.93
N LYS F 340 -3.42 13.87 -40.40
CA LYS F 340 -3.22 12.47 -40.04
C LYS F 340 -1.83 11.98 -40.34
N GLN F 341 -1.21 12.48 -41.43
CA GLN F 341 0.13 12.08 -41.84
C GLN F 341 1.17 12.54 -40.86
N VAL F 342 0.98 13.72 -40.29
CA VAL F 342 1.92 14.24 -39.32
C VAL F 342 1.80 13.43 -38.05
N ILE F 343 0.56 13.10 -37.69
CA ILE F 343 0.32 12.24 -36.54
C ILE F 343 0.95 10.91 -36.79
N ARG F 344 0.64 10.30 -37.92
CA ARG F 344 1.13 8.94 -38.21
C ARG F 344 2.66 8.88 -38.17
N ALA F 345 3.32 9.83 -38.82
CA ALA F 345 4.78 9.87 -38.80
C ALA F 345 5.38 9.99 -37.39
N GLY F 346 4.73 10.75 -36.52
CA GLY F 346 5.23 10.92 -35.15
C GLY F 346 5.14 9.62 -34.40
N LEU F 347 4.00 8.94 -34.57
CA LEU F 347 3.79 7.64 -33.92
C LEU F 347 4.76 6.60 -34.43
N GLU F 348 4.98 6.60 -35.75
CA GLU F 348 5.92 5.69 -36.41
C GLU F 348 7.35 5.87 -35.93
N ASP F 349 7.80 7.11 -36.02
CA ASP F 349 9.13 7.50 -35.60
C ASP F 349 9.41 7.10 -34.16
N HIS F 350 8.43 7.33 -33.28
CA HIS F 350 8.60 7.00 -31.87
C HIS F 350 8.77 5.50 -31.70
N PHE F 351 7.90 4.72 -32.33
CA PHE F 351 8.01 3.27 -32.22
C PHE F 351 9.35 2.81 -32.70
N MSE F 352 9.68 3.11 -33.95
CA MSE F 352 10.93 2.67 -34.54
C MSE F 352 12.16 3.00 -33.69
O MSE F 352 13.11 2.23 -33.65
CB MSE F 352 11.10 3.33 -35.90
CG MSE F 352 10.09 2.87 -36.91
SE MSE F 352 10.39 3.40 -38.71
CE MSE F 352 10.77 5.64 -38.47
N GLY F 353 12.13 4.15 -33.02
CA GLY F 353 13.28 4.58 -32.24
C GLY F 353 13.36 3.77 -30.96
N LYS F 354 12.22 3.71 -30.28
CA LYS F 354 12.12 2.87 -29.08
C LYS F 354 12.53 1.41 -29.47
N LEU F 355 12.07 0.94 -30.61
CA LEU F 355 12.45 -0.46 -31.01
C LEU F 355 13.96 -0.53 -31.28
N THR F 356 14.52 0.54 -31.82
CA THR F 356 15.95 0.63 -32.04
C THR F 356 16.72 0.68 -30.73
N GLY F 357 16.13 1.22 -29.67
CA GLY F 357 16.78 1.25 -28.36
C GLY F 357 17.35 2.63 -28.03
N ILE F 358 16.83 3.69 -28.65
CA ILE F 358 17.35 5.03 -28.35
C ILE F 358 16.33 5.87 -27.62
N SER F 359 16.83 6.75 -26.75
CA SER F 359 15.99 7.68 -26.03
C SER F 359 15.32 8.50 -27.10
N MSE F 360 14.06 8.22 -27.36
CA MSE F 360 13.36 8.81 -28.49
C MSE F 360 12.22 9.81 -28.19
O MSE F 360 11.19 9.47 -27.59
CB MSE F 360 12.78 7.66 -29.31
CG MSE F 360 12.21 8.11 -30.60
SE MSE F 360 13.56 8.58 -31.92
CE MSE F 360 12.36 9.27 -33.02
N GLY F 361 12.42 11.05 -28.68
CA GLY F 361 11.45 12.13 -28.55
C GLY F 361 10.91 12.63 -29.88
N CYS F 362 10.15 13.72 -29.83
CA CYS F 362 9.55 14.27 -31.04
C CYS F 362 9.31 15.77 -31.00
N ASP F 363 9.88 16.51 -31.96
CA ASP F 363 9.65 17.95 -32.10
C ASP F 363 8.55 18.14 -33.14
N VAL F 364 7.54 18.98 -32.81
CA VAL F 364 6.40 19.21 -33.69
C VAL F 364 6.35 20.67 -34.16
N CYS F 365 6.44 20.87 -35.46
CA CYS F 365 6.41 22.20 -36.05
C CYS F 365 5.00 22.50 -36.48
N TYR F 366 4.63 23.78 -36.40
CA TYR F 366 3.29 24.18 -36.81
C TYR F 366 3.27 25.65 -37.22
N THR F 367 2.36 25.97 -38.14
CA THR F 367 2.12 27.32 -38.58
C THR F 367 1.40 28.01 -37.43
N ASN F 368 2.10 28.91 -36.74
CA ASN F 368 1.59 29.58 -35.53
C ASN F 368 1.08 31.01 -35.75
N HIS F 369 -0.20 31.12 -36.08
CA HIS F 369 -0.88 32.42 -36.19
C HIS F 369 -2.14 32.45 -35.29
N MSE F 370 -2.75 31.27 -35.09
CA MSE F 370 -3.93 31.08 -34.26
C MSE F 370 -3.55 30.25 -33.04
O MSE F 370 -2.54 29.54 -33.06
CB MSE F 370 -4.99 30.27 -35.00
CG MSE F 370 -5.20 30.62 -36.48
SE MSE F 370 -6.53 32.00 -36.83
CE MSE F 370 -8.21 30.87 -36.98
N LYS F 371 -4.37 30.32 -32.00
CA LYS F 371 -4.19 29.46 -30.84
C LYS F 371 -4.68 28.04 -31.22
N ALA F 372 -5.58 27.95 -32.19
CA ALA F 372 -6.12 26.67 -32.70
C ALA F 372 -5.17 25.87 -33.63
N ASP F 373 -4.01 26.45 -33.97
CA ASP F 373 -3.00 25.76 -34.77
C ASP F 373 -2.26 24.74 -33.88
N GLN F 374 -2.33 24.97 -32.56
CA GLN F 374 -1.83 24.08 -31.52
C GLN F 374 -2.71 22.84 -31.29
N ASN F 375 -3.94 22.83 -31.77
CA ASN F 375 -4.81 21.67 -31.56
C ASN F 375 -4.21 20.39 -32.17
N ASP F 376 -3.54 20.58 -33.30
CA ASP F 376 -2.91 19.49 -34.03
C ASP F 376 -1.71 18.95 -33.27
N VAL F 377 -0.97 19.86 -32.67
CA VAL F 377 0.19 19.53 -31.90
C VAL F 377 -0.27 18.75 -30.68
N GLU F 378 -1.34 19.22 -30.05
CA GLU F 378 -1.89 18.61 -28.83
C GLU F 378 -2.42 17.20 -29.11
N ASN F 379 -3.02 17.01 -30.28
CA ASN F 379 -3.51 15.69 -30.65
C ASN F 379 -2.35 14.70 -30.61
N LEU F 380 -1.29 14.98 -31.37
CA LEU F 380 -0.10 14.13 -31.43
C LEU F 380 0.58 13.94 -30.08
N SER F 381 0.78 15.04 -29.36
CA SER F 381 1.38 15.04 -28.05
C SER F 381 0.67 14.14 -27.04
N VAL F 382 -0.65 14.07 -27.12
CA VAL F 382 -1.43 13.19 -26.21
C VAL F 382 -1.28 11.73 -26.68
N LEU F 383 -1.39 11.49 -27.97
CA LEU F 383 -1.19 10.15 -28.52
C LEU F 383 0.23 9.60 -28.19
N LEU F 384 1.25 10.42 -28.41
CA LEU F 384 2.62 10.05 -28.11
C LEU F 384 2.87 9.82 -26.63
N THR F 385 2.22 10.61 -25.77
CA THR F 385 2.44 10.49 -24.35
C THR F 385 1.82 9.21 -23.84
N ALA F 386 0.72 8.79 -24.46
CA ALA F 386 0.05 7.52 -24.15
C ALA F 386 0.86 6.34 -24.63
N ALA F 387 1.80 6.59 -25.54
CA ALA F 387 2.68 5.57 -26.11
C ALA F 387 3.99 5.46 -25.35
N GLY F 388 4.22 6.32 -24.36
CA GLY F 388 5.42 6.24 -23.55
C GLY F 388 6.53 7.22 -23.94
N CYS F 389 6.20 8.13 -24.83
CA CYS F 389 7.16 9.11 -25.25
C CYS F 389 7.43 10.04 -24.06
N ASN F 390 8.71 10.15 -23.68
CA ASN F 390 9.17 10.93 -22.52
C ASN F 390 9.55 12.38 -22.81
N PHE F 391 9.48 12.81 -24.06
CA PHE F 391 9.78 14.20 -24.39
C PHE F 391 9.20 14.51 -25.74
N ILE F 392 8.55 15.67 -25.80
CA ILE F 392 7.88 16.19 -26.97
C ILE F 392 7.97 17.69 -26.90
N MSE F 393 8.24 18.34 -28.02
CA MSE F 393 8.30 19.79 -28.02
C MSE F 393 7.61 20.37 -29.25
O MSE F 393 7.66 19.82 -30.33
CB MSE F 393 9.73 20.29 -27.93
CG MSE F 393 9.74 21.65 -27.28
SE MSE F 393 11.37 22.60 -27.26
CE MSE F 393 10.79 24.16 -26.05
N GLY F 394 6.92 21.49 -29.03
CA GLY F 394 6.25 22.22 -30.09
C GLY F 394 7.16 23.32 -30.61
N ILE F 395 7.19 23.47 -31.93
CA ILE F 395 8.00 24.49 -32.58
C ILE F 395 7.11 25.40 -33.42
N PRO F 396 6.88 26.63 -32.95
CA PRO F 396 6.03 27.54 -33.70
C PRO F 396 6.78 28.17 -34.88
N HIS F 397 6.15 28.15 -36.07
CA HIS F 397 6.66 28.78 -37.30
C HIS F 397 5.63 29.75 -37.89
N GLY F 398 6.10 30.68 -38.73
CA GLY F 398 5.24 31.69 -39.38
C GLY F 398 5.87 33.08 -39.44
N ASP F 399 5.31 33.95 -40.30
CA ASP F 399 5.83 35.32 -40.50
C ASP F 399 5.91 36.18 -39.22
N ASP F 400 5.18 35.81 -38.18
CA ASP F 400 5.12 36.52 -36.90
C ASP F 400 6.19 36.01 -35.89
N VAL F 401 7.42 36.45 -36.04
CA VAL F 401 8.55 35.98 -35.20
C VAL F 401 8.42 36.23 -33.69
N MSE F 402 7.66 37.24 -33.30
CA MSE F 402 7.46 37.57 -31.87
C MSE F 402 6.32 36.80 -31.19
O MSE F 402 6.31 36.64 -29.97
CB MSE F 402 7.25 39.08 -31.66
CG MSE F 402 8.56 39.86 -31.62
SE MSE F 402 9.60 39.54 -29.99
CE MSE F 402 8.26 40.18 -28.60
N LEU F 403 5.32 36.39 -31.97
CA LEU F 403 4.25 35.55 -31.48
C LEU F 403 4.89 34.21 -31.19
N ASN F 404 5.72 33.77 -32.12
CA ASN F 404 6.47 32.51 -32.01
C ASN F 404 7.27 32.45 -30.71
N TYR F 405 7.83 33.59 -30.29
CA TYR F 405 8.57 33.68 -29.04
C TYR F 405 7.65 33.68 -27.80
N GLN F 406 6.44 34.22 -27.96
CA GLN F 406 5.43 34.25 -26.89
C GLN F 406 4.72 32.89 -26.76
N THR F 407 4.46 32.24 -27.91
CA THR F 407 3.88 30.88 -27.95
C THR F 407 4.94 29.91 -27.41
N THR F 408 4.92 29.82 -26.09
CA THR F 408 5.95 29.18 -25.29
C THR F 408 5.76 27.69 -25.01
N GLY F 409 4.51 27.23 -24.93
CA GLY F 409 4.18 25.79 -24.66
C GLY F 409 4.38 25.25 -23.25
N TYR F 410 4.76 26.13 -22.33
CA TYR F 410 5.07 25.72 -20.96
C TYR F 410 3.86 25.25 -20.17
N HIS F 411 2.77 26.01 -20.24
CA HIS F 411 1.58 25.67 -19.51
C HIS F 411 0.98 24.39 -20.07
N GLU F 412 1.00 24.28 -21.40
CA GLU F 412 0.47 23.11 -22.11
C GLU F 412 1.25 21.82 -21.76
N THR F 413 2.54 21.94 -21.51
CA THR F 413 3.35 20.78 -21.13
C THR F 413 3.00 20.40 -19.69
N ALA F 414 2.88 21.39 -18.83
CA ALA F 414 2.51 21.09 -17.47
C ALA F 414 1.12 20.39 -17.37
N THR F 415 0.20 20.75 -18.26
CA THR F 415 -1.14 20.19 -18.30
C THR F 415 -1.09 18.78 -18.84
N LEU F 416 -0.21 18.55 -19.83
CA LEU F 416 0.02 17.22 -20.42
C LEU F 416 0.53 16.27 -19.38
N ARG F 417 1.38 16.75 -18.49
CA ARG F 417 1.90 15.93 -17.38
C ARG F 417 0.81 15.57 -16.37
N GLU F 418 -0.01 16.55 -16.01
CA GLU F 418 -1.08 16.28 -15.07
C GLU F 418 -2.16 15.35 -15.65
N LEU F 419 -2.35 15.38 -16.96
CA LEU F 419 -3.33 14.52 -17.60
C LEU F 419 -2.96 13.06 -17.44
N PHE F 420 -1.67 12.77 -17.46
CA PHE F 420 -1.16 11.39 -17.36
C PHE F 420 -0.52 11.08 -16.01
N GLY F 421 -0.46 12.08 -15.12
CA GLY F 421 0.13 11.88 -13.81
C GLY F 421 1.62 11.67 -13.87
N LEU F 422 2.28 12.38 -14.77
CA LEU F 422 3.72 12.29 -14.97
C LEU F 422 4.41 13.46 -14.30
N LYS F 423 5.69 13.29 -14.00
CA LYS F 423 6.49 14.31 -13.37
C LYS F 423 7.76 14.49 -14.16
N PRO F 424 8.49 15.60 -13.94
CA PRO F 424 9.80 15.71 -14.58
C PRO F 424 10.76 14.69 -13.99
N ILE F 425 11.97 14.62 -14.53
CA ILE F 425 13.02 13.71 -14.04
C ILE F 425 13.20 13.90 -12.55
N LYS F 426 13.35 12.78 -11.84
CA LYS F 426 13.41 12.74 -10.37
C LYS F 426 14.12 13.93 -9.68
N GLU F 427 15.38 14.16 -10.02
CA GLU F 427 16.15 15.24 -9.39
C GLU F 427 15.61 16.61 -9.67
N PHE F 428 15.06 16.78 -10.87
CA PHE F 428 14.46 18.05 -11.27
C PHE F 428 13.18 18.24 -10.50
N ASP F 429 12.37 17.19 -10.40
CA ASP F 429 11.17 17.29 -9.61
C ASP F 429 11.51 17.69 -8.17
N GLN F 430 12.63 17.19 -7.65
CA GLN F 430 13.05 17.52 -6.30
C GLN F 430 13.46 18.97 -6.23
N TRP F 431 14.13 19.45 -7.26
CA TRP F 431 14.51 20.85 -7.36
C TRP F 431 13.24 21.71 -7.37
N MSE F 432 12.28 21.33 -8.21
CA MSE F 432 11.03 22.06 -8.30
C MSE F 432 10.38 22.25 -6.94
O MSE F 432 9.90 23.33 -6.64
CB MSE F 432 10.02 21.34 -9.20
CG MSE F 432 10.37 21.36 -10.65
SE MSE F 432 10.10 23.12 -11.45
CE MSE F 432 8.20 23.18 -11.40
N GLU F 433 10.35 21.19 -6.14
CA GLU F 433 9.71 21.28 -4.83
C GLU F 433 10.54 22.09 -3.86
N LYS F 434 11.86 22.03 -3.96
CA LYS F 434 12.72 22.86 -3.09
C LYS F 434 12.61 24.34 -3.46
N MSE F 435 12.22 24.65 -4.70
CA MSE F 435 12.01 26.03 -5.14
C MSE F 435 10.59 26.55 -4.92
O MSE F 435 10.31 27.75 -5.12
CB MSE F 435 12.33 26.09 -6.63
CG MSE F 435 13.78 25.86 -6.95
SE MSE F 435 14.80 27.47 -6.53
CE MSE F 435 14.33 28.50 -8.04
N GLY F 436 9.69 25.66 -4.53
CA GLY F 436 8.28 25.97 -4.35
C GLY F 436 7.48 25.99 -5.65
N PHE F 437 8.06 25.58 -6.77
CA PHE F 437 7.31 25.61 -8.03
C PHE F 437 6.27 24.50 -8.16
N SER F 438 6.41 23.39 -7.41
CA SER F 438 5.43 22.31 -7.48
C SER F 438 5.37 21.53 -6.18
N GLU F 439 4.39 20.62 -6.11
CA GLU F 439 4.23 19.74 -4.96
C GLU F 439 3.59 18.44 -5.49
N ASN F 440 4.15 17.30 -5.14
CA ASN F 440 3.73 15.95 -5.60
C ASN F 440 3.33 15.92 -7.07
N GLY F 441 4.09 16.61 -7.91
CA GLY F 441 3.84 16.62 -9.35
C GLY F 441 3.03 17.78 -9.93
N LYS F 442 2.19 18.40 -9.11
CA LYS F 442 1.33 19.49 -9.58
C LYS F 442 1.94 20.83 -9.19
N LEU F 443 1.81 21.80 -10.10
CA LEU F 443 2.33 23.15 -9.90
C LEU F 443 1.54 23.94 -8.87
N THR F 444 2.21 24.94 -8.32
CA THR F 444 1.65 25.80 -7.32
C THR F 444 1.31 27.15 -7.92
N SER F 445 0.78 28.05 -7.08
CA SER F 445 0.48 29.43 -7.45
C SER F 445 1.72 30.17 -8.01
N ARG F 446 2.93 29.75 -7.60
CA ARG F 446 4.20 30.31 -8.10
C ARG F 446 4.46 30.08 -9.61
N ALA F 447 3.78 29.11 -10.22
CA ALA F 447 3.92 28.84 -11.66
C ALA F 447 3.69 30.11 -12.53
N GLY F 448 4.72 30.53 -13.27
CA GLY F 448 4.68 31.74 -14.08
C GLY F 448 5.35 32.93 -13.39
N ASP F 449 5.45 32.86 -12.06
CA ASP F 449 6.04 33.93 -11.23
C ASP F 449 7.57 33.82 -11.08
N ALA F 450 8.29 34.49 -11.97
CA ALA F 450 9.75 34.51 -11.98
C ALA F 450 10.36 35.31 -10.80
N SER F 451 9.52 35.77 -9.87
CA SER F 451 9.96 36.59 -8.77
C SER F 451 11.01 35.96 -7.86
N ILE F 452 10.91 34.66 -7.60
CA ILE F 452 11.90 34.00 -6.72
C ILE F 452 13.31 34.05 -7.33
N PHE F 453 13.40 34.13 -8.65
CA PHE F 453 14.69 34.27 -9.34
C PHE F 453 15.28 35.68 -9.17
N LEU F 454 14.44 36.71 -9.39
CA LEU F 454 14.87 38.10 -9.24
C LEU F 454 15.14 38.45 -7.75
N LYS F 455 14.30 37.98 -6.82
CA LYS F 455 14.49 38.26 -5.38
C LYS F 455 15.60 37.41 -4.79
C1 GOL G . -6.12 9.77 -18.49
O1 GOL G . -4.84 9.17 -18.62
C2 GOL G . -7.11 8.86 -17.74
O2 GOL G . -8.40 9.44 -17.66
C3 GOL G . -7.23 7.48 -18.39
O3 GOL G . -8.25 6.78 -17.71
C1 GOL H . -11.20 0.32 -33.18
O1 GOL H . -11.65 0.57 -34.49
C2 GOL H . -11.62 1.39 -32.16
O2 GOL H . -10.90 1.33 -30.94
C3 GOL H . -13.06 1.20 -31.77
O3 GOL H . -13.06 0.37 -30.65
C1 GOL I . 28.53 -18.34 -0.91
O1 GOL I . 28.28 -16.96 -1.00
C2 GOL I . 28.45 -18.73 0.55
O2 GOL I . 27.14 -18.44 0.93
C3 GOL I . 28.81 -20.19 0.76
O3 GOL I . 29.47 -20.36 1.99
C1 GOL J . -14.03 -3.13 16.29
O1 GOL J . -13.08 -4.18 16.28
C2 GOL J . -13.35 -1.78 16.51
O2 GOL J . -12.29 -1.96 17.43
C3 GOL J . -14.33 -0.75 17.10
O3 GOL J . -15.41 -0.52 16.23
C1 GOL K . -22.98 -14.38 19.47
O1 GOL K . -22.36 -14.44 20.73
C2 GOL K . -24.46 -14.31 19.74
O2 GOL K . -24.68 -13.44 20.83
C3 GOL K . -25.03 -15.67 20.14
O3 GOL K . -26.43 -15.53 20.35
C1 GOL L . -0.51 5.87 -20.19
O1 GOL L . -1.51 5.57 -21.13
C2 GOL L . 0.87 5.75 -20.83
O2 GOL L . 0.92 4.49 -21.46
C3 GOL L . 1.99 5.85 -19.81
O3 GOL L . 1.83 7.03 -19.07
#